data_7EN4
#
_entry.id   7EN4
#
_cell.length_a   1.000
_cell.length_b   1.000
_cell.length_c   1.000
_cell.angle_alpha   90.00
_cell.angle_beta   90.00
_cell.angle_gamma   90.00
#
_symmetry.space_group_name_H-M   'P 1'
#
_entity_poly.entity_id   1
_entity_poly.type   'polypeptide(L)'
_entity_poly.pdbx_seq_one_letter_code
;MSGENRAVVPIESNPEVFTNFAHKLGLKNEWAYFDIYSLTEPELLAFLPRPVKAIVLLFPINEDRKSSTSQQITSSYDVI
WFKQSVKNACGLYAILHSLSNNQSLLEPGSDLDNFLKSQSDTSSSKNRFDDVTTDQFVLNVIKENVQTFSTGQSEAPEAT
ADTNLHYITYVEENGGIFELDGRNLSGPLYLGKSDPTATDLIEQELVRVRVASYMENANEEDVLNFAMLGLGPNWE
;
_entity_poly.pdbx_strand_id   A
#
# COMPACT_ATOMS: atom_id res chain seq x y z
N MET A 1 26.89 10.08 12.38
CA MET A 1 25.54 9.78 11.85
C MET A 1 25.49 10.02 10.34
N SER A 2 25.18 8.95 9.58
CA SER A 2 25.07 9.01 8.13
C SER A 2 23.84 9.86 7.72
N GLY A 3 23.72 10.13 6.41
CA GLY A 3 22.63 10.93 5.87
C GLY A 3 21.33 10.13 5.87
N GLU A 4 20.20 10.85 5.84
CA GLU A 4 18.87 10.25 5.84
C GLU A 4 17.84 11.24 5.25
N ASN A 5 16.71 10.69 4.78
CA ASN A 5 15.52 11.38 4.23
C ASN A 5 15.81 12.39 3.09
N ARG A 6 17.07 12.49 2.63
CA ARG A 6 17.45 13.35 1.52
C ARG A 6 17.11 12.68 0.16
N ALA A 7 16.68 11.41 0.20
CA ALA A 7 16.35 10.60 -0.98
C ALA A 7 15.03 11.04 -1.63
N VAL A 8 14.75 10.46 -2.81
CA VAL A 8 13.45 10.57 -3.49
C VAL A 8 12.69 9.24 -3.32
N VAL A 9 11.37 9.27 -3.52
CA VAL A 9 10.49 8.12 -3.28
C VAL A 9 9.81 7.70 -4.62
N PRO A 10 9.32 6.45 -4.70
CA PRO A 10 8.85 5.85 -5.96
C PRO A 10 7.51 6.44 -6.42
N ILE A 11 7.55 7.16 -7.56
CA ILE A 11 6.39 7.61 -8.31
C ILE A 11 6.60 7.19 -9.78
N GLU A 12 5.49 6.79 -10.45
CA GLU A 12 5.49 6.29 -11.85
C GLU A 12 6.58 5.22 -12.08
N SER A 13 6.80 4.38 -11.06
CA SER A 13 7.81 3.31 -11.07
C SER A 13 7.20 1.99 -10.56
N ASN A 14 5.89 1.82 -10.81
CA ASN A 14 5.05 0.73 -10.30
C ASN A 14 5.65 -0.70 -10.48
N PRO A 15 6.23 -1.07 -11.65
CA PRO A 15 6.66 -2.45 -11.89
C PRO A 15 7.97 -2.80 -11.17
N GLU A 16 9.08 -2.12 -11.53
CA GLU A 16 10.43 -2.55 -11.17
C GLU A 16 10.73 -2.31 -9.67
N VAL A 17 10.53 -1.08 -9.20
CA VAL A 17 11.02 -0.66 -7.88
C VAL A 17 10.29 -1.39 -6.73
N PHE A 18 9.03 -1.81 -6.96
CA PHE A 18 8.22 -2.46 -5.92
C PHE A 18 8.64 -3.92 -5.72
N THR A 19 9.06 -4.61 -6.79
CA THR A 19 9.51 -6.01 -6.67
C THR A 19 10.92 -6.09 -6.04
N ASN A 20 11.67 -4.98 -6.07
CA ASN A 20 13.03 -4.93 -5.53
C ASN A 20 12.99 -4.90 -3.99
N PHE A 21 12.29 -3.91 -3.41
CA PHE A 21 12.26 -3.70 -1.96
C PHE A 21 11.41 -4.76 -1.25
N ALA A 22 10.35 -5.25 -1.91
CA ALA A 22 9.45 -6.23 -1.30
C ALA A 22 10.13 -7.59 -1.13
N HIS A 23 11.06 -7.95 -2.04
CA HIS A 23 11.81 -9.20 -1.97
C HIS A 23 12.79 -9.18 -0.79
N LYS A 24 13.37 -8.00 -0.49
CA LYS A 24 14.24 -7.82 0.66
C LYS A 24 13.43 -7.76 1.97
N LEU A 25 12.12 -7.51 1.88
CA LEU A 25 11.24 -7.45 3.04
C LEU A 25 10.83 -8.87 3.50
N GLY A 26 10.93 -9.86 2.60
CA GLY A 26 10.69 -11.27 2.90
C GLY A 26 9.65 -11.92 1.98
N LEU A 27 9.16 -11.19 0.95
CA LEU A 27 8.15 -11.70 0.02
C LEU A 27 8.67 -12.97 -0.65
N LYS A 28 7.92 -14.10 -0.53
CA LYS A 28 8.32 -15.36 -1.16
C LYS A 28 8.38 -15.20 -2.70
N ASN A 29 9.13 -16.09 -3.35
CA ASN A 29 9.33 -16.06 -4.80
C ASN A 29 8.04 -16.42 -5.57
N GLU A 30 7.08 -17.08 -4.89
CA GLU A 30 5.81 -17.49 -5.49
C GLU A 30 4.85 -16.29 -5.64
N TRP A 31 5.27 -15.09 -5.21
CA TRP A 31 4.45 -13.88 -5.26
C TRP A 31 5.33 -12.67 -5.66
N ALA A 32 4.71 -11.70 -6.35
CA ALA A 32 5.38 -10.48 -6.79
C ALA A 32 4.36 -9.37 -7.06
N TYR A 33 4.85 -8.17 -7.39
CA TYR A 33 4.01 -7.06 -7.85
C TYR A 33 3.91 -7.09 -9.37
N PHE A 34 2.80 -6.54 -9.90
CA PHE A 34 2.61 -6.33 -11.32
C PHE A 34 1.56 -5.23 -11.53
N ASP A 35 1.83 -4.31 -12.47
CA ASP A 35 1.01 -3.14 -12.74
C ASP A 35 -0.40 -3.51 -13.23
N ILE A 36 -1.29 -2.51 -13.32
CA ILE A 36 -2.68 -2.68 -13.70
C ILE A 36 -3.08 -1.55 -14.67
N TYR A 37 -3.55 -1.94 -15.87
CA TYR A 37 -4.02 -0.98 -16.88
C TYR A 37 -5.37 -0.37 -16.45
N SER A 38 -6.37 -1.23 -16.23
CA SER A 38 -7.73 -0.79 -15.86
C SER A 38 -8.36 -1.82 -14.90
N LEU A 39 -9.50 -1.44 -14.29
CA LEU A 39 -10.24 -2.29 -13.36
C LEU A 39 -11.76 -2.19 -13.60
N THR A 40 -12.19 -1.41 -14.61
CA THR A 40 -13.61 -1.19 -14.92
C THR A 40 -13.96 -1.71 -16.33
N GLU A 41 -12.94 -1.92 -17.19
CA GLU A 41 -13.10 -2.69 -18.41
C GLU A 41 -12.87 -4.18 -18.04
N PRO A 42 -13.88 -5.05 -18.23
CA PRO A 42 -13.81 -6.45 -17.83
C PRO A 42 -12.86 -7.25 -18.73
N GLU A 43 -12.33 -6.63 -19.81
CA GLU A 43 -11.42 -7.27 -20.73
C GLU A 43 -10.02 -7.48 -20.10
N LEU A 44 -9.72 -6.76 -19.00
CA LEU A 44 -8.42 -6.88 -18.32
C LEU A 44 -8.46 -8.05 -17.32
N LEU A 45 -9.55 -8.16 -16.53
CA LEU A 45 -9.71 -9.26 -15.59
C LEU A 45 -10.07 -10.58 -16.32
N ALA A 46 -10.44 -10.50 -17.61
CA ALA A 46 -10.63 -11.67 -18.47
C ALA A 46 -9.27 -12.29 -18.85
N PHE A 47 -8.17 -11.57 -18.59
CA PHE A 47 -6.81 -12.04 -18.78
C PHE A 47 -6.09 -12.03 -17.43
N LEU A 48 -6.50 -12.97 -16.57
CA LEU A 48 -5.93 -13.15 -15.23
C LEU A 48 -5.88 -14.66 -14.92
N PRO A 49 -4.69 -15.28 -14.87
CA PRO A 49 -4.54 -16.72 -14.69
C PRO A 49 -4.88 -17.15 -13.24
N ARG A 50 -4.55 -16.31 -12.25
CA ARG A 50 -4.80 -16.58 -10.84
C ARG A 50 -5.25 -15.29 -10.13
N PRO A 51 -6.03 -15.40 -9.04
CA PRO A 51 -6.58 -14.25 -8.33
C PRO A 51 -5.48 -13.46 -7.63
N VAL A 52 -5.55 -12.12 -7.74
CA VAL A 52 -4.60 -11.21 -7.09
C VAL A 52 -4.91 -11.15 -5.59
N LYS A 53 -3.86 -11.06 -4.75
CA LYS A 53 -3.99 -11.22 -3.30
C LYS A 53 -4.22 -9.87 -2.59
N ALA A 54 -3.83 -8.76 -3.23
CA ALA A 54 -4.05 -7.41 -2.69
C ALA A 54 -4.01 -6.38 -3.82
N ILE A 55 -4.55 -5.18 -3.58
CA ILE A 55 -4.49 -4.06 -4.52
C ILE A 55 -4.18 -2.76 -3.79
N VAL A 56 -3.59 -1.82 -4.52
CA VAL A 56 -3.19 -0.51 -4.02
C VAL A 56 -3.46 0.54 -5.11
N LEU A 57 -3.74 1.78 -4.68
CA LEU A 57 -3.96 2.92 -5.58
C LEU A 57 -2.85 3.95 -5.41
N LEU A 58 -2.53 4.66 -6.49
CA LEU A 58 -1.54 5.73 -6.51
C LEU A 58 -2.23 7.01 -6.97
N PHE A 59 -2.63 7.85 -6.01
CA PHE A 59 -3.34 9.10 -6.30
C PHE A 59 -2.99 10.14 -5.22
N PRO A 60 -2.75 11.41 -5.62
CA PRO A 60 -2.29 12.46 -4.71
C PRO A 60 -3.44 13.02 -3.86
N ILE A 61 -3.08 13.69 -2.75
CA ILE A 61 -4.04 14.34 -1.85
C ILE A 61 -4.35 15.75 -2.39
N ASN A 62 -5.48 15.89 -3.09
CA ASN A 62 -5.96 17.18 -3.56
C ASN A 62 -6.46 18.02 -2.37
N GLU A 63 -6.61 19.34 -2.57
CA GLU A 63 -6.88 20.29 -1.49
C GLU A 63 -8.36 20.29 -1.04
N ASP A 64 -9.27 19.74 -1.87
CA ASP A 64 -10.68 19.59 -1.49
C ASP A 64 -10.84 18.36 -0.59
N ARG A 65 -10.87 17.17 -1.21
CA ARG A 65 -10.96 15.86 -0.54
C ARG A 65 -12.07 15.84 0.55
N LYS A 66 -13.18 16.55 0.30
CA LYS A 66 -14.32 16.64 1.21
C LYS A 66 -15.04 15.28 1.39
N SER A 67 -14.63 14.25 0.63
CA SER A 67 -15.15 12.89 0.76
C SER A 67 -14.76 12.27 2.11
N SER A 68 -13.71 12.82 2.76
CA SER A 68 -13.26 12.38 4.06
C SER A 68 -14.17 12.96 5.14
N THR A 69 -14.38 12.17 6.19
CA THR A 69 -15.13 12.55 7.38
C THR A 69 -14.45 11.93 8.62
N SER A 70 -13.52 12.68 9.22
CA SER A 70 -12.70 12.22 10.34
C SER A 70 -13.56 11.86 11.56
N GLN A 71 -13.55 10.58 11.93
CA GLN A 71 -14.27 10.06 13.09
C GLN A 71 -13.44 8.95 13.75
N GLN A 72 -13.64 8.73 15.06
CA GLN A 72 -12.93 7.74 15.85
C GLN A 72 -13.48 6.34 15.54
N ILE A 73 -12.80 5.63 14.63
CA ILE A 73 -13.13 4.26 14.27
C ILE A 73 -12.63 3.29 15.37
N THR A 74 -13.03 2.02 15.30
CA THR A 74 -12.61 0.98 16.24
C THR A 74 -11.09 0.76 16.15
N SER A 75 -10.47 0.31 17.26
CA SER A 75 -9.03 0.09 17.37
C SER A 75 -8.71 -1.33 17.89
N SER A 76 -9.73 -2.20 17.98
CA SER A 76 -9.63 -3.59 18.41
C SER A 76 -10.08 -4.55 17.30
N TYR A 77 -10.29 -4.02 16.08
CA TYR A 77 -10.75 -4.78 14.90
C TYR A 77 -9.77 -5.92 14.52
N ASP A 78 -10.21 -6.81 13.61
CA ASP A 78 -9.53 -8.04 13.24
C ASP A 78 -8.24 -7.80 12.42
N VAL A 79 -7.93 -6.54 12.12
CA VAL A 79 -6.82 -6.17 11.24
C VAL A 79 -5.97 -5.06 11.93
N ILE A 80 -4.95 -4.56 11.21
CA ILE A 80 -3.85 -3.77 11.77
C ILE A 80 -3.66 -2.43 11.03
N TRP A 81 -2.90 -1.50 11.67
CA TRP A 81 -2.56 -0.18 11.13
C TRP A 81 -1.20 0.28 11.69
N PHE A 82 -0.55 1.21 10.98
CA PHE A 82 0.65 1.92 11.44
C PHE A 82 0.55 3.40 11.03
N LYS A 83 1.25 4.27 11.79
CA LYS A 83 1.27 5.70 11.52
C LYS A 83 2.43 6.03 10.58
N GLN A 84 2.17 6.88 9.58
CA GLN A 84 3.22 7.40 8.70
C GLN A 84 3.96 8.55 9.43
N SER A 85 4.99 8.21 10.23
CA SER A 85 5.79 9.18 10.95
C SER A 85 6.79 9.83 9.98
N VAL A 86 7.85 9.09 9.60
CA VAL A 86 8.85 9.52 8.62
C VAL A 86 8.18 9.70 7.25
N LYS A 87 8.41 10.87 6.61
CA LYS A 87 7.82 11.22 5.33
C LYS A 87 8.54 10.54 4.15
N ASN A 88 9.85 10.28 4.28
CA ASN A 88 10.65 9.66 3.22
C ASN A 88 10.29 8.17 3.02
N ALA A 89 9.47 7.61 3.92
CA ALA A 89 9.03 6.22 3.89
C ALA A 89 7.85 6.00 2.93
N CYS A 90 7.61 6.91 1.96
CA CYS A 90 6.49 6.78 1.02
C CYS A 90 6.60 5.50 0.17
N GLY A 91 7.82 5.00 -0.04
CA GLY A 91 8.05 3.74 -0.73
C GLY A 91 8.00 2.54 0.23
N LEU A 92 8.41 2.78 1.49
CA LEU A 92 8.50 1.74 2.51
C LEU A 92 7.10 1.38 3.02
N TYR A 93 6.34 2.38 3.53
CA TYR A 93 5.08 2.15 4.22
C TYR A 93 3.99 1.64 3.25
N ALA A 94 4.14 1.91 1.95
CA ALA A 94 3.20 1.46 0.94
C ALA A 94 3.29 -0.07 0.79
N ILE A 95 4.53 -0.58 0.70
CA ILE A 95 4.81 -2.01 0.60
C ILE A 95 4.58 -2.68 1.97
N LEU A 96 4.81 -1.95 3.07
CA LEU A 96 4.65 -2.50 4.42
C LEU A 96 3.19 -2.86 4.67
N HIS A 97 2.26 -1.96 4.30
CA HIS A 97 0.82 -2.20 4.47
C HIS A 97 0.29 -3.22 3.46
N SER A 98 1.02 -3.48 2.35
CA SER A 98 0.62 -4.52 1.40
C SER A 98 0.96 -5.92 1.95
N LEU A 99 2.10 -6.02 2.66
CA LEU A 99 2.64 -7.27 3.18
C LEU A 99 2.02 -7.64 4.53
N SER A 100 2.03 -6.71 5.50
CA SER A 100 1.58 -6.99 6.86
C SER A 100 0.07 -7.23 6.93
N ASN A 101 -0.70 -6.65 5.99
CA ASN A 101 -2.15 -6.77 5.95
C ASN A 101 -2.57 -8.15 5.39
N ASN A 102 -1.59 -8.96 4.95
CA ASN A 102 -1.75 -10.34 4.55
C ASN A 102 -0.57 -11.14 5.11
N GLN A 103 -0.63 -11.49 6.39
CA GLN A 103 0.47 -12.18 7.08
C GLN A 103 0.68 -13.63 6.55
N SER A 104 -0.19 -14.09 5.63
CA SER A 104 -0.24 -15.47 5.18
C SER A 104 0.82 -15.83 4.10
N LEU A 105 1.47 -14.83 3.45
CA LEU A 105 2.47 -15.11 2.38
C LEU A 105 3.92 -14.83 2.84
N LEU A 106 4.08 -14.38 4.09
CA LEU A 106 5.36 -14.17 4.77
C LEU A 106 6.13 -15.49 4.88
N GLU A 107 7.46 -15.37 5.05
CA GLU A 107 8.35 -16.50 5.27
C GLU A 107 8.85 -16.44 6.74
N PRO A 108 8.92 -17.59 7.45
CA PRO A 108 9.31 -17.64 8.84
C PRO A 108 10.79 -17.25 9.01
N GLY A 109 11.03 -16.10 9.67
CA GLY A 109 12.36 -15.57 9.94
C GLY A 109 12.65 -14.29 9.15
N SER A 110 11.69 -13.82 8.32
CA SER A 110 11.84 -12.60 7.54
C SER A 110 11.75 -11.35 8.43
N ASP A 111 11.98 -10.17 7.82
CA ASP A 111 11.91 -8.91 8.54
C ASP A 111 10.48 -8.63 9.02
N LEU A 112 9.45 -8.90 8.18
CA LEU A 112 8.06 -8.67 8.57
C LEU A 112 7.62 -9.68 9.64
N ASP A 113 8.10 -10.93 9.56
CA ASP A 113 7.70 -11.98 10.49
C ASP A 113 8.20 -11.69 11.91
N ASN A 114 9.45 -11.19 12.04
CA ASN A 114 10.02 -10.82 13.32
C ASN A 114 9.55 -9.42 13.78
N PHE A 115 9.00 -8.61 12.86
CA PHE A 115 8.46 -7.29 13.20
C PHE A 115 7.09 -7.45 13.89
N LEU A 116 6.34 -8.50 13.54
CA LEU A 116 5.07 -8.81 14.17
C LEU A 116 5.30 -9.37 15.58
N LYS A 117 6.37 -10.18 15.74
CA LYS A 117 6.68 -10.84 17.00
C LYS A 117 7.33 -9.86 18.00
N SER A 118 8.11 -8.88 17.50
CA SER A 118 8.83 -7.94 18.37
C SER A 118 7.87 -6.94 19.03
N GLN A 119 6.68 -6.71 18.45
CA GLN A 119 5.69 -5.78 19.00
C GLN A 119 4.85 -6.46 20.08
N SER A 120 4.66 -7.79 19.99
CA SER A 120 3.97 -8.56 21.02
C SER A 120 4.92 -8.87 22.21
N ASP A 121 6.24 -8.64 22.02
CA ASP A 121 7.24 -8.80 23.09
C ASP A 121 7.47 -7.48 23.84
N THR A 122 6.78 -6.40 23.42
CA THR A 122 6.97 -5.06 23.99
C THR A 122 5.59 -4.41 24.27
N SER A 123 5.59 -3.17 24.76
CA SER A 123 4.38 -2.47 25.23
C SER A 123 3.34 -2.22 24.13
N SER A 124 3.71 -2.41 22.85
CA SER A 124 2.76 -2.35 21.74
C SER A 124 1.80 -3.55 21.81
N SER A 125 0.65 -3.47 21.12
CA SER A 125 -0.26 -4.60 20.96
C SER A 125 0.41 -5.63 20.04
N LYS A 126 0.40 -5.35 18.73
CA LYS A 126 1.13 -6.11 17.72
C LYS A 126 1.41 -5.23 16.49
N ASN A 127 0.70 -4.08 16.38
CA ASN A 127 0.75 -3.20 15.22
C ASN A 127 0.89 -1.72 15.62
N ARG A 128 0.62 -1.38 16.88
CA ARG A 128 0.55 0.02 17.32
C ARG A 128 1.91 0.70 17.18
N PHE A 129 2.00 1.69 16.29
CA PHE A 129 3.17 2.55 16.16
C PHE A 129 3.14 3.57 17.31
N ASP A 130 3.70 3.16 18.47
CA ASP A 130 3.65 3.93 19.70
C ASP A 130 4.87 3.62 20.60
N ASP A 131 5.73 2.68 20.17
CA ASP A 131 6.90 2.26 20.93
C ASP A 131 8.17 2.44 20.09
N VAL A 132 9.32 2.54 20.76
CA VAL A 132 10.60 2.79 20.11
C VAL A 132 11.05 1.58 19.25
N THR A 133 10.71 0.35 19.68
CA THR A 133 11.12 -0.86 18.97
C THR A 133 10.32 -1.07 17.68
N THR A 134 9.12 -0.45 17.60
CA THR A 134 8.31 -0.51 16.37
C THR A 134 8.96 0.37 15.29
N ASP A 135 9.57 1.49 15.71
CA ASP A 135 10.20 2.44 14.80
C ASP A 135 11.60 1.96 14.37
N GLN A 136 12.24 1.06 15.15
CA GLN A 136 13.57 0.54 14.82
C GLN A 136 13.53 -0.30 13.52
N PHE A 137 12.45 -1.05 13.30
CA PHE A 137 12.29 -1.85 12.08
C PHE A 137 12.12 -0.95 10.84
N VAL A 138 11.60 0.27 11.03
CA VAL A 138 11.38 1.20 9.92
C VAL A 138 12.69 1.94 9.57
N LEU A 139 13.41 2.45 10.58
CA LEU A 139 14.55 3.35 10.35
C LEU A 139 15.82 2.62 9.90
N ASN A 140 15.94 1.30 10.16
CA ASN A 140 17.14 0.55 9.79
C ASN A 140 17.05 0.04 8.34
N VAL A 141 15.85 -0.32 7.85
CA VAL A 141 15.68 -0.87 6.51
C VAL A 141 15.64 0.26 5.45
N ILE A 142 15.16 1.46 5.85
CA ILE A 142 15.15 2.64 4.97
C ILE A 142 16.56 3.23 4.83
N LYS A 143 17.46 2.89 5.77
CA LYS A 143 18.85 3.34 5.75
C LYS A 143 19.60 2.75 4.54
N GLU A 144 19.11 1.60 4.04
CA GLU A 144 19.68 0.88 2.90
C GLU A 144 19.23 1.52 1.56
N ASN A 145 18.42 2.59 1.60
CA ASN A 145 17.82 3.20 0.41
C ASN A 145 18.06 4.72 0.36
N VAL A 146 18.48 5.34 1.49
CA VAL A 146 18.90 6.75 1.51
C VAL A 146 20.39 6.87 1.18
N GLN A 147 21.11 5.75 1.21
CA GLN A 147 22.46 5.67 0.73
C GLN A 147 22.44 5.80 -0.80
N THR A 148 23.61 5.61 -1.39
CA THR A 148 23.85 5.77 -2.82
C THR A 148 22.99 4.81 -3.68
N PHE A 149 22.38 3.78 -3.05
CA PHE A 149 21.36 2.94 -3.67
C PHE A 149 20.04 3.73 -3.68
N SER A 150 19.89 4.64 -4.65
CA SER A 150 18.79 5.59 -4.72
C SER A 150 17.50 4.90 -5.18
N THR A 151 16.58 4.68 -4.23
CA THR A 151 15.26 4.10 -4.54
C THR A 151 14.41 5.12 -5.32
N GLY A 152 13.39 4.62 -6.02
CA GLY A 152 12.46 5.44 -6.79
C GLY A 152 13.08 5.88 -8.11
N GLN A 153 13.91 6.94 -8.06
CA GLN A 153 14.61 7.48 -9.22
C GLN A 153 16.02 7.92 -8.80
N SER A 154 16.92 8.06 -9.78
CA SER A 154 18.32 8.45 -9.56
C SER A 154 18.42 9.93 -9.16
N GLU A 155 19.67 10.37 -8.92
CA GLU A 155 20.11 11.75 -8.58
C GLU A 155 19.36 12.41 -7.41
N ALA A 156 18.44 11.70 -6.73
CA ALA A 156 17.62 12.16 -5.60
C ALA A 156 17.34 13.68 -5.67
N PRO A 157 16.50 14.14 -6.62
CA PRO A 157 16.32 15.55 -6.90
C PRO A 157 15.52 16.26 -5.81
N GLU A 158 14.44 15.64 -5.34
CA GLU A 158 13.58 16.17 -4.29
C GLU A 158 13.13 15.03 -3.38
N ALA A 159 12.48 15.40 -2.27
CA ALA A 159 11.90 14.44 -1.34
C ALA A 159 10.76 13.65 -2.00
N THR A 160 10.03 14.28 -2.93
CA THR A 160 8.91 13.67 -3.66
C THR A 160 8.93 14.13 -5.13
N ALA A 161 7.95 13.64 -5.91
CA ALA A 161 7.74 14.05 -7.30
C ALA A 161 7.32 15.53 -7.39
N ASP A 162 7.04 16.01 -8.61
CA ASP A 162 6.51 17.35 -8.85
C ASP A 162 5.12 17.54 -8.20
N THR A 163 4.52 16.44 -7.70
CA THR A 163 3.26 16.43 -6.97
C THR A 163 3.39 15.55 -5.72
N ASN A 164 2.32 15.46 -4.93
CA ASN A 164 2.32 14.80 -3.63
C ASN A 164 1.45 13.52 -3.68
N LEU A 165 2.00 12.47 -4.31
CA LEU A 165 1.32 11.18 -4.44
C LEU A 165 1.04 10.57 -3.06
N HIS A 166 -0.02 9.76 -2.98
CA HIS A 166 -0.38 9.02 -1.78
C HIS A 166 -0.58 7.54 -2.10
N TYR A 167 -0.60 6.71 -1.05
CA TYR A 167 -0.54 5.26 -1.17
C TYR A 167 -1.56 4.63 -0.21
N ILE A 168 -2.58 3.96 -0.76
CA ILE A 168 -3.65 3.33 0.03
C ILE A 168 -3.85 1.89 -0.47
N THR A 169 -3.54 0.91 0.38
CA THR A 169 -3.59 -0.52 0.04
C THR A 169 -4.43 -1.30 1.05
N TYR A 170 -5.26 -2.24 0.55
CA TYR A 170 -6.03 -3.12 1.43
C TYR A 170 -6.51 -4.39 0.72
N VAL A 171 -7.34 -5.16 1.43
CA VAL A 171 -7.89 -6.45 0.97
C VAL A 171 -9.26 -6.68 1.65
N GLU A 172 -9.98 -7.74 1.22
CA GLU A 172 -11.24 -8.14 1.87
C GLU A 172 -10.96 -9.20 2.94
N GLU A 173 -11.60 -9.04 4.11
CA GLU A 173 -11.50 -9.97 5.24
C GLU A 173 -12.85 -10.06 5.95
N ASN A 174 -13.16 -11.26 6.49
CA ASN A 174 -14.37 -11.54 7.27
C ASN A 174 -15.68 -11.13 6.55
N GLY A 175 -15.65 -11.03 5.20
CA GLY A 175 -16.83 -10.78 4.40
C GLY A 175 -17.03 -9.30 4.05
N GLY A 176 -16.05 -8.44 4.39
CA GLY A 176 -16.12 -7.01 4.10
C GLY A 176 -14.82 -6.50 3.48
N ILE A 177 -14.84 -5.25 3.02
CA ILE A 177 -13.70 -4.60 2.38
C ILE A 177 -13.52 -3.21 3.01
N PHE A 178 -12.27 -2.89 3.40
CA PHE A 178 -11.92 -1.60 4.01
C PHE A 178 -10.69 -1.01 3.29
N GLU A 179 -10.10 0.07 3.86
CA GLU A 179 -8.88 0.69 3.30
C GLU A 179 -7.84 0.94 4.42
N LEU A 180 -6.59 1.19 4.03
CA LEU A 180 -5.54 1.64 4.97
C LEU A 180 -4.93 2.94 4.45
N ASP A 181 -5.52 4.06 4.88
CA ASP A 181 -5.03 5.39 4.60
C ASP A 181 -4.22 5.87 5.81
N GLY A 182 -2.88 5.76 5.72
CA GLY A 182 -1.97 6.07 6.83
C GLY A 182 -1.96 7.56 7.21
N ARG A 183 -2.69 8.40 6.45
CA ARG A 183 -2.83 9.83 6.75
C ARG A 183 -3.83 10.03 7.91
N ASN A 184 -4.81 9.12 8.06
CA ASN A 184 -5.80 9.18 9.14
C ASN A 184 -5.15 8.76 10.46
N LEU A 185 -4.98 9.73 11.37
CA LEU A 185 -4.54 9.47 12.75
C LEU A 185 -5.63 8.70 13.53
N SER A 186 -6.89 8.72 13.02
CA SER A 186 -8.02 8.11 13.69
C SER A 186 -8.03 6.58 13.48
N GLY A 187 -7.49 6.09 12.35
CA GLY A 187 -7.49 4.66 12.02
C GLY A 187 -8.06 4.42 10.60
N PRO A 188 -8.41 3.15 10.28
CA PRO A 188 -8.94 2.74 8.96
C PRO A 188 -10.32 3.35 8.67
N LEU A 189 -10.81 3.14 7.44
CA LEU A 189 -12.06 3.72 6.97
C LEU A 189 -12.81 2.69 6.11
N TYR A 190 -13.87 2.08 6.66
CA TYR A 190 -14.61 1.01 6.00
C TYR A 190 -15.35 1.54 4.75
N LEU A 191 -15.59 0.62 3.79
CA LEU A 191 -16.37 0.91 2.58
C LEU A 191 -17.76 0.27 2.72
N GLY A 192 -17.83 -0.94 3.31
CA GLY A 192 -19.05 -1.73 3.41
C GLY A 192 -18.70 -3.21 3.18
N LYS A 193 -19.73 -4.07 3.18
CA LYS A 193 -19.54 -5.49 2.89
C LYS A 193 -19.14 -5.70 1.41
N SER A 194 -18.44 -6.81 1.14
CA SER A 194 -17.92 -7.11 -0.20
C SER A 194 -19.07 -7.51 -1.16
N ASP A 195 -18.85 -7.36 -2.47
CA ASP A 195 -19.85 -7.72 -3.47
C ASP A 195 -19.96 -9.25 -3.61
N PRO A 196 -21.16 -9.75 -3.98
CA PRO A 196 -21.39 -11.16 -4.27
C PRO A 196 -20.85 -11.55 -5.67
N THR A 197 -20.33 -10.56 -6.43
CA THR A 197 -19.84 -10.75 -7.80
C THR A 197 -18.35 -10.38 -7.92
N ALA A 198 -17.69 -10.05 -6.79
CA ALA A 198 -16.26 -9.77 -6.76
C ALA A 198 -15.48 -10.98 -7.28
N THR A 199 -14.88 -10.85 -8.48
CA THR A 199 -14.25 -11.96 -9.19
C THR A 199 -13.00 -12.44 -8.44
N ASP A 200 -12.23 -11.50 -7.87
CA ASP A 200 -11.09 -11.81 -7.01
C ASP A 200 -10.86 -10.65 -6.04
N LEU A 201 -10.67 -9.44 -6.59
CA LEU A 201 -10.47 -8.21 -5.82
C LEU A 201 -10.60 -6.99 -6.74
N ILE A 202 -10.52 -7.20 -8.07
CA ILE A 202 -10.54 -6.17 -9.09
C ILE A 202 -11.98 -5.67 -9.32
N GLU A 203 -12.96 -6.59 -9.27
CA GLU A 203 -14.34 -6.30 -9.63
C GLU A 203 -15.13 -5.67 -8.46
N GLN A 204 -14.45 -5.42 -7.32
CA GLN A 204 -15.06 -4.79 -6.15
C GLN A 204 -15.51 -3.37 -6.49
N GLU A 205 -16.83 -3.19 -6.70
CA GLU A 205 -17.40 -1.93 -7.11
C GLU A 205 -17.32 -0.87 -6.00
N LEU A 206 -17.22 -1.30 -4.73
CA LEU A 206 -17.19 -0.38 -3.59
C LEU A 206 -15.93 0.50 -3.64
N VAL A 207 -14.74 -0.13 -3.77
CA VAL A 207 -13.48 0.60 -3.80
C VAL A 207 -13.29 1.34 -5.14
N ARG A 208 -13.98 0.91 -6.21
CA ARG A 208 -13.90 1.55 -7.52
C ARG A 208 -14.65 2.89 -7.53
N VAL A 209 -15.78 2.97 -6.81
CA VAL A 209 -16.55 4.21 -6.67
C VAL A 209 -15.80 5.19 -5.74
N ARG A 210 -14.91 4.68 -4.87
CA ARG A 210 -14.14 5.51 -3.96
C ARG A 210 -12.96 6.19 -4.69
N VAL A 211 -12.41 5.52 -5.72
CA VAL A 211 -11.39 6.11 -6.59
C VAL A 211 -12.05 7.17 -7.48
N ALA A 212 -13.31 6.93 -7.88
CA ALA A 212 -14.09 7.87 -8.69
C ALA A 212 -14.52 9.10 -7.87
N SER A 213 -14.54 8.99 -6.53
CA SER A 213 -14.92 10.09 -5.66
C SER A 213 -13.75 11.07 -5.49
N TYR A 214 -12.51 10.54 -5.42
CA TYR A 214 -11.32 11.37 -5.22
C TYR A 214 -10.99 12.20 -6.47
N MET A 215 -11.26 11.67 -7.67
CA MET A 215 -10.93 12.35 -8.93
C MET A 215 -11.94 13.47 -9.25
N GLU A 216 -13.13 13.43 -8.61
CA GLU A 216 -14.10 14.54 -8.70
C GLU A 216 -13.68 15.70 -7.80
N ASN A 217 -13.03 15.40 -6.66
CA ASN A 217 -12.53 16.42 -5.73
C ASN A 217 -11.25 17.07 -6.28
N ALA A 218 -10.56 16.39 -7.20
CA ALA A 218 -9.31 16.84 -7.78
C ALA A 218 -9.55 17.65 -9.06
N ASN A 219 -8.56 18.46 -9.46
CA ASN A 219 -8.56 19.18 -10.73
C ASN A 219 -8.02 18.29 -11.84
N GLU A 220 -8.03 18.79 -13.08
CA GLU A 220 -7.52 18.06 -14.24
C GLU A 220 -5.98 17.90 -14.16
N GLU A 221 -5.30 18.77 -13.40
CA GLU A 221 -3.85 18.70 -13.23
C GLU A 221 -3.48 17.64 -12.17
N ASP A 222 -4.34 17.44 -11.17
CA ASP A 222 -4.07 16.55 -10.05
C ASP A 222 -4.41 15.08 -10.38
N VAL A 223 -5.32 14.82 -11.34
CA VAL A 223 -5.64 13.46 -11.79
C VAL A 223 -4.62 12.95 -12.83
N LEU A 224 -3.70 13.83 -13.28
CA LEU A 224 -2.74 13.51 -14.32
C LEU A 224 -1.86 12.34 -13.89
N ASN A 225 -1.21 12.46 -12.71
CA ASN A 225 -0.41 11.39 -12.13
C ASN A 225 -1.32 10.41 -11.40
N PHE A 226 -1.89 9.48 -12.16
CA PHE A 226 -2.77 8.43 -11.65
C PHE A 226 -2.41 7.10 -12.31
N ALA A 227 -2.12 6.11 -11.46
CA ALA A 227 -1.87 4.74 -11.87
C ALA A 227 -2.39 3.81 -10.76
N MET A 228 -2.37 2.50 -11.03
CA MET A 228 -2.75 1.49 -10.04
C MET A 228 -1.80 0.30 -10.13
N LEU A 229 -1.72 -0.46 -9.03
CA LEU A 229 -0.77 -1.54 -8.86
C LEU A 229 -1.41 -2.61 -7.94
N GLY A 230 -0.83 -3.81 -7.90
CA GLY A 230 -1.33 -4.89 -7.06
C GLY A 230 -0.21 -5.88 -6.70
N LEU A 231 -0.55 -6.84 -5.83
CA LEU A 231 0.36 -7.89 -5.38
C LEU A 231 -0.38 -9.22 -5.46
N GLY A 232 -0.08 -9.99 -6.51
CA GLY A 232 -0.64 -11.31 -6.75
C GLY A 232 0.49 -12.33 -6.92
N PRO A 233 0.17 -13.56 -7.35
CA PRO A 233 1.16 -14.60 -7.54
C PRO A 233 2.12 -14.22 -8.68
N ASN A 234 3.40 -14.56 -8.53
CA ASN A 234 4.45 -14.21 -9.47
C ASN A 234 4.18 -14.86 -10.83
N TRP A 235 4.63 -14.18 -11.90
CA TRP A 235 4.51 -14.66 -13.26
C TRP A 235 5.86 -14.46 -13.98
N GLU A 236 6.64 -15.55 -14.08
CA GLU A 236 8.00 -15.52 -14.59
C GLU A 236 8.24 -16.72 -15.50
N MET A 1 6.52 23.68 -13.79
CA MET A 1 6.96 22.37 -13.28
C MET A 1 7.78 22.53 -11.98
N SER A 2 8.00 21.41 -11.27
CA SER A 2 8.77 21.40 -10.03
C SER A 2 10.24 21.78 -10.29
N GLY A 3 10.96 22.13 -9.21
CA GLY A 3 12.34 22.58 -9.27
C GLY A 3 12.93 22.66 -7.87
N GLU A 4 13.91 23.56 -7.69
CA GLU A 4 14.55 23.81 -6.40
C GLU A 4 13.48 24.24 -5.37
N ASN A 5 13.74 23.95 -4.07
CA ASN A 5 12.84 24.20 -2.94
C ASN A 5 11.52 23.38 -3.02
N ARG A 6 11.40 22.49 -4.03
CA ARG A 6 10.31 21.54 -4.13
C ARG A 6 10.89 20.14 -4.40
N ALA A 7 10.04 19.11 -4.32
CA ALA A 7 10.44 17.74 -4.63
C ALA A 7 10.43 17.54 -6.14
N VAL A 8 11.59 17.73 -6.79
CA VAL A 8 11.76 17.54 -8.21
C VAL A 8 12.44 16.18 -8.45
N VAL A 9 11.63 15.20 -8.88
CA VAL A 9 12.00 13.80 -8.90
C VAL A 9 11.52 13.16 -10.23
N PRO A 10 12.45 12.91 -11.19
CA PRO A 10 12.13 12.38 -12.52
C PRO A 10 11.87 10.86 -12.52
N ILE A 11 11.78 10.23 -11.33
CA ILE A 11 11.61 8.78 -11.20
C ILE A 11 10.36 8.29 -11.95
N GLU A 12 10.51 7.17 -12.66
CA GLU A 12 9.44 6.45 -13.36
C GLU A 12 9.62 4.92 -13.18
N SER A 13 10.67 4.51 -12.45
CA SER A 13 11.01 3.11 -12.18
C SER A 13 10.12 2.53 -11.05
N ASN A 14 8.94 3.11 -10.82
CA ASN A 14 8.00 2.72 -9.78
C ASN A 14 7.69 1.19 -9.79
N PRO A 15 7.41 0.54 -10.95
CA PRO A 15 7.03 -0.87 -10.99
C PRO A 15 8.26 -1.83 -10.92
N GLU A 16 9.45 -1.30 -10.63
CA GLU A 16 10.70 -2.08 -10.64
C GLU A 16 11.38 -2.02 -9.27
N VAL A 17 11.59 -0.81 -8.73
CA VAL A 17 12.33 -0.62 -7.48
C VAL A 17 11.52 -1.12 -6.28
N PHE A 18 10.18 -1.12 -6.38
CA PHE A 18 9.30 -1.61 -5.32
C PHE A 18 9.35 -3.14 -5.20
N THR A 19 9.87 -3.83 -6.23
CA THR A 19 10.06 -5.29 -6.18
C THR A 19 11.16 -5.64 -5.18
N ASN A 20 12.17 -4.76 -5.05
CA ASN A 20 13.31 -4.97 -4.16
C ASN A 20 12.92 -4.70 -2.70
N PHE A 21 12.03 -3.74 -2.46
CA PHE A 21 11.54 -3.45 -1.10
C PHE A 21 10.68 -4.60 -0.57
N ALA A 22 10.00 -5.34 -1.47
CA ALA A 22 9.17 -6.47 -1.07
C ALA A 22 10.06 -7.66 -0.68
N HIS A 23 11.14 -7.89 -1.43
CA HIS A 23 12.04 -9.01 -1.19
C HIS A 23 12.90 -8.79 0.06
N LYS A 24 13.08 -7.52 0.46
CA LYS A 24 13.81 -7.17 1.69
C LYS A 24 12.98 -7.55 2.93
N LEU A 25 11.64 -7.42 2.84
CA LEU A 25 10.77 -7.82 3.96
C LEU A 25 10.60 -9.35 4.00
N GLY A 26 10.93 -10.06 2.91
CA GLY A 26 10.97 -11.52 2.90
C GLY A 26 10.01 -12.16 1.88
N LEU A 27 9.39 -11.36 1.00
CA LEU A 27 8.45 -11.88 -0.01
C LEU A 27 9.16 -12.91 -0.90
N LYS A 28 8.50 -14.06 -1.13
CA LYS A 28 9.05 -15.16 -1.91
C LYS A 28 9.21 -14.75 -3.38
N ASN A 29 10.07 -15.46 -4.12
CA ASN A 29 10.22 -15.27 -5.56
C ASN A 29 8.99 -15.80 -6.32
N GLU A 30 8.13 -16.59 -5.63
CA GLU A 30 6.92 -17.18 -6.22
C GLU A 30 5.81 -16.12 -6.41
N TRP A 31 5.96 -14.93 -5.81
CA TRP A 31 4.95 -13.88 -5.86
C TRP A 31 5.58 -12.52 -6.13
N ALA A 32 4.94 -11.74 -7.01
CA ALA A 32 5.26 -10.35 -7.28
C ALA A 32 4.02 -9.63 -7.80
N TYR A 33 3.98 -8.29 -7.68
CA TYR A 33 2.88 -7.51 -8.19
C TYR A 33 3.04 -7.28 -9.70
N PHE A 34 1.96 -6.82 -10.35
CA PHE A 34 1.96 -6.41 -11.74
C PHE A 34 1.03 -5.21 -11.93
N ASP A 35 1.14 -4.55 -13.10
CA ASP A 35 0.29 -3.43 -13.46
C ASP A 35 -1.15 -3.89 -13.73
N ILE A 36 -2.09 -2.94 -13.73
CA ILE A 36 -3.51 -3.18 -14.00
C ILE A 36 -4.02 -2.05 -14.91
N TYR A 37 -4.75 -2.41 -15.98
CA TYR A 37 -5.34 -1.45 -16.89
C TYR A 37 -6.49 -0.70 -16.20
N SER A 38 -7.58 -1.42 -15.89
CA SER A 38 -8.78 -0.85 -15.27
C SER A 38 -9.37 -1.86 -14.27
N LEU A 39 -10.48 -1.46 -13.62
CA LEU A 39 -11.17 -2.29 -12.64
C LEU A 39 -12.69 -2.32 -12.87
N THR A 40 -13.22 -1.35 -13.63
CA THR A 40 -14.64 -1.28 -13.95
C THR A 40 -15.01 -2.26 -15.09
N GLU A 41 -14.00 -2.94 -15.66
CA GLU A 41 -14.16 -3.89 -16.75
C GLU A 41 -13.76 -5.28 -16.26
N PRO A 42 -14.71 -6.24 -16.20
CA PRO A 42 -14.41 -7.60 -15.81
C PRO A 42 -13.66 -8.34 -16.93
N GLU A 43 -13.75 -7.85 -18.18
CA GLU A 43 -13.12 -8.47 -19.34
C GLU A 43 -11.62 -8.13 -19.43
N LEU A 44 -11.16 -7.10 -18.70
CA LEU A 44 -9.73 -6.78 -18.61
C LEU A 44 -9.07 -7.66 -17.54
N LEU A 45 -9.73 -7.80 -16.38
CA LEU A 45 -9.23 -8.66 -15.29
C LEU A 45 -9.50 -10.15 -15.57
N ALA A 46 -10.27 -10.47 -16.62
CA ALA A 46 -10.47 -11.86 -17.06
C ALA A 46 -9.13 -12.49 -17.52
N PHE A 47 -8.17 -11.67 -17.95
CA PHE A 47 -6.85 -12.15 -18.38
C PHE A 47 -5.93 -12.45 -17.18
N LEU A 48 -6.31 -12.00 -15.97
CA LEU A 48 -5.58 -12.28 -14.74
C LEU A 48 -5.69 -13.79 -14.43
N PRO A 49 -4.56 -14.49 -14.14
CA PRO A 49 -4.55 -15.91 -13.87
C PRO A 49 -5.21 -16.20 -12.51
N ARG A 50 -4.42 -16.14 -11.42
CA ARG A 50 -4.92 -16.29 -10.06
C ARG A 50 -5.36 -14.91 -9.53
N PRO A 51 -6.18 -14.86 -8.46
CA PRO A 51 -6.63 -13.61 -7.87
C PRO A 51 -5.48 -12.90 -7.15
N VAL A 52 -5.61 -11.58 -6.96
CA VAL A 52 -4.62 -10.80 -6.23
C VAL A 52 -4.75 -11.07 -4.73
N LYS A 53 -3.62 -11.16 -4.03
CA LYS A 53 -3.58 -11.34 -2.59
C LYS A 53 -3.82 -10.01 -1.88
N ALA A 54 -3.53 -8.87 -2.56
CA ALA A 54 -3.77 -7.54 -2.05
C ALA A 54 -3.90 -6.55 -3.22
N ILE A 55 -4.29 -5.31 -2.92
CA ILE A 55 -4.36 -4.23 -3.90
C ILE A 55 -3.78 -2.95 -3.29
N VAL A 56 -3.15 -2.12 -4.14
CA VAL A 56 -2.62 -0.83 -3.74
C VAL A 56 -2.93 0.19 -4.84
N LEU A 57 -3.15 1.45 -4.44
CA LEU A 57 -3.68 2.48 -5.32
C LEU A 57 -2.85 3.75 -5.17
N LEU A 58 -2.00 4.02 -6.17
CA LEU A 58 -1.22 5.25 -6.25
C LEU A 58 -2.11 6.35 -6.85
N PHE A 59 -2.63 7.24 -5.99
CA PHE A 59 -3.53 8.31 -6.41
C PHE A 59 -3.38 9.52 -5.46
N PRO A 60 -3.43 10.76 -5.98
CA PRO A 60 -3.19 11.98 -5.20
C PRO A 60 -4.37 12.31 -4.26
N ILE A 61 -4.18 13.38 -3.48
CA ILE A 61 -5.19 13.90 -2.54
C ILE A 61 -5.29 15.43 -2.70
N ASN A 62 -6.53 15.90 -2.86
CA ASN A 62 -6.85 17.33 -3.02
C ASN A 62 -7.12 17.97 -1.66
N GLU A 63 -7.34 19.30 -1.65
CA GLU A 63 -7.69 20.07 -0.45
C GLU A 63 -9.17 20.49 -0.47
N ASP A 64 -9.91 20.15 -1.55
CA ASP A 64 -11.30 20.55 -1.74
C ASP A 64 -12.19 19.30 -1.68
N ARG A 65 -12.69 18.99 -0.47
CA ARG A 65 -13.47 17.79 -0.15
C ARG A 65 -12.64 16.52 -0.38
N LYS A 66 -12.05 16.00 0.71
CA LYS A 66 -11.11 14.88 0.66
C LYS A 66 -11.47 13.77 1.68
N SER A 67 -12.63 13.90 2.36
CA SER A 67 -13.17 12.92 3.31
C SER A 67 -12.18 12.59 4.46
N SER A 68 -11.31 13.55 4.81
CA SER A 68 -10.32 13.43 5.89
C SER A 68 -10.94 13.45 7.31
N THR A 69 -12.29 13.38 7.40
CA THR A 69 -13.01 13.43 8.68
C THR A 69 -12.43 12.40 9.67
N SER A 70 -12.27 12.81 10.93
CA SER A 70 -11.59 12.02 11.96
C SER A 70 -12.45 11.98 13.22
N GLN A 71 -13.45 11.10 13.21
CA GLN A 71 -14.41 10.90 14.31
C GLN A 71 -13.81 10.08 15.47
N GLN A 72 -12.49 9.79 15.43
CA GLN A 72 -11.80 8.93 16.40
C GLN A 72 -12.49 7.54 16.44
N ILE A 73 -12.41 6.81 15.33
CA ILE A 73 -13.01 5.49 15.17
C ILE A 73 -12.20 4.43 15.97
N THR A 74 -12.80 3.24 16.17
CA THR A 74 -12.16 2.12 16.85
C THR A 74 -10.91 1.66 16.09
N SER A 75 -9.96 1.05 16.81
CA SER A 75 -8.66 0.64 16.27
C SER A 75 -8.31 -0.81 16.66
N SER A 76 -9.28 -1.54 17.22
CA SER A 76 -9.14 -2.96 17.57
C SER A 76 -9.38 -3.88 16.35
N TYR A 77 -9.29 -3.33 15.13
CA TYR A 77 -9.64 -4.01 13.86
C TYR A 77 -8.82 -5.30 13.64
N ASP A 78 -9.28 -6.10 12.66
CA ASP A 78 -8.70 -7.39 12.28
C ASP A 78 -7.49 -7.23 11.35
N VAL A 79 -7.05 -5.99 11.07
CA VAL A 79 -5.91 -5.68 10.19
C VAL A 79 -4.88 -4.85 10.97
N ILE A 80 -3.68 -4.66 10.37
CA ILE A 80 -2.61 -3.88 10.99
C ILE A 80 -2.12 -2.80 10.02
N TRP A 81 -1.98 -1.57 10.55
CA TRP A 81 -1.49 -0.42 9.80
C TRP A 81 -0.63 0.45 10.72
N PHE A 82 0.10 1.40 10.14
CA PHE A 82 0.93 2.34 10.90
C PHE A 82 0.80 3.75 10.33
N LYS A 83 1.20 4.74 11.15
CA LYS A 83 1.19 6.14 10.76
C LYS A 83 2.33 6.41 9.77
N GLN A 84 2.18 7.46 8.97
CA GLN A 84 3.22 7.97 8.10
C GLN A 84 4.10 8.95 8.89
N SER A 85 4.97 8.42 9.75
CA SER A 85 5.80 9.22 10.66
C SER A 85 7.17 9.59 10.06
N VAL A 86 7.60 8.87 9.00
CA VAL A 86 8.87 9.10 8.32
C VAL A 86 8.61 9.46 6.84
N LYS A 87 9.23 10.56 6.38
CA LYS A 87 9.00 11.13 5.05
C LYS A 87 9.66 10.29 3.95
N ASN A 88 10.85 9.72 4.22
CA ASN A 88 11.62 8.99 3.22
C ASN A 88 10.94 7.65 2.84
N ALA A 89 10.00 7.19 3.69
CA ALA A 89 9.34 5.89 3.54
C ALA A 89 8.15 5.94 2.56
N CYS A 90 8.09 6.95 1.67
CA CYS A 90 7.03 7.05 0.66
C CYS A 90 7.04 5.82 -0.25
N GLY A 91 8.23 5.27 -0.53
CA GLY A 91 8.39 4.08 -1.35
C GLY A 91 8.37 2.80 -0.51
N LEU A 92 8.79 2.88 0.77
CA LEU A 92 8.87 1.71 1.64
C LEU A 92 7.47 1.29 2.11
N TYR A 93 6.67 2.26 2.60
CA TYR A 93 5.31 1.99 3.09
C TYR A 93 4.39 1.51 1.98
N ALA A 94 4.68 1.86 0.72
CA ALA A 94 3.82 1.49 -0.41
C ALA A 94 3.71 -0.04 -0.56
N ILE A 95 4.79 -0.78 -0.24
CA ILE A 95 4.78 -2.24 -0.22
C ILE A 95 4.31 -2.74 1.15
N LEU A 96 4.90 -2.17 2.22
CA LEU A 96 4.82 -2.70 3.58
C LEU A 96 3.37 -2.77 4.07
N HIS A 97 2.48 -1.91 3.56
CA HIS A 97 1.07 -1.92 3.92
C HIS A 97 0.42 -3.24 3.50
N SER A 98 0.50 -3.57 2.21
CA SER A 98 -0.14 -4.77 1.64
C SER A 98 0.56 -6.06 2.13
N LEU A 99 1.88 -5.99 2.38
CA LEU A 99 2.68 -7.16 2.71
C LEU A 99 2.54 -7.54 4.20
N SER A 100 2.28 -6.57 5.07
CA SER A 100 2.06 -6.81 6.51
C SER A 100 0.64 -7.33 6.75
N ASN A 101 -0.29 -7.06 5.82
CA ASN A 101 -1.68 -7.48 5.94
C ASN A 101 -1.90 -8.89 5.36
N ASN A 102 -0.90 -9.43 4.65
CA ASN A 102 -0.98 -10.74 4.03
C ASN A 102 0.29 -11.52 4.33
N GLN A 103 0.29 -12.16 5.51
CA GLN A 103 1.37 -13.04 5.97
C GLN A 103 1.47 -14.31 5.11
N SER A 104 0.45 -14.55 4.27
CA SER A 104 0.30 -15.76 3.45
C SER A 104 1.35 -15.88 2.33
N LEU A 105 2.24 -14.88 2.17
CA LEU A 105 3.26 -14.88 1.12
C LEU A 105 4.69 -14.94 1.72
N LEU A 106 4.80 -14.98 3.05
CA LEU A 106 6.09 -14.87 3.76
C LEU A 106 6.52 -16.23 4.30
N GLU A 107 7.83 -16.37 4.54
CA GLU A 107 8.40 -17.47 5.31
C GLU A 107 8.47 -17.06 6.79
N PRO A 108 8.63 -18.04 7.71
CA PRO A 108 8.85 -17.76 9.12
C PRO A 108 10.27 -17.20 9.33
N GLY A 109 10.44 -16.36 10.35
CA GLY A 109 11.73 -15.78 10.70
C GLY A 109 12.17 -14.66 9.73
N SER A 110 11.35 -14.33 8.71
CA SER A 110 11.64 -13.24 7.79
C SER A 110 11.52 -11.89 8.52
N ASP A 111 11.92 -10.80 7.85
CA ASP A 111 11.86 -9.45 8.43
C ASP A 111 10.40 -9.02 8.69
N LEU A 112 9.44 -9.61 7.96
CA LEU A 112 8.01 -9.36 8.12
C LEU A 112 7.47 -10.20 9.30
N ASP A 113 7.72 -11.52 9.26
CA ASP A 113 7.14 -12.48 10.21
C ASP A 113 7.65 -12.26 11.64
N ASN A 114 8.96 -12.04 11.81
CA ASN A 114 9.58 -11.89 13.09
C ASN A 114 9.28 -10.52 13.72
N PHE A 115 8.88 -9.53 12.88
CA PHE A 115 8.47 -8.21 13.36
C PHE A 115 7.11 -8.28 14.09
N LEU A 116 6.23 -9.19 13.66
CA LEU A 116 4.92 -9.39 14.31
C LEU A 116 5.13 -9.99 15.71
N LYS A 117 6.19 -10.79 15.88
CA LYS A 117 6.53 -11.45 17.13
C LYS A 117 7.23 -10.49 18.11
N SER A 118 7.71 -9.33 17.61
CA SER A 118 8.37 -8.33 18.46
C SER A 118 7.34 -7.60 19.33
N GLN A 119 6.17 -7.26 18.76
CA GLN A 119 5.13 -6.54 19.49
C GLN A 119 4.37 -7.46 20.44
N SER A 120 4.37 -8.78 20.18
CA SER A 120 3.75 -9.76 21.09
C SER A 120 4.67 -10.08 22.28
N ASP A 121 5.96 -9.70 22.18
CA ASP A 121 6.94 -9.86 23.26
C ASP A 121 6.93 -8.62 24.19
N THR A 122 6.04 -7.65 23.91
CA THR A 122 5.95 -6.38 24.64
C THR A 122 4.47 -6.10 24.98
N SER A 123 4.23 -5.12 25.88
CA SER A 123 2.89 -4.71 26.29
C SER A 123 2.11 -4.06 25.12
N SER A 124 2.79 -3.74 24.02
CA SER A 124 2.21 -3.14 22.82
C SER A 124 1.43 -4.19 22.01
N SER A 125 0.90 -3.77 20.85
CA SER A 125 0.20 -4.64 19.91
C SER A 125 0.79 -4.48 18.50
N LYS A 126 0.46 -5.41 17.61
CA LYS A 126 0.98 -5.44 16.24
C LYS A 126 0.34 -4.34 15.35
N ASN A 127 -0.68 -3.63 15.86
CA ASN A 127 -1.32 -2.51 15.17
C ASN A 127 -0.97 -1.17 15.81
N ARG A 128 -0.26 -1.19 16.96
CA ARG A 128 0.01 -0.01 17.76
C ARG A 128 1.06 0.89 17.09
N PHE A 129 0.61 2.03 16.54
CA PHE A 129 1.47 3.03 15.91
C PHE A 129 1.87 4.11 16.94
N ASP A 130 2.32 3.66 18.12
CA ASP A 130 2.84 4.52 19.18
C ASP A 130 4.03 3.83 19.87
N ASP A 131 4.23 2.52 19.59
CA ASP A 131 5.35 1.76 20.08
C ASP A 131 6.63 2.22 19.35
N VAL A 132 7.76 2.23 20.05
CA VAL A 132 9.03 2.70 19.49
C VAL A 132 9.62 1.67 18.52
N THR A 133 9.29 0.38 18.67
CA THR A 133 9.83 -0.69 17.82
C THR A 133 9.09 -0.79 16.49
N THR A 134 7.82 -0.36 16.43
CA THR A 134 7.07 -0.34 15.16
C THR A 134 7.61 0.76 14.22
N ASP A 135 8.42 1.69 14.77
CA ASP A 135 9.11 2.73 14.02
C ASP A 135 10.60 2.37 13.83
N GLN A 136 11.11 1.42 14.63
CA GLN A 136 12.52 1.01 14.58
C GLN A 136 12.80 0.23 13.28
N PHE A 137 11.98 -0.79 12.98
CA PHE A 137 12.22 -1.70 11.87
C PHE A 137 12.13 -0.96 10.52
N VAL A 138 11.16 -0.05 10.38
CA VAL A 138 10.94 0.69 9.13
C VAL A 138 12.03 1.73 8.90
N LEU A 139 12.67 2.22 9.97
CA LEU A 139 13.72 3.24 9.89
C LEU A 139 15.03 2.60 9.38
N ASN A 140 15.37 1.41 9.89
CA ASN A 140 16.63 0.74 9.54
C ASN A 140 16.66 0.30 8.06
N VAL A 141 15.48 0.06 7.45
CA VAL A 141 15.39 -0.37 6.05
C VAL A 141 15.57 0.84 5.11
N ILE A 142 14.93 1.98 5.43
CA ILE A 142 15.01 3.16 4.57
C ILE A 142 16.38 3.87 4.69
N LYS A 143 17.13 3.59 5.77
CA LYS A 143 18.50 4.11 5.94
C LYS A 143 19.46 3.52 4.89
N GLU A 144 19.11 2.36 4.31
CA GLU A 144 19.94 1.72 3.28
C GLU A 144 19.92 2.56 1.99
N ASN A 145 18.82 3.28 1.74
CA ASN A 145 18.62 4.09 0.55
C ASN A 145 19.31 5.46 0.67
N VAL A 146 19.82 5.81 1.86
CA VAL A 146 20.57 7.04 2.08
C VAL A 146 22.07 6.81 1.77
N GLN A 147 22.53 5.55 1.84
CA GLN A 147 23.93 5.20 1.62
C GLN A 147 24.33 5.48 0.17
N THR A 148 23.88 4.60 -0.76
CA THR A 148 24.18 4.72 -2.18
C THR A 148 23.05 4.12 -3.04
N PHE A 149 22.05 3.50 -2.39
CA PHE A 149 20.91 2.88 -3.07
C PHE A 149 19.80 3.92 -3.30
N SER A 150 20.10 4.92 -4.14
CA SER A 150 19.15 5.95 -4.53
C SER A 150 17.94 5.31 -5.21
N THR A 151 16.74 5.52 -4.64
CA THR A 151 15.51 4.96 -5.20
C THR A 151 15.24 5.54 -6.59
N GLY A 152 14.56 4.75 -7.43
CA GLY A 152 14.23 5.13 -8.79
C GLY A 152 15.50 5.31 -9.62
N GLN A 153 15.85 6.58 -9.90
CA GLN A 153 17.07 6.92 -10.61
C GLN A 153 18.27 6.87 -9.66
N SER A 154 19.48 7.07 -10.21
CA SER A 154 20.72 7.05 -9.44
C SER A 154 20.87 8.31 -8.55
N GLU A 155 19.97 9.31 -8.71
CA GLU A 155 20.07 10.57 -7.98
C GLU A 155 19.31 10.50 -6.64
N ALA A 156 17.98 10.28 -6.70
CA ALA A 156 17.04 10.41 -5.56
C ALA A 156 17.38 11.65 -4.71
N PRO A 157 17.10 12.87 -5.23
CA PRO A 157 17.57 14.12 -4.64
C PRO A 157 16.75 14.55 -3.41
N GLU A 158 15.53 14.02 -3.24
CA GLU A 158 14.61 14.46 -2.19
C GLU A 158 13.90 13.27 -1.51
N ALA A 159 14.02 12.06 -2.09
CA ALA A 159 13.51 10.79 -1.53
C ALA A 159 12.01 10.86 -1.10
N THR A 160 11.22 11.76 -1.71
CA THR A 160 9.82 11.97 -1.33
C THR A 160 8.89 12.09 -2.56
N ALA A 161 9.44 11.94 -3.79
CA ALA A 161 8.71 12.02 -5.07
C ALA A 161 8.03 13.39 -5.27
N ASP A 162 6.79 13.55 -4.79
CA ASP A 162 6.02 14.80 -4.89
C ASP A 162 5.30 15.07 -3.55
N THR A 163 4.53 16.17 -3.51
CA THR A 163 3.77 16.59 -2.33
C THR A 163 2.26 16.48 -2.59
N ASN A 164 1.85 16.24 -3.86
CA ASN A 164 0.43 16.12 -4.22
C ASN A 164 -0.02 14.65 -4.20
N LEU A 165 0.91 13.71 -4.38
CA LEU A 165 0.62 12.27 -4.39
C LEU A 165 0.14 11.81 -3.02
N HIS A 166 -0.63 10.70 -2.99
CA HIS A 166 -1.03 10.06 -1.74
C HIS A 166 -0.88 8.54 -1.88
N TYR A 167 -0.54 7.86 -0.79
CA TYR A 167 -0.32 6.42 -0.77
C TYR A 167 -1.51 5.74 -0.12
N ILE A 168 -2.41 5.20 -0.96
CA ILE A 168 -3.66 4.60 -0.54
C ILE A 168 -3.55 3.09 -0.74
N THR A 169 -4.14 2.31 0.17
CA THR A 169 -4.17 0.85 0.08
C THR A 169 -5.56 0.36 0.49
N TYR A 170 -5.97 -0.82 -0.01
CA TYR A 170 -7.21 -1.47 0.38
C TYR A 170 -6.94 -2.96 0.63
N VAL A 171 -7.85 -3.60 1.37
CA VAL A 171 -7.65 -4.97 1.88
C VAL A 171 -8.98 -5.73 1.87
N GLU A 172 -8.93 -7.03 2.19
CA GLU A 172 -10.11 -7.85 2.43
C GLU A 172 -9.92 -8.63 3.74
N GLU A 173 -10.95 -8.63 4.60
CA GLU A 173 -10.86 -9.29 5.90
C GLU A 173 -12.26 -9.63 6.42
N ASN A 174 -12.50 -10.92 6.71
CA ASN A 174 -13.76 -11.48 7.21
C ASN A 174 -14.97 -11.14 6.30
N GLY A 175 -14.72 -10.80 5.03
CA GLY A 175 -15.79 -10.55 4.05
C GLY A 175 -16.15 -9.07 3.94
N GLY A 176 -15.27 -8.17 4.43
CA GLY A 176 -15.50 -6.73 4.37
C GLY A 176 -14.21 -5.99 4.02
N ILE A 177 -14.31 -5.06 3.06
CA ILE A 177 -13.20 -4.22 2.63
C ILE A 177 -12.98 -3.09 3.66
N PHE A 178 -11.72 -2.68 3.84
CA PHE A 178 -11.36 -1.54 4.67
C PHE A 178 -10.52 -0.54 3.84
N GLU A 179 -10.31 0.67 4.38
CA GLU A 179 -9.61 1.76 3.68
C GLU A 179 -8.43 2.25 4.52
N LEU A 180 -7.22 1.99 4.02
CA LEU A 180 -5.99 2.51 4.62
C LEU A 180 -5.84 3.98 4.23
N ASP A 181 -5.84 4.86 5.24
CA ASP A 181 -5.52 6.26 5.06
C ASP A 181 -4.56 6.68 6.17
N GLY A 182 -3.28 6.87 5.82
CA GLY A 182 -2.19 7.15 6.75
C GLY A 182 -2.28 8.57 7.34
N ARG A 183 -3.24 9.39 6.88
CA ARG A 183 -3.47 10.74 7.39
C ARG A 183 -4.68 10.78 8.35
N ASN A 184 -5.54 9.73 8.33
CA ASN A 184 -6.63 9.57 9.29
C ASN A 184 -6.06 9.04 10.62
N LEU A 185 -5.61 9.96 11.48
CA LEU A 185 -5.12 9.65 12.81
C LEU A 185 -6.24 9.12 13.74
N SER A 186 -7.50 9.09 13.24
CA SER A 186 -8.65 8.61 13.99
C SER A 186 -8.62 7.09 14.17
N GLY A 187 -7.88 6.36 13.31
CA GLY A 187 -7.84 4.92 13.32
C GLY A 187 -8.25 4.36 11.94
N PRO A 188 -8.34 3.02 11.83
CA PRO A 188 -8.65 2.32 10.60
C PRO A 188 -10.11 2.58 10.17
N LEU A 189 -10.30 2.97 8.90
CA LEU A 189 -11.62 3.17 8.31
C LEU A 189 -12.15 1.86 7.71
N TYR A 190 -13.47 1.82 7.47
CA TYR A 190 -14.14 0.72 6.80
C TYR A 190 -14.90 1.24 5.56
N LEU A 191 -15.18 0.34 4.61
CA LEU A 191 -16.04 0.62 3.45
C LEU A 191 -17.32 -0.23 3.48
N GLY A 192 -17.38 -1.25 4.36
CA GLY A 192 -18.55 -2.10 4.53
C GLY A 192 -18.34 -3.49 3.92
N LYS A 193 -19.39 -4.33 3.99
CA LYS A 193 -19.39 -5.68 3.45
C LYS A 193 -19.06 -5.65 1.95
N SER A 194 -18.13 -6.51 1.53
CA SER A 194 -17.69 -6.61 0.13
C SER A 194 -18.85 -7.05 -0.79
N ASP A 195 -18.68 -6.83 -2.11
CA ASP A 195 -19.64 -7.26 -3.11
C ASP A 195 -19.58 -8.79 -3.28
N PRO A 196 -20.73 -9.46 -3.50
CA PRO A 196 -20.83 -10.90 -3.68
C PRO A 196 -20.44 -11.34 -5.10
N THR A 197 -20.15 -10.39 -6.00
CA THR A 197 -19.86 -10.64 -7.41
C THR A 197 -18.43 -10.24 -7.80
N ALA A 198 -17.60 -9.83 -6.82
CA ALA A 198 -16.21 -9.47 -7.07
C ALA A 198 -15.44 -10.66 -7.65
N THR A 199 -14.96 -10.50 -8.90
CA THR A 199 -14.38 -11.58 -9.69
C THR A 199 -13.07 -12.10 -9.08
N ASP A 200 -12.24 -11.21 -8.51
CA ASP A 200 -10.96 -11.62 -7.92
C ASP A 200 -10.53 -10.72 -6.74
N LEU A 201 -11.26 -9.59 -6.53
CA LEU A 201 -11.03 -8.50 -5.54
C LEU A 201 -11.06 -7.16 -6.28
N ILE A 202 -10.42 -7.08 -7.46
CA ILE A 202 -10.31 -5.85 -8.24
C ILE A 202 -11.70 -5.32 -8.65
N GLU A 203 -12.68 -6.22 -8.87
CA GLU A 203 -14.01 -5.86 -9.37
C GLU A 203 -14.88 -5.23 -8.25
N GLN A 204 -14.33 -5.06 -7.03
CA GLN A 204 -15.02 -4.43 -5.91
C GLN A 204 -15.52 -3.04 -6.30
N GLU A 205 -16.84 -2.84 -6.23
CA GLU A 205 -17.47 -1.55 -6.51
C GLU A 205 -17.23 -0.56 -5.36
N LEU A 206 -16.84 -1.04 -4.18
CA LEU A 206 -16.56 -0.17 -3.04
C LEU A 206 -15.36 0.74 -3.36
N VAL A 207 -14.23 0.15 -3.80
CA VAL A 207 -13.03 0.91 -4.13
C VAL A 207 -13.21 1.69 -5.45
N ARG A 208 -14.14 1.25 -6.33
CA ARG A 208 -14.40 1.92 -7.60
C ARG A 208 -14.95 3.33 -7.35
N VAL A 209 -15.90 3.47 -6.41
CA VAL A 209 -16.53 4.75 -6.10
C VAL A 209 -15.55 5.67 -5.32
N ARG A 210 -14.59 5.09 -4.59
CA ARG A 210 -13.64 5.87 -3.78
C ARG A 210 -12.57 6.55 -4.64
N VAL A 211 -12.10 5.90 -5.72
CA VAL A 211 -11.12 6.52 -6.62
C VAL A 211 -11.82 7.51 -7.56
N ALA A 212 -13.10 7.25 -7.90
CA ALA A 212 -13.88 8.11 -8.78
C ALA A 212 -14.39 9.37 -8.07
N SER A 213 -14.56 9.32 -6.74
CA SER A 213 -15.03 10.48 -5.98
C SER A 213 -13.90 11.50 -5.81
N TYR A 214 -12.69 11.02 -5.51
CA TYR A 214 -11.52 11.89 -5.34
C TYR A 214 -11.03 12.43 -6.69
N MET A 215 -11.41 11.79 -7.81
CA MET A 215 -11.11 12.27 -9.16
C MET A 215 -11.94 13.53 -9.45
N GLU A 216 -13.21 13.53 -9.03
CA GLU A 216 -14.13 14.66 -9.21
C GLU A 216 -13.80 15.83 -8.27
N ASN A 217 -12.89 15.61 -7.30
CA ASN A 217 -12.50 16.63 -6.31
C ASN A 217 -11.07 17.12 -6.57
N ALA A 218 -10.28 16.37 -7.35
CA ALA A 218 -8.92 16.75 -7.74
C ALA A 218 -8.92 17.42 -9.12
N ASN A 219 -7.79 18.06 -9.47
CA ASN A 219 -7.60 18.70 -10.78
C ASN A 219 -7.20 17.64 -11.82
N GLU A 220 -7.30 18.00 -13.12
CA GLU A 220 -6.95 17.09 -14.21
C GLU A 220 -5.43 16.83 -14.27
N GLU A 221 -4.62 17.80 -13.80
CA GLU A 221 -3.17 17.68 -13.77
C GLU A 221 -2.72 16.62 -12.76
N ASP A 222 -3.46 16.49 -11.64
CA ASP A 222 -3.11 15.58 -10.57
C ASP A 222 -3.42 14.14 -10.97
N VAL A 223 -4.65 13.89 -11.45
CA VAL A 223 -5.14 12.54 -11.76
C VAL A 223 -4.47 11.95 -13.04
N LEU A 224 -3.62 12.75 -13.72
CA LEU A 224 -2.92 12.35 -14.94
C LEU A 224 -1.97 11.18 -14.66
N ASN A 225 -1.18 11.28 -13.58
CA ASN A 225 -0.07 10.37 -13.26
C ASN A 225 -0.51 9.12 -12.47
N PHE A 226 -1.80 8.78 -12.55
CA PHE A 226 -2.37 7.69 -11.74
C PHE A 226 -1.73 6.34 -12.13
N ALA A 227 -1.75 5.37 -11.20
CA ALA A 227 -1.29 4.02 -11.45
C ALA A 227 -2.04 3.03 -10.55
N MET A 228 -2.07 1.76 -10.98
CA MET A 228 -2.81 0.70 -10.31
C MET A 228 -1.96 -0.57 -10.32
N LEU A 229 -1.52 -1.00 -9.13
CA LEU A 229 -0.74 -2.23 -8.96
C LEU A 229 -1.55 -3.20 -8.10
N GLY A 230 -1.22 -4.49 -8.19
CA GLY A 230 -1.86 -5.54 -7.39
C GLY A 230 -0.91 -6.70 -7.17
N LEU A 231 -0.78 -7.12 -5.90
CA LEU A 231 0.13 -8.19 -5.49
C LEU A 231 -0.47 -9.55 -5.93
N GLY A 232 0.32 -10.34 -6.65
CA GLY A 232 -0.13 -11.61 -7.23
C GLY A 232 1.05 -12.58 -7.37
N PRO A 233 0.93 -13.61 -8.24
CA PRO A 233 2.01 -14.55 -8.54
C PRO A 233 3.11 -13.86 -9.37
N ASN A 234 4.25 -14.55 -9.55
CA ASN A 234 5.40 -14.03 -10.28
C ASN A 234 5.62 -14.86 -11.54
N TRP A 235 5.19 -14.33 -12.70
CA TRP A 235 5.52 -14.94 -13.99
C TRP A 235 7.00 -14.69 -14.30
N GLU A 236 7.57 -15.54 -15.19
CA GLU A 236 8.97 -15.53 -15.60
C GLU A 236 9.92 -15.26 -14.41
N MET A 1 28.31 11.03 9.00
CA MET A 1 27.78 9.68 9.27
C MET A 1 27.21 9.06 7.98
N SER A 2 26.85 7.76 8.06
CA SER A 2 26.34 7.00 6.92
C SER A 2 24.92 7.43 6.51
N GLY A 3 24.29 8.37 7.26
CA GLY A 3 22.98 8.92 6.92
C GLY A 3 21.88 7.90 7.18
N GLU A 4 21.58 7.68 8.47
CA GLU A 4 20.53 6.76 8.90
C GLU A 4 19.13 7.26 8.45
N ASN A 5 18.99 8.58 8.23
CA ASN A 5 17.77 9.19 7.72
C ASN A 5 18.13 10.46 6.94
N ARG A 6 18.12 10.35 5.60
CA ARG A 6 18.43 11.45 4.68
C ARG A 6 17.32 11.57 3.64
N ALA A 7 17.46 12.53 2.71
CA ALA A 7 16.50 12.74 1.62
C ALA A 7 16.46 11.51 0.72
N VAL A 8 15.30 11.26 0.10
CA VAL A 8 15.09 10.13 -0.83
C VAL A 8 14.43 10.67 -2.10
N VAL A 9 14.82 10.11 -3.26
CA VAL A 9 14.32 10.57 -4.57
C VAL A 9 12.82 10.21 -4.74
N PRO A 10 12.13 10.87 -5.68
CA PRO A 10 10.78 10.48 -6.09
C PRO A 10 10.83 9.11 -6.81
N ILE A 11 9.65 8.54 -7.08
CA ILE A 11 9.52 7.16 -7.56
C ILE A 11 9.08 7.20 -9.03
N GLU A 12 10.04 6.93 -9.94
CA GLU A 12 9.82 7.00 -11.39
C GLU A 12 8.90 5.88 -11.88
N SER A 13 8.95 4.70 -11.24
CA SER A 13 8.16 3.53 -11.62
C SER A 13 7.77 2.75 -10.37
N ASN A 14 6.47 2.72 -10.06
CA ASN A 14 5.94 2.05 -8.88
C ASN A 14 6.23 0.52 -8.86
N PRO A 15 5.93 -0.26 -9.94
CA PRO A 15 6.07 -1.72 -9.90
C PRO A 15 7.54 -2.17 -9.84
N GLU A 16 8.43 -1.46 -10.56
CA GLU A 16 9.83 -1.84 -10.66
C GLU A 16 10.54 -1.69 -9.31
N VAL A 17 10.36 -0.52 -8.67
CA VAL A 17 11.06 -0.17 -7.44
C VAL A 17 10.56 -1.04 -6.26
N PHE A 18 9.24 -1.27 -6.19
CA PHE A 18 8.64 -1.93 -5.04
C PHE A 18 9.00 -3.41 -4.95
N THR A 19 9.07 -4.12 -6.09
CA THR A 19 9.30 -5.57 -6.09
C THR A 19 10.71 -5.91 -5.59
N ASN A 20 11.68 -5.01 -5.81
CA ASN A 20 13.06 -5.20 -5.36
C ASN A 20 13.14 -5.14 -3.83
N PHE A 21 12.51 -4.14 -3.23
CA PHE A 21 12.51 -3.94 -1.78
C PHE A 21 11.56 -4.93 -1.07
N ALA A 22 10.54 -5.44 -1.79
CA ALA A 22 9.55 -6.35 -1.21
C ALA A 22 10.16 -7.72 -0.90
N HIS A 23 11.14 -8.16 -1.71
CA HIS A 23 11.84 -9.42 -1.50
C HIS A 23 12.67 -9.37 -0.20
N LYS A 24 13.10 -8.16 0.21
CA LYS A 24 13.91 -7.97 1.41
C LYS A 24 13.08 -8.16 2.70
N LEU A 25 11.74 -8.02 2.62
CA LEU A 25 10.85 -8.24 3.78
C LEU A 25 10.74 -9.73 4.11
N GLY A 26 10.96 -10.60 3.11
CA GLY A 26 10.76 -12.04 3.26
C GLY A 26 9.74 -12.58 2.23
N LEU A 27 9.29 -11.72 1.29
CA LEU A 27 8.32 -12.09 0.27
C LEU A 27 8.87 -13.23 -0.59
N LYS A 28 8.07 -14.29 -0.76
CA LYS A 28 8.42 -15.41 -1.64
C LYS A 28 8.51 -14.91 -3.09
N ASN A 29 9.43 -15.47 -3.88
CA ASN A 29 9.55 -15.14 -5.31
C ASN A 29 8.33 -15.67 -6.10
N GLU A 30 7.47 -16.48 -5.47
CA GLU A 30 6.20 -16.93 -6.04
C GLU A 30 5.16 -15.79 -6.09
N TRP A 31 5.54 -14.57 -5.66
CA TRP A 31 4.66 -13.40 -5.65
C TRP A 31 5.47 -12.15 -6.03
N ALA A 32 4.82 -11.23 -6.76
CA ALA A 32 5.39 -9.94 -7.11
C ALA A 32 4.26 -8.93 -7.44
N TYR A 33 4.60 -7.63 -7.48
CA TYR A 33 3.65 -6.58 -7.86
C TYR A 33 3.43 -6.60 -9.38
N PHE A 34 2.21 -6.25 -9.80
CA PHE A 34 1.84 -6.10 -11.21
C PHE A 34 0.74 -5.04 -11.31
N ASP A 35 0.89 -4.11 -12.27
CA ASP A 35 -0.09 -3.04 -12.49
C ASP A 35 -1.41 -3.60 -13.03
N ILE A 36 -2.45 -2.75 -13.06
CA ILE A 36 -3.76 -3.06 -13.62
C ILE A 36 -4.16 -1.89 -14.53
N TYR A 37 -4.25 -2.16 -15.84
CA TYR A 37 -4.54 -1.14 -16.85
C TYR A 37 -5.94 -0.54 -16.67
N SER A 38 -6.93 -1.38 -16.33
CA SER A 38 -8.30 -0.94 -16.06
C SER A 38 -9.03 -1.97 -15.18
N LEU A 39 -10.16 -1.54 -14.59
CA LEU A 39 -10.96 -2.36 -13.66
C LEU A 39 -12.41 -2.48 -14.15
N THR A 40 -12.73 -1.89 -15.31
CA THR A 40 -14.06 -1.95 -15.93
C THR A 40 -14.01 -2.70 -17.28
N GLU A 41 -12.80 -3.04 -17.75
CA GLU A 41 -12.57 -3.83 -18.96
C GLU A 41 -12.53 -5.32 -18.59
N PRO A 42 -13.55 -6.13 -18.99
CA PRO A 42 -13.64 -7.54 -18.65
C PRO A 42 -12.62 -8.37 -19.46
N GLU A 43 -12.02 -7.79 -20.51
CA GLU A 43 -11.01 -8.45 -21.33
C GLU A 43 -9.73 -8.67 -20.53
N LEU A 44 -9.44 -7.75 -19.59
CA LEU A 44 -8.25 -7.83 -18.74
C LEU A 44 -8.44 -8.89 -17.66
N LEU A 45 -9.64 -8.95 -17.06
CA LEU A 45 -9.97 -9.91 -16.00
C LEU A 45 -10.14 -11.33 -16.58
N ALA A 46 -10.39 -11.45 -17.90
CA ALA A 46 -10.49 -12.74 -18.58
C ALA A 46 -9.11 -13.32 -18.90
N PHE A 47 -8.05 -12.51 -18.79
CA PHE A 47 -6.65 -12.94 -18.91
C PHE A 47 -5.90 -12.51 -17.64
N LEU A 48 -6.16 -13.21 -16.54
CA LEU A 48 -5.61 -12.89 -15.23
C LEU A 48 -5.30 -14.20 -14.47
N PRO A 49 -4.15 -14.27 -13.76
CA PRO A 49 -3.80 -15.40 -12.90
C PRO A 49 -4.67 -15.39 -11.62
N ARG A 50 -4.32 -16.23 -10.64
CA ARG A 50 -5.02 -16.34 -9.35
C ARG A 50 -5.15 -14.94 -8.69
N PRO A 51 -6.15 -14.75 -7.79
CA PRO A 51 -6.52 -13.42 -7.30
C PRO A 51 -5.44 -12.79 -6.42
N VAL A 52 -5.59 -11.48 -6.19
CA VAL A 52 -4.65 -10.68 -5.40
C VAL A 52 -4.84 -10.93 -3.90
N LYS A 53 -3.78 -10.64 -3.12
CA LYS A 53 -3.85 -10.62 -1.67
C LYS A 53 -4.03 -9.18 -1.15
N ALA A 54 -3.68 -8.17 -1.99
CA ALA A 54 -3.86 -6.76 -1.66
C ALA A 54 -3.93 -5.91 -2.92
N ILE A 55 -4.27 -4.63 -2.75
CA ILE A 55 -4.32 -3.61 -3.79
C ILE A 55 -3.68 -2.33 -3.22
N VAL A 56 -3.12 -1.50 -4.11
CA VAL A 56 -2.59 -0.18 -3.76
C VAL A 56 -3.00 0.84 -4.85
N LEU A 57 -3.06 2.12 -4.47
CA LEU A 57 -3.64 3.17 -5.29
C LEU A 57 -2.74 4.41 -5.27
N LEU A 58 -2.07 4.67 -6.40
CA LEU A 58 -1.14 5.79 -6.56
C LEU A 58 -1.93 7.09 -6.78
N PHE A 59 -2.19 7.84 -5.69
CA PHE A 59 -2.93 9.12 -5.83
C PHE A 59 -2.66 10.05 -4.63
N PRO A 60 -2.45 11.36 -4.89
CA PRO A 60 -2.29 12.39 -3.85
C PRO A 60 -3.65 12.73 -3.21
N ILE A 61 -3.62 13.62 -2.20
CA ILE A 61 -4.81 14.11 -1.51
C ILE A 61 -4.92 15.63 -1.78
N ASN A 62 -5.87 16.00 -2.66
CA ASN A 62 -6.19 17.38 -2.99
C ASN A 62 -6.79 18.11 -1.77
N GLU A 63 -6.88 19.44 -1.83
CA GLU A 63 -7.49 20.26 -0.78
C GLU A 63 -9.02 19.99 -0.67
N ASP A 64 -9.57 19.18 -1.60
CA ASP A 64 -10.95 18.73 -1.61
C ASP A 64 -10.96 17.20 -1.59
N ARG A 65 -11.38 16.64 -0.45
CA ARG A 65 -11.42 15.20 -0.19
C ARG A 65 -12.74 14.82 0.49
N LYS A 66 -13.84 15.45 0.04
CA LYS A 66 -15.18 15.28 0.59
C LYS A 66 -15.68 13.82 0.43
N SER A 67 -16.92 13.56 0.90
CA SER A 67 -17.53 12.22 1.01
C SER A 67 -16.86 11.38 2.13
N SER A 68 -15.92 11.99 2.87
CA SER A 68 -15.31 11.40 4.06
C SER A 68 -15.03 12.52 5.07
N THR A 69 -14.81 12.13 6.33
CA THR A 69 -14.62 13.08 7.41
C THR A 69 -13.46 12.67 8.31
N SER A 70 -12.87 13.67 8.96
CA SER A 70 -11.74 13.55 9.87
C SER A 70 -12.16 13.09 11.29
N GLN A 71 -13.44 12.69 11.45
CA GLN A 71 -14.04 12.38 12.76
C GLN A 71 -13.27 11.27 13.51
N GLN A 72 -13.47 11.23 14.83
CA GLN A 72 -12.87 10.23 15.71
C GLN A 72 -13.73 8.96 15.69
N ILE A 73 -13.07 7.79 15.64
CA ILE A 73 -13.70 6.47 15.62
C ILE A 73 -12.85 5.47 16.42
N THR A 74 -13.33 4.22 16.52
CA THR A 74 -12.65 3.13 17.24
C THR A 74 -11.31 2.78 16.56
N SER A 75 -10.61 1.77 17.10
CA SER A 75 -9.28 1.35 16.62
C SER A 75 -9.13 -0.18 16.69
N SER A 76 -10.24 -0.91 16.85
CA SER A 76 -10.26 -2.37 16.99
C SER A 76 -11.09 -2.98 15.87
N TYR A 77 -10.40 -3.63 14.92
CA TYR A 77 -11.01 -4.22 13.73
C TYR A 77 -10.39 -5.59 13.43
N ASP A 78 -10.93 -6.27 12.40
CA ASP A 78 -10.44 -7.55 11.91
C ASP A 78 -9.13 -7.41 11.12
N VAL A 79 -8.58 -6.18 11.04
CA VAL A 79 -7.44 -5.84 10.19
C VAL A 79 -6.43 -4.98 10.98
N ILE A 80 -5.18 -4.93 10.49
CA ILE A 80 -4.05 -4.24 11.13
C ILE A 80 -3.76 -2.93 10.37
N TRP A 81 -3.34 -1.89 11.11
CA TRP A 81 -3.09 -0.55 10.59
C TRP A 81 -1.65 -0.10 10.90
N PHE A 82 -1.21 0.99 10.25
CA PHE A 82 0.12 1.58 10.45
C PHE A 82 0.01 3.11 10.41
N LYS A 83 0.93 3.81 11.11
CA LYS A 83 0.99 5.26 11.12
C LYS A 83 2.11 5.76 10.19
N GLN A 84 1.72 6.42 9.10
CA GLN A 84 2.64 7.11 8.20
C GLN A 84 3.28 8.28 8.98
N SER A 85 4.59 8.20 9.25
CA SER A 85 5.28 9.18 10.10
C SER A 85 6.71 9.49 9.60
N VAL A 86 7.21 8.75 8.60
CA VAL A 86 8.51 9.00 7.98
C VAL A 86 8.27 9.42 6.52
N LYS A 87 8.50 10.71 6.23
CA LYS A 87 8.17 11.31 4.94
C LYS A 87 8.99 10.70 3.80
N ASN A 88 10.29 10.43 4.05
CA ASN A 88 11.21 9.86 3.05
C ASN A 88 10.98 8.35 2.83
N ALA A 89 10.01 7.75 3.55
CA ALA A 89 9.72 6.32 3.50
C ALA A 89 8.33 6.06 2.90
N CYS A 90 7.81 7.00 2.11
CA CYS A 90 6.46 6.95 1.54
C CYS A 90 6.27 5.69 0.67
N GLY A 91 7.27 5.34 -0.14
CA GLY A 91 7.23 4.15 -0.98
C GLY A 91 7.63 2.88 -0.20
N LEU A 92 8.43 3.05 0.87
CA LEU A 92 8.87 1.92 1.68
C LEU A 92 7.73 1.39 2.54
N TYR A 93 7.06 2.26 3.32
CA TYR A 93 6.02 1.84 4.25
C TYR A 93 4.82 1.27 3.48
N ALA A 94 4.64 1.68 2.20
CA ALA A 94 3.56 1.18 1.37
C ALA A 94 3.67 -0.35 1.16
N ILE A 95 4.90 -0.87 1.20
CA ILE A 95 5.18 -2.29 1.04
C ILE A 95 4.96 -3.03 2.37
N LEU A 96 5.47 -2.46 3.49
CA LEU A 96 5.39 -3.10 4.81
C LEU A 96 3.94 -3.11 5.34
N HIS A 97 3.15 -2.10 4.97
CA HIS A 97 1.76 -1.97 5.40
C HIS A 97 0.85 -2.94 4.61
N SER A 98 1.28 -3.32 3.40
CA SER A 98 0.59 -4.33 2.61
C SER A 98 0.97 -5.74 3.12
N LEU A 99 2.19 -5.90 3.66
CA LEU A 99 2.69 -7.19 4.16
C LEU A 99 2.08 -7.50 5.54
N SER A 100 1.69 -6.47 6.30
CA SER A 100 1.05 -6.63 7.62
C SER A 100 -0.38 -7.17 7.50
N ASN A 101 -0.88 -7.32 6.26
CA ASN A 101 -2.20 -7.85 5.96
C ASN A 101 -2.11 -9.01 4.95
N ASN A 102 -0.87 -9.36 4.51
CA ASN A 102 -0.58 -10.45 3.57
C ASN A 102 0.43 -11.41 4.22
N GLN A 103 0.33 -11.62 5.54
CA GLN A 103 1.26 -12.47 6.30
C GLN A 103 1.23 -13.95 5.83
N SER A 104 0.26 -14.30 4.96
CA SER A 104 0.10 -15.66 4.43
C SER A 104 1.21 -16.07 3.45
N LEU A 105 2.08 -15.12 3.04
CA LEU A 105 3.22 -15.39 2.14
C LEU A 105 4.56 -14.96 2.79
N LEU A 106 4.51 -14.42 4.01
CA LEU A 106 5.66 -14.00 4.79
C LEU A 106 6.43 -15.25 5.27
N GLU A 107 7.66 -15.45 4.76
CA GLU A 107 8.48 -16.62 5.11
C GLU A 107 8.95 -16.51 6.58
N PRO A 108 9.27 -17.65 7.23
CA PRO A 108 9.76 -17.66 8.60
C PRO A 108 11.22 -17.18 8.67
N GLY A 109 11.61 -16.61 9.82
CA GLY A 109 12.97 -16.15 10.08
C GLY A 109 13.33 -14.87 9.30
N SER A 110 12.38 -14.32 8.51
CA SER A 110 12.59 -13.13 7.71
C SER A 110 12.67 -11.87 8.58
N ASP A 111 12.97 -10.71 7.95
CA ASP A 111 13.07 -9.43 8.66
C ASP A 111 11.70 -8.98 9.16
N LEU A 112 10.65 -9.16 8.34
CA LEU A 112 9.28 -8.79 8.70
C LEU A 112 8.69 -9.84 9.66
N ASP A 113 9.23 -11.07 9.67
CA ASP A 113 8.80 -12.13 10.59
C ASP A 113 9.21 -11.79 12.03
N ASN A 114 10.40 -11.20 12.22
CA ASN A 114 10.88 -10.75 13.53
C ASN A 114 10.13 -9.49 14.00
N PHE A 115 9.43 -8.81 13.09
CA PHE A 115 8.67 -7.60 13.38
C PHE A 115 7.45 -7.93 14.27
N LEU A 116 6.88 -9.14 14.12
CA LEU A 116 5.77 -9.61 14.94
C LEU A 116 6.25 -9.96 16.35
N LYS A 117 7.49 -10.43 16.48
CA LYS A 117 8.08 -10.77 17.78
C LYS A 117 8.43 -9.48 18.57
N SER A 118 8.64 -8.37 17.86
CA SER A 118 8.92 -7.07 18.45
C SER A 118 7.66 -6.47 19.12
N GLN A 119 6.49 -7.10 18.93
CA GLN A 119 5.23 -6.70 19.56
C GLN A 119 4.66 -7.82 20.43
N SER A 120 5.12 -9.06 20.22
CA SER A 120 4.74 -10.18 21.07
C SER A 120 5.40 -10.04 22.46
N ASP A 121 6.50 -9.27 22.53
CA ASP A 121 7.23 -8.99 23.76
C ASP A 121 6.78 -7.65 24.38
N THR A 122 5.88 -6.91 23.69
CA THR A 122 5.45 -5.58 24.12
C THR A 122 3.99 -5.62 24.60
N SER A 123 3.02 -5.61 23.67
CA SER A 123 1.61 -5.55 24.01
C SER A 123 0.74 -6.16 22.89
N SER A 124 -0.55 -6.36 23.18
CA SER A 124 -1.56 -6.80 22.19
C SER A 124 -1.88 -5.69 21.16
N SER A 125 -1.15 -4.56 21.22
CA SER A 125 -1.27 -3.41 20.32
C SER A 125 -0.66 -3.70 18.92
N LYS A 126 -0.67 -4.97 18.48
CA LYS A 126 -0.12 -5.38 17.17
C LYS A 126 -0.86 -4.72 15.99
N ASN A 127 -2.00 -4.06 16.23
CA ASN A 127 -2.78 -3.36 15.20
C ASN A 127 -2.47 -1.85 15.16
N ARG A 128 -1.63 -1.38 16.09
CA ARG A 128 -1.26 0.04 16.23
C ARG A 128 0.27 0.13 16.35
N PHE A 129 0.91 0.63 15.28
CA PHE A 129 2.37 0.75 15.21
C PHE A 129 2.80 2.15 15.68
N ASP A 130 3.13 2.26 16.98
CA ASP A 130 3.61 3.50 17.59
C ASP A 130 4.68 3.25 18.68
N ASP A 131 5.02 1.98 18.95
CA ASP A 131 6.09 1.64 19.89
C ASP A 131 7.46 2.04 19.29
N VAL A 132 8.53 1.98 20.09
CA VAL A 132 9.86 2.36 19.62
C VAL A 132 10.42 1.35 18.61
N THR A 133 9.96 0.08 18.67
CA THR A 133 10.49 -0.99 17.82
C THR A 133 9.91 -0.90 16.39
N THR A 134 8.70 -0.31 16.25
CA THR A 134 8.07 -0.12 14.94
C THR A 134 8.76 1.00 14.15
N ASP A 135 9.67 1.76 14.79
CA ASP A 135 10.39 2.87 14.18
C ASP A 135 11.88 2.55 13.98
N GLN A 136 12.44 1.64 14.81
CA GLN A 136 13.86 1.27 14.71
C GLN A 136 14.15 0.49 13.42
N PHE A 137 13.19 -0.32 12.95
CA PHE A 137 13.33 -1.09 11.71
C PHE A 137 13.20 -0.18 10.48
N VAL A 138 12.39 0.88 10.56
CA VAL A 138 12.18 1.79 9.44
C VAL A 138 13.43 2.64 9.20
N LEU A 139 14.14 3.03 10.28
CA LEU A 139 15.36 3.83 10.19
C LEU A 139 16.52 3.02 9.58
N ASN A 140 16.49 1.69 9.73
CA ASN A 140 17.57 0.82 9.25
C ASN A 140 17.48 0.57 7.74
N VAL A 141 16.25 0.52 7.20
CA VAL A 141 16.03 0.17 5.79
C VAL A 141 16.18 1.41 4.88
N ILE A 142 15.76 2.60 5.35
CA ILE A 142 15.90 3.83 4.56
C ILE A 142 17.38 4.26 4.47
N LYS A 143 18.23 3.75 5.37
CA LYS A 143 19.67 4.01 5.35
C LYS A 143 20.29 3.40 4.09
N GLU A 144 19.80 2.22 3.67
CA GLU A 144 20.26 1.54 2.45
C GLU A 144 19.69 2.21 1.19
N ASN A 145 18.56 2.93 1.32
CA ASN A 145 17.88 3.58 0.20
C ASN A 145 18.49 4.97 -0.10
N VAL A 146 19.44 5.42 0.74
CA VAL A 146 20.22 6.63 0.48
C VAL A 146 21.71 6.28 0.29
N GLN A 147 22.08 5.01 0.52
CA GLN A 147 23.45 4.53 0.39
C GLN A 147 23.69 4.03 -1.05
N THR A 148 23.85 4.98 -1.98
CA THR A 148 24.22 4.74 -3.38
C THR A 148 23.18 3.86 -4.13
N PHE A 149 21.96 3.70 -3.56
CA PHE A 149 20.90 2.91 -4.17
C PHE A 149 19.58 3.68 -4.10
N SER A 150 19.24 4.35 -5.21
CA SER A 150 18.06 5.20 -5.33
C SER A 150 16.74 4.40 -5.23
N THR A 151 15.61 5.13 -5.29
CA THR A 151 14.26 4.56 -5.22
C THR A 151 13.42 5.02 -6.42
N GLY A 152 14.08 5.53 -7.48
CA GLY A 152 13.41 5.95 -8.71
C GLY A 152 14.40 5.94 -9.87
N GLN A 153 14.73 7.13 -10.40
CA GLN A 153 15.65 7.27 -11.52
C GLN A 153 16.44 8.60 -11.42
N SER A 154 16.06 9.47 -10.46
CA SER A 154 16.77 10.74 -10.21
C SER A 154 18.12 10.48 -9.51
N GLU A 155 18.87 11.57 -9.25
CA GLU A 155 20.16 11.52 -8.56
C GLU A 155 20.12 12.54 -7.40
N ALA A 156 19.34 12.20 -6.36
CA ALA A 156 19.13 12.97 -5.14
C ALA A 156 19.03 14.51 -5.39
N PRO A 157 18.09 14.97 -6.25
CA PRO A 157 17.86 16.39 -6.48
C PRO A 157 17.10 17.02 -5.32
N GLU A 158 16.19 16.24 -4.72
CA GLU A 158 15.32 16.67 -3.66
C GLU A 158 14.84 15.43 -2.91
N ALA A 159 14.28 15.65 -1.73
CA ALA A 159 13.53 14.65 -0.98
C ALA A 159 12.26 14.24 -1.75
N THR A 160 11.39 13.45 -1.11
CA THR A 160 10.10 13.03 -1.68
C THR A 160 9.13 14.23 -1.84
N ALA A 161 9.62 15.47 -1.58
CA ALA A 161 8.84 16.69 -1.73
C ALA A 161 8.68 17.09 -3.21
N ASP A 162 9.39 16.40 -4.12
CA ASP A 162 9.27 16.61 -5.56
C ASP A 162 7.90 16.11 -6.08
N THR A 163 7.15 15.38 -5.24
CA THR A 163 5.82 14.88 -5.55
C THR A 163 4.91 15.02 -4.32
N ASN A 164 3.62 14.66 -4.46
CA ASN A 164 2.62 14.80 -3.41
C ASN A 164 1.76 13.52 -3.26
N LEU A 165 2.02 12.49 -4.09
CA LEU A 165 1.27 11.24 -4.08
C LEU A 165 1.43 10.50 -2.75
N HIS A 166 0.39 9.76 -2.34
CA HIS A 166 0.39 8.91 -1.16
C HIS A 166 -0.27 7.56 -1.47
N TYR A 167 0.32 6.48 -0.96
CA TYR A 167 -0.09 5.12 -1.25
C TYR A 167 -1.23 4.69 -0.32
N ILE A 168 -2.46 4.65 -0.86
CA ILE A 168 -3.64 4.20 -0.14
C ILE A 168 -3.89 2.73 -0.51
N THR A 169 -3.68 1.82 0.46
CA THR A 169 -3.84 0.38 0.24
C THR A 169 -5.27 -0.05 0.56
N TYR A 170 -5.67 -1.21 0.00
CA TYR A 170 -7.01 -1.76 0.14
C TYR A 170 -6.90 -3.28 0.30
N VAL A 171 -7.33 -3.80 1.45
CA VAL A 171 -7.32 -5.23 1.76
C VAL A 171 -8.67 -5.63 2.36
N GLU A 172 -8.94 -6.95 2.40
CA GLU A 172 -10.23 -7.49 2.80
C GLU A 172 -10.06 -8.49 3.94
N GLU A 173 -10.87 -8.34 4.99
CA GLU A 173 -10.84 -9.18 6.18
C GLU A 173 -12.27 -9.42 6.66
N ASN A 174 -12.52 -10.62 7.22
CA ASN A 174 -13.80 -11.02 7.82
C ASN A 174 -15.02 -10.81 6.88
N GLY A 175 -14.78 -10.79 5.55
CA GLY A 175 -15.86 -10.72 4.57
C GLY A 175 -16.22 -9.28 4.16
N GLY A 176 -15.41 -8.29 4.59
CA GLY A 176 -15.64 -6.88 4.30
C GLY A 176 -14.41 -6.24 3.64
N ILE A 177 -14.54 -4.94 3.31
CA ILE A 177 -13.48 -4.15 2.68
C ILE A 177 -13.15 -2.92 3.55
N PHE A 178 -11.89 -2.49 3.50
CA PHE A 178 -11.36 -1.37 4.28
C PHE A 178 -10.60 -0.41 3.35
N GLU A 179 -10.17 0.73 3.92
CA GLU A 179 -9.38 1.75 3.23
C GLU A 179 -8.25 2.18 4.15
N LEU A 180 -7.08 1.58 3.93
CA LEU A 180 -5.89 1.75 4.74
C LEU A 180 -5.16 3.01 4.26
N ASP A 181 -5.12 4.05 5.10
CA ASP A 181 -4.54 5.35 4.74
C ASP A 181 -3.58 5.86 5.82
N GLY A 182 -2.81 6.90 5.49
CA GLY A 182 -1.78 7.46 6.37
C GLY A 182 -2.16 8.82 6.98
N ARG A 183 -3.40 9.30 6.75
CA ARG A 183 -3.81 10.66 7.17
C ARG A 183 -4.92 10.62 8.24
N ASN A 184 -5.55 9.47 8.47
CA ASN A 184 -6.56 9.30 9.52
C ASN A 184 -5.85 8.85 10.81
N LEU A 185 -5.59 9.82 11.71
CA LEU A 185 -4.95 9.55 13.00
C LEU A 185 -5.90 8.72 13.91
N SER A 186 -7.19 8.64 13.54
CA SER A 186 -8.20 7.87 14.27
C SER A 186 -8.09 6.36 13.98
N GLY A 187 -7.18 5.95 13.09
CA GLY A 187 -7.01 4.55 12.70
C GLY A 187 -7.48 4.33 11.24
N PRO A 188 -7.79 3.07 10.87
CA PRO A 188 -8.26 2.71 9.53
C PRO A 188 -9.66 3.27 9.24
N LEU A 189 -10.24 2.91 8.09
CA LEU A 189 -11.58 3.32 7.70
C LEU A 189 -12.29 2.15 7.01
N TYR A 190 -13.23 1.51 7.72
CA TYR A 190 -14.05 0.43 7.17
C TYR A 190 -14.91 0.99 6.02
N LEU A 191 -14.52 0.65 4.78
CA LEU A 191 -15.11 1.21 3.58
C LEU A 191 -16.56 0.71 3.37
N GLY A 192 -16.88 -0.50 3.87
CA GLY A 192 -18.22 -1.07 3.77
C GLY A 192 -18.15 -2.59 3.64
N LYS A 193 -19.30 -3.22 3.40
CA LYS A 193 -19.36 -4.66 3.12
C LYS A 193 -18.78 -4.95 1.73
N SER A 194 -18.32 -6.18 1.53
CA SER A 194 -17.83 -6.64 0.22
C SER A 194 -19.00 -6.72 -0.78
N ASP A 195 -18.68 -6.70 -2.09
CA ASP A 195 -19.66 -6.90 -3.15
C ASP A 195 -19.83 -8.43 -3.38
N PRO A 196 -21.09 -8.91 -3.52
CA PRO A 196 -21.40 -10.34 -3.63
C PRO A 196 -21.11 -10.91 -5.03
N THR A 197 -20.70 -10.05 -5.98
CA THR A 197 -20.45 -10.45 -7.38
C THR A 197 -18.94 -10.32 -7.73
N ALA A 198 -18.12 -9.79 -6.80
CA ALA A 198 -16.69 -9.58 -7.00
C ALA A 198 -15.97 -10.89 -7.31
N THR A 199 -14.83 -10.80 -8.00
CA THR A 199 -13.89 -11.91 -8.17
C THR A 199 -12.85 -11.86 -7.03
N ASP A 200 -12.42 -10.64 -6.67
CA ASP A 200 -11.53 -10.39 -5.54
C ASP A 200 -11.67 -8.93 -5.10
N LEU A 201 -11.14 -7.99 -5.89
CA LEU A 201 -11.29 -6.54 -5.69
C LEU A 201 -11.31 -5.83 -7.06
N ILE A 202 -10.79 -6.49 -8.10
CA ILE A 202 -10.72 -5.96 -9.46
C ILE A 202 -12.13 -5.95 -10.11
N GLU A 203 -13.11 -6.64 -9.50
CA GLU A 203 -14.50 -6.69 -9.96
C GLU A 203 -15.46 -6.22 -8.84
N GLN A 204 -14.93 -5.95 -7.63
CA GLN A 204 -15.71 -5.44 -6.51
C GLN A 204 -16.16 -4.01 -6.80
N GLU A 205 -17.45 -3.83 -7.11
CA GLU A 205 -18.01 -2.53 -7.49
C GLU A 205 -17.89 -1.51 -6.35
N LEU A 206 -17.85 -1.98 -5.09
CA LEU A 206 -17.84 -1.11 -3.90
C LEU A 206 -16.57 -0.26 -3.86
N VAL A 207 -15.39 -0.90 -4.01
CA VAL A 207 -14.12 -0.20 -3.94
C VAL A 207 -13.79 0.52 -5.27
N ARG A 208 -14.38 0.07 -6.39
CA ARG A 208 -14.08 0.66 -7.70
C ARG A 208 -14.76 2.03 -7.89
N VAL A 209 -15.95 2.24 -7.30
CA VAL A 209 -16.61 3.56 -7.39
C VAL A 209 -15.92 4.57 -6.45
N ARG A 210 -15.23 4.08 -5.40
CA ARG A 210 -14.51 4.91 -4.45
C ARG A 210 -13.25 5.54 -5.10
N VAL A 211 -12.69 4.90 -6.14
CA VAL A 211 -11.56 5.43 -6.91
C VAL A 211 -12.01 6.66 -7.70
N ALA A 212 -13.16 6.54 -8.38
CA ALA A 212 -13.67 7.57 -9.28
C ALA A 212 -14.23 8.79 -8.53
N SER A 213 -14.52 8.65 -7.22
CA SER A 213 -15.05 9.75 -6.42
C SER A 213 -13.97 10.79 -6.11
N TYR A 214 -12.71 10.33 -6.00
CA TYR A 214 -11.58 11.18 -5.62
C TYR A 214 -11.20 12.16 -6.74
N MET A 215 -11.22 11.69 -8.00
CA MET A 215 -10.77 12.49 -9.13
C MET A 215 -11.80 13.56 -9.54
N GLU A 216 -13.06 13.44 -9.07
CA GLU A 216 -14.11 14.43 -9.31
C GLU A 216 -13.92 15.68 -8.42
N ASN A 217 -13.00 15.61 -7.44
CA ASN A 217 -12.70 16.73 -6.54
C ASN A 217 -11.23 17.17 -6.67
N ALA A 218 -10.39 16.35 -7.32
CA ALA A 218 -9.00 16.69 -7.61
C ALA A 218 -8.91 17.73 -8.74
N ASN A 219 -7.73 18.35 -8.90
CA ASN A 219 -7.46 19.30 -9.98
C ASN A 219 -7.22 18.54 -11.30
N GLU A 220 -7.28 19.25 -12.44
CA GLU A 220 -7.10 18.63 -13.75
C GLU A 220 -5.64 18.19 -13.98
N GLU A 221 -4.67 18.89 -13.38
CA GLU A 221 -3.26 18.50 -13.44
C GLU A 221 -2.93 17.46 -12.35
N ASP A 222 -3.76 17.36 -11.30
CA ASP A 222 -3.52 16.45 -10.19
C ASP A 222 -3.91 15.00 -10.55
N VAL A 223 -4.83 14.83 -11.52
CA VAL A 223 -5.23 13.51 -12.01
C VAL A 223 -4.28 13.02 -13.12
N LEU A 224 -3.34 13.87 -13.57
CA LEU A 224 -2.40 13.54 -14.64
C LEU A 224 -1.38 12.46 -14.21
N ASN A 225 -1.28 12.18 -12.90
CA ASN A 225 -0.30 11.24 -12.34
C ASN A 225 -0.98 9.99 -11.74
N PHE A 226 -2.31 9.87 -11.88
CA PHE A 226 -3.08 8.78 -11.30
C PHE A 226 -2.70 7.44 -11.96
N ALA A 227 -2.56 6.40 -11.12
CA ALA A 227 -2.40 5.02 -11.56
C ALA A 227 -2.98 4.07 -10.49
N MET A 228 -3.08 2.77 -10.81
CA MET A 228 -3.56 1.77 -9.87
C MET A 228 -2.84 0.44 -10.12
N LEU A 229 -2.57 -0.32 -9.05
CA LEU A 229 -1.72 -1.51 -9.08
C LEU A 229 -2.17 -2.51 -8.00
N GLY A 230 -1.73 -3.78 -8.11
CA GLY A 230 -2.09 -4.84 -7.18
C GLY A 230 -0.91 -5.78 -6.90
N LEU A 231 -1.13 -6.73 -5.98
CA LEU A 231 -0.13 -7.70 -5.52
C LEU A 231 -0.71 -9.10 -5.69
N GLY A 232 -0.21 -9.83 -6.70
CA GLY A 232 -0.65 -11.19 -7.01
C GLY A 232 0.56 -12.10 -7.23
N PRO A 233 0.34 -13.34 -7.73
CA PRO A 233 1.40 -14.31 -7.94
C PRO A 233 2.35 -13.87 -9.06
N ASN A 234 3.61 -14.33 -8.98
CA ASN A 234 4.68 -13.94 -9.91
C ASN A 234 4.50 -14.63 -11.25
N TRP A 235 3.95 -13.90 -12.23
CA TRP A 235 3.82 -14.36 -13.61
C TRP A 235 5.20 -14.35 -14.27
N GLU A 236 5.85 -15.53 -14.33
CA GLU A 236 7.21 -15.67 -14.82
C GLU A 236 7.38 -17.04 -15.47
N MET A 1 -4.18 -23.54 -7.39
CA MET A 1 -4.31 -24.97 -7.03
C MET A 1 -3.46 -25.83 -7.97
N SER A 2 -3.69 -25.70 -9.29
CA SER A 2 -2.95 -26.42 -10.33
C SER A 2 -2.74 -25.57 -11.58
N GLY A 3 -3.25 -24.32 -11.57
CA GLY A 3 -3.16 -23.39 -12.69
C GLY A 3 -2.18 -22.26 -12.35
N GLU A 4 -1.12 -22.13 -13.15
CA GLU A 4 -0.12 -21.08 -13.01
C GLU A 4 0.39 -20.69 -14.41
N ASN A 5 0.93 -19.47 -14.56
CA ASN A 5 1.37 -18.95 -15.85
C ASN A 5 2.62 -18.07 -15.69
N ARG A 6 3.22 -17.68 -16.82
CA ARG A 6 4.42 -16.85 -16.88
C ARG A 6 4.29 -15.86 -18.05
N ALA A 7 3.83 -14.64 -17.76
CA ALA A 7 3.59 -13.61 -18.75
C ALA A 7 4.20 -12.28 -18.28
N VAL A 8 5.31 -11.89 -18.92
CA VAL A 8 6.01 -10.63 -18.65
C VAL A 8 5.13 -9.43 -19.07
N VAL A 9 5.44 -8.24 -18.51
CA VAL A 9 4.68 -7.01 -18.76
C VAL A 9 5.63 -5.93 -19.35
N PRO A 10 5.08 -4.94 -20.09
CA PRO A 10 5.87 -3.96 -20.85
C PRO A 10 6.39 -2.80 -19.99
N ILE A 11 6.34 -2.94 -18.66
CA ILE A 11 6.77 -1.89 -17.76
C ILE A 11 7.86 -2.41 -16.80
N GLU A 12 8.73 -1.49 -16.37
CA GLU A 12 9.89 -1.79 -15.53
C GLU A 12 10.05 -0.69 -14.44
N SER A 13 9.06 0.20 -14.28
CA SER A 13 9.14 1.33 -13.37
C SER A 13 8.40 1.04 -12.05
N ASN A 14 7.08 1.26 -12.03
CA ASN A 14 6.30 1.31 -10.80
C ASN A 14 6.28 -0.04 -10.04
N PRO A 15 5.61 -1.10 -10.55
CA PRO A 15 5.48 -2.37 -9.82
C PRO A 15 6.79 -3.21 -9.78
N GLU A 16 7.81 -2.85 -10.59
CA GLU A 16 9.08 -3.57 -10.58
C GLU A 16 9.81 -3.29 -9.26
N VAL A 17 9.86 -2.01 -8.86
CA VAL A 17 10.52 -1.57 -7.64
C VAL A 17 9.77 -2.10 -6.41
N PHE A 18 8.44 -2.27 -6.51
CA PHE A 18 7.63 -2.82 -5.42
C PHE A 18 8.03 -4.27 -5.14
N THR A 19 8.33 -5.05 -6.19
CA THR A 19 8.66 -6.47 -6.08
C THR A 19 10.05 -6.67 -5.46
N ASN A 20 11.03 -5.84 -5.86
CA ASN A 20 12.41 -6.03 -5.46
C ASN A 20 12.62 -5.70 -3.98
N PHE A 21 12.02 -4.59 -3.50
CA PHE A 21 12.09 -4.20 -2.09
C PHE A 21 11.39 -5.22 -1.20
N ALA A 22 10.25 -5.74 -1.67
CA ALA A 22 9.43 -6.65 -0.89
C ALA A 22 10.10 -8.03 -0.75
N HIS A 23 10.94 -8.42 -1.74
CA HIS A 23 11.59 -9.72 -1.72
C HIS A 23 12.59 -9.83 -0.57
N LYS A 24 13.16 -8.69 -0.12
CA LYS A 24 14.05 -8.66 1.03
C LYS A 24 13.25 -8.53 2.35
N LEU A 25 12.00 -8.05 2.28
CA LEU A 25 11.18 -7.82 3.47
C LEU A 25 10.60 -9.14 4.01
N GLY A 26 10.22 -10.05 3.10
CA GLY A 26 9.59 -11.32 3.48
C GLY A 26 8.50 -11.73 2.47
N LEU A 27 8.20 -10.89 1.47
CA LEU A 27 7.33 -11.27 0.36
C LEU A 27 8.05 -12.35 -0.46
N LYS A 28 7.51 -13.58 -0.42
CA LYS A 28 8.17 -14.74 -0.98
C LYS A 28 8.31 -14.63 -2.51
N ASN A 29 9.18 -15.46 -3.09
CA ASN A 29 9.41 -15.48 -4.54
C ASN A 29 8.18 -16.01 -5.30
N GLU A 30 7.18 -16.55 -4.59
CA GLU A 30 5.92 -17.01 -5.19
C GLU A 30 4.99 -15.83 -5.54
N TRP A 31 5.35 -14.59 -5.17
CA TRP A 31 4.50 -13.42 -5.39
C TRP A 31 5.32 -12.20 -5.88
N ALA A 32 4.60 -11.21 -6.41
CA ALA A 32 5.15 -9.99 -7.00
C ALA A 32 4.04 -8.92 -7.06
N TYR A 33 4.28 -7.82 -7.78
CA TYR A 33 3.28 -6.79 -8.06
C TYR A 33 3.21 -6.52 -9.56
N PHE A 34 2.06 -5.98 -10.02
CA PHE A 34 1.89 -5.50 -11.39
C PHE A 34 0.86 -4.35 -11.42
N ASP A 35 0.76 -3.67 -12.59
CA ASP A 35 -0.17 -2.57 -12.79
C ASP A 35 -1.54 -3.09 -13.23
N ILE A 36 -2.55 -2.20 -13.19
CA ILE A 36 -3.92 -2.46 -13.62
C ILE A 36 -4.31 -1.34 -14.60
N TYR A 37 -4.21 -1.63 -15.90
CA TYR A 37 -4.47 -0.64 -16.96
C TYR A 37 -5.94 -0.19 -16.96
N SER A 38 -6.86 -1.06 -16.52
CA SER A 38 -8.26 -0.71 -16.33
C SER A 38 -8.95 -1.72 -15.41
N LEU A 39 -10.14 -1.36 -14.91
CA LEU A 39 -10.98 -2.21 -14.08
C LEU A 39 -12.41 -2.34 -14.65
N THR A 40 -12.65 -1.77 -15.85
CA THR A 40 -13.99 -1.76 -16.48
C THR A 40 -13.98 -2.42 -17.87
N GLU A 41 -12.78 -2.69 -18.43
CA GLU A 41 -12.66 -3.44 -19.68
C GLU A 41 -12.59 -4.94 -19.34
N PRO A 42 -13.57 -5.75 -19.80
CA PRO A 42 -13.63 -7.16 -19.46
C PRO A 42 -12.54 -7.98 -20.17
N GLU A 43 -11.91 -7.42 -21.21
CA GLU A 43 -10.81 -8.10 -21.92
C GLU A 43 -9.52 -8.04 -21.09
N LEU A 44 -9.35 -6.98 -20.29
CA LEU A 44 -8.22 -6.83 -19.37
C LEU A 44 -8.38 -7.86 -18.25
N LEU A 45 -9.60 -7.97 -17.70
CA LEU A 45 -9.92 -8.88 -16.60
C LEU A 45 -9.96 -10.35 -17.06
N ALA A 46 -10.13 -10.59 -18.36
CA ALA A 46 -10.18 -11.95 -18.92
C ALA A 46 -8.77 -12.56 -19.05
N PHE A 47 -7.71 -11.77 -18.82
CA PHE A 47 -6.32 -12.22 -18.98
C PHE A 47 -5.63 -12.43 -17.63
N LEU A 48 -6.26 -12.02 -16.52
CA LEU A 48 -5.73 -12.19 -15.17
C LEU A 48 -5.67 -13.70 -14.82
N PRO A 49 -4.47 -14.30 -14.67
CA PRO A 49 -4.32 -15.74 -14.47
C PRO A 49 -4.76 -16.18 -13.07
N ARG A 50 -4.40 -15.40 -12.02
CA ARG A 50 -4.84 -15.65 -10.65
C ARG A 50 -5.31 -14.34 -10.00
N PRO A 51 -6.22 -14.40 -9.00
CA PRO A 51 -6.74 -13.22 -8.33
C PRO A 51 -5.66 -12.58 -7.45
N VAL A 52 -5.74 -11.25 -7.29
CA VAL A 52 -4.83 -10.51 -6.42
C VAL A 52 -5.27 -10.68 -4.96
N LYS A 53 -4.30 -10.87 -4.06
CA LYS A 53 -4.54 -11.04 -2.63
C LYS A 53 -4.78 -9.70 -1.93
N ALA A 54 -4.31 -8.59 -2.54
CA ALA A 54 -4.46 -7.25 -1.97
C ALA A 54 -4.42 -6.19 -3.07
N ILE A 55 -4.71 -4.94 -2.69
CA ILE A 55 -4.78 -3.79 -3.59
C ILE A 55 -3.95 -2.65 -2.99
N VAL A 56 -3.21 -1.92 -3.84
CA VAL A 56 -2.44 -0.73 -3.46
C VAL A 56 -2.68 0.37 -4.50
N LEU A 57 -3.54 1.33 -4.14
CA LEU A 57 -3.94 2.41 -5.04
C LEU A 57 -3.01 3.62 -4.85
N LEU A 58 -2.80 4.39 -5.93
CA LEU A 58 -1.80 5.46 -5.97
C LEU A 58 -2.45 6.75 -6.48
N PHE A 59 -2.65 7.74 -5.59
CA PHE A 59 -3.22 9.03 -5.96
C PHE A 59 -2.74 10.13 -4.99
N PRO A 60 -2.40 11.34 -5.48
CA PRO A 60 -1.92 12.45 -4.67
C PRO A 60 -3.09 13.13 -3.92
N ILE A 61 -2.76 13.90 -2.86
CA ILE A 61 -3.76 14.60 -2.06
C ILE A 61 -4.32 15.80 -2.86
N ASN A 62 -5.65 16.02 -2.77
CA ASN A 62 -6.28 17.28 -3.17
C ASN A 62 -6.94 17.93 -1.94
N GLU A 63 -6.49 19.14 -1.58
CA GLU A 63 -7.05 19.87 -0.44
C GLU A 63 -8.43 20.48 -0.80
N ASP A 64 -8.82 20.40 -2.09
CA ASP A 64 -9.98 21.11 -2.62
C ASP A 64 -11.31 20.53 -2.12
N ARG A 65 -11.40 19.20 -1.92
CA ARG A 65 -12.69 18.57 -1.61
C ARG A 65 -12.53 17.22 -0.85
N LYS A 66 -11.32 16.87 -0.39
CA LYS A 66 -11.13 15.68 0.45
C LYS A 66 -12.00 15.80 1.71
N SER A 67 -12.88 14.81 1.93
CA SER A 67 -13.90 14.85 2.96
C SER A 67 -13.34 14.77 4.39
N SER A 68 -12.05 14.39 4.55
CA SER A 68 -11.34 14.31 5.83
C SER A 68 -12.18 13.61 6.93
N THR A 69 -12.93 12.55 6.54
CA THR A 69 -13.81 11.78 7.43
C THR A 69 -13.02 10.90 8.44
N SER A 70 -11.69 11.03 8.48
CA SER A 70 -10.82 10.32 9.42
C SER A 70 -11.28 10.58 10.86
N GLN A 71 -11.78 9.53 11.52
CA GLN A 71 -12.29 9.60 12.90
C GLN A 71 -11.86 8.35 13.67
N GLN A 72 -12.20 8.30 14.97
CA GLN A 72 -11.84 7.19 15.84
C GLN A 72 -12.52 5.88 15.39
N ILE A 73 -11.69 4.85 15.13
CA ILE A 73 -12.14 3.49 14.80
C ILE A 73 -11.45 2.54 15.79
N THR A 74 -12.19 1.51 16.22
CA THR A 74 -11.67 0.47 17.10
C THR A 74 -10.64 -0.38 16.35
N SER A 75 -9.39 -0.34 16.81
CA SER A 75 -8.29 -1.15 16.25
C SER A 75 -8.42 -2.65 16.64
N SER A 76 -9.51 -3.01 17.33
CA SER A 76 -9.78 -4.37 17.78
C SER A 76 -10.20 -5.31 16.63
N TYR A 77 -10.46 -4.76 15.42
CA TYR A 77 -10.85 -5.57 14.25
C TYR A 77 -9.68 -6.45 13.77
N ASP A 78 -9.97 -7.35 12.83
CA ASP A 78 -9.02 -8.36 12.34
C ASP A 78 -7.91 -7.75 11.46
N VAL A 79 -8.02 -6.45 11.10
CA VAL A 79 -7.01 -5.77 10.30
C VAL A 79 -5.92 -5.17 11.23
N ILE A 80 -4.82 -4.70 10.61
CA ILE A 80 -3.68 -4.11 11.30
C ILE A 80 -3.33 -2.78 10.62
N TRP A 81 -2.70 -1.87 11.37
CA TRP A 81 -2.37 -0.52 10.91
C TRP A 81 -0.96 -0.13 11.41
N PHE A 82 -0.34 0.82 10.69
CA PHE A 82 0.97 1.37 11.00
C PHE A 82 0.91 2.88 10.78
N LYS A 83 1.23 3.64 11.83
CA LYS A 83 1.31 5.10 11.73
C LYS A 83 2.53 5.48 10.88
N GLN A 84 2.28 6.03 9.69
CA GLN A 84 3.34 6.47 8.79
C GLN A 84 3.92 7.81 9.26
N SER A 85 5.26 7.88 9.34
CA SER A 85 6.00 9.10 9.66
C SER A 85 7.22 9.26 8.72
N VAL A 86 7.49 8.25 7.88
CA VAL A 86 8.61 8.26 6.94
C VAL A 86 8.18 8.84 5.59
N LYS A 87 8.61 10.09 5.34
CA LYS A 87 8.29 10.83 4.12
C LYS A 87 9.06 10.26 2.93
N ASN A 88 10.37 10.03 3.12
CA ASN A 88 11.29 9.60 2.07
C ASN A 88 11.15 8.11 1.70
N ALA A 89 10.24 7.38 2.38
CA ALA A 89 10.08 5.94 2.20
C ALA A 89 8.60 5.57 2.06
N CYS A 90 7.81 6.43 1.40
CA CYS A 90 6.40 6.18 1.13
C CYS A 90 6.21 4.98 0.17
N GLY A 91 7.27 4.58 -0.54
CA GLY A 91 7.25 3.39 -1.39
C GLY A 91 7.42 2.12 -0.55
N LEU A 92 8.30 2.16 0.47
CA LEU A 92 8.51 1.04 1.40
C LEU A 92 7.29 0.89 2.33
N TYR A 93 6.61 2.01 2.63
CA TYR A 93 5.39 2.03 3.43
C TYR A 93 4.26 1.30 2.70
N ALA A 94 4.24 1.37 1.36
CA ALA A 94 3.22 0.66 0.57
C ALA A 94 3.40 -0.86 0.67
N ILE A 95 4.64 -1.32 0.87
CA ILE A 95 4.96 -2.75 1.03
C ILE A 95 4.72 -3.19 2.50
N LEU A 96 4.88 -2.27 3.45
CA LEU A 96 4.73 -2.56 4.88
C LEU A 96 3.28 -3.01 5.16
N HIS A 97 2.30 -2.27 4.60
CA HIS A 97 0.89 -2.57 4.75
C HIS A 97 0.50 -3.91 4.06
N SER A 98 1.26 -4.33 3.02
CA SER A 98 0.97 -5.55 2.29
C SER A 98 1.25 -6.79 3.16
N LEU A 99 2.37 -6.78 3.89
CA LEU A 99 2.78 -7.89 4.76
C LEU A 99 1.92 -7.94 6.03
N SER A 100 1.45 -6.78 6.51
CA SER A 100 0.73 -6.67 7.77
C SER A 100 -0.70 -7.25 7.69
N ASN A 101 -1.16 -7.62 6.48
CA ASN A 101 -2.50 -8.17 6.28
C ASN A 101 -2.45 -9.46 5.42
N ASN A 102 -1.25 -9.96 5.13
CA ASN A 102 -1.06 -11.22 4.41
C ASN A 102 0.10 -12.01 5.05
N GLN A 103 -0.20 -12.71 6.15
CA GLN A 103 0.73 -13.65 6.79
C GLN A 103 0.85 -14.93 5.95
N SER A 104 -0.13 -15.15 5.07
CA SER A 104 -0.14 -16.23 4.08
C SER A 104 0.95 -16.04 3.00
N LEU A 105 1.64 -14.88 3.04
CA LEU A 105 2.67 -14.49 2.09
C LEU A 105 4.00 -14.21 2.81
N LEU A 106 3.94 -13.99 4.14
CA LEU A 106 5.11 -13.76 4.97
C LEU A 106 6.01 -14.99 5.00
N GLU A 107 7.33 -14.77 4.82
CA GLU A 107 8.34 -15.81 4.91
C GLU A 107 8.75 -15.97 6.39
N PRO A 108 8.87 -17.21 6.92
CA PRO A 108 9.21 -17.46 8.31
C PRO A 108 10.69 -17.15 8.57
N GLY A 109 10.98 -16.50 9.71
CA GLY A 109 12.33 -16.13 10.12
C GLY A 109 12.86 -14.92 9.35
N SER A 110 12.03 -14.34 8.47
CA SER A 110 12.38 -13.20 7.64
C SER A 110 12.44 -11.90 8.48
N ASP A 111 12.80 -10.78 7.82
CA ASP A 111 12.95 -9.48 8.47
C ASP A 111 11.62 -8.97 9.07
N LEU A 112 10.49 -9.37 8.48
CA LEU A 112 9.16 -9.00 8.99
C LEU A 112 8.80 -9.90 10.18
N ASP A 113 9.19 -11.19 10.12
CA ASP A 113 8.85 -12.17 11.14
C ASP A 113 9.43 -11.79 12.51
N ASN A 114 10.70 -11.35 12.53
CA ASN A 114 11.39 -10.94 13.75
C ASN A 114 11.00 -9.51 14.17
N PHE A 115 10.48 -8.69 13.23
CA PHE A 115 9.97 -7.35 13.58
C PHE A 115 8.61 -7.46 14.28
N LEU A 116 7.85 -8.54 14.02
CA LEU A 116 6.58 -8.77 14.70
C LEU A 116 6.86 -9.23 16.15
N LYS A 117 7.99 -9.92 16.37
CA LYS A 117 8.41 -10.38 17.69
C LYS A 117 8.82 -9.19 18.58
N SER A 118 9.23 -8.06 17.96
CA SER A 118 9.68 -6.87 18.68
C SER A 118 8.53 -6.18 19.43
N GLN A 119 7.27 -6.55 19.12
CA GLN A 119 6.09 -6.04 19.82
C GLN A 119 5.25 -7.18 20.41
N SER A 120 5.51 -8.44 19.97
CA SER A 120 4.82 -9.60 20.52
C SER A 120 5.27 -9.87 21.96
N ASP A 121 6.51 -9.47 22.30
CA ASP A 121 7.03 -9.57 23.67
C ASP A 121 6.68 -8.30 24.48
N THR A 122 6.37 -7.20 23.80
CA THR A 122 5.99 -5.93 24.42
C THR A 122 4.54 -6.02 24.93
N SER A 123 4.18 -5.14 25.87
CA SER A 123 2.85 -5.05 26.47
C SER A 123 1.80 -4.48 25.48
N SER A 124 2.21 -4.15 24.24
CA SER A 124 1.35 -3.50 23.25
C SER A 124 1.02 -4.48 22.11
N SER A 125 -0.04 -4.14 21.34
CA SER A 125 -0.50 -4.90 20.18
C SER A 125 0.33 -4.56 18.94
N LYS A 126 -0.05 -5.12 17.78
CA LYS A 126 0.61 -4.86 16.50
C LYS A 126 -0.30 -4.08 15.53
N ASN A 127 -1.60 -3.93 15.86
CA ASN A 127 -2.48 -2.97 15.16
C ASN A 127 -2.11 -1.52 15.53
N ARG A 128 -1.31 -1.37 16.60
CA ARG A 128 -0.76 -0.11 17.09
C ARG A 128 0.23 0.48 16.06
N PHE A 129 1.48 0.02 16.16
CA PHE A 129 2.73 0.63 15.68
C PHE A 129 2.62 2.14 15.51
N ASP A 130 2.96 2.85 16.61
CA ASP A 130 3.12 4.30 16.68
C ASP A 130 4.24 4.64 17.69
N ASP A 131 4.74 3.62 18.42
CA ASP A 131 5.78 3.75 19.44
C ASP A 131 7.15 4.06 18.81
N VAL A 132 8.15 4.38 19.65
CA VAL A 132 9.52 4.67 19.20
C VAL A 132 10.24 3.37 18.76
N THR A 133 9.82 2.21 19.28
CA THR A 133 10.44 0.91 18.97
C THR A 133 9.95 0.40 17.60
N THR A 134 8.72 0.76 17.21
CA THR A 134 8.17 0.39 15.90
C THR A 134 8.71 1.29 14.79
N ASP A 135 9.39 2.38 15.16
CA ASP A 135 10.09 3.26 14.22
C ASP A 135 11.57 2.86 14.11
N GLN A 136 12.08 2.08 15.08
CA GLN A 136 13.49 1.68 15.14
C GLN A 136 13.86 0.85 13.91
N PHE A 137 13.12 -0.23 13.64
CA PHE A 137 13.43 -1.15 12.55
C PHE A 137 12.98 -0.60 11.19
N VAL A 138 12.03 0.34 11.18
CA VAL A 138 11.57 0.97 9.94
C VAL A 138 12.69 1.86 9.38
N LEU A 139 13.25 2.75 10.21
CA LEU A 139 14.34 3.63 9.82
C LEU A 139 15.64 2.85 9.55
N ASN A 140 15.73 1.60 10.05
CA ASN A 140 16.92 0.77 9.90
C ASN A 140 17.14 0.41 8.44
N VAL A 141 16.11 -0.16 7.78
CA VAL A 141 16.23 -0.60 6.39
C VAL A 141 16.19 0.58 5.42
N ILE A 142 15.57 1.70 5.82
CA ILE A 142 15.50 2.93 5.00
C ILE A 142 16.89 3.59 4.92
N LYS A 143 17.77 3.33 5.91
CA LYS A 143 19.08 3.95 5.96
C LYS A 143 19.95 3.55 4.75
N GLU A 144 19.82 2.31 4.28
CA GLU A 144 20.56 1.80 3.12
C GLU A 144 20.03 2.37 1.79
N ASN A 145 18.92 3.13 1.85
CA ASN A 145 18.19 3.59 0.66
C ASN A 145 18.07 5.12 0.60
N VAL A 146 18.58 5.83 1.62
CA VAL A 146 18.75 7.28 1.57
C VAL A 146 20.20 7.60 1.15
N GLN A 147 21.12 6.64 1.30
CA GLN A 147 22.52 6.81 0.96
C GLN A 147 22.74 6.77 -0.56
N THR A 148 22.25 5.72 -1.24
CA THR A 148 22.66 5.46 -2.63
C THR A 148 21.58 4.73 -3.47
N PHE A 149 20.44 4.35 -2.88
CA PHE A 149 19.41 3.61 -3.61
C PHE A 149 18.01 4.11 -3.24
N SER A 150 17.58 5.21 -3.89
CA SER A 150 16.22 5.74 -3.72
C SER A 150 15.20 4.82 -4.43
N THR A 151 13.91 4.99 -4.11
CA THR A 151 12.82 4.26 -4.77
C THR A 151 12.44 4.96 -6.09
N GLY A 152 11.80 4.21 -7.00
CA GLY A 152 11.41 4.69 -8.33
C GLY A 152 12.65 5.04 -9.15
N GLN A 153 12.95 6.34 -9.24
CA GLN A 153 14.17 6.86 -9.87
C GLN A 153 15.43 6.36 -9.13
N SER A 154 16.60 6.77 -9.64
CA SER A 154 17.90 6.44 -9.06
C SER A 154 18.76 7.72 -8.88
N GLU A 155 18.17 8.89 -9.18
CA GLU A 155 18.83 10.19 -9.04
C GLU A 155 17.85 11.18 -8.37
N ALA A 156 17.36 10.81 -7.17
CA ALA A 156 16.44 11.55 -6.32
C ALA A 156 16.81 13.04 -6.30
N PRO A 157 16.05 13.88 -7.02
CA PRO A 157 16.33 15.30 -7.17
C PRO A 157 15.99 16.07 -5.89
N GLU A 158 14.89 15.70 -5.22
CA GLU A 158 14.45 16.28 -3.96
C GLU A 158 13.80 15.20 -3.06
N ALA A 159 13.86 13.92 -3.48
CA ALA A 159 13.30 12.77 -2.76
C ALA A 159 11.81 12.95 -2.43
N THR A 160 10.96 12.63 -3.43
CA THR A 160 9.48 12.65 -3.39
C THR A 160 8.87 13.95 -2.76
N ALA A 161 9.66 15.03 -2.66
CA ALA A 161 9.19 16.32 -2.15
C ALA A 161 8.22 17.03 -3.12
N ASP A 162 7.90 16.39 -4.26
CA ASP A 162 7.03 16.96 -5.29
C ASP A 162 5.90 15.99 -5.65
N THR A 163 4.91 16.49 -6.41
CA THR A 163 3.70 15.77 -6.85
C THR A 163 2.76 15.38 -5.68
N ASN A 164 3.23 15.53 -4.41
CA ASN A 164 2.47 15.26 -3.18
C ASN A 164 1.65 13.97 -3.27
N LEU A 165 2.33 12.84 -3.52
CA LEU A 165 1.70 11.54 -3.65
C LEU A 165 1.12 11.08 -2.29
N HIS A 166 0.09 10.23 -2.34
CA HIS A 166 -0.42 9.54 -1.16
C HIS A 166 -0.63 8.06 -1.48
N TYR A 167 0.31 7.23 -1.03
CA TYR A 167 0.23 5.79 -1.15
C TYR A 167 -0.78 5.27 -0.13
N ILE A 168 -1.73 4.44 -0.59
CA ILE A 168 -2.78 3.86 0.26
C ILE A 168 -2.98 2.38 -0.09
N THR A 169 -3.59 1.64 0.86
CA THR A 169 -3.82 0.20 0.72
C THR A 169 -5.28 -0.12 1.09
N TYR A 170 -5.83 -1.16 0.44
CA TYR A 170 -7.15 -1.70 0.76
C TYR A 170 -7.01 -3.20 1.02
N VAL A 171 -7.92 -3.74 1.86
CA VAL A 171 -7.88 -5.15 2.28
C VAL A 171 -9.30 -5.71 2.36
N GLU A 172 -9.42 -7.04 2.50
CA GLU A 172 -10.70 -7.73 2.58
C GLU A 172 -10.70 -8.80 3.69
N GLU A 173 -11.46 -8.55 4.76
CA GLU A 173 -11.56 -9.46 5.91
C GLU A 173 -13.01 -9.55 6.36
N ASN A 174 -13.42 -10.75 6.81
CA ASN A 174 -14.76 -11.05 7.36
C ASN A 174 -15.92 -10.63 6.42
N GLY A 175 -15.63 -10.48 5.11
CA GLY A 175 -16.64 -10.17 4.10
C GLY A 175 -16.80 -8.66 3.86
N GLY A 176 -15.97 -7.83 4.51
CA GLY A 176 -16.00 -6.39 4.36
C GLY A 176 -14.69 -5.87 3.75
N ILE A 177 -14.67 -4.56 3.46
CA ILE A 177 -13.52 -3.88 2.86
C ILE A 177 -13.19 -2.63 3.69
N PHE A 178 -11.90 -2.27 3.74
CA PHE A 178 -11.38 -1.19 4.58
C PHE A 178 -10.43 -0.30 3.78
N GLU A 179 -9.99 0.81 4.39
CA GLU A 179 -9.13 1.81 3.77
C GLU A 179 -8.08 2.23 4.80
N LEU A 180 -6.87 1.69 4.63
CA LEU A 180 -5.77 1.83 5.58
C LEU A 180 -4.77 2.84 5.03
N ASP A 181 -4.85 4.09 5.52
CA ASP A 181 -4.06 5.22 5.00
C ASP A 181 -2.97 5.63 6.00
N GLY A 182 -2.02 6.47 5.53
CA GLY A 182 -0.87 6.91 6.30
C GLY A 182 -1.09 8.27 6.96
N ARG A 183 -2.30 8.85 6.79
CA ARG A 183 -2.65 10.15 7.39
C ARG A 183 -3.67 9.97 8.52
N ASN A 184 -4.31 8.79 8.59
CA ASN A 184 -5.27 8.46 9.63
C ASN A 184 -4.54 7.96 10.88
N LEU A 185 -4.13 8.90 11.75
CA LEU A 185 -3.54 8.58 13.06
C LEU A 185 -4.59 7.92 13.99
N SER A 186 -5.88 8.00 13.60
CA SER A 186 -7.00 7.46 14.35
C SER A 186 -7.19 5.95 14.14
N GLY A 187 -6.30 5.29 13.36
CA GLY A 187 -6.42 3.87 13.03
C GLY A 187 -6.97 3.68 11.61
N PRO A 188 -7.43 2.46 11.27
CA PRO A 188 -8.01 2.15 9.96
C PRO A 188 -9.37 2.85 9.77
N LEU A 189 -9.95 2.73 8.57
CA LEU A 189 -11.23 3.35 8.24
C LEU A 189 -12.03 2.40 7.34
N TYR A 190 -13.03 1.72 7.92
CA TYR A 190 -13.94 0.85 7.17
C TYR A 190 -14.74 1.66 6.14
N LEU A 191 -15.21 0.99 5.07
CA LEU A 191 -16.01 1.62 4.03
C LEU A 191 -17.39 0.97 3.94
N GLY A 192 -17.44 -0.38 3.92
CA GLY A 192 -18.69 -1.11 3.82
C GLY A 192 -18.46 -2.55 3.36
N LYS A 193 -19.56 -3.31 3.22
CA LYS A 193 -19.50 -4.70 2.79
C LYS A 193 -19.02 -4.83 1.34
N SER A 194 -18.48 -6.00 1.00
CA SER A 194 -18.00 -6.31 -0.34
C SER A 194 -19.15 -6.59 -1.31
N ASP A 195 -18.81 -6.82 -2.58
CA ASP A 195 -19.76 -7.15 -3.66
C ASP A 195 -19.68 -8.67 -3.93
N PRO A 196 -20.83 -9.34 -4.18
CA PRO A 196 -20.92 -10.79 -4.26
C PRO A 196 -20.43 -11.37 -5.61
N THR A 197 -20.10 -10.52 -6.59
CA THR A 197 -19.65 -10.97 -7.92
C THR A 197 -18.20 -10.53 -8.22
N ALA A 198 -17.54 -9.85 -7.26
CA ALA A 198 -16.13 -9.48 -7.39
C ALA A 198 -15.27 -10.75 -7.33
N THR A 199 -14.75 -11.18 -8.50
CA THR A 199 -14.03 -12.43 -8.64
C THR A 199 -12.56 -12.31 -8.16
N ASP A 200 -12.02 -11.09 -8.13
CA ASP A 200 -10.61 -10.84 -7.83
C ASP A 200 -10.39 -9.42 -7.25
N LEU A 201 -11.48 -8.73 -6.85
CA LEU A 201 -11.47 -7.43 -6.15
C LEU A 201 -11.19 -6.24 -7.11
N ILE A 202 -10.78 -6.49 -8.36
CA ILE A 202 -10.60 -5.41 -9.33
C ILE A 202 -11.98 -4.89 -9.82
N GLU A 203 -12.95 -5.80 -10.03
CA GLU A 203 -14.30 -5.46 -10.49
C GLU A 203 -15.20 -5.01 -9.30
N GLN A 204 -14.66 -5.04 -8.07
CA GLN A 204 -15.36 -4.70 -6.84
C GLN A 204 -16.10 -3.37 -6.99
N GLU A 205 -17.43 -3.41 -6.81
CA GLU A 205 -18.31 -2.25 -6.97
C GLU A 205 -17.95 -1.14 -5.96
N LEU A 206 -17.54 -1.54 -4.75
CA LEU A 206 -17.19 -0.60 -3.69
C LEU A 206 -15.94 0.20 -4.09
N VAL A 207 -14.85 -0.50 -4.45
CA VAL A 207 -13.57 0.12 -4.78
C VAL A 207 -13.64 0.88 -6.11
N ARG A 208 -14.53 0.47 -7.03
CA ARG A 208 -14.70 1.09 -8.34
C ARG A 208 -15.32 2.48 -8.22
N VAL A 209 -16.29 2.64 -7.31
CA VAL A 209 -16.92 3.93 -7.04
C VAL A 209 -16.03 4.78 -6.11
N ARG A 210 -15.23 4.12 -5.26
CA ARG A 210 -14.38 4.82 -4.30
C ARG A 210 -13.22 5.54 -5.01
N VAL A 211 -12.62 4.91 -6.04
CA VAL A 211 -11.54 5.53 -6.81
C VAL A 211 -12.09 6.67 -7.70
N ALA A 212 -13.37 6.57 -8.10
CA ALA A 212 -14.02 7.58 -8.92
C ALA A 212 -14.37 8.84 -8.09
N SER A 213 -14.40 8.73 -6.75
CA SER A 213 -14.69 9.86 -5.88
C SER A 213 -13.51 10.83 -5.82
N TYR A 214 -12.27 10.32 -5.96
CA TYR A 214 -11.06 11.15 -5.95
C TYR A 214 -10.98 11.98 -7.24
N MET A 215 -11.55 11.48 -8.35
CA MET A 215 -11.52 12.17 -9.63
C MET A 215 -12.39 13.43 -9.58
N GLU A 216 -13.56 13.34 -8.92
CA GLU A 216 -14.54 14.41 -8.87
C GLU A 216 -14.14 15.48 -7.84
N ASN A 217 -13.35 15.10 -6.82
CA ASN A 217 -12.89 16.03 -5.79
C ASN A 217 -11.67 16.83 -6.27
N ALA A 218 -10.88 16.23 -7.20
CA ALA A 218 -9.62 16.81 -7.66
C ALA A 218 -9.79 17.48 -9.04
N ASN A 219 -8.77 18.26 -9.44
CA ASN A 219 -8.67 18.85 -10.77
C ASN A 219 -7.96 17.85 -11.72
N GLU A 220 -8.01 18.12 -13.04
CA GLU A 220 -7.37 17.25 -14.04
C GLU A 220 -5.84 17.23 -13.88
N GLU A 221 -5.25 18.29 -13.32
CA GLU A 221 -3.80 18.38 -13.12
C GLU A 221 -3.35 17.46 -11.98
N ASP A 222 -4.20 17.28 -10.96
CA ASP A 222 -3.91 16.39 -9.83
C ASP A 222 -4.25 14.93 -10.18
N VAL A 223 -5.18 14.72 -11.12
CA VAL A 223 -5.56 13.39 -11.61
C VAL A 223 -4.53 12.87 -12.64
N LEU A 224 -3.59 13.72 -13.07
CA LEU A 224 -2.54 13.37 -14.03
C LEU A 224 -1.73 12.17 -13.50
N ASN A 225 -1.07 12.36 -12.34
CA ASN A 225 -0.32 11.29 -11.68
C ASN A 225 -1.29 10.36 -10.98
N PHE A 226 -1.75 9.35 -11.71
CA PHE A 226 -2.70 8.35 -11.24
C PHE A 226 -2.29 6.97 -11.76
N ALA A 227 -2.37 5.97 -10.87
CA ALA A 227 -2.12 4.57 -11.21
C ALA A 227 -2.84 3.65 -10.21
N MET A 228 -2.82 2.34 -10.49
CA MET A 228 -3.41 1.31 -9.63
C MET A 228 -2.57 0.05 -9.75
N LEU A 229 -1.93 -0.36 -8.64
CA LEU A 229 -1.14 -1.59 -8.58
C LEU A 229 -1.89 -2.63 -7.72
N GLY A 230 -1.47 -3.90 -7.86
CA GLY A 230 -2.03 -5.02 -7.13
C GLY A 230 -0.94 -6.04 -6.79
N LEU A 231 -1.32 -7.08 -6.03
CA LEU A 231 -0.38 -8.08 -5.53
C LEU A 231 -0.86 -9.47 -5.96
N GLY A 232 -0.26 -10.00 -7.03
CA GLY A 232 -0.56 -11.32 -7.58
C GLY A 232 0.69 -12.23 -7.52
N PRO A 233 0.65 -13.38 -8.21
CA PRO A 233 1.76 -14.34 -8.24
C PRO A 233 2.94 -13.79 -9.06
N ASN A 234 4.14 -14.35 -8.84
CA ASN A 234 5.35 -13.97 -9.54
C ASN A 234 5.45 -14.73 -10.87
N TRP A 235 5.23 -14.04 -11.99
CA TRP A 235 5.37 -14.63 -13.31
C TRP A 235 6.85 -15.00 -13.57
N GLU A 236 7.07 -15.92 -14.52
CA GLU A 236 8.38 -16.44 -14.89
C GLU A 236 9.25 -16.72 -13.65
N MET A 1 10.12 21.66 -0.14
CA MET A 1 9.76 23.00 -0.62
C MET A 1 10.43 23.30 -1.95
N SER A 2 9.62 23.48 -3.00
CA SER A 2 10.07 23.82 -4.34
C SER A 2 9.11 24.84 -4.98
N GLY A 3 9.33 25.15 -6.27
CA GLY A 3 8.63 26.22 -6.99
C GLY A 3 7.12 25.97 -7.06
N GLU A 4 6.69 25.14 -8.03
CA GLU A 4 5.27 24.95 -8.35
C GLU A 4 4.55 24.18 -7.23
N ASN A 5 5.26 23.28 -6.54
CA ASN A 5 4.71 22.43 -5.49
C ASN A 5 5.86 21.95 -4.58
N ARG A 6 5.63 20.89 -3.80
CA ARG A 6 6.68 20.20 -3.05
C ARG A 6 7.71 19.56 -4.03
N ALA A 7 8.76 18.94 -3.49
CA ALA A 7 9.90 18.42 -4.26
C ALA A 7 9.46 17.43 -5.35
N VAL A 8 9.43 17.91 -6.61
CA VAL A 8 9.18 17.09 -7.78
C VAL A 8 10.52 16.44 -8.19
N VAL A 9 10.64 15.13 -7.95
CA VAL A 9 11.87 14.39 -8.23
C VAL A 9 11.55 13.07 -8.97
N PRO A 10 12.49 12.56 -9.79
CA PRO A 10 12.26 11.44 -10.70
C PRO A 10 12.37 10.07 -10.00
N ILE A 11 11.90 9.03 -10.70
CA ILE A 11 12.02 7.63 -10.29
C ILE A 11 12.00 6.73 -11.55
N GLU A 12 12.25 5.41 -11.39
CA GLU A 12 12.20 4.46 -12.49
C GLU A 12 10.74 4.29 -12.96
N SER A 13 9.99 3.40 -12.29
CA SER A 13 8.55 3.17 -12.53
C SER A 13 7.88 2.75 -11.22
N ASN A 14 6.54 2.64 -11.23
CA ASN A 14 5.78 2.27 -10.05
C ASN A 14 6.05 0.80 -9.64
N PRO A 15 5.62 -0.23 -10.42
CA PRO A 15 5.72 -1.62 -10.00
C PRO A 15 7.17 -2.14 -10.03
N GLU A 16 8.09 -1.43 -10.71
CA GLU A 16 9.49 -1.81 -10.79
C GLU A 16 10.15 -1.67 -9.42
N VAL A 17 9.93 -0.52 -8.76
CA VAL A 17 10.53 -0.19 -7.47
C VAL A 17 9.81 -0.95 -6.33
N PHE A 18 8.50 -1.19 -6.48
CA PHE A 18 7.71 -1.83 -5.44
C PHE A 18 8.11 -3.30 -5.25
N THR A 19 8.27 -4.05 -6.35
CA THR A 19 8.60 -5.48 -6.26
C THR A 19 10.08 -5.69 -5.88
N ASN A 20 10.96 -4.75 -6.24
CA ASN A 20 12.39 -4.88 -5.96
C ASN A 20 12.66 -4.71 -4.46
N PHE A 21 11.99 -3.72 -3.84
CA PHE A 21 12.14 -3.43 -2.42
C PHE A 21 11.41 -4.48 -1.56
N ALA A 22 10.27 -4.98 -2.04
CA ALA A 22 9.44 -5.90 -1.28
C ALA A 22 10.10 -7.28 -1.14
N HIS A 23 10.90 -7.68 -2.14
CA HIS A 23 11.56 -8.99 -2.15
C HIS A 23 12.60 -9.09 -1.01
N LYS A 24 13.18 -7.94 -0.62
CA LYS A 24 14.11 -7.86 0.51
C LYS A 24 13.36 -7.75 1.86
N LEU A 25 12.06 -7.40 1.80
CA LEU A 25 11.23 -7.18 2.99
C LEU A 25 10.58 -8.51 3.46
N GLY A 26 10.48 -9.51 2.57
CA GLY A 26 9.93 -10.83 2.92
C GLY A 26 8.93 -11.36 1.87
N LEU A 27 8.67 -10.59 0.81
CA LEU A 27 7.80 -10.99 -0.29
C LEU A 27 8.36 -12.25 -0.96
N LYS A 28 7.57 -13.34 -0.95
CA LYS A 28 7.97 -14.62 -1.52
C LYS A 28 8.21 -14.48 -3.04
N ASN A 29 9.05 -15.36 -3.60
CA ASN A 29 9.39 -15.34 -5.02
C ASN A 29 8.26 -15.96 -5.87
N GLU A 30 7.38 -16.76 -5.24
CA GLU A 30 6.22 -17.36 -5.89
C GLU A 30 4.98 -16.43 -5.78
N TRP A 31 5.16 -15.23 -5.20
CA TRP A 31 4.07 -14.32 -4.91
C TRP A 31 4.52 -12.88 -5.17
N ALA A 32 4.13 -12.34 -6.33
CA ALA A 32 4.43 -10.98 -6.75
C ALA A 32 3.35 -10.47 -7.71
N TYR A 33 3.41 -9.19 -8.08
CA TYR A 33 2.44 -8.60 -8.98
C TYR A 33 2.98 -7.31 -9.62
N PHE A 34 2.12 -6.57 -10.33
CA PHE A 34 2.49 -5.42 -11.14
C PHE A 34 1.28 -4.47 -11.29
N ASP A 35 1.44 -3.38 -12.07
CA ASP A 35 0.36 -2.42 -12.30
C ASP A 35 -0.86 -3.10 -12.96
N ILE A 36 -1.97 -2.37 -13.09
CA ILE A 36 -3.23 -2.90 -13.63
C ILE A 36 -3.67 -2.06 -14.83
N TYR A 37 -4.38 -2.68 -15.78
CA TYR A 37 -4.91 -1.99 -16.95
C TYR A 37 -6.24 -1.31 -16.60
N SER A 38 -7.23 -2.09 -16.13
CA SER A 38 -8.56 -1.60 -15.78
C SER A 38 -9.19 -2.49 -14.68
N LEU A 39 -10.34 -2.06 -14.16
CA LEU A 39 -11.12 -2.82 -13.18
C LEU A 39 -12.62 -2.86 -13.54
N THR A 40 -13.02 -2.20 -14.64
CA THR A 40 -14.41 -2.14 -15.10
C THR A 40 -14.54 -2.69 -16.53
N GLU A 41 -13.41 -3.10 -17.13
CA GLU A 41 -13.35 -3.70 -18.45
C GLU A 41 -12.89 -5.16 -18.30
N PRO A 42 -13.83 -6.14 -18.34
CA PRO A 42 -13.51 -7.56 -18.20
C PRO A 42 -12.75 -8.10 -19.43
N GLU A 43 -12.58 -7.27 -20.47
CA GLU A 43 -11.76 -7.58 -21.63
C GLU A 43 -10.29 -7.77 -21.20
N LEU A 44 -9.85 -7.01 -20.17
CA LEU A 44 -8.49 -7.06 -19.66
C LEU A 44 -8.37 -8.16 -18.58
N LEU A 45 -9.44 -8.36 -17.79
CA LEU A 45 -9.43 -9.33 -16.68
C LEU A 45 -9.43 -10.78 -17.19
N ALA A 46 -9.82 -10.99 -18.46
CA ALA A 46 -9.90 -12.32 -19.06
C ALA A 46 -8.51 -12.95 -19.30
N PHE A 47 -7.44 -12.16 -19.14
CA PHE A 47 -6.07 -12.60 -19.43
C PHE A 47 -5.25 -12.83 -18.15
N LEU A 48 -5.77 -12.43 -16.98
CA LEU A 48 -5.10 -12.71 -15.71
C LEU A 48 -5.33 -14.18 -15.32
N PRO A 49 -4.28 -14.88 -14.84
CA PRO A 49 -4.35 -16.29 -14.49
C PRO A 49 -5.13 -16.48 -13.17
N ARG A 50 -4.42 -16.41 -12.03
CA ARG A 50 -5.01 -16.58 -10.70
C ARG A 50 -5.57 -15.23 -10.18
N PRO A 51 -6.42 -15.26 -9.13
CA PRO A 51 -6.96 -14.07 -8.49
C PRO A 51 -5.87 -13.36 -7.67
N VAL A 52 -6.18 -12.15 -7.19
CA VAL A 52 -5.24 -11.31 -6.44
C VAL A 52 -5.73 -11.17 -4.99
N LYS A 53 -4.78 -11.05 -4.04
CA LYS A 53 -5.08 -11.14 -2.61
C LYS A 53 -5.08 -9.75 -1.93
N ALA A 54 -4.56 -8.72 -2.62
CA ALA A 54 -4.55 -7.36 -2.10
C ALA A 54 -4.49 -6.35 -3.25
N ILE A 55 -4.88 -5.10 -2.96
CA ILE A 55 -4.93 -4.01 -3.95
C ILE A 55 -4.33 -2.76 -3.32
N VAL A 56 -3.71 -1.91 -4.16
CA VAL A 56 -3.16 -0.62 -3.77
C VAL A 56 -3.55 0.41 -4.85
N LEU A 57 -3.73 1.68 -4.45
CA LEU A 57 -4.06 2.77 -5.36
C LEU A 57 -3.04 3.89 -5.15
N LEU A 58 -2.57 4.47 -6.26
CA LEU A 58 -1.48 5.44 -6.27
C LEU A 58 -2.01 6.75 -6.89
N PHE A 59 -2.43 7.69 -6.04
CA PHE A 59 -3.07 8.94 -6.50
C PHE A 59 -2.80 10.06 -5.48
N PRO A 60 -2.58 11.32 -5.93
CA PRO A 60 -2.25 12.44 -5.05
C PRO A 60 -3.48 12.92 -4.25
N ILE A 61 -3.27 13.90 -3.37
CA ILE A 61 -4.33 14.43 -2.50
C ILE A 61 -4.22 15.95 -2.40
N ASN A 62 -5.08 16.65 -3.17
CA ASN A 62 -5.13 18.10 -3.22
C ASN A 62 -5.66 18.69 -1.89
N GLU A 63 -5.71 20.03 -1.82
CA GLU A 63 -6.03 20.77 -0.59
C GLU A 63 -7.48 20.52 -0.09
N ASP A 64 -8.31 19.82 -0.88
CA ASP A 64 -9.68 19.47 -0.49
C ASP A 64 -9.99 18.02 -0.87
N ARG A 65 -10.91 17.38 -0.13
CA ARG A 65 -11.33 16.01 -0.38
C ARG A 65 -12.70 15.76 0.28
N LYS A 66 -13.78 16.00 -0.49
CA LYS A 66 -15.14 15.69 -0.03
C LYS A 66 -15.32 14.17 0.14
N SER A 67 -16.38 13.78 0.86
CA SER A 67 -16.68 12.39 1.22
C SER A 67 -15.52 11.73 2.02
N SER A 68 -14.57 12.53 2.52
CA SER A 68 -13.40 12.04 3.24
C SER A 68 -13.08 12.97 4.42
N THR A 69 -13.32 12.47 5.64
CA THR A 69 -13.03 13.20 6.88
C THR A 69 -12.42 12.24 7.92
N SER A 70 -11.74 12.81 8.92
CA SER A 70 -11.09 12.07 9.99
C SER A 70 -12.08 11.79 11.12
N GLN A 71 -12.82 10.67 11.00
CA GLN A 71 -13.77 10.22 12.01
C GLN A 71 -13.00 9.75 13.27
N GLN A 72 -13.69 9.73 14.42
CA GLN A 72 -13.15 9.23 15.68
C GLN A 72 -13.27 7.69 15.69
N ILE A 73 -12.21 7.01 15.23
CA ILE A 73 -12.20 5.56 14.95
C ILE A 73 -12.25 4.71 16.26
N THR A 74 -11.99 5.34 17.42
CA THR A 74 -11.92 4.69 18.75
C THR A 74 -10.70 3.76 18.82
N SER A 75 -10.79 2.56 18.24
CA SER A 75 -9.71 1.58 18.24
C SER A 75 -9.71 0.77 16.91
N SER A 76 -8.64 0.00 16.69
CA SER A 76 -8.47 -0.83 15.49
C SER A 76 -9.51 -1.95 15.48
N TYR A 77 -10.51 -1.82 14.58
CA TYR A 77 -11.65 -2.72 14.51
C TYR A 77 -11.25 -4.15 14.11
N ASP A 78 -10.88 -4.35 12.84
CA ASP A 78 -10.81 -5.69 12.25
C ASP A 78 -9.60 -5.87 11.31
N VAL A 79 -8.74 -4.84 11.18
CA VAL A 79 -7.60 -4.88 10.26
C VAL A 79 -6.35 -4.30 10.91
N ILE A 80 -5.18 -4.84 10.51
CA ILE A 80 -3.87 -4.40 10.99
C ILE A 80 -3.55 -3.01 10.43
N TRP A 81 -2.97 -2.12 11.25
CA TRP A 81 -2.60 -0.79 10.79
C TRP A 81 -1.40 -0.25 11.59
N PHE A 82 -0.59 0.57 10.91
CA PHE A 82 0.47 1.39 11.50
C PHE A 82 0.55 2.72 10.74
N LYS A 83 0.96 3.80 11.42
CA LYS A 83 0.94 5.13 10.81
C LYS A 83 1.99 5.28 9.71
N GLN A 84 1.78 6.28 8.84
CA GLN A 84 2.74 6.73 7.83
C GLN A 84 3.22 8.13 8.28
N SER A 85 4.43 8.20 8.86
CA SER A 85 4.89 9.42 9.55
C SER A 85 6.37 9.75 9.24
N VAL A 86 7.08 8.85 8.54
CA VAL A 86 8.45 9.11 8.08
C VAL A 86 8.41 9.36 6.56
N LYS A 87 8.74 10.60 6.15
CA LYS A 87 8.64 11.04 4.76
C LYS A 87 9.61 10.27 3.86
N ASN A 88 10.82 9.98 4.35
CA ASN A 88 11.85 9.22 3.62
C ASN A 88 11.49 7.72 3.53
N ALA A 89 10.35 7.33 4.11
CA ALA A 89 9.87 5.95 4.18
C ALA A 89 8.49 5.82 3.52
N CYS A 90 8.06 6.82 2.72
CA CYS A 90 6.75 6.80 2.07
C CYS A 90 6.65 5.63 1.06
N GLY A 91 7.78 5.18 0.50
CA GLY A 91 7.84 4.02 -0.38
C GLY A 91 7.94 2.71 0.44
N LEU A 92 8.54 2.79 1.64
CA LEU A 92 8.63 1.66 2.55
C LEU A 92 7.24 1.30 3.06
N TYR A 93 6.47 2.31 3.53
CA TYR A 93 5.14 2.10 4.11
C TYR A 93 4.12 1.64 3.08
N ALA A 94 4.33 1.97 1.80
CA ALA A 94 3.45 1.50 0.73
C ALA A 94 3.54 -0.02 0.59
N ILE A 95 4.72 -0.59 0.91
CA ILE A 95 4.97 -2.02 0.88
C ILE A 95 4.71 -2.64 2.27
N LEU A 96 4.93 -1.89 3.35
CA LEU A 96 4.84 -2.40 4.71
C LEU A 96 3.41 -2.82 5.02
N HIS A 97 2.45 -1.91 4.78
CA HIS A 97 1.05 -2.13 5.11
C HIS A 97 0.39 -3.15 4.18
N SER A 98 0.90 -3.30 2.94
CA SER A 98 0.35 -4.27 1.99
C SER A 98 0.87 -5.70 2.27
N LEU A 99 2.08 -5.84 2.87
CA LEU A 99 2.62 -7.14 3.23
C LEU A 99 2.00 -7.65 4.52
N SER A 100 1.92 -6.76 5.54
CA SER A 100 1.51 -7.14 6.90
C SER A 100 0.02 -7.54 6.98
N ASN A 101 -0.77 -7.22 5.94
CA ASN A 101 -2.18 -7.61 5.84
C ASN A 101 -2.32 -8.98 5.12
N ASN A 102 -1.18 -9.56 4.69
CA ASN A 102 -1.10 -10.78 3.90
C ASN A 102 0.06 -11.66 4.41
N GLN A 103 0.19 -11.80 5.74
CA GLN A 103 1.21 -12.64 6.39
C GLN A 103 1.08 -14.12 5.97
N SER A 104 -0.06 -14.49 5.34
CA SER A 104 -0.34 -15.85 4.90
C SER A 104 0.59 -16.31 3.75
N LEU A 105 1.26 -15.36 3.07
CA LEU A 105 2.18 -15.67 1.96
C LEU A 105 3.63 -15.24 2.30
N LEU A 106 3.84 -14.58 3.45
CA LEU A 106 5.15 -14.10 3.89
C LEU A 106 6.12 -15.29 4.08
N GLU A 107 7.41 -15.05 3.80
CA GLU A 107 8.48 -16.01 4.05
C GLU A 107 8.76 -16.10 5.57
N PRO A 108 9.25 -17.25 6.05
CA PRO A 108 9.56 -17.45 7.46
C PRO A 108 10.86 -16.73 7.84
N GLY A 109 10.85 -16.02 8.98
CA GLY A 109 12.04 -15.38 9.54
C GLY A 109 12.48 -14.12 8.76
N SER A 110 11.66 -13.65 7.81
CA SER A 110 11.95 -12.45 7.02
C SER A 110 11.97 -11.17 7.89
N ASP A 111 12.26 -10.02 7.27
CA ASP A 111 12.32 -8.74 7.98
C ASP A 111 10.95 -8.38 8.59
N LEU A 112 9.86 -8.66 7.87
CA LEU A 112 8.49 -8.40 8.33
C LEU A 112 8.12 -9.41 9.45
N ASP A 113 8.62 -10.65 9.35
CA ASP A 113 8.29 -11.72 10.29
C ASP A 113 8.83 -11.39 11.69
N ASN A 114 10.07 -10.87 11.77
CA ASN A 114 10.69 -10.47 13.03
C ASN A 114 10.18 -9.10 13.51
N PHE A 115 9.58 -8.30 12.61
CA PHE A 115 9.07 -6.97 12.95
C PHE A 115 7.85 -7.11 13.88
N LEU A 116 6.82 -7.85 13.43
CA LEU A 116 5.60 -8.06 14.21
C LEU A 116 5.86 -8.95 15.44
N LYS A 117 6.94 -9.75 15.43
CA LYS A 117 7.33 -10.56 16.57
C LYS A 117 7.89 -9.67 17.69
N SER A 118 8.54 -8.55 17.33
CA SER A 118 9.09 -7.60 18.29
C SER A 118 7.96 -6.76 18.93
N GLN A 119 6.82 -6.60 18.24
CA GLN A 119 5.65 -5.92 18.78
C GLN A 119 4.94 -6.81 19.81
N SER A 120 5.11 -8.14 19.71
CA SER A 120 4.52 -9.08 20.66
C SER A 120 5.33 -9.08 21.97
N ASP A 121 6.64 -8.75 21.90
CA ASP A 121 7.50 -8.63 23.08
C ASP A 121 7.25 -7.29 23.81
N THR A 122 6.66 -6.30 23.11
CA THR A 122 6.29 -5.01 23.70
C THR A 122 4.84 -5.06 24.23
N SER A 123 4.06 -6.07 23.78
CA SER A 123 2.64 -6.30 24.09
C SER A 123 1.75 -5.14 23.60
N SER A 124 0.51 -5.50 23.21
CA SER A 124 -0.53 -4.60 22.67
C SER A 124 -0.09 -3.79 21.42
N SER A 125 1.17 -3.97 20.95
CA SER A 125 1.71 -3.22 19.82
C SER A 125 1.48 -3.92 18.49
N LYS A 126 0.86 -5.09 18.52
CA LYS A 126 0.29 -5.65 17.33
C LYS A 126 -0.85 -4.73 16.92
N ASN A 127 -0.96 -4.52 15.60
CA ASN A 127 -1.85 -3.56 14.93
C ASN A 127 -2.05 -2.22 15.67
N ARG A 128 -1.06 -1.79 16.48
CA ARG A 128 -1.07 -0.48 17.12
C ARG A 128 0.29 0.20 16.89
N PHE A 129 0.24 1.53 16.68
CA PHE A 129 1.42 2.35 16.36
C PHE A 129 1.72 3.34 17.51
N ASP A 130 2.80 4.13 17.32
CA ASP A 130 3.43 5.02 18.31
C ASP A 130 4.22 4.24 19.37
N ASP A 131 4.19 2.90 19.31
CA ASP A 131 4.96 2.06 20.21
C ASP A 131 6.46 2.06 19.81
N VAL A 132 7.32 1.62 20.73
CA VAL A 132 8.78 1.80 20.61
C VAL A 132 9.38 0.99 19.44
N THR A 133 9.21 -0.34 19.42
CA THR A 133 9.83 -1.18 18.38
C THR A 133 9.04 -1.11 17.05
N THR A 134 7.81 -0.57 17.07
CA THR A 134 7.03 -0.33 15.84
C THR A 134 7.72 0.75 14.96
N ASP A 135 8.66 1.52 15.53
CA ASP A 135 9.42 2.54 14.82
C ASP A 135 10.89 2.10 14.61
N GLN A 136 11.34 1.06 15.35
CA GLN A 136 12.72 0.59 15.29
C GLN A 136 13.08 0.04 13.90
N PHE A 137 12.24 -0.83 13.32
CA PHE A 137 12.57 -1.53 12.08
C PHE A 137 12.45 -0.61 10.86
N VAL A 138 11.49 0.33 10.86
CA VAL A 138 11.22 1.15 9.68
C VAL A 138 12.34 2.17 9.43
N LEU A 139 13.03 2.65 10.48
CA LEU A 139 14.13 3.60 10.31
C LEU A 139 15.46 2.90 9.96
N ASN A 140 15.57 1.58 10.24
CA ASN A 140 16.78 0.80 9.93
C ASN A 140 16.83 0.40 8.45
N VAL A 141 15.67 0.18 7.81
CA VAL A 141 15.62 -0.27 6.42
C VAL A 141 15.94 0.88 5.46
N ILE A 142 15.46 2.09 5.77
CA ILE A 142 15.76 3.29 4.96
C ILE A 142 17.21 3.76 5.18
N LYS A 143 17.87 3.28 6.25
CA LYS A 143 19.26 3.63 6.56
C LYS A 143 20.20 3.04 5.48
N GLU A 144 19.76 1.98 4.79
CA GLU A 144 20.50 1.35 3.72
C GLU A 144 20.35 2.15 2.41
N ASN A 145 19.12 2.62 2.13
CA ASN A 145 18.77 3.24 0.85
C ASN A 145 19.30 4.69 0.75
N VAL A 146 19.38 5.39 1.87
CA VAL A 146 19.77 6.81 1.89
C VAL A 146 21.27 6.99 1.51
N GLN A 147 22.04 5.89 1.46
CA GLN A 147 23.46 5.92 1.14
C GLN A 147 23.70 6.18 -0.35
N THR A 148 23.28 5.25 -1.21
CA THR A 148 23.63 5.27 -2.64
C THR A 148 22.46 4.76 -3.54
N PHE A 149 21.43 4.15 -2.92
CA PHE A 149 20.30 3.55 -3.66
C PHE A 149 18.99 4.15 -3.13
N SER A 150 18.76 5.43 -3.45
CA SER A 150 17.69 6.26 -2.90
C SER A 150 16.30 5.62 -3.09
N THR A 151 15.87 5.48 -4.35
CA THR A 151 14.53 4.98 -4.69
C THR A 151 14.59 4.03 -5.90
N GLY A 152 15.79 3.86 -6.50
CA GLY A 152 16.02 2.98 -7.64
C GLY A 152 16.60 3.74 -8.83
N GLN A 153 16.36 5.06 -8.91
CA GLN A 153 16.89 5.90 -9.98
C GLN A 153 18.26 6.49 -9.58
N SER A 154 18.57 6.51 -8.27
CA SER A 154 19.82 7.03 -7.70
C SER A 154 20.13 8.49 -8.13
N GLU A 155 19.09 9.22 -8.59
CA GLU A 155 19.18 10.62 -9.04
C GLU A 155 19.34 11.60 -7.86
N ALA A 156 19.58 11.08 -6.64
CA ALA A 156 19.58 11.84 -5.39
C ALA A 156 18.29 12.67 -5.23
N PRO A 157 17.10 12.01 -5.22
CA PRO A 157 15.82 12.65 -4.98
C PRO A 157 15.70 13.06 -3.50
N GLU A 158 14.72 13.92 -3.20
CA GLU A 158 14.42 14.32 -1.82
C GLU A 158 13.65 13.20 -1.10
N ALA A 159 13.44 13.36 0.21
CA ALA A 159 12.66 12.41 1.01
C ALA A 159 11.22 12.34 0.50
N THR A 160 10.67 13.47 0.02
CA THR A 160 9.39 13.51 -0.68
C THR A 160 9.62 13.00 -2.11
N ALA A 161 9.32 11.72 -2.34
CA ALA A 161 9.76 10.98 -3.52
C ALA A 161 9.04 11.41 -4.82
N ASP A 162 7.98 12.23 -4.74
CA ASP A 162 7.30 12.74 -5.94
C ASP A 162 6.58 14.08 -5.63
N THR A 163 5.79 14.57 -6.58
CA THR A 163 5.05 15.83 -6.48
C THR A 163 4.16 15.82 -5.22
N ASN A 164 3.14 14.94 -5.19
CA ASN A 164 2.13 14.95 -4.11
C ASN A 164 1.42 13.58 -3.96
N LEU A 165 1.98 12.49 -4.53
CA LEU A 165 1.36 11.17 -4.48
C LEU A 165 1.00 10.76 -3.03
N HIS A 166 -0.12 10.05 -2.89
CA HIS A 166 -0.62 9.56 -1.62
C HIS A 166 -1.07 8.10 -1.78
N TYR A 167 -0.26 7.18 -1.25
CA TYR A 167 -0.50 5.74 -1.38
C TYR A 167 -1.49 5.28 -0.31
N ILE A 168 -2.43 4.39 -0.72
CA ILE A 168 -3.47 3.85 0.17
C ILE A 168 -3.60 2.34 -0.09
N THR A 169 -3.67 1.55 1.00
CA THR A 169 -3.81 0.09 0.93
C THR A 169 -5.30 -0.29 0.98
N TYR A 170 -5.66 -1.41 0.31
CA TYR A 170 -7.03 -1.91 0.24
C TYR A 170 -7.00 -3.44 0.32
N VAL A 171 -7.43 -4.01 1.46
CA VAL A 171 -7.48 -5.47 1.65
C VAL A 171 -8.80 -5.83 2.35
N GLU A 172 -9.20 -7.10 2.23
CA GLU A 172 -10.47 -7.63 2.72
C GLU A 172 -10.20 -8.79 3.67
N GLU A 173 -10.78 -8.72 4.88
CA GLU A 173 -10.69 -9.76 5.91
C GLU A 173 -12.07 -9.94 6.56
N ASN A 174 -12.38 -11.19 6.96
CA ASN A 174 -13.65 -11.58 7.59
C ASN A 174 -14.89 -11.17 6.74
N GLY A 175 -14.70 -10.98 5.42
CA GLY A 175 -15.78 -10.66 4.50
C GLY A 175 -16.03 -9.14 4.38
N GLY A 176 -15.12 -8.33 4.93
CA GLY A 176 -15.26 -6.88 4.97
C GLY A 176 -14.06 -6.19 4.32
N ILE A 177 -14.28 -5.59 3.14
CA ILE A 177 -13.28 -4.78 2.46
C ILE A 177 -13.14 -3.43 3.21
N PHE A 178 -11.90 -2.93 3.30
CA PHE A 178 -11.56 -1.69 4.02
C PHE A 178 -10.56 -0.85 3.20
N GLU A 179 -10.19 0.33 3.71
CA GLU A 179 -9.07 1.11 3.19
C GLU A 179 -8.23 1.65 4.34
N LEU A 180 -6.93 1.89 4.07
CA LEU A 180 -5.97 2.30 5.07
C LEU A 180 -5.07 3.41 4.50
N ASP A 181 -5.49 4.68 4.65
CA ASP A 181 -4.70 5.81 4.17
C ASP A 181 -3.67 6.22 5.23
N GLY A 182 -2.59 6.87 4.79
CA GLY A 182 -1.46 7.25 5.65
C GLY A 182 -1.56 8.69 6.17
N ARG A 183 -2.68 9.38 5.90
CA ARG A 183 -2.88 10.77 6.31
C ARG A 183 -3.79 10.85 7.55
N ASN A 184 -4.55 9.78 7.83
CA ASN A 184 -5.48 9.73 8.96
C ASN A 184 -4.77 9.13 10.18
N LEU A 185 -4.55 9.98 11.21
CA LEU A 185 -3.89 9.57 12.46
C LEU A 185 -4.88 8.87 13.42
N SER A 186 -6.17 8.82 13.07
CA SER A 186 -7.20 8.27 13.95
C SER A 186 -7.16 6.73 14.00
N GLY A 187 -6.76 6.08 12.89
CA GLY A 187 -6.77 4.62 12.79
C GLY A 187 -7.42 4.16 11.46
N PRO A 188 -7.69 2.85 11.31
CA PRO A 188 -8.30 2.26 10.11
C PRO A 188 -9.62 2.95 9.70
N LEU A 189 -10.10 2.67 8.48
CA LEU A 189 -11.34 3.26 7.96
C LEU A 189 -12.05 2.21 7.09
N TYR A 190 -13.09 1.56 7.66
CA TYR A 190 -13.85 0.53 6.95
C TYR A 190 -14.68 1.12 5.80
N LEU A 191 -15.02 0.27 4.81
CA LEU A 191 -15.82 0.68 3.65
C LEU A 191 -17.19 -0.01 3.66
N GLY A 192 -17.26 -1.25 4.17
CA GLY A 192 -18.48 -2.04 4.16
C GLY A 192 -18.17 -3.50 3.82
N LYS A 193 -19.22 -4.31 3.67
CA LYS A 193 -19.07 -5.71 3.28
C LYS A 193 -18.53 -5.81 1.85
N SER A 194 -17.86 -6.94 1.55
CA SER A 194 -17.34 -7.24 0.23
C SER A 194 -18.48 -7.68 -0.71
N ASP A 195 -18.25 -7.60 -2.02
CA ASP A 195 -19.22 -8.05 -3.02
C ASP A 195 -19.18 -9.58 -3.15
N PRO A 196 -20.32 -10.23 -3.43
CA PRO A 196 -20.43 -11.67 -3.62
C PRO A 196 -19.93 -12.10 -5.01
N THR A 197 -19.56 -11.13 -5.88
CA THR A 197 -19.16 -11.39 -7.26
C THR A 197 -17.71 -10.93 -7.55
N ALA A 198 -17.02 -10.34 -6.56
CA ALA A 198 -15.62 -9.98 -6.71
C ALA A 198 -14.76 -11.25 -6.72
N THR A 199 -14.39 -11.70 -7.94
CA THR A 199 -13.72 -12.99 -8.15
C THR A 199 -12.21 -12.90 -7.90
N ASP A 200 -11.64 -11.69 -7.96
CA ASP A 200 -10.19 -11.48 -7.94
C ASP A 200 -9.77 -10.22 -7.16
N LEU A 201 -10.75 -9.58 -6.48
CA LEU A 201 -10.56 -8.35 -5.68
C LEU A 201 -10.29 -7.10 -6.56
N ILE A 202 -10.04 -7.29 -7.87
CA ILE A 202 -9.95 -6.18 -8.83
C ILE A 202 -11.37 -5.67 -9.14
N GLU A 203 -12.36 -6.58 -9.17
CA GLU A 203 -13.76 -6.25 -9.43
C GLU A 203 -14.44 -5.61 -8.19
N GLN A 204 -13.70 -5.47 -7.08
CA GLN A 204 -14.22 -4.94 -5.82
C GLN A 204 -14.76 -3.51 -6.02
N GLU A 205 -16.09 -3.37 -5.93
CA GLU A 205 -16.80 -2.12 -6.23
C GLU A 205 -16.56 -1.05 -5.15
N LEU A 206 -16.29 -1.47 -3.91
CA LEU A 206 -16.12 -0.54 -2.79
C LEU A 206 -14.74 0.15 -2.85
N VAL A 207 -13.77 -0.49 -3.51
CA VAL A 207 -12.46 0.13 -3.78
C VAL A 207 -12.59 1.04 -5.02
N ARG A 208 -13.42 0.63 -5.99
CA ARG A 208 -13.57 1.32 -7.27
C ARG A 208 -14.19 2.72 -7.10
N VAL A 209 -15.18 2.84 -6.20
CA VAL A 209 -15.85 4.12 -5.94
C VAL A 209 -14.91 5.11 -5.23
N ARG A 210 -13.88 4.60 -4.52
CA ARG A 210 -12.89 5.45 -3.85
C ARG A 210 -11.86 6.01 -4.85
N VAL A 211 -11.70 5.38 -6.04
CA VAL A 211 -10.84 5.94 -7.09
C VAL A 211 -11.50 7.21 -7.64
N ALA A 212 -12.83 7.15 -7.87
CA ALA A 212 -13.60 8.27 -8.38
C ALA A 212 -13.82 9.33 -7.29
N SER A 213 -13.74 8.96 -6.01
CA SER A 213 -13.95 9.88 -4.90
C SER A 213 -12.87 10.97 -4.89
N TYR A 214 -11.60 10.55 -5.03
CA TYR A 214 -10.47 11.46 -5.01
C TYR A 214 -10.38 12.27 -6.30
N MET A 215 -10.90 11.72 -7.41
CA MET A 215 -10.83 12.35 -8.73
C MET A 215 -11.83 13.52 -8.85
N GLU A 216 -12.98 13.43 -8.15
CA GLU A 216 -14.02 14.46 -8.16
C GLU A 216 -13.61 15.70 -7.36
N ASN A 217 -12.47 15.67 -6.66
CA ASN A 217 -11.95 16.81 -5.90
C ASN A 217 -10.56 17.23 -6.42
N ALA A 218 -9.91 16.39 -7.25
CA ALA A 218 -8.60 16.69 -7.83
C ALA A 218 -8.72 17.68 -8.99
N ASN A 219 -7.59 18.33 -9.32
CA ASN A 219 -7.50 19.23 -10.47
C ASN A 219 -7.26 18.42 -11.75
N GLU A 220 -7.38 19.06 -12.93
CA GLU A 220 -7.11 18.42 -14.21
C GLU A 220 -5.61 18.11 -14.37
N GLU A 221 -4.74 18.78 -13.59
CA GLU A 221 -3.30 18.54 -13.58
C GLU A 221 -2.94 17.36 -12.67
N ASP A 222 -3.70 17.16 -11.58
CA ASP A 222 -3.40 16.15 -10.57
C ASP A 222 -3.85 14.74 -10.99
N VAL A 223 -4.82 14.66 -11.92
CA VAL A 223 -5.31 13.36 -12.41
C VAL A 223 -4.34 12.75 -13.44
N LEU A 224 -3.31 13.50 -13.86
CA LEU A 224 -2.30 13.01 -14.80
C LEU A 224 -1.33 12.02 -14.12
N ASN A 225 -1.36 11.94 -12.78
CA ASN A 225 -0.47 11.10 -12.00
C ASN A 225 -1.14 9.77 -11.60
N PHE A 226 -2.36 9.51 -12.10
CA PHE A 226 -3.14 8.38 -11.63
C PHE A 226 -2.51 7.06 -12.09
N ALA A 227 -2.52 6.07 -11.19
CA ALA A 227 -2.07 4.72 -11.48
C ALA A 227 -2.80 3.74 -10.53
N MET A 228 -2.63 2.44 -10.81
CA MET A 228 -3.29 1.37 -10.09
C MET A 228 -2.34 0.18 -9.97
N LEU A 229 -2.47 -0.57 -8.87
CA LEU A 229 -1.51 -1.60 -8.48
C LEU A 229 -2.22 -2.75 -7.75
N GLY A 230 -1.58 -3.92 -7.72
CA GLY A 230 -2.07 -5.09 -7.00
C GLY A 230 -0.90 -5.87 -6.39
N LEU A 231 -1.23 -6.91 -5.61
CA LEU A 231 -0.27 -7.77 -4.92
C LEU A 231 -0.90 -9.17 -4.78
N GLY A 232 -0.38 -10.15 -5.55
CA GLY A 232 -0.97 -11.48 -5.67
C GLY A 232 0.11 -12.50 -6.04
N PRO A 233 -0.28 -13.67 -6.58
CA PRO A 233 0.63 -14.72 -6.99
C PRO A 233 1.47 -14.27 -8.20
N ASN A 234 2.75 -14.65 -8.21
CA ASN A 234 3.68 -14.32 -9.29
C ASN A 234 3.25 -15.00 -10.59
N TRP A 235 3.59 -14.40 -11.73
CA TRP A 235 3.30 -14.94 -13.06
C TRP A 235 4.56 -14.89 -13.91
N GLU A 236 5.27 -16.02 -13.99
CA GLU A 236 6.50 -16.15 -14.75
C GLU A 236 6.21 -15.99 -16.25
N MET A 1 15.24 -10.39 -19.49
CA MET A 1 14.23 -9.44 -20.03
C MET A 1 13.45 -8.82 -18.89
N SER A 2 12.67 -9.64 -18.17
CA SER A 2 11.88 -9.21 -17.01
C SER A 2 11.91 -10.31 -15.94
N GLY A 3 11.37 -9.98 -14.75
CA GLY A 3 11.28 -10.90 -13.62
C GLY A 3 11.28 -10.13 -12.30
N GLU A 4 10.95 -10.85 -11.22
CA GLU A 4 10.86 -10.27 -9.88
C GLU A 4 11.53 -11.20 -8.85
N ASN A 5 11.82 -10.65 -7.65
CA ASN A 5 12.58 -11.33 -6.58
C ASN A 5 13.95 -11.87 -7.08
N ARG A 6 14.39 -11.41 -8.26
CA ARG A 6 15.63 -11.81 -8.89
C ARG A 6 16.31 -10.55 -9.49
N ALA A 7 17.34 -10.75 -10.31
CA ALA A 7 18.02 -9.68 -11.03
C ALA A 7 17.02 -8.93 -11.91
N VAL A 8 16.68 -7.70 -11.51
CA VAL A 8 15.72 -6.85 -12.21
C VAL A 8 16.30 -5.42 -12.34
N VAL A 9 15.85 -4.67 -13.35
CA VAL A 9 16.30 -3.30 -13.60
C VAL A 9 15.70 -2.37 -12.53
N PRO A 10 16.55 -1.73 -11.69
CA PRO A 10 16.11 -0.86 -10.60
C PRO A 10 15.76 0.55 -11.13
N ILE A 11 15.33 1.44 -10.22
CA ILE A 11 14.92 2.83 -10.49
C ILE A 11 13.89 2.89 -11.63
N GLU A 12 12.60 2.81 -11.25
CA GLU A 12 11.46 3.02 -12.14
C GLU A 12 10.35 3.74 -11.34
N SER A 13 9.17 3.92 -11.96
CA SER A 13 8.02 4.50 -11.29
C SER A 13 7.39 3.47 -10.33
N ASN A 14 6.25 2.87 -10.73
CA ASN A 14 5.57 1.86 -9.94
C ASN A 14 6.23 0.45 -10.06
N PRO A 15 6.41 -0.11 -11.28
CA PRO A 15 6.82 -1.50 -11.44
C PRO A 15 8.31 -1.67 -11.10
N GLU A 16 8.69 -2.93 -10.80
CA GLU A 16 10.05 -3.37 -10.46
C GLU A 16 10.62 -2.72 -9.18
N VAL A 17 9.99 -1.65 -8.65
CA VAL A 17 10.40 -1.00 -7.42
C VAL A 17 9.85 -1.78 -6.22
N PHE A 18 8.53 -2.02 -6.21
CA PHE A 18 7.84 -2.70 -5.12
C PHE A 18 8.26 -4.17 -5.03
N THR A 19 8.78 -4.72 -6.13
CA THR A 19 9.13 -6.13 -6.23
C THR A 19 10.41 -6.44 -5.43
N ASN A 20 11.33 -5.46 -5.34
CA ASN A 20 12.57 -5.59 -4.61
C ASN A 20 12.37 -5.34 -3.10
N PHE A 21 11.39 -4.48 -2.75
CA PHE A 21 11.10 -4.18 -1.34
C PHE A 21 10.47 -5.40 -0.66
N ALA A 22 9.40 -5.97 -1.25
CA ALA A 22 8.65 -7.08 -0.64
C ALA A 22 9.49 -8.35 -0.52
N HIS A 23 10.50 -8.52 -1.38
CA HIS A 23 11.40 -9.67 -1.33
C HIS A 23 12.20 -9.69 -0.02
N LYS A 24 12.45 -8.50 0.57
CA LYS A 24 13.20 -8.37 1.81
C LYS A 24 12.33 -8.68 3.05
N LEU A 25 10.99 -8.55 2.94
CA LEU A 25 10.08 -8.84 4.06
C LEU A 25 9.90 -10.36 4.24
N GLY A 26 10.21 -11.15 3.20
CA GLY A 26 10.06 -12.61 3.24
C GLY A 26 9.07 -13.10 2.17
N LEU A 27 8.44 -12.18 1.42
CA LEU A 27 7.45 -12.48 0.40
C LEU A 27 8.11 -13.34 -0.70
N LYS A 28 7.57 -14.55 -0.92
CA LYS A 28 8.21 -15.58 -1.77
C LYS A 28 8.32 -15.15 -3.24
N ASN A 29 9.16 -15.89 -3.99
CA ASN A 29 9.35 -15.72 -5.43
C ASN A 29 8.14 -16.25 -6.21
N GLU A 30 7.24 -17.01 -5.55
CA GLU A 30 6.02 -17.54 -6.17
C GLU A 30 4.99 -16.43 -6.45
N TRP A 31 5.25 -15.20 -5.98
CA TRP A 31 4.28 -14.10 -6.06
C TRP A 31 5.02 -12.80 -6.43
N ALA A 32 4.37 -11.96 -7.24
CA ALA A 32 4.93 -10.68 -7.67
C ALA A 32 3.83 -9.68 -8.00
N TYR A 33 4.24 -8.41 -8.16
CA TYR A 33 3.34 -7.33 -8.56
C TYR A 33 3.27 -7.24 -10.10
N PHE A 34 2.26 -6.53 -10.60
CA PHE A 34 2.12 -6.21 -12.02
C PHE A 34 1.22 -4.98 -12.20
N ASP A 35 1.31 -4.36 -13.38
CA ASP A 35 0.47 -3.22 -13.73
C ASP A 35 -0.93 -3.71 -14.14
N ILE A 36 -1.92 -2.81 -14.04
CA ILE A 36 -3.32 -3.09 -14.37
C ILE A 36 -3.89 -1.89 -15.12
N TYR A 37 -4.35 -2.09 -16.36
CA TYR A 37 -4.81 -1.02 -17.25
C TYR A 37 -6.17 -0.45 -16.80
N SER A 38 -7.08 -1.31 -16.32
CA SER A 38 -8.44 -0.89 -15.92
C SER A 38 -8.95 -1.74 -14.76
N LEU A 39 -9.98 -1.22 -14.06
CA LEU A 39 -10.57 -1.88 -12.90
C LEU A 39 -12.10 -2.04 -13.05
N THR A 40 -12.69 -1.42 -14.11
CA THR A 40 -14.14 -1.46 -14.37
C THR A 40 -14.43 -1.98 -15.79
N GLU A 41 -13.38 -2.31 -16.55
CA GLU A 41 -13.48 -2.87 -17.90
C GLU A 41 -13.03 -4.34 -17.83
N PRO A 42 -13.98 -5.30 -17.77
CA PRO A 42 -13.69 -6.72 -17.52
C PRO A 42 -13.00 -7.41 -18.72
N GLU A 43 -12.87 -6.70 -19.86
CA GLU A 43 -12.11 -7.20 -21.00
C GLU A 43 -10.61 -7.32 -20.62
N LEU A 44 -10.12 -6.42 -19.76
CA LEU A 44 -8.75 -6.47 -19.27
C LEU A 44 -8.59 -7.62 -18.28
N LEU A 45 -9.57 -7.77 -17.36
CA LEU A 45 -9.55 -8.81 -16.32
C LEU A 45 -9.60 -10.23 -16.94
N ALA A 46 -10.05 -10.35 -18.19
CA ALA A 46 -10.15 -11.63 -18.88
C ALA A 46 -8.77 -12.19 -19.27
N PHE A 47 -7.70 -11.38 -19.09
CA PHE A 47 -6.32 -11.75 -19.44
C PHE A 47 -5.38 -11.65 -18.22
N LEU A 48 -5.86 -11.10 -17.09
CA LEU A 48 -5.06 -11.00 -15.86
C LEU A 48 -4.79 -12.41 -15.27
N PRO A 49 -3.78 -12.52 -14.38
CA PRO A 49 -3.38 -13.78 -13.74
C PRO A 49 -4.34 -14.15 -12.58
N ARG A 50 -3.94 -15.11 -11.75
CA ARG A 50 -4.71 -15.56 -10.57
C ARG A 50 -5.10 -14.36 -9.68
N PRO A 51 -6.16 -14.50 -8.85
CA PRO A 51 -6.72 -13.40 -8.08
C PRO A 51 -5.74 -12.95 -7.01
N VAL A 52 -5.59 -11.62 -6.88
CA VAL A 52 -4.62 -11.00 -5.98
C VAL A 52 -5.04 -11.15 -4.51
N LYS A 53 -4.06 -11.04 -3.61
CA LYS A 53 -4.28 -11.09 -2.17
C LYS A 53 -4.22 -9.68 -1.56
N ALA A 54 -3.70 -8.69 -2.31
CA ALA A 54 -3.68 -7.30 -1.88
C ALA A 54 -3.64 -6.37 -3.09
N ILE A 55 -3.95 -5.09 -2.86
CA ILE A 55 -3.91 -4.04 -3.88
C ILE A 55 -3.36 -2.75 -3.25
N VAL A 56 -2.60 -1.99 -4.06
CA VAL A 56 -2.11 -0.67 -3.71
C VAL A 56 -2.42 0.29 -4.87
N LEU A 57 -2.64 1.56 -4.55
CA LEU A 57 -3.14 2.57 -5.48
C LEU A 57 -2.30 3.86 -5.34
N LEU A 58 -2.18 4.60 -6.45
CA LEU A 58 -1.37 5.82 -6.52
C LEU A 58 -2.25 7.01 -6.96
N PHE A 59 -2.43 7.98 -6.05
CA PHE A 59 -3.07 9.28 -6.34
C PHE A 59 -2.56 10.32 -5.35
N PRO A 60 -2.45 11.60 -5.75
CA PRO A 60 -2.10 12.71 -4.88
C PRO A 60 -3.26 13.04 -3.93
N ILE A 61 -3.03 14.00 -3.01
CA ILE A 61 -4.02 14.40 -2.02
C ILE A 61 -4.33 15.90 -2.16
N ASN A 62 -5.62 16.24 -2.19
CA ASN A 62 -6.11 17.60 -2.37
C ASN A 62 -6.32 18.28 -1.02
N GLU A 63 -6.51 19.61 -1.08
CA GLU A 63 -6.89 20.46 0.03
C GLU A 63 -8.32 21.01 -0.22
N ASP A 64 -9.03 20.39 -1.18
CA ASP A 64 -10.31 20.85 -1.72
C ASP A 64 -11.40 19.77 -1.55
N ARG A 65 -11.21 18.83 -0.61
CA ARG A 65 -12.15 17.73 -0.35
C ARG A 65 -13.59 18.25 -0.17
N LYS A 66 -14.56 17.36 -0.43
CA LYS A 66 -15.98 17.70 -0.49
C LYS A 66 -16.83 16.74 0.36
N SER A 67 -16.20 15.68 0.92
CA SER A 67 -16.86 14.68 1.74
C SER A 67 -15.91 14.26 2.86
N SER A 68 -16.22 14.68 4.10
CA SER A 68 -15.40 14.43 5.26
C SER A 68 -15.33 12.95 5.61
N THR A 69 -14.33 12.63 6.43
CA THR A 69 -14.06 11.28 6.94
C THR A 69 -13.29 11.34 8.28
N SER A 70 -12.91 12.56 8.71
CA SER A 70 -12.17 12.79 9.95
C SER A 70 -13.08 12.61 11.18
N GLN A 71 -13.06 11.40 11.75
CA GLN A 71 -13.78 11.05 12.98
C GLN A 71 -12.95 10.04 13.79
N GLN A 72 -13.52 9.50 14.88
CA GLN A 72 -12.86 8.48 15.69
C GLN A 72 -13.27 7.09 15.18
N ILE A 73 -12.27 6.23 14.90
CA ILE A 73 -12.48 4.86 14.43
C ILE A 73 -11.53 3.92 15.18
N THR A 74 -11.99 2.68 15.44
CA THR A 74 -11.16 1.63 16.06
C THR A 74 -10.24 0.98 15.01
N SER A 75 -9.48 -0.05 15.43
CA SER A 75 -8.56 -0.80 14.58
C SER A 75 -8.77 -2.32 14.77
N SER A 76 -9.84 -2.72 15.48
CA SER A 76 -10.19 -4.12 15.71
C SER A 76 -10.65 -4.83 14.41
N TYR A 77 -10.62 -4.13 13.27
CA TYR A 77 -10.90 -4.68 11.94
C TYR A 77 -9.78 -5.64 11.47
N ASP A 78 -8.75 -5.87 12.31
CA ASP A 78 -7.65 -6.81 12.08
C ASP A 78 -6.69 -6.36 10.97
N VAL A 79 -6.98 -5.24 10.28
CA VAL A 79 -6.09 -4.66 9.29
C VAL A 79 -5.11 -3.71 10.00
N ILE A 80 -3.81 -4.02 9.93
CA ILE A 80 -2.77 -3.27 10.61
C ILE A 80 -2.66 -1.86 10.02
N TRP A 81 -2.33 -0.88 10.87
CA TRP A 81 -2.23 0.52 10.49
C TRP A 81 -0.96 1.12 11.11
N PHE A 82 -0.40 2.15 10.46
CA PHE A 82 0.78 2.88 10.95
C PHE A 82 0.60 4.38 10.68
N LYS A 83 1.30 5.22 11.46
CA LYS A 83 1.21 6.68 11.38
C LYS A 83 2.19 7.20 10.33
N GLN A 84 1.67 7.98 9.37
CA GLN A 84 2.45 8.61 8.31
C GLN A 84 3.41 9.64 8.92
N SER A 85 4.71 9.32 8.92
CA SER A 85 5.73 10.14 9.57
C SER A 85 6.93 10.30 8.64
N VAL A 86 7.70 9.21 8.44
CA VAL A 86 8.92 9.19 7.63
C VAL A 86 8.57 9.38 6.13
N LYS A 87 8.86 10.59 5.62
CA LYS A 87 8.54 10.98 4.24
C LYS A 87 9.48 10.29 3.23
N ASN A 88 10.70 9.94 3.65
CA ASN A 88 11.63 9.15 2.83
C ASN A 88 11.17 7.69 2.68
N ALA A 89 10.04 7.34 3.32
CA ALA A 89 9.48 6.00 3.34
C ALA A 89 7.95 6.03 3.17
N CYS A 90 7.39 7.12 2.63
CA CYS A 90 5.94 7.24 2.41
C CYS A 90 5.46 6.27 1.32
N GLY A 91 6.36 5.90 0.37
CA GLY A 91 6.07 4.91 -0.65
C GLY A 91 6.40 3.49 -0.16
N LEU A 92 7.32 3.39 0.82
CA LEU A 92 7.65 2.13 1.47
C LEU A 92 6.47 1.68 2.35
N TYR A 93 5.83 2.64 3.04
CA TYR A 93 4.64 2.42 3.86
C TYR A 93 3.47 1.94 3.00
N ALA A 94 3.36 2.46 1.76
CA ALA A 94 2.21 2.19 0.91
C ALA A 94 2.04 0.69 0.65
N ILE A 95 3.15 -0.04 0.58
CA ILE A 95 3.15 -1.49 0.41
C ILE A 95 3.09 -2.17 1.80
N LEU A 96 3.85 -1.65 2.77
CA LEU A 96 4.08 -2.29 4.07
C LEU A 96 2.78 -2.49 4.87
N HIS A 97 1.75 -1.65 4.64
CA HIS A 97 0.45 -1.81 5.30
C HIS A 97 -0.19 -3.13 4.90
N SER A 98 -0.34 -3.36 3.58
CA SER A 98 -0.95 -4.58 3.07
C SER A 98 0.01 -5.78 3.16
N LEU A 99 1.33 -5.56 3.22
CA LEU A 99 2.33 -6.61 3.38
C LEU A 99 2.25 -7.19 4.81
N SER A 100 1.85 -6.35 5.78
CA SER A 100 1.63 -6.74 7.18
C SER A 100 0.37 -7.63 7.32
N ASN A 101 -0.39 -7.78 6.22
CA ASN A 101 -1.60 -8.61 6.18
C ASN A 101 -1.51 -9.69 5.06
N ASN A 102 -0.41 -9.69 4.29
CA ASN A 102 -0.10 -10.74 3.31
C ASN A 102 0.64 -11.92 4.00
N GLN A 103 0.56 -12.03 5.33
CA GLN A 103 1.25 -13.08 6.10
C GLN A 103 0.83 -14.51 5.67
N SER A 104 -0.26 -14.63 4.88
CA SER A 104 -0.74 -15.91 4.38
C SER A 104 0.23 -16.53 3.35
N LEU A 105 1.16 -15.73 2.81
CA LEU A 105 2.15 -16.18 1.81
C LEU A 105 3.60 -15.83 2.23
N LEU A 106 3.78 -15.26 3.43
CA LEU A 106 5.13 -15.02 4.00
C LEU A 106 5.83 -16.34 4.32
N GLU A 107 7.16 -16.27 4.45
CA GLU A 107 7.99 -17.37 4.97
C GLU A 107 8.22 -17.14 6.47
N PRO A 108 8.51 -18.21 7.25
CA PRO A 108 8.81 -18.10 8.67
C PRO A 108 10.22 -17.54 8.89
N GLY A 109 10.44 -16.88 10.04
CA GLY A 109 11.75 -16.38 10.45
C GLY A 109 12.22 -15.17 9.63
N SER A 110 11.40 -14.69 8.67
CA SER A 110 11.75 -13.57 7.79
C SER A 110 11.80 -12.26 8.59
N ASP A 111 12.19 -11.16 7.91
CA ASP A 111 12.33 -9.85 8.54
C ASP A 111 10.96 -9.31 9.00
N LEU A 112 9.86 -9.77 8.40
CA LEU A 112 8.51 -9.41 8.83
C LEU A 112 8.15 -10.16 10.10
N ASP A 113 8.49 -11.46 10.16
CA ASP A 113 8.18 -12.31 11.32
C ASP A 113 9.01 -11.89 12.54
N ASN A 114 10.20 -11.31 12.32
CA ASN A 114 11.03 -10.77 13.39
C ASN A 114 10.42 -9.46 13.93
N PHE A 115 9.87 -8.64 13.02
CA PHE A 115 9.25 -7.36 13.38
C PHE A 115 7.89 -7.58 14.08
N LEU A 116 7.24 -8.73 13.83
CA LEU A 116 5.98 -9.09 14.45
C LEU A 116 6.21 -9.45 15.91
N LYS A 117 7.26 -10.26 16.17
CA LYS A 117 7.61 -10.67 17.52
C LYS A 117 8.23 -9.52 18.34
N SER A 118 8.63 -8.42 17.67
CA SER A 118 9.12 -7.22 18.36
C SER A 118 7.94 -6.43 18.97
N GLN A 119 6.73 -6.59 18.42
CA GLN A 119 5.51 -6.03 19.00
C GLN A 119 5.00 -6.93 20.13
N SER A 120 5.33 -8.23 20.07
CA SER A 120 5.00 -9.19 21.11
C SER A 120 5.99 -9.10 22.29
N ASP A 121 7.13 -8.41 22.09
CA ASP A 121 8.14 -8.19 23.11
C ASP A 121 7.76 -7.01 24.04
N THR A 122 6.62 -6.35 23.73
CA THR A 122 6.09 -5.22 24.51
C THR A 122 4.58 -5.41 24.74
N SER A 123 4.01 -4.64 25.68
CA SER A 123 2.60 -4.73 26.03
C SER A 123 1.70 -4.04 24.98
N SER A 124 2.31 -3.25 24.06
CA SER A 124 1.55 -2.57 23.01
C SER A 124 1.01 -3.59 22.01
N SER A 125 -0.14 -3.28 21.39
CA SER A 125 -0.79 -4.17 20.44
C SER A 125 -0.02 -4.24 19.12
N LYS A 126 -0.32 -5.26 18.31
CA LYS A 126 0.32 -5.48 17.01
C LYS A 126 -0.18 -4.47 15.96
N ASN A 127 -1.26 -3.73 16.26
CA ASN A 127 -1.84 -2.73 15.36
C ASN A 127 -1.70 -1.31 15.93
N ARG A 128 -1.33 -1.19 17.22
CA ARG A 128 -1.12 0.11 17.85
C ARG A 128 0.33 0.56 17.61
N PHE A 129 0.49 1.55 16.72
CA PHE A 129 1.77 2.20 16.48
C PHE A 129 2.06 3.19 17.63
N ASP A 130 3.33 3.66 17.69
CA ASP A 130 3.89 4.72 18.57
C ASP A 130 4.85 4.10 19.60
N ASP A 131 4.88 2.76 19.73
CA ASP A 131 5.83 2.07 20.59
C ASP A 131 7.23 2.14 19.94
N VAL A 132 8.28 2.16 20.78
CA VAL A 132 9.66 2.36 20.32
C VAL A 132 10.16 1.20 19.43
N THR A 133 9.61 -0.02 19.60
CA THR A 133 10.03 -1.18 18.82
C THR A 133 9.41 -1.15 17.41
N THR A 134 8.23 -0.54 17.29
CA THR A 134 7.45 -0.50 16.04
C THR A 134 8.04 0.56 15.07
N ASP A 135 8.97 1.40 15.55
CA ASP A 135 9.64 2.40 14.73
C ASP A 135 11.15 2.11 14.63
N GLN A 136 11.68 1.19 15.45
CA GLN A 136 13.10 0.85 15.44
C GLN A 136 13.50 0.31 14.06
N PHE A 137 12.84 -0.77 13.61
CA PHE A 137 13.20 -1.43 12.35
C PHE A 137 12.66 -0.67 11.13
N VAL A 138 11.57 0.11 11.31
CA VAL A 138 10.94 0.84 10.20
C VAL A 138 11.81 2.02 9.75
N LEU A 139 12.59 2.61 10.67
CA LEU A 139 13.55 3.68 10.33
C LEU A 139 14.85 3.09 9.79
N ASN A 140 15.17 1.83 10.14
CA ASN A 140 16.45 1.21 9.78
C ASN A 140 16.52 0.85 8.29
N VAL A 141 15.38 0.43 7.71
CA VAL A 141 15.32 0.02 6.30
C VAL A 141 15.46 1.23 5.35
N ILE A 142 15.23 2.46 5.88
CA ILE A 142 15.30 3.68 5.08
C ILE A 142 16.75 4.02 4.71
N LYS A 143 17.72 3.60 5.56
CA LYS A 143 19.14 3.87 5.31
C LYS A 143 19.62 3.09 4.06
N GLU A 144 18.93 1.99 3.71
CA GLU A 144 19.29 1.14 2.58
C GLU A 144 18.94 1.81 1.23
N ASN A 145 18.23 2.95 1.27
CA ASN A 145 17.76 3.66 0.08
C ASN A 145 18.48 5.02 -0.08
N VAL A 146 19.28 5.41 0.92
CA VAL A 146 20.00 6.70 0.92
C VAL A 146 21.52 6.48 0.73
N GLN A 147 22.01 5.25 0.95
CA GLN A 147 23.43 4.92 0.82
C GLN A 147 23.81 4.65 -0.65
N THR A 148 23.90 5.74 -1.45
CA THR A 148 24.23 5.76 -2.89
C THR A 148 23.49 4.65 -3.68
N PHE A 149 22.29 4.29 -3.23
CA PHE A 149 21.47 3.24 -3.82
C PHE A 149 20.02 3.72 -3.85
N SER A 150 19.65 4.40 -4.96
CA SER A 150 18.30 4.91 -5.18
C SER A 150 17.31 3.73 -5.39
N THR A 151 16.02 4.07 -5.51
CA THR A 151 14.94 3.11 -5.67
C THR A 151 13.85 3.65 -6.62
N GLY A 152 14.01 4.90 -7.08
CA GLY A 152 13.06 5.56 -7.98
C GLY A 152 13.55 6.96 -8.36
N GLN A 153 14.84 7.26 -8.05
CA GLN A 153 15.46 8.57 -8.25
C GLN A 153 16.77 8.40 -9.02
N SER A 154 17.34 9.52 -9.49
CA SER A 154 18.55 9.52 -10.30
C SER A 154 19.43 10.77 -10.01
N GLU A 155 18.93 11.66 -9.15
CA GLU A 155 19.67 12.84 -8.67
C GLU A 155 19.32 13.13 -7.19
N ALA A 156 18.60 12.17 -6.55
CA ALA A 156 18.08 12.27 -5.20
C ALA A 156 17.35 13.62 -4.94
N PRO A 157 16.28 13.93 -5.72
CA PRO A 157 15.43 15.10 -5.52
C PRO A 157 14.46 14.82 -4.34
N GLU A 158 13.16 15.07 -4.52
CA GLU A 158 12.11 14.75 -3.55
C GLU A 158 12.02 13.22 -3.37
N ALA A 159 11.40 12.78 -2.27
CA ALA A 159 11.22 11.35 -1.97
C ALA A 159 10.24 10.69 -2.93
N THR A 160 9.49 11.49 -3.71
CA THR A 160 8.56 11.04 -4.73
C THR A 160 8.66 12.00 -5.94
N ALA A 161 7.79 11.83 -6.95
CA ALA A 161 7.86 12.63 -8.18
C ALA A 161 7.57 14.12 -7.92
N ASP A 162 6.78 14.44 -6.87
CA ASP A 162 6.49 15.81 -6.45
C ASP A 162 6.07 15.81 -4.97
N THR A 163 6.05 17.00 -4.36
CA THR A 163 5.74 17.19 -2.94
C THR A 163 4.24 16.98 -2.60
N ASN A 164 3.41 16.58 -3.59
CA ASN A 164 1.96 16.51 -3.44
C ASN A 164 1.40 15.09 -3.63
N LEU A 165 2.23 14.11 -4.04
CA LEU A 165 1.78 12.73 -4.21
C LEU A 165 1.36 12.12 -2.88
N HIS A 166 0.41 11.17 -2.93
CA HIS A 166 -0.05 10.41 -1.77
C HIS A 166 -0.25 8.94 -2.20
N TYR A 167 -0.49 8.05 -1.22
CA TYR A 167 -0.72 6.64 -1.51
C TYR A 167 -1.89 6.12 -0.69
N ILE A 168 -2.63 5.17 -1.27
CA ILE A 168 -3.78 4.52 -0.67
C ILE A 168 -3.58 3.01 -0.82
N THR A 169 -4.03 2.24 0.19
CA THR A 169 -3.88 0.79 0.19
C THR A 169 -5.22 0.12 0.51
N TYR A 170 -5.36 -1.15 0.11
CA TYR A 170 -6.58 -1.93 0.30
C TYR A 170 -6.20 -3.33 0.80
N VAL A 171 -6.97 -3.82 1.77
CA VAL A 171 -6.81 -5.15 2.38
C VAL A 171 -8.22 -5.74 2.59
N GLU A 172 -8.30 -7.07 2.77
CA GLU A 172 -9.55 -7.76 3.03
C GLU A 172 -9.39 -8.75 4.19
N GLU A 173 -10.42 -8.82 5.06
CA GLU A 173 -10.45 -9.75 6.19
C GLU A 173 -11.91 -9.91 6.65
N ASN A 174 -12.26 -11.11 7.14
CA ASN A 174 -13.58 -11.46 7.67
C ASN A 174 -14.73 -11.24 6.66
N GLY A 175 -14.41 -11.19 5.35
CA GLY A 175 -15.42 -11.09 4.30
C GLY A 175 -15.76 -9.64 3.95
N GLY A 176 -14.92 -8.68 4.38
CA GLY A 176 -15.09 -7.26 4.08
C GLY A 176 -13.83 -6.66 3.48
N ILE A 177 -13.89 -5.36 3.13
CA ILE A 177 -12.78 -4.63 2.53
C ILE A 177 -12.56 -3.30 3.29
N PHE A 178 -11.35 -2.75 3.18
CA PHE A 178 -10.91 -1.57 3.89
C PHE A 178 -10.23 -0.58 2.94
N GLU A 179 -10.01 0.65 3.42
CA GLU A 179 -9.23 1.66 2.73
C GLU A 179 -8.47 2.46 3.77
N LEU A 180 -7.14 2.29 3.79
CA LEU A 180 -6.29 2.90 4.80
C LEU A 180 -5.50 4.06 4.18
N ASP A 181 -5.35 5.14 4.97
CA ASP A 181 -4.44 6.23 4.69
C ASP A 181 -3.80 6.65 6.02
N GLY A 182 -2.47 6.66 6.06
CA GLY A 182 -1.72 6.91 7.29
C GLY A 182 -1.83 8.37 7.77
N ARG A 183 -2.35 9.26 6.92
CA ARG A 183 -2.53 10.67 7.26
C ARG A 183 -3.71 10.85 8.24
N ASN A 184 -4.72 9.95 8.18
CA ASN A 184 -5.83 9.93 9.12
C ASN A 184 -5.35 9.26 10.42
N LEU A 185 -4.88 10.09 11.36
CA LEU A 185 -4.18 9.63 12.57
C LEU A 185 -5.08 8.82 13.52
N SER A 186 -6.41 8.89 13.33
CA SER A 186 -7.38 8.23 14.20
C SER A 186 -7.43 6.70 14.00
N GLY A 187 -6.74 6.18 12.96
CA GLY A 187 -6.72 4.75 12.68
C GLY A 187 -7.19 4.45 11.24
N PRO A 188 -7.47 3.17 10.92
CA PRO A 188 -7.91 2.73 9.61
C PRO A 188 -9.36 3.17 9.31
N LEU A 189 -9.87 2.83 8.11
CA LEU A 189 -11.24 3.17 7.69
C LEU A 189 -11.89 1.93 7.04
N TYR A 190 -13.19 1.72 7.31
CA TYR A 190 -13.97 0.60 6.78
C TYR A 190 -14.87 1.08 5.64
N LEU A 191 -15.07 0.21 4.62
CA LEU A 191 -15.93 0.52 3.47
C LEU A 191 -17.26 -0.24 3.61
N GLY A 192 -17.20 -1.58 3.55
CA GLY A 192 -18.38 -2.43 3.56
C GLY A 192 -17.98 -3.88 3.35
N LYS A 193 -18.98 -4.78 3.30
CA LYS A 193 -18.74 -6.17 2.97
C LYS A 193 -18.32 -6.30 1.50
N SER A 194 -17.63 -7.40 1.17
CA SER A 194 -17.22 -7.69 -0.19
C SER A 194 -18.40 -8.28 -0.97
N ASP A 195 -18.77 -7.63 -2.09
CA ASP A 195 -19.86 -8.10 -2.94
C ASP A 195 -19.46 -9.46 -3.56
N PRO A 196 -20.46 -10.33 -3.84
CA PRO A 196 -20.22 -11.68 -4.36
C PRO A 196 -19.83 -11.66 -5.85
N THR A 197 -19.99 -10.52 -6.52
CA THR A 197 -19.66 -10.38 -7.95
C THR A 197 -18.14 -10.26 -8.15
N ALA A 198 -17.39 -9.90 -7.08
CA ALA A 198 -15.94 -9.73 -7.14
C ALA A 198 -15.26 -11.08 -7.45
N THR A 199 -14.79 -11.22 -8.69
CA THR A 199 -14.18 -12.45 -9.18
C THR A 199 -12.71 -12.55 -8.72
N ASP A 200 -12.05 -11.41 -8.50
CA ASP A 200 -10.60 -11.37 -8.32
C ASP A 200 -10.12 -10.12 -7.54
N LEU A 201 -11.06 -9.33 -6.99
CA LEU A 201 -10.80 -8.13 -6.17
C LEU A 201 -10.49 -6.90 -7.04
N ILE A 202 -10.05 -7.11 -8.30
CA ILE A 202 -9.92 -6.03 -9.29
C ILE A 202 -11.33 -5.60 -9.76
N GLU A 203 -12.32 -6.51 -9.65
CA GLU A 203 -13.69 -6.31 -10.09
C GLU A 203 -14.56 -5.70 -8.94
N GLN A 204 -13.99 -5.57 -7.72
CA GLN A 204 -14.71 -5.18 -6.51
C GLN A 204 -15.38 -3.81 -6.68
N GLU A 205 -16.72 -3.78 -6.55
CA GLU A 205 -17.51 -2.56 -6.75
C GLU A 205 -17.30 -1.54 -5.61
N LEU A 206 -16.88 -2.01 -4.42
CA LEU A 206 -16.62 -1.13 -3.27
C LEU A 206 -15.39 -0.25 -3.52
N VAL A 207 -14.45 -0.73 -4.35
CA VAL A 207 -13.23 0.01 -4.68
C VAL A 207 -13.52 1.07 -5.76
N ARG A 208 -14.46 0.77 -6.67
CA ARG A 208 -14.83 1.68 -7.76
C ARG A 208 -15.49 2.96 -7.21
N VAL A 209 -16.41 2.81 -6.25
CA VAL A 209 -17.11 3.96 -5.68
C VAL A 209 -16.20 4.77 -4.73
N ARG A 210 -15.14 4.12 -4.20
CA ARG A 210 -14.22 4.75 -3.26
C ARG A 210 -13.30 5.74 -3.98
N VAL A 211 -12.63 5.28 -5.06
CA VAL A 211 -11.65 6.08 -5.80
C VAL A 211 -12.34 7.23 -6.56
N ALA A 212 -13.60 7.04 -6.96
CA ALA A 212 -14.34 8.01 -7.76
C ALA A 212 -14.78 9.23 -6.92
N SER A 213 -14.85 9.08 -5.58
CA SER A 213 -15.26 10.16 -4.69
C SER A 213 -14.17 11.23 -4.55
N TYR A 214 -12.89 10.82 -4.65
CA TYR A 214 -11.75 11.73 -4.55
C TYR A 214 -11.52 12.46 -5.87
N MET A 215 -12.02 11.92 -6.98
CA MET A 215 -11.93 12.56 -8.29
C MET A 215 -12.91 13.75 -8.39
N GLU A 216 -13.92 13.81 -7.51
CA GLU A 216 -14.89 14.92 -7.47
C GLU A 216 -14.23 16.23 -7.01
N ASN A 217 -13.01 16.14 -6.44
CA ASN A 217 -12.27 17.30 -5.94
C ASN A 217 -10.85 17.38 -6.51
N ALA A 218 -10.40 16.33 -7.23
CA ALA A 218 -9.07 16.31 -7.84
C ALA A 218 -9.10 17.02 -9.19
N ASN A 219 -8.15 17.95 -9.39
CA ASN A 219 -7.96 18.63 -10.67
C ASN A 219 -7.44 17.62 -11.71
N GLU A 220 -7.65 17.89 -13.00
CA GLU A 220 -7.29 16.98 -14.09
C GLU A 220 -5.76 16.84 -14.23
N GLU A 221 -4.98 17.81 -13.73
CA GLU A 221 -3.52 17.74 -13.76
C GLU A 221 -3.01 16.74 -12.70
N ASP A 222 -3.76 16.61 -11.58
CA ASP A 222 -3.42 15.72 -10.48
C ASP A 222 -3.91 14.28 -10.76
N VAL A 223 -4.96 14.14 -11.58
CA VAL A 223 -5.48 12.83 -12.00
C VAL A 223 -4.57 12.20 -13.08
N LEU A 224 -3.65 13.00 -13.68
CA LEU A 224 -2.77 12.56 -14.75
C LEU A 224 -1.86 11.42 -14.27
N ASN A 225 -1.08 11.67 -13.21
CA ASN A 225 -0.18 10.67 -12.65
C ASN A 225 -0.94 9.81 -11.64
N PHE A 226 -1.55 8.76 -12.16
CA PHE A 226 -2.15 7.71 -11.35
C PHE A 226 -1.75 6.34 -11.89
N ALA A 227 -1.84 5.32 -11.03
CA ALA A 227 -1.56 3.94 -11.41
C ALA A 227 -2.40 3.00 -10.56
N MET A 228 -2.51 1.75 -11.03
CA MET A 228 -3.29 0.70 -10.39
C MET A 228 -2.49 -0.60 -10.48
N LEU A 229 -2.11 -1.16 -9.32
CA LEU A 229 -1.33 -2.40 -9.26
C LEU A 229 -1.95 -3.35 -8.24
N GLY A 230 -1.60 -4.64 -8.35
CA GLY A 230 -2.02 -5.68 -7.42
C GLY A 230 -0.90 -6.68 -7.18
N LEU A 231 -1.10 -7.57 -6.21
CA LEU A 231 -0.11 -8.58 -5.82
C LEU A 231 -0.71 -9.97 -6.04
N GLY A 232 -0.35 -10.57 -7.18
CA GLY A 232 -0.77 -11.91 -7.60
C GLY A 232 0.47 -12.82 -7.75
N PRO A 233 0.42 -13.83 -8.63
CA PRO A 233 1.51 -14.78 -8.83
C PRO A 233 2.68 -14.15 -9.60
N ASN A 234 3.76 -14.93 -9.76
CA ASN A 234 4.94 -14.56 -10.53
C ASN A 234 5.17 -15.60 -11.62
N TRP A 235 4.96 -15.21 -12.88
CA TRP A 235 5.29 -16.05 -14.02
C TRP A 235 6.82 -16.09 -14.22
N GLU A 236 7.29 -17.05 -15.04
CA GLU A 236 8.70 -17.36 -15.25
C GLU A 236 9.44 -17.52 -13.90
N MET A 1 -14.64 27.45 -12.67
CA MET A 1 -15.63 27.94 -13.65
C MET A 1 -15.47 27.24 -15.01
N SER A 2 -14.24 26.82 -15.35
CA SER A 2 -13.93 26.16 -16.61
C SER A 2 -12.90 25.05 -16.40
N GLY A 3 -12.56 24.33 -17.48
CA GLY A 3 -11.61 23.22 -17.43
C GLY A 3 -11.24 22.72 -18.83
N GLU A 4 -10.42 21.68 -18.87
CA GLU A 4 -9.95 21.05 -20.11
C GLU A 4 -9.96 19.52 -19.93
N ASN A 5 -9.31 18.79 -20.87
CA ASN A 5 -9.22 17.34 -20.82
C ASN A 5 -8.61 16.87 -19.50
N ARG A 6 -9.27 15.92 -18.84
CA ARG A 6 -8.80 15.31 -17.60
C ARG A 6 -7.93 14.09 -17.94
N ALA A 7 -6.95 14.27 -18.84
CA ALA A 7 -6.08 13.21 -19.32
C ALA A 7 -5.32 12.55 -18.16
N VAL A 8 -4.93 11.29 -18.35
CA VAL A 8 -4.23 10.49 -17.35
C VAL A 8 -3.09 9.70 -17.99
N VAL A 9 -2.00 9.53 -17.24
CA VAL A 9 -0.86 8.72 -17.65
C VAL A 9 -0.23 8.04 -16.41
N PRO A 10 0.08 6.73 -16.48
CA PRO A 10 0.76 6.01 -15.40
C PRO A 10 2.26 6.37 -15.36
N ILE A 11 3.01 5.76 -14.43
CA ILE A 11 4.46 5.95 -14.35
C ILE A 11 5.17 4.60 -14.24
N GLU A 12 6.45 4.56 -14.61
CA GLU A 12 7.24 3.32 -14.61
C GLU A 12 7.89 3.05 -13.23
N SER A 13 7.76 3.99 -12.28
CA SER A 13 8.35 3.86 -10.94
C SER A 13 7.57 2.89 -10.04
N ASN A 14 6.39 2.42 -10.48
CA ASN A 14 5.51 1.56 -9.69
C ASN A 14 6.06 0.11 -9.55
N PRO A 15 6.25 -0.66 -10.65
CA PRO A 15 6.47 -2.11 -10.58
C PRO A 15 7.80 -2.51 -9.91
N GLU A 16 8.94 -2.14 -10.53
CA GLU A 16 10.25 -2.67 -10.13
C GLU A 16 10.65 -2.24 -8.70
N VAL A 17 10.14 -1.09 -8.22
CA VAL A 17 10.43 -0.61 -6.86
C VAL A 17 9.79 -1.56 -5.83
N PHE A 18 8.53 -1.96 -6.08
CA PHE A 18 7.77 -2.77 -5.14
C PHE A 18 8.26 -4.23 -5.10
N THR A 19 8.89 -4.73 -6.17
CA THR A 19 9.42 -6.09 -6.20
C THR A 19 10.74 -6.20 -5.40
N ASN A 20 11.49 -5.09 -5.26
CA ASN A 20 12.75 -5.07 -4.53
C ASN A 20 12.52 -4.97 -3.03
N PHE A 21 11.79 -3.94 -2.59
CA PHE A 21 11.56 -3.68 -1.16
C PHE A 21 10.78 -4.82 -0.50
N ALA A 22 9.75 -5.35 -1.18
CA ALA A 22 8.87 -6.36 -0.60
C ALA A 22 9.62 -7.69 -0.35
N HIS A 23 10.57 -8.04 -1.24
CA HIS A 23 11.30 -9.30 -1.15
C HIS A 23 12.25 -9.32 0.06
N LYS A 24 12.76 -8.15 0.48
CA LYS A 24 13.61 -8.04 1.67
C LYS A 24 12.79 -8.15 2.96
N LEU A 25 11.47 -7.94 2.87
CA LEU A 25 10.57 -7.96 4.02
C LEU A 25 9.87 -9.33 4.19
N GLY A 26 10.02 -10.25 3.21
CA GLY A 26 9.56 -11.63 3.35
C GLY A 26 8.54 -12.05 2.27
N LEU A 27 8.21 -11.16 1.33
CA LEU A 27 7.29 -11.46 0.23
C LEU A 27 7.91 -12.59 -0.62
N LYS A 28 7.28 -13.78 -0.64
CA LYS A 28 7.83 -14.96 -1.30
C LYS A 28 8.06 -14.71 -2.80
N ASN A 29 9.02 -15.44 -3.37
CA ASN A 29 9.34 -15.39 -4.80
C ASN A 29 8.20 -16.01 -5.65
N GLU A 30 7.24 -16.69 -5.00
CA GLU A 30 6.08 -17.28 -5.65
C GLU A 30 5.08 -16.19 -6.11
N TRP A 31 5.34 -14.91 -5.74
CA TRP A 31 4.47 -13.79 -6.05
C TRP A 31 5.29 -12.59 -6.51
N ALA A 32 4.68 -11.73 -7.34
CA ALA A 32 5.29 -10.52 -7.87
C ALA A 32 4.20 -9.48 -8.17
N TYR A 33 4.61 -8.29 -8.62
CA TYR A 33 3.69 -7.22 -8.98
C TYR A 33 3.59 -7.11 -10.52
N PHE A 34 2.40 -6.71 -11.01
CA PHE A 34 2.17 -6.42 -12.43
C PHE A 34 1.07 -5.36 -12.58
N ASP A 35 1.07 -4.67 -13.73
CA ASP A 35 0.24 -3.49 -13.97
C ASP A 35 -1.26 -3.86 -14.06
N ILE A 36 -2.12 -2.84 -13.84
CA ILE A 36 -3.57 -2.92 -14.03
C ILE A 36 -4.00 -1.69 -14.84
N TYR A 37 -4.26 -1.90 -16.13
CA TYR A 37 -4.68 -0.82 -17.03
C TYR A 37 -6.09 -0.33 -16.66
N SER A 38 -7.02 -1.27 -16.42
CA SER A 38 -8.41 -0.95 -16.05
C SER A 38 -8.92 -1.97 -15.02
N LEU A 39 -10.08 -1.67 -14.43
CA LEU A 39 -10.67 -2.49 -13.36
C LEU A 39 -12.18 -2.73 -13.58
N THR A 40 -12.76 -2.14 -14.63
CA THR A 40 -14.18 -2.25 -14.95
C THR A 40 -14.38 -2.94 -16.32
N GLU A 41 -13.33 -2.96 -17.16
CA GLU A 41 -13.38 -3.60 -18.46
C GLU A 41 -13.06 -5.10 -18.28
N PRO A 42 -13.96 -6.00 -18.77
CA PRO A 42 -13.80 -7.44 -18.59
C PRO A 42 -12.68 -8.02 -19.48
N GLU A 43 -12.21 -7.25 -20.48
CA GLU A 43 -11.12 -7.68 -21.35
C GLU A 43 -9.79 -7.64 -20.57
N LEU A 44 -9.63 -6.60 -19.73
CA LEU A 44 -8.44 -6.47 -18.87
C LEU A 44 -8.56 -7.43 -17.66
N LEU A 45 -9.79 -7.79 -17.28
CA LEU A 45 -10.04 -8.72 -16.18
C LEU A 45 -9.77 -10.18 -16.63
N ALA A 46 -9.80 -10.42 -17.95
CA ALA A 46 -9.62 -11.77 -18.51
C ALA A 46 -8.14 -12.21 -18.46
N PHE A 47 -7.20 -11.29 -18.21
CA PHE A 47 -5.78 -11.63 -18.04
C PHE A 47 -5.49 -12.19 -16.65
N LEU A 48 -6.43 -12.05 -15.70
CA LEU A 48 -6.29 -12.53 -14.32
C LEU A 48 -6.23 -14.08 -14.30
N PRO A 49 -5.09 -14.68 -13.92
CA PRO A 49 -4.91 -16.13 -13.92
C PRO A 49 -5.54 -16.75 -12.66
N ARG A 50 -5.29 -16.13 -11.50
CA ARG A 50 -5.76 -16.59 -10.19
C ARG A 50 -6.24 -15.37 -9.39
N PRO A 51 -7.09 -15.57 -8.35
CA PRO A 51 -7.64 -14.49 -7.54
C PRO A 51 -6.53 -13.77 -6.76
N VAL A 52 -6.17 -12.57 -7.24
CA VAL A 52 -5.12 -11.74 -6.65
C VAL A 52 -5.47 -11.38 -5.20
N LYS A 53 -4.44 -11.21 -4.37
CA LYS A 53 -4.60 -11.04 -2.93
C LYS A 53 -4.56 -9.55 -2.53
N ALA A 54 -4.03 -8.67 -3.40
CA ALA A 54 -3.81 -7.28 -3.06
C ALA A 54 -3.81 -6.38 -4.30
N ILE A 55 -4.19 -5.09 -4.13
CA ILE A 55 -4.28 -4.11 -5.23
C ILE A 55 -3.86 -2.69 -4.77
N VAL A 56 -2.67 -2.23 -5.22
CA VAL A 56 -2.13 -0.93 -4.81
C VAL A 56 -2.69 0.22 -5.64
N LEU A 57 -2.82 1.41 -5.01
CA LEU A 57 -3.33 2.63 -5.64
C LEU A 57 -2.39 3.80 -5.29
N LEU A 58 -1.99 4.57 -6.32
CA LEU A 58 -1.10 5.73 -6.19
C LEU A 58 -1.82 6.97 -6.73
N PHE A 59 -2.32 7.81 -5.81
CA PHE A 59 -3.01 9.06 -6.16
C PHE A 59 -2.79 10.10 -5.04
N PRO A 60 -2.63 11.40 -5.40
CA PRO A 60 -2.41 12.48 -4.43
C PRO A 60 -3.69 12.83 -3.64
N ILE A 61 -3.57 13.82 -2.74
CA ILE A 61 -4.68 14.32 -1.91
C ILE A 61 -4.68 15.84 -1.95
N ASN A 62 -5.71 16.41 -2.60
CA ASN A 62 -5.95 17.85 -2.68
C ASN A 62 -6.57 18.36 -1.36
N GLU A 63 -6.67 19.70 -1.24
CA GLU A 63 -7.17 20.37 -0.03
C GLU A 63 -8.68 20.70 -0.13
N ASP A 64 -9.27 20.58 -1.33
CA ASP A 64 -10.68 20.90 -1.55
C ASP A 64 -11.58 19.83 -0.88
N ARG A 65 -11.47 18.58 -1.36
CA ARG A 65 -12.20 17.40 -0.86
C ARG A 65 -13.67 17.70 -0.53
N LYS A 66 -14.53 17.67 -1.56
CA LYS A 66 -15.97 17.81 -1.41
C LYS A 66 -16.56 16.44 -1.07
N SER A 67 -16.41 16.03 0.20
CA SER A 67 -16.90 14.75 0.70
C SER A 67 -17.39 14.90 2.14
N SER A 68 -17.89 13.80 2.73
CA SER A 68 -18.40 13.77 4.10
C SER A 68 -18.07 12.43 4.74
N THR A 69 -17.31 12.47 5.84
CA THR A 69 -16.93 11.29 6.59
C THR A 69 -16.88 11.64 8.09
N SER A 70 -16.95 10.61 8.94
CA SER A 70 -16.96 10.76 10.40
C SER A 70 -16.18 9.60 11.03
N GLN A 71 -14.96 9.88 11.50
CA GLN A 71 -14.03 8.87 12.01
C GLN A 71 -14.59 8.25 13.31
N GLN A 72 -14.32 8.90 14.46
CA GLN A 72 -14.61 8.35 15.80
C GLN A 72 -13.97 6.93 15.98
N ILE A 73 -12.95 6.62 15.15
CA ILE A 73 -12.30 5.32 15.08
C ILE A 73 -11.60 5.00 16.42
N THR A 74 -12.09 3.95 17.10
CA THR A 74 -11.48 3.43 18.33
C THR A 74 -10.25 2.54 18.00
N SER A 75 -10.04 2.24 16.70
CA SER A 75 -8.96 1.39 16.14
C SER A 75 -8.89 -0.01 16.78
N SER A 76 -9.92 -0.41 17.53
CA SER A 76 -10.03 -1.74 18.14
C SER A 76 -10.30 -2.83 17.07
N TYR A 77 -10.45 -2.44 15.79
CA TYR A 77 -10.72 -3.36 14.69
C TYR A 77 -9.60 -4.40 14.53
N ASP A 78 -9.92 -5.50 13.84
CA ASP A 78 -9.00 -6.62 13.63
C ASP A 78 -8.27 -6.46 12.27
N VAL A 79 -7.50 -5.38 12.13
CA VAL A 79 -6.67 -5.16 10.95
C VAL A 79 -5.38 -4.42 11.33
N ILE A 80 -4.26 -4.86 10.73
CA ILE A 80 -2.94 -4.27 10.97
C ILE A 80 -2.84 -2.93 10.21
N TRP A 81 -2.40 -1.87 10.91
CA TRP A 81 -2.09 -0.58 10.27
C TRP A 81 -0.95 0.12 11.03
N PHE A 82 -0.31 1.11 10.38
CA PHE A 82 0.73 1.91 11.00
C PHE A 82 0.64 3.36 10.52
N LYS A 83 0.96 4.30 11.43
CA LYS A 83 0.97 5.72 11.14
C LYS A 83 2.23 6.08 10.35
N GLN A 84 2.01 6.67 9.17
CA GLN A 84 3.05 7.03 8.20
C GLN A 84 3.73 8.38 8.56
N SER A 85 4.10 8.55 9.84
CA SER A 85 4.76 9.77 10.34
C SER A 85 6.07 10.08 9.58
N VAL A 86 6.72 9.04 9.03
CA VAL A 86 7.91 9.20 8.19
C VAL A 86 7.49 9.62 6.76
N LYS A 87 8.13 10.68 6.24
CA LYS A 87 7.80 11.26 4.95
C LYS A 87 8.53 10.53 3.80
N ASN A 88 9.86 10.39 3.90
CA ASN A 88 10.71 9.89 2.81
C ASN A 88 10.59 8.36 2.63
N ALA A 89 9.86 7.67 3.52
CA ALA A 89 9.67 6.22 3.46
C ALA A 89 8.21 5.88 3.14
N CYS A 90 7.48 6.82 2.51
CA CYS A 90 6.08 6.63 2.14
C CYS A 90 5.90 5.49 1.12
N GLY A 91 6.96 5.17 0.35
CA GLY A 91 6.95 4.08 -0.62
C GLY A 91 7.23 2.73 0.05
N LEU A 92 7.97 2.75 1.18
CA LEU A 92 8.21 1.56 1.98
C LEU A 92 6.95 1.22 2.82
N TYR A 93 6.22 2.27 3.27
CA TYR A 93 4.98 2.11 4.02
C TYR A 93 3.83 1.68 3.10
N ALA A 94 3.95 1.94 1.79
CA ALA A 94 2.96 1.51 0.81
C ALA A 94 2.96 -0.03 0.68
N ILE A 95 4.11 -0.66 0.99
CA ILE A 95 4.25 -2.10 1.00
C ILE A 95 4.00 -2.65 2.41
N LEU A 96 4.26 -1.84 3.45
CA LEU A 96 4.22 -2.29 4.83
C LEU A 96 2.82 -2.77 5.23
N HIS A 97 1.78 -1.95 4.98
CA HIS A 97 0.43 -2.26 5.44
C HIS A 97 -0.16 -3.49 4.73
N SER A 98 0.27 -3.78 3.49
CA SER A 98 -0.26 -4.88 2.70
C SER A 98 0.49 -6.19 3.00
N LEU A 99 1.82 -6.12 3.12
CA LEU A 99 2.67 -7.27 3.36
C LEU A 99 2.46 -7.81 4.78
N SER A 100 2.12 -6.91 5.73
CA SER A 100 1.80 -7.30 7.10
C SER A 100 0.36 -7.83 7.20
N ASN A 101 -0.51 -7.51 6.23
CA ASN A 101 -1.87 -8.05 6.19
C ASN A 101 -1.90 -9.38 5.41
N ASN A 102 -0.74 -9.80 4.88
CA ASN A 102 -0.58 -11.02 4.09
C ASN A 102 0.30 -12.02 4.85
N GLN A 103 0.03 -12.19 6.16
CA GLN A 103 0.75 -13.14 7.03
C GLN A 103 0.61 -14.58 6.51
N SER A 104 -0.40 -14.83 5.66
CA SER A 104 -0.74 -16.15 5.15
C SER A 104 0.34 -16.70 4.19
N LEU A 105 1.10 -15.80 3.54
CA LEU A 105 2.18 -16.17 2.62
C LEU A 105 3.52 -15.55 3.03
N LEU A 106 3.50 -14.66 4.04
CA LEU A 106 4.72 -14.06 4.62
C LEU A 106 5.65 -15.18 5.10
N GLU A 107 6.88 -15.19 4.57
CA GLU A 107 7.87 -16.23 4.85
C GLU A 107 8.39 -16.07 6.29
N PRO A 108 8.45 -17.16 7.09
CA PRO A 108 8.90 -17.09 8.47
C PRO A 108 10.40 -16.75 8.54
N GLY A 109 10.81 -16.13 9.64
CA GLY A 109 12.19 -15.72 9.86
C GLY A 109 12.58 -14.48 9.05
N SER A 110 11.65 -13.93 8.24
CA SER A 110 11.90 -12.72 7.44
C SER A 110 12.03 -11.49 8.34
N ASP A 111 12.34 -10.34 7.72
CA ASP A 111 12.51 -9.09 8.45
C ASP A 111 11.17 -8.61 9.05
N LEU A 112 10.04 -8.90 8.37
CA LEU A 112 8.72 -8.52 8.88
C LEU A 112 8.21 -9.56 9.89
N ASP A 113 8.65 -10.83 9.76
CA ASP A 113 8.26 -11.87 10.72
C ASP A 113 8.74 -11.51 12.13
N ASN A 114 9.97 -11.00 12.25
CA ASN A 114 10.59 -10.63 13.52
C ASN A 114 10.00 -9.32 14.10
N PHE A 115 9.32 -8.52 13.25
CA PHE A 115 8.74 -7.24 13.66
C PHE A 115 7.60 -7.47 14.66
N LEU A 116 6.74 -8.48 14.43
CA LEU A 116 5.59 -8.73 15.29
C LEU A 116 6.02 -9.27 16.67
N LYS A 117 7.19 -9.93 16.74
CA LYS A 117 7.70 -10.46 18.00
C LYS A 117 8.22 -9.31 18.90
N SER A 118 8.59 -8.16 18.31
CA SER A 118 9.08 -7.01 19.07
C SER A 118 7.94 -6.34 19.82
N GLN A 119 6.76 -6.25 19.20
CA GLN A 119 5.57 -5.69 19.84
C GLN A 119 4.94 -6.71 20.81
N SER A 120 5.19 -8.00 20.57
CA SER A 120 4.73 -9.06 21.46
C SER A 120 5.51 -9.02 22.79
N ASP A 121 6.77 -8.56 22.75
CA ASP A 121 7.59 -8.40 23.96
C ASP A 121 7.17 -7.13 24.74
N THR A 122 6.63 -6.12 24.03
CA THR A 122 6.11 -4.90 24.64
C THR A 122 4.74 -5.17 25.30
N SER A 123 4.05 -6.25 24.84
CA SER A 123 2.76 -6.73 25.34
C SER A 123 1.61 -5.69 25.23
N SER A 124 1.88 -4.50 24.69
CA SER A 124 0.87 -3.44 24.56
C SER A 124 -0.05 -3.76 23.37
N SER A 125 0.40 -3.42 22.14
CA SER A 125 -0.37 -3.65 20.92
C SER A 125 0.58 -3.95 19.75
N LYS A 126 0.01 -4.34 18.61
CA LYS A 126 0.74 -4.57 17.37
C LYS A 126 -0.04 -4.01 16.16
N ASN A 127 -1.36 -3.81 16.32
CA ASN A 127 -2.23 -3.19 15.33
C ASN A 127 -2.01 -1.67 15.29
N ARG A 128 -1.17 -1.14 16.20
CA ARG A 128 -0.94 0.28 16.38
C ARG A 128 0.54 0.60 16.13
N PHE A 129 0.81 1.84 15.70
CA PHE A 129 2.16 2.38 15.60
C PHE A 129 2.58 2.88 16.99
N ASP A 130 3.08 1.93 17.80
CA ASP A 130 3.47 2.15 19.19
C ASP A 130 4.82 2.91 19.27
N ASP A 131 5.59 2.67 20.35
CA ASP A 131 6.88 3.31 20.60
C ASP A 131 7.91 3.01 19.50
N VAL A 132 9.16 3.45 19.72
CA VAL A 132 10.24 3.44 18.73
C VAL A 132 10.53 2.06 18.10
N THR A 133 10.05 0.96 18.71
CA THR A 133 10.26 -0.40 18.17
C THR A 133 9.56 -0.58 16.82
N THR A 134 8.40 0.07 16.61
CA THR A 134 7.64 -0.02 15.36
C THR A 134 8.30 0.79 14.23
N ASP A 135 9.28 1.64 14.55
CA ASP A 135 9.88 2.56 13.58
C ASP A 135 11.38 2.30 13.38
N GLN A 136 12.04 1.61 14.32
CA GLN A 136 13.47 1.32 14.23
C GLN A 136 13.77 0.31 13.11
N PHE A 137 12.83 -0.58 12.78
CA PHE A 137 12.99 -1.56 11.71
C PHE A 137 12.99 -0.85 10.35
N VAL A 138 11.93 -0.10 10.05
CA VAL A 138 11.75 0.60 8.77
C VAL A 138 12.80 1.72 8.59
N LEU A 139 13.41 2.19 9.69
CA LEU A 139 14.45 3.21 9.65
C LEU A 139 15.77 2.61 9.12
N ASN A 140 16.01 1.31 9.34
CA ASN A 140 17.20 0.63 8.85
C ASN A 140 17.14 0.41 7.34
N VAL A 141 15.92 0.20 6.80
CA VAL A 141 15.73 -0.11 5.38
C VAL A 141 16.08 1.12 4.53
N ILE A 142 15.44 2.27 4.82
CA ILE A 142 15.64 3.50 4.04
C ILE A 142 17.09 4.01 4.15
N LYS A 143 17.81 3.66 5.24
CA LYS A 143 19.20 4.07 5.42
C LYS A 143 20.05 3.49 4.28
N GLU A 144 19.92 2.19 4.02
CA GLU A 144 20.71 1.50 3.00
C GLU A 144 20.20 1.85 1.58
N ASN A 145 18.93 2.26 1.45
CA ASN A 145 18.29 2.52 0.17
C ASN A 145 18.35 4.00 -0.23
N VAL A 146 19.09 4.85 0.52
CA VAL A 146 19.28 6.27 0.17
C VAL A 146 20.78 6.61 -0.06
N GLN A 147 21.70 5.65 0.17
CA GLN A 147 23.14 5.87 -0.03
C GLN A 147 23.45 6.08 -1.52
N THR A 148 23.17 5.05 -2.34
CA THR A 148 23.39 5.10 -3.80
C THR A 148 22.23 4.42 -4.54
N PHE A 149 21.36 3.72 -3.80
CA PHE A 149 20.07 3.34 -4.29
C PHE A 149 19.20 4.60 -4.32
N SER A 150 18.47 4.77 -5.41
CA SER A 150 17.67 5.96 -5.69
C SER A 150 16.30 5.55 -6.21
N THR A 151 15.25 6.01 -5.51
CA THR A 151 13.85 5.72 -5.86
C THR A 151 13.03 7.03 -5.84
N GLY A 152 11.74 6.92 -6.21
CA GLY A 152 10.82 8.05 -6.35
C GLY A 152 10.64 8.39 -7.82
N GLN A 153 11.76 8.73 -8.49
CA GLN A 153 11.80 8.99 -9.93
C GLN A 153 13.21 8.63 -10.45
N SER A 154 13.35 8.49 -11.78
CA SER A 154 14.59 8.07 -12.42
C SER A 154 15.71 9.14 -12.33
N GLU A 155 15.36 10.39 -12.02
CA GLU A 155 16.32 11.50 -11.89
C GLU A 155 17.07 11.47 -10.54
N ALA A 156 16.86 10.41 -9.73
CA ALA A 156 17.36 10.29 -8.36
C ALA A 156 17.06 11.56 -7.52
N PRO A 157 15.76 11.86 -7.31
CA PRO A 157 15.31 13.04 -6.58
C PRO A 157 15.46 12.86 -5.06
N GLU A 158 15.22 13.94 -4.30
CA GLU A 158 15.24 13.91 -2.83
C GLU A 158 13.89 13.38 -2.27
N ALA A 159 12.84 13.36 -3.11
CA ALA A 159 11.50 12.89 -2.72
C ALA A 159 10.77 12.32 -3.95
N THR A 160 9.55 11.79 -3.73
CA THR A 160 8.71 11.25 -4.80
C THR A 160 8.20 12.41 -5.73
N ALA A 161 7.37 12.06 -6.74
CA ALA A 161 6.96 12.98 -7.81
C ALA A 161 6.36 14.30 -7.27
N ASP A 162 5.60 14.25 -6.17
CA ASP A 162 5.03 15.45 -5.54
C ASP A 162 5.00 15.29 -4.02
N THR A 163 4.90 16.41 -3.30
CA THR A 163 4.76 16.41 -1.84
C THR A 163 3.31 16.04 -1.46
N ASN A 164 2.35 16.34 -2.35
CA ASN A 164 0.93 16.02 -2.15
C ASN A 164 0.61 14.56 -2.54
N LEU A 165 1.58 13.84 -3.15
CA LEU A 165 1.37 12.46 -3.59
C LEU A 165 1.09 11.57 -2.38
N HIS A 166 0.08 10.70 -2.50
CA HIS A 166 -0.41 9.90 -1.38
C HIS A 166 -0.68 8.44 -1.82
N TYR A 167 -1.00 7.58 -0.86
CA TYR A 167 -1.36 6.18 -1.09
C TYR A 167 -2.67 5.86 -0.38
N ILE A 168 -3.36 4.82 -0.86
CA ILE A 168 -4.53 4.25 -0.19
C ILE A 168 -4.28 2.74 -0.03
N THR A 169 -4.60 2.21 1.16
CA THR A 169 -4.34 0.82 1.51
C THR A 169 -5.47 -0.09 1.03
N TYR A 170 -5.07 -1.30 0.63
CA TYR A 170 -5.90 -2.33 0.09
C TYR A 170 -5.74 -3.60 0.93
N VAL A 171 -6.83 -4.04 1.57
CA VAL A 171 -6.83 -5.26 2.36
C VAL A 171 -8.18 -5.98 2.22
N GLU A 172 -8.17 -7.30 2.45
CA GLU A 172 -9.38 -8.13 2.52
C GLU A 172 -9.31 -9.04 3.75
N GLU A 173 -10.24 -8.84 4.69
CA GLU A 173 -10.43 -9.69 5.87
C GLU A 173 -11.91 -9.73 6.24
N ASN A 174 -12.30 -10.80 6.94
CA ASN A 174 -13.63 -11.00 7.53
C ASN A 174 -14.77 -10.93 6.50
N GLY A 175 -14.46 -11.13 5.21
CA GLY A 175 -15.47 -11.12 4.15
C GLY A 175 -15.80 -9.69 3.71
N GLY A 176 -14.79 -8.81 3.69
CA GLY A 176 -14.97 -7.40 3.34
C GLY A 176 -13.65 -6.77 2.92
N ILE A 177 -13.70 -5.48 2.54
CA ILE A 177 -12.52 -4.71 2.16
C ILE A 177 -12.52 -3.37 2.91
N PHE A 178 -11.32 -2.79 3.14
CA PHE A 178 -11.15 -1.53 3.87
C PHE A 178 -10.20 -0.59 3.12
N GLU A 179 -10.07 0.63 3.64
CA GLU A 179 -9.11 1.62 3.15
C GLU A 179 -8.36 2.20 4.35
N LEU A 180 -7.23 1.56 4.70
CA LEU A 180 -6.50 1.93 5.91
C LEU A 180 -5.71 3.23 5.67
N ASP A 181 -6.25 4.35 6.14
CA ASP A 181 -5.62 5.64 6.01
C ASP A 181 -4.62 5.83 7.16
N GLY A 182 -3.33 5.64 6.86
CA GLY A 182 -2.28 5.75 7.87
C GLY A 182 -2.02 7.20 8.28
N ARG A 183 -2.46 8.18 7.45
CA ARG A 183 -2.31 9.59 7.78
C ARG A 183 -3.32 10.02 8.86
N ASN A 184 -4.43 9.29 9.00
CA ASN A 184 -5.42 9.53 10.05
C ASN A 184 -4.90 8.96 11.36
N LEU A 185 -4.55 9.85 12.30
CA LEU A 185 -4.04 9.47 13.61
C LEU A 185 -5.14 8.84 14.47
N SER A 186 -6.42 9.04 14.09
CA SER A 186 -7.56 8.45 14.79
C SER A 186 -7.64 6.93 14.52
N GLY A 187 -7.08 6.48 13.38
CA GLY A 187 -7.10 5.08 12.98
C GLY A 187 -7.57 4.94 11.52
N PRO A 188 -7.64 3.69 11.02
CA PRO A 188 -8.03 3.38 9.65
C PRO A 188 -9.55 3.57 9.45
N LEU A 189 -9.98 3.59 8.18
CA LEU A 189 -11.39 3.76 7.81
C LEU A 189 -11.85 2.53 7.02
N TYR A 190 -12.86 1.83 7.54
CA TYR A 190 -13.47 0.72 6.82
C TYR A 190 -14.26 1.26 5.62
N LEU A 191 -13.97 0.75 4.42
CA LEU A 191 -14.56 1.24 3.18
C LEU A 191 -16.01 0.74 3.06
N GLY A 192 -16.19 -0.58 2.86
CA GLY A 192 -17.51 -1.19 2.73
C GLY A 192 -17.38 -2.70 2.57
N LYS A 193 -18.52 -3.41 2.58
CA LYS A 193 -18.55 -4.86 2.41
C LYS A 193 -18.07 -5.25 1.00
N SER A 194 -17.65 -6.51 0.85
CA SER A 194 -17.22 -7.05 -0.44
C SER A 194 -18.45 -7.26 -1.35
N ASP A 195 -18.19 -7.63 -2.62
CA ASP A 195 -19.23 -7.86 -3.61
C ASP A 195 -19.33 -9.36 -3.95
N PRO A 196 -20.54 -9.93 -3.94
CA PRO A 196 -20.78 -11.34 -4.21
C PRO A 196 -20.74 -11.65 -5.73
N THR A 197 -20.57 -10.60 -6.57
CA THR A 197 -20.62 -10.72 -8.03
C THR A 197 -19.25 -10.37 -8.65
N ALA A 198 -18.34 -9.76 -7.86
CA ALA A 198 -16.98 -9.45 -8.31
C ALA A 198 -16.18 -10.73 -8.51
N THR A 199 -15.09 -10.61 -9.28
CA THR A 199 -14.22 -11.73 -9.60
C THR A 199 -13.47 -12.16 -8.33
N ASP A 200 -12.81 -11.19 -7.66
CA ASP A 200 -12.11 -11.46 -6.40
C ASP A 200 -11.73 -10.15 -5.67
N LEU A 201 -11.19 -9.15 -6.38
CA LEU A 201 -10.70 -7.92 -5.75
C LEU A 201 -10.67 -6.74 -6.74
N ILE A 202 -10.32 -7.00 -8.01
CA ILE A 202 -10.22 -5.95 -9.03
C ILE A 202 -11.63 -5.51 -9.47
N GLU A 203 -12.57 -6.47 -9.52
CA GLU A 203 -13.94 -6.23 -10.00
C GLU A 203 -14.86 -5.70 -8.88
N GLN A 204 -14.30 -5.43 -7.68
CA GLN A 204 -15.03 -4.88 -6.54
C GLN A 204 -15.69 -3.55 -6.92
N GLU A 205 -17.02 -3.50 -6.85
CA GLU A 205 -17.80 -2.31 -7.16
C GLU A 205 -17.54 -1.21 -6.10
N LEU A 206 -17.39 -1.60 -4.83
CA LEU A 206 -17.19 -0.64 -3.73
C LEU A 206 -15.84 0.09 -3.88
N VAL A 207 -14.82 -0.60 -4.42
CA VAL A 207 -13.51 -0.02 -4.63
C VAL A 207 -13.51 0.86 -5.89
N ARG A 208 -14.33 0.50 -6.90
CA ARG A 208 -14.36 1.20 -8.18
C ARG A 208 -15.03 2.58 -8.05
N VAL A 209 -16.05 2.71 -7.18
CA VAL A 209 -16.72 3.99 -6.96
C VAL A 209 -15.91 4.89 -6.01
N ARG A 210 -15.04 4.29 -5.18
CA ARG A 210 -14.25 5.03 -4.20
C ARG A 210 -13.01 5.66 -4.85
N VAL A 211 -12.39 4.96 -5.81
CA VAL A 211 -11.25 5.48 -6.56
C VAL A 211 -11.71 6.59 -7.53
N ALA A 212 -12.97 6.51 -7.97
CA ALA A 212 -13.56 7.46 -8.89
C ALA A 212 -14.02 8.74 -8.17
N SER A 213 -14.25 8.69 -6.85
CA SER A 213 -14.76 9.85 -6.10
C SER A 213 -13.66 10.87 -5.78
N TYR A 214 -12.39 10.43 -5.72
CA TYR A 214 -11.28 11.31 -5.38
C TYR A 214 -11.04 12.36 -6.47
N MET A 215 -11.17 11.95 -7.75
CA MET A 215 -10.90 12.82 -8.90
C MET A 215 -12.06 13.82 -9.14
N GLU A 216 -13.25 13.57 -8.56
CA GLU A 216 -14.40 14.47 -8.70
C GLU A 216 -14.22 15.76 -7.86
N ASN A 217 -13.28 15.76 -6.92
CA ASN A 217 -12.99 16.92 -6.07
C ASN A 217 -11.53 17.39 -6.21
N ALA A 218 -10.69 16.60 -6.90
CA ALA A 218 -9.30 16.96 -7.16
C ALA A 218 -9.22 17.89 -8.39
N ASN A 219 -8.09 18.61 -8.51
CA ASN A 219 -7.80 19.41 -9.70
C ASN A 219 -7.33 18.48 -10.83
N GLU A 220 -7.26 19.00 -12.07
CA GLU A 220 -6.83 18.22 -13.22
C GLU A 220 -5.31 17.90 -13.17
N GLU A 221 -4.56 18.65 -12.35
CA GLU A 221 -3.13 18.42 -12.15
C GLU A 221 -2.91 17.14 -11.32
N ASP A 222 -3.89 16.77 -10.48
CA ASP A 222 -3.84 15.57 -9.65
C ASP A 222 -4.23 14.31 -10.45
N VAL A 223 -5.03 14.49 -11.53
CA VAL A 223 -5.48 13.38 -12.37
C VAL A 223 -4.29 12.82 -13.20
N LEU A 224 -3.22 13.61 -13.34
CA LEU A 224 -2.00 13.18 -14.03
C LEU A 224 -1.32 12.06 -13.25
N ASN A 225 -1.23 12.20 -11.92
CA ASN A 225 -0.59 11.21 -11.04
C ASN A 225 -1.61 10.14 -10.66
N PHE A 226 -1.84 9.20 -11.57
CA PHE A 226 -2.70 8.05 -11.34
C PHE A 226 -2.05 6.83 -11.97
N ALA A 227 -1.61 5.88 -11.12
CA ALA A 227 -0.98 4.65 -11.54
C ALA A 227 -1.42 3.52 -10.60
N MET A 228 -2.23 2.60 -11.11
CA MET A 228 -2.77 1.48 -10.34
C MET A 228 -2.05 0.20 -10.74
N LEU A 229 -1.69 -0.61 -9.73
CA LEU A 229 -0.93 -1.84 -9.90
C LEU A 229 -1.58 -2.97 -9.09
N GLY A 230 -1.08 -4.20 -9.27
CA GLY A 230 -1.66 -5.39 -8.66
C GLY A 230 -0.57 -6.32 -8.10
N LEU A 231 -1.01 -7.39 -7.40
CA LEU A 231 -0.12 -8.37 -6.79
C LEU A 231 -0.72 -9.78 -6.97
N GLY A 232 -0.15 -10.57 -7.90
CA GLY A 232 -0.56 -11.93 -8.21
C GLY A 232 0.67 -12.85 -8.34
N PRO A 233 0.49 -14.05 -8.93
CA PRO A 233 1.52 -15.08 -9.02
C PRO A 233 2.66 -14.66 -9.97
N ASN A 234 3.91 -14.85 -9.51
CA ASN A 234 5.11 -14.54 -10.27
C ASN A 234 5.29 -15.49 -11.47
N TRP A 235 5.23 -14.93 -12.69
CA TRP A 235 5.62 -15.65 -13.90
C TRP A 235 7.15 -15.76 -14.00
N GLU A 236 7.63 -16.61 -14.92
CA GLU A 236 9.06 -16.81 -15.17
C GLU A 236 9.68 -15.50 -15.69
N MET A 1 25.04 10.15 12.06
CA MET A 1 25.79 9.21 11.19
C MET A 1 25.15 9.10 9.81
N SER A 2 25.91 8.56 8.84
CA SER A 2 25.45 8.33 7.47
C SER A 2 24.24 7.38 7.48
N GLY A 3 23.07 7.91 7.12
CA GLY A 3 21.82 7.18 7.17
C GLY A 3 20.62 8.11 6.96
N GLU A 4 19.42 7.59 7.23
CA GLU A 4 18.17 8.32 7.10
C GLU A 4 18.08 9.52 8.07
N ASN A 5 16.97 10.27 7.95
CA ASN A 5 16.53 11.45 8.73
C ASN A 5 16.26 12.62 7.78
N ARG A 6 15.00 13.08 7.76
CA ARG A 6 14.51 14.26 7.02
C ARG A 6 14.49 14.06 5.49
N ALA A 7 15.20 13.05 4.96
CA ALA A 7 15.31 12.83 3.51
C ALA A 7 15.68 11.38 3.21
N VAL A 8 14.81 10.71 2.44
CA VAL A 8 15.10 9.41 1.81
C VAL A 8 14.50 9.40 0.40
N VAL A 9 15.11 8.61 -0.51
CA VAL A 9 14.74 8.59 -1.92
C VAL A 9 13.33 7.97 -2.08
N PRO A 10 12.36 8.72 -2.67
CA PRO A 10 11.00 8.24 -2.90
C PRO A 10 10.96 7.22 -4.04
N ILE A 11 9.89 6.41 -4.09
CA ILE A 11 9.71 5.37 -5.09
C ILE A 11 9.17 5.97 -6.39
N GLU A 12 9.95 5.84 -7.48
CA GLU A 12 9.53 6.26 -8.81
C GLU A 12 8.57 5.20 -9.40
N SER A 13 9.14 4.12 -9.97
CA SER A 13 8.37 3.03 -10.55
C SER A 13 7.87 2.12 -9.42
N ASN A 14 6.61 2.29 -9.04
CA ASN A 14 6.01 1.61 -7.90
C ASN A 14 6.10 0.06 -8.00
N PRO A 15 5.78 -0.58 -9.16
CA PRO A 15 5.80 -2.04 -9.27
C PRO A 15 7.22 -2.60 -9.41
N GLU A 16 8.09 -1.90 -10.16
CA GLU A 16 9.41 -2.41 -10.50
C GLU A 16 10.38 -2.32 -9.31
N VAL A 17 10.14 -1.37 -8.40
CA VAL A 17 10.92 -1.25 -7.17
C VAL A 17 10.54 -2.35 -6.18
N PHE A 18 9.24 -2.68 -6.08
CA PHE A 18 8.75 -3.72 -5.18
C PHE A 18 9.19 -5.12 -5.61
N THR A 19 9.68 -5.27 -6.86
CA THR A 19 10.19 -6.55 -7.34
C THR A 19 11.39 -6.98 -6.47
N ASN A 20 12.39 -6.10 -6.33
CA ASN A 20 13.62 -6.39 -5.60
C ASN A 20 13.50 -6.02 -4.12
N PHE A 21 12.72 -4.98 -3.79
CA PHE A 21 12.59 -4.47 -2.42
C PHE A 21 11.88 -5.49 -1.54
N ALA A 22 10.65 -5.88 -1.90
CA ALA A 22 9.84 -6.77 -1.08
C ALA A 22 10.44 -8.18 -1.00
N HIS A 23 11.14 -8.62 -2.06
CA HIS A 23 11.80 -9.93 -2.08
C HIS A 23 12.89 -10.00 -1.00
N LYS A 24 13.73 -8.96 -0.93
CA LYS A 24 14.80 -8.85 0.05
C LYS A 24 14.21 -8.66 1.46
N LEU A 25 12.95 -8.18 1.55
CA LEU A 25 12.28 -7.92 2.82
C LEU A 25 11.73 -9.22 3.44
N GLY A 26 11.58 -10.29 2.64
CA GLY A 26 11.17 -11.61 3.11
C GLY A 26 10.10 -12.27 2.21
N LEU A 27 9.61 -11.55 1.18
CA LEU A 27 8.56 -12.08 0.29
C LEU A 27 9.13 -13.22 -0.57
N LYS A 28 8.37 -14.33 -0.70
CA LYS A 28 8.74 -15.46 -1.56
C LYS A 28 8.66 -15.06 -3.04
N ASN A 29 9.50 -15.71 -3.87
CA ASN A 29 9.54 -15.51 -5.32
C ASN A 29 8.26 -16.01 -6.01
N GLU A 30 7.40 -16.72 -5.27
CA GLU A 30 6.11 -17.21 -5.72
C GLU A 30 5.11 -16.06 -5.97
N TRP A 31 5.53 -14.80 -5.73
CA TRP A 31 4.66 -13.63 -5.82
C TRP A 31 5.38 -12.47 -6.51
N ALA A 32 4.59 -11.50 -7.02
CA ALA A 32 5.08 -10.42 -7.87
C ALA A 32 4.16 -9.19 -7.80
N TYR A 33 4.49 -8.17 -8.61
CA TYR A 33 3.79 -6.89 -8.67
C TYR A 33 3.59 -6.51 -10.15
N PHE A 34 2.33 -6.35 -10.57
CA PHE A 34 2.00 -6.02 -11.95
C PHE A 34 0.82 -5.03 -12.02
N ASP A 35 0.91 -4.10 -12.97
CA ASP A 35 0.01 -2.94 -13.12
C ASP A 35 -1.45 -3.37 -13.33
N ILE A 36 -2.38 -2.42 -13.13
CA ILE A 36 -3.81 -2.59 -13.37
C ILE A 36 -4.24 -1.51 -14.37
N TYR A 37 -4.28 -1.87 -15.66
CA TYR A 37 -4.63 -0.95 -16.74
C TYR A 37 -6.09 -0.50 -16.65
N SER A 38 -6.99 -1.40 -16.22
CA SER A 38 -8.41 -1.09 -16.04
C SER A 38 -9.01 -1.91 -14.89
N LEU A 39 -10.23 -1.53 -14.48
CA LEU A 39 -10.94 -2.16 -13.36
C LEU A 39 -12.43 -2.35 -13.67
N THR A 40 -12.91 -1.81 -14.80
CA THR A 40 -14.31 -1.93 -15.23
C THR A 40 -14.40 -2.49 -16.67
N GLU A 41 -13.27 -2.56 -17.39
CA GLU A 41 -13.17 -3.31 -18.64
C GLU A 41 -12.86 -4.77 -18.28
N PRO A 42 -13.79 -5.72 -18.57
CA PRO A 42 -13.61 -7.13 -18.22
C PRO A 42 -12.57 -7.82 -19.12
N GLU A 43 -12.13 -7.13 -20.20
CA GLU A 43 -11.11 -7.65 -21.10
C GLU A 43 -9.75 -7.69 -20.38
N LEU A 44 -9.48 -6.69 -19.53
CA LEU A 44 -8.23 -6.61 -18.78
C LEU A 44 -8.28 -7.55 -17.56
N LEU A 45 -9.48 -7.77 -17.00
CA LEU A 45 -9.66 -8.65 -15.83
C LEU A 45 -9.54 -10.13 -16.23
N ALA A 46 -9.75 -10.45 -17.52
CA ALA A 46 -9.71 -11.83 -18.01
C ALA A 46 -8.27 -12.31 -18.25
N PHE A 47 -7.32 -11.39 -18.43
CA PHE A 47 -5.92 -11.72 -18.72
C PHE A 47 -5.16 -12.09 -17.44
N LEU A 48 -5.76 -11.88 -16.26
CA LEU A 48 -5.19 -12.32 -14.99
C LEU A 48 -5.31 -13.84 -14.90
N PRO A 49 -4.19 -14.58 -14.74
CA PRO A 49 -4.21 -16.03 -14.63
C PRO A 49 -4.73 -16.48 -13.25
N ARG A 50 -4.54 -15.64 -12.22
CA ARG A 50 -4.91 -15.93 -10.83
C ARG A 50 -5.55 -14.66 -10.20
N PRO A 51 -6.28 -14.80 -9.08
CA PRO A 51 -6.90 -13.68 -8.37
C PRO A 51 -5.84 -12.78 -7.70
N VAL A 52 -6.30 -11.68 -7.07
CA VAL A 52 -5.47 -10.67 -6.41
C VAL A 52 -5.94 -10.49 -4.97
N LYS A 53 -5.01 -10.60 -3.99
CA LYS A 53 -5.32 -10.54 -2.56
C LYS A 53 -5.62 -9.12 -2.10
N ALA A 54 -4.90 -8.12 -2.64
CA ALA A 54 -5.03 -6.73 -2.22
C ALA A 54 -4.62 -5.78 -3.34
N ILE A 55 -4.94 -4.49 -3.18
CA ILE A 55 -4.74 -3.47 -4.21
C ILE A 55 -4.15 -2.21 -3.56
N VAL A 56 -3.25 -1.52 -4.29
CA VAL A 56 -2.76 -0.21 -3.91
C VAL A 56 -2.70 0.68 -5.15
N LEU A 57 -2.93 1.99 -4.99
CA LEU A 57 -2.89 2.93 -6.09
C LEU A 57 -2.22 4.24 -5.66
N LEU A 58 -1.65 4.95 -6.64
CA LEU A 58 -0.81 6.12 -6.41
C LEU A 58 -1.39 7.36 -7.10
N PHE A 59 -1.82 8.32 -6.27
CA PHE A 59 -2.40 9.58 -6.71
C PHE A 59 -2.22 10.66 -5.62
N PRO A 60 -2.01 11.93 -6.01
CA PRO A 60 -2.09 13.07 -5.12
C PRO A 60 -3.56 13.47 -4.90
N ILE A 61 -3.84 14.15 -3.79
CA ILE A 61 -5.20 14.61 -3.45
C ILE A 61 -5.18 16.11 -3.10
N ASN A 62 -6.34 16.76 -3.24
CA ASN A 62 -6.54 18.17 -2.92
C ASN A 62 -6.96 18.34 -1.46
N GLU A 63 -6.94 19.59 -0.98
CA GLU A 63 -7.46 19.97 0.32
C GLU A 63 -8.99 19.74 0.37
N ASP A 64 -9.64 19.82 -0.80
CA ASP A 64 -11.09 19.68 -0.93
C ASP A 64 -11.47 18.23 -1.20
N ARG A 65 -12.11 17.60 -0.22
CA ARG A 65 -12.72 16.27 -0.35
C ARG A 65 -13.91 16.17 0.63
N LYS A 66 -14.68 15.07 0.53
CA LYS A 66 -15.83 14.84 1.42
C LYS A 66 -16.05 13.34 1.69
N SER A 67 -15.29 12.46 1.02
CA SER A 67 -15.37 11.03 1.23
C SER A 67 -14.56 10.59 2.46
N SER A 68 -13.58 11.41 2.88
CA SER A 68 -12.71 11.14 4.01
C SER A 68 -13.43 11.52 5.32
N THR A 69 -14.26 10.60 5.83
CA THR A 69 -15.05 10.80 7.06
C THR A 69 -14.14 10.71 8.29
N SER A 70 -13.67 11.87 8.77
CA SER A 70 -12.79 11.98 9.92
C SER A 70 -13.58 11.78 11.22
N GLN A 71 -13.38 10.62 11.85
CA GLN A 71 -13.98 10.31 13.16
C GLN A 71 -12.98 9.49 14.00
N GLN A 72 -13.19 9.45 15.32
CA GLN A 72 -12.30 8.76 16.25
C GLN A 72 -12.57 7.24 16.22
N ILE A 73 -11.81 6.52 15.38
CA ILE A 73 -11.85 5.06 15.31
C ILE A 73 -11.12 4.48 16.55
N THR A 74 -11.39 3.21 16.88
CA THR A 74 -10.86 2.55 18.08
C THR A 74 -9.36 2.22 17.97
N SER A 75 -8.75 2.41 16.77
CA SER A 75 -7.36 1.99 16.44
C SER A 75 -7.06 0.54 16.90
N SER A 76 -8.10 -0.29 17.04
CA SER A 76 -8.04 -1.66 17.52
C SER A 76 -9.07 -2.52 16.76
N TYR A 77 -9.46 -2.06 15.56
CA TYR A 77 -10.47 -2.71 14.71
C TYR A 77 -10.02 -4.13 14.27
N ASP A 78 -10.88 -4.80 13.49
CA ASP A 78 -10.62 -6.16 12.97
C ASP A 78 -9.38 -6.23 12.06
N VAL A 79 -8.77 -5.08 11.73
CA VAL A 79 -7.61 -4.99 10.84
C VAL A 79 -6.51 -4.16 11.51
N ILE A 80 -5.26 -4.34 11.04
CA ILE A 80 -4.10 -3.56 11.51
C ILE A 80 -4.19 -2.12 10.98
N TRP A 81 -3.45 -1.21 11.62
CA TRP A 81 -3.14 0.10 11.06
C TRP A 81 -1.84 0.62 11.66
N PHE A 82 -1.04 1.33 10.85
CA PHE A 82 0.19 1.97 11.32
C PHE A 82 0.22 3.42 10.81
N LYS A 83 0.96 4.28 11.52
CA LYS A 83 1.10 5.69 11.16
C LYS A 83 2.33 5.86 10.26
N GLN A 84 2.12 6.44 9.06
CA GLN A 84 3.19 6.77 8.13
C GLN A 84 3.95 8.01 8.63
N SER A 85 4.96 7.78 9.49
CA SER A 85 5.72 8.86 10.11
C SER A 85 6.56 9.59 9.06
N VAL A 86 7.48 8.87 8.40
CA VAL A 86 8.33 9.42 7.35
C VAL A 86 7.52 9.58 6.07
N LYS A 87 7.17 10.83 5.73
CA LYS A 87 6.37 11.15 4.53
C LYS A 87 7.13 10.84 3.22
N ASN A 88 8.47 10.72 3.30
CA ASN A 88 9.32 10.45 2.15
C ASN A 88 9.50 8.93 1.91
N ALA A 89 8.92 8.11 2.81
CA ALA A 89 9.03 6.64 2.78
C ALA A 89 7.65 6.00 2.83
N CYS A 90 6.59 6.76 2.53
CA CYS A 90 5.21 6.27 2.57
C CYS A 90 4.97 5.12 1.57
N GLY A 91 5.81 5.00 0.53
CA GLY A 91 5.74 3.91 -0.44
C GLY A 91 6.51 2.67 0.04
N LEU A 92 7.60 2.88 0.79
CA LEU A 92 8.38 1.79 1.38
C LEU A 92 7.59 1.16 2.54
N TYR A 93 6.88 2.00 3.31
CA TYR A 93 6.11 1.57 4.47
C TYR A 93 4.72 1.03 4.06
N ALA A 94 4.31 1.25 2.80
CA ALA A 94 3.08 0.65 2.27
C ALA A 94 3.23 -0.89 2.15
N ILE A 95 4.48 -1.38 2.08
CA ILE A 95 4.76 -2.82 2.08
C ILE A 95 4.70 -3.38 3.52
N LEU A 96 5.01 -2.55 4.53
CA LEU A 96 4.87 -2.98 5.92
C LEU A 96 3.38 -3.14 6.28
N HIS A 97 2.48 -2.40 5.60
CA HIS A 97 1.05 -2.61 5.71
C HIS A 97 0.62 -3.85 4.91
N SER A 98 1.23 -4.06 3.73
CA SER A 98 0.84 -5.10 2.80
C SER A 98 0.96 -6.50 3.41
N LEU A 99 2.11 -6.80 4.03
CA LEU A 99 2.38 -8.12 4.60
C LEU A 99 1.62 -8.29 5.94
N SER A 100 1.28 -7.19 6.61
CA SER A 100 0.45 -7.23 7.83
C SER A 100 -1.05 -7.46 7.48
N ASN A 101 -1.36 -7.56 6.18
CA ASN A 101 -2.71 -7.89 5.68
C ASN A 101 -2.64 -9.14 4.78
N ASN A 102 -1.44 -9.66 4.51
CA ASN A 102 -1.20 -10.86 3.73
C ASN A 102 -0.05 -11.66 4.36
N GLN A 103 -0.26 -12.15 5.58
CA GLN A 103 0.75 -12.95 6.30
C GLN A 103 0.89 -14.37 5.69
N SER A 104 -0.04 -14.75 4.79
CA SER A 104 -0.15 -16.10 4.23
C SER A 104 0.98 -16.47 3.26
N LEU A 105 1.80 -15.49 2.85
CA LEU A 105 2.84 -15.66 1.82
C LEU A 105 4.24 -15.21 2.32
N LEU A 106 4.37 -14.95 3.62
CA LEU A 106 5.58 -14.39 4.24
C LEU A 106 6.44 -15.52 4.85
N GLU A 107 7.76 -15.48 4.59
CA GLU A 107 8.75 -16.44 5.09
C GLU A 107 8.87 -16.32 6.63
N PRO A 108 8.52 -17.38 7.41
CA PRO A 108 8.59 -17.35 8.85
C PRO A 108 10.05 -17.30 9.33
N GLY A 109 10.43 -16.16 9.93
CA GLY A 109 11.76 -15.94 10.48
C GLY A 109 12.56 -14.90 9.65
N SER A 110 11.92 -14.30 8.63
CA SER A 110 12.54 -13.30 7.76
C SER A 110 12.72 -11.96 8.48
N ASP A 111 13.28 -10.98 7.77
CA ASP A 111 13.53 -9.64 8.29
C ASP A 111 12.21 -8.93 8.62
N LEU A 112 11.15 -9.16 7.82
CA LEU A 112 9.83 -8.58 8.08
C LEU A 112 9.07 -9.38 9.15
N ASP A 113 9.40 -10.68 9.33
CA ASP A 113 8.79 -11.50 10.38
C ASP A 113 9.20 -10.99 11.77
N ASN A 114 10.41 -10.39 11.86
CA ASN A 114 10.91 -9.80 13.11
C ASN A 114 10.13 -8.53 13.49
N PHE A 115 9.46 -7.87 12.52
CA PHE A 115 8.66 -6.68 12.79
C PHE A 115 7.56 -6.98 13.82
N LEU A 116 6.85 -8.11 13.64
CA LEU A 116 5.74 -8.49 14.49
C LEU A 116 6.23 -8.93 15.87
N LYS A 117 7.41 -9.58 15.95
CA LYS A 117 7.95 -10.08 17.21
C LYS A 117 8.44 -8.92 18.10
N SER A 118 8.99 -7.88 17.48
CA SER A 118 9.49 -6.69 18.17
C SER A 118 8.33 -5.78 18.64
N GLN A 119 7.10 -6.11 18.25
CA GLN A 119 5.92 -5.31 18.52
C GLN A 119 4.91 -6.08 19.41
N SER A 120 4.95 -7.43 19.37
CA SER A 120 4.02 -8.27 20.10
C SER A 120 4.54 -8.59 21.51
N ASP A 121 5.88 -8.66 21.69
CA ASP A 121 6.49 -8.82 23.01
C ASP A 121 6.45 -7.49 23.79
N THR A 122 6.16 -6.38 23.10
CA THR A 122 5.94 -5.08 23.72
C THR A 122 4.52 -5.06 24.34
N SER A 123 4.27 -4.13 25.27
CA SER A 123 2.93 -3.93 25.84
C SER A 123 1.96 -3.34 24.80
N SER A 124 2.49 -2.83 23.68
CA SER A 124 1.69 -2.34 22.56
C SER A 124 1.12 -3.53 21.76
N SER A 125 0.02 -3.29 21.03
CA SER A 125 -0.58 -4.30 20.17
C SER A 125 0.23 -4.42 18.87
N LYS A 126 0.10 -5.57 18.18
CA LYS A 126 0.68 -5.74 16.85
C LYS A 126 -0.18 -5.04 15.77
N ASN A 127 -1.37 -4.55 16.16
CA ASN A 127 -2.28 -3.81 15.29
C ASN A 127 -2.00 -2.29 15.37
N ARG A 128 -1.06 -1.86 16.24
CA ARG A 128 -0.83 -0.44 16.53
C ARG A 128 0.68 -0.15 16.61
N PHE A 129 1.18 0.65 15.65
CA PHE A 129 2.54 1.20 15.63
C PHE A 129 2.57 2.47 16.48
N ASP A 130 3.01 2.36 17.75
CA ASP A 130 2.98 3.48 18.70
C ASP A 130 4.15 3.43 19.71
N ASP A 131 5.05 2.42 19.62
CA ASP A 131 6.16 2.27 20.57
C ASP A 131 7.51 2.37 19.84
N VAL A 132 8.56 2.71 20.61
CA VAL A 132 9.90 2.99 20.08
C VAL A 132 10.65 1.69 19.69
N THR A 133 10.22 0.53 20.20
CA THR A 133 10.87 -0.74 19.92
C THR A 133 10.61 -1.18 18.47
N THR A 134 9.41 -0.88 17.96
CA THR A 134 9.05 -1.18 16.57
C THR A 134 9.67 -0.13 15.64
N ASP A 135 9.75 1.13 16.10
CA ASP A 135 10.31 2.24 15.34
C ASP A 135 11.83 2.09 15.13
N GLN A 136 12.49 1.29 15.99
CA GLN A 136 13.92 1.04 15.90
C GLN A 136 14.27 0.30 14.59
N PHE A 137 13.32 -0.47 14.05
CA PHE A 137 13.47 -1.22 12.81
C PHE A 137 12.95 -0.43 11.59
N VAL A 138 12.01 0.51 11.80
CA VAL A 138 11.45 1.29 10.68
C VAL A 138 12.48 2.27 10.11
N LEU A 139 13.39 2.78 10.97
CA LEU A 139 14.49 3.64 10.53
C LEU A 139 15.60 2.82 9.85
N ASN A 140 15.64 1.49 10.08
CA ASN A 140 16.69 0.63 9.55
C ASN A 140 16.42 0.25 8.08
N VAL A 141 15.14 0.06 7.70
CA VAL A 141 14.79 -0.41 6.36
C VAL A 141 14.82 0.74 5.33
N ILE A 142 14.55 1.98 5.76
CA ILE A 142 14.59 3.16 4.87
C ILE A 142 16.03 3.65 4.65
N LYS A 143 16.96 3.26 5.55
CA LYS A 143 18.38 3.59 5.43
C LYS A 143 19.02 2.82 4.25
N GLU A 144 18.38 1.72 3.83
CA GLU A 144 18.81 0.92 2.67
C GLU A 144 18.44 1.59 1.33
N ASN A 145 17.83 2.79 1.37
CA ASN A 145 17.29 3.47 0.19
C ASN A 145 17.77 4.93 0.11
N VAL A 146 18.18 5.53 1.24
CA VAL A 146 18.79 6.87 1.23
C VAL A 146 20.19 6.79 0.70
N GLN A 147 20.83 5.65 1.00
CA GLN A 147 22.14 5.39 0.56
C GLN A 147 22.15 5.41 -0.95
N THR A 148 23.33 5.67 -1.42
CA THR A 148 23.72 5.79 -2.85
C THR A 148 23.24 4.59 -3.71
N PHE A 149 22.75 3.51 -3.08
CA PHE A 149 21.90 2.51 -3.72
C PHE A 149 20.47 3.11 -3.87
N SER A 150 20.37 4.21 -4.63
CA SER A 150 19.19 5.06 -4.71
C SER A 150 18.00 4.30 -5.32
N THR A 151 17.10 3.85 -4.44
CA THR A 151 15.89 3.14 -4.82
C THR A 151 14.82 4.17 -5.21
N GLY A 152 14.77 4.55 -6.50
CA GLY A 152 13.87 5.57 -6.99
C GLY A 152 14.51 6.35 -8.15
N GLN A 153 13.96 7.53 -8.42
CA GLN A 153 14.42 8.44 -9.48
C GLN A 153 15.89 8.86 -9.22
N SER A 154 16.57 9.32 -10.28
CA SER A 154 17.97 9.74 -10.24
C SER A 154 18.16 10.97 -9.32
N GLU A 155 19.42 11.43 -9.18
CA GLU A 155 19.86 12.57 -8.34
C GLU A 155 19.37 12.52 -6.88
N ALA A 156 18.78 11.38 -6.44
CA ALA A 156 18.35 11.10 -5.07
C ALA A 156 17.75 12.33 -4.36
N PRO A 157 16.52 12.74 -4.71
CA PRO A 157 15.85 13.89 -4.11
C PRO A 157 15.38 13.59 -2.68
N GLU A 158 15.08 14.64 -1.90
CA GLU A 158 14.65 14.51 -0.52
C GLU A 158 13.18 14.04 -0.43
N ALA A 159 12.39 14.35 -1.47
CA ALA A 159 10.97 14.00 -1.54
C ALA A 159 10.52 13.91 -3.00
N THR A 160 9.26 13.55 -3.23
CA THR A 160 8.66 13.52 -4.57
C THR A 160 8.50 14.97 -5.06
N ALA A 161 9.44 15.40 -5.92
CA ALA A 161 9.49 16.76 -6.43
C ALA A 161 8.32 17.07 -7.38
N ASP A 162 7.62 16.03 -7.86
CA ASP A 162 6.50 16.19 -8.79
C ASP A 162 5.23 16.62 -8.04
N THR A 163 4.71 15.76 -7.13
CA THR A 163 3.43 15.99 -6.48
C THR A 163 3.37 15.30 -5.10
N ASN A 164 2.24 15.50 -4.38
CA ASN A 164 2.03 15.06 -3.00
C ASN A 164 1.42 13.65 -2.93
N LEU A 165 1.69 12.79 -3.94
CA LEU A 165 1.03 11.48 -4.08
C LEU A 165 1.10 10.63 -2.80
N HIS A 166 0.05 9.84 -2.57
CA HIS A 166 -0.05 8.88 -1.47
C HIS A 166 -0.33 7.48 -2.03
N TYR A 167 -0.06 6.44 -1.21
CA TYR A 167 -0.29 5.04 -1.56
C TYR A 167 -1.35 4.45 -0.64
N ILE A 168 -2.62 4.46 -1.09
CA ILE A 168 -3.74 3.98 -0.28
C ILE A 168 -3.95 2.49 -0.55
N THR A 169 -3.53 1.64 0.40
CA THR A 169 -3.58 0.19 0.24
C THR A 169 -4.94 -0.34 0.72
N TYR A 170 -5.81 -0.69 -0.23
CA TYR A 170 -7.07 -1.37 0.06
C TYR A 170 -6.81 -2.86 0.27
N VAL A 171 -7.60 -3.47 1.16
CA VAL A 171 -7.45 -4.88 1.56
C VAL A 171 -8.83 -5.50 1.81
N GLU A 172 -8.84 -6.79 2.17
CA GLU A 172 -10.05 -7.48 2.63
C GLU A 172 -9.79 -8.16 3.97
N GLU A 173 -10.83 -8.24 4.80
CA GLU A 173 -10.73 -8.76 6.16
C GLU A 173 -12.11 -9.24 6.63
N ASN A 174 -12.25 -10.55 6.86
CA ASN A 174 -13.49 -11.22 7.28
C ASN A 174 -14.66 -10.96 6.29
N GLY A 175 -14.35 -10.61 5.03
CA GLY A 175 -15.34 -10.38 3.98
C GLY A 175 -15.67 -8.89 3.80
N GLY A 176 -15.13 -8.03 4.68
CA GLY A 176 -15.27 -6.58 4.53
C GLY A 176 -14.16 -6.02 3.66
N ILE A 177 -14.28 -4.74 3.29
CA ILE A 177 -13.30 -4.04 2.45
C ILE A 177 -12.97 -2.71 3.12
N PHE A 178 -11.72 -2.61 3.59
CA PHE A 178 -11.22 -1.45 4.34
C PHE A 178 -10.02 -0.85 3.59
N GLU A 179 -9.43 0.23 4.13
CA GLU A 179 -8.26 0.86 3.54
C GLU A 179 -7.24 1.25 4.62
N LEU A 180 -5.99 1.43 4.18
CA LEU A 180 -4.87 1.87 5.01
C LEU A 180 -4.43 3.25 4.53
N ASP A 181 -4.72 4.27 5.33
CA ASP A 181 -4.43 5.66 5.03
C ASP A 181 -3.74 6.29 6.23
N GLY A 182 -2.45 6.63 6.07
CA GLY A 182 -1.63 7.17 7.15
C GLY A 182 -2.09 8.57 7.60
N ARG A 183 -2.98 9.21 6.83
CA ARG A 183 -3.54 10.52 7.16
C ARG A 183 -4.56 10.40 8.31
N ASN A 184 -5.16 9.21 8.48
CA ASN A 184 -6.18 8.96 9.50
C ASN A 184 -5.49 8.50 10.79
N LEU A 185 -5.01 9.45 11.60
CA LEU A 185 -4.30 9.19 12.86
C LEU A 185 -5.21 8.49 13.90
N SER A 186 -6.53 8.42 13.63
CA SER A 186 -7.49 7.81 14.55
C SER A 186 -7.49 6.27 14.45
N GLY A 187 -6.85 5.70 13.41
CA GLY A 187 -6.86 4.25 13.16
C GLY A 187 -7.20 3.94 11.70
N PRO A 188 -7.57 2.67 11.38
CA PRO A 188 -7.96 2.24 10.04
C PRO A 188 -9.33 2.85 9.66
N LEU A 189 -9.80 2.59 8.43
CA LEU A 189 -11.07 3.14 7.95
C LEU A 189 -11.84 2.07 7.17
N TYR A 190 -12.86 1.47 7.81
CA TYR A 190 -13.76 0.52 7.16
C TYR A 190 -14.74 1.27 6.26
N LEU A 191 -15.15 0.62 5.15
CA LEU A 191 -15.96 1.26 4.11
C LEU A 191 -17.29 0.54 3.87
N GLY A 192 -17.31 -0.80 4.06
CA GLY A 192 -18.50 -1.60 3.85
C GLY A 192 -18.13 -3.01 3.39
N LYS A 193 -19.13 -3.87 3.21
CA LYS A 193 -18.92 -5.24 2.76
C LYS A 193 -18.44 -5.27 1.30
N SER A 194 -17.79 -6.39 0.92
CA SER A 194 -17.34 -6.64 -0.45
C SER A 194 -18.54 -6.84 -1.40
N ASP A 195 -18.25 -6.82 -2.70
CA ASP A 195 -19.24 -7.14 -3.74
C ASP A 195 -19.58 -8.65 -3.64
N PRO A 196 -20.87 -9.03 -3.81
CA PRO A 196 -21.32 -10.41 -3.68
C PRO A 196 -20.90 -11.28 -4.88
N THR A 197 -20.29 -10.66 -5.91
CA THR A 197 -19.85 -11.33 -7.13
C THR A 197 -18.34 -11.06 -7.38
N ALA A 198 -17.62 -10.59 -6.33
CA ALA A 198 -16.19 -10.25 -6.37
C ALA A 198 -15.37 -11.41 -6.92
N THR A 199 -14.88 -11.24 -8.16
CA THR A 199 -14.14 -12.28 -8.86
C THR A 199 -12.67 -12.32 -8.40
N ASP A 200 -12.07 -11.13 -8.17
CA ASP A 200 -10.64 -11.04 -7.88
C ASP A 200 -10.28 -9.74 -7.12
N LEU A 201 -11.30 -9.03 -6.58
CA LEU A 201 -11.19 -7.83 -5.73
C LEU A 201 -11.13 -6.54 -6.58
N ILE A 202 -10.50 -6.61 -7.78
CA ILE A 202 -10.48 -5.47 -8.71
C ILE A 202 -11.88 -5.29 -9.34
N GLU A 203 -12.67 -6.37 -9.37
CA GLU A 203 -14.00 -6.41 -9.99
C GLU A 203 -15.05 -5.68 -9.12
N GLN A 204 -14.76 -5.50 -7.81
CA GLN A 204 -15.74 -5.01 -6.83
C GLN A 204 -16.27 -3.61 -7.17
N GLU A 205 -17.54 -3.37 -6.79
CA GLU A 205 -18.22 -2.09 -7.00
C GLU A 205 -17.80 -1.06 -5.93
N LEU A 206 -17.29 -1.49 -4.77
CA LEU A 206 -16.87 -0.56 -3.73
C LEU A 206 -15.53 0.10 -4.12
N VAL A 207 -14.55 -0.72 -4.53
CA VAL A 207 -13.19 -0.26 -4.81
C VAL A 207 -13.18 0.70 -6.02
N ARG A 208 -13.99 0.41 -7.06
CA ARG A 208 -14.01 1.22 -8.27
C ARG A 208 -14.68 2.59 -8.05
N VAL A 209 -15.56 2.70 -7.03
CA VAL A 209 -16.17 3.97 -6.65
C VAL A 209 -15.15 4.84 -5.88
N ARG A 210 -14.22 4.21 -5.13
CA ARG A 210 -13.21 4.95 -4.38
C ARG A 210 -12.15 5.58 -5.31
N VAL A 211 -11.97 5.02 -6.52
CA VAL A 211 -11.06 5.58 -7.53
C VAL A 211 -11.67 6.87 -8.11
N ALA A 212 -12.99 6.84 -8.37
CA ALA A 212 -13.72 7.97 -8.95
C ALA A 212 -14.04 9.04 -7.90
N SER A 213 -13.96 8.68 -6.60
CA SER A 213 -14.34 9.56 -5.52
C SER A 213 -13.42 10.78 -5.44
N TYR A 214 -12.10 10.54 -5.41
CA TYR A 214 -11.13 11.64 -5.32
C TYR A 214 -10.94 12.33 -6.68
N MET A 215 -11.27 11.64 -7.79
CA MET A 215 -11.04 12.15 -9.13
C MET A 215 -11.99 13.32 -9.43
N GLU A 216 -13.22 13.28 -8.90
CA GLU A 216 -14.24 14.31 -9.08
C GLU A 216 -14.08 15.46 -8.07
N ASN A 217 -13.16 15.33 -7.10
CA ASN A 217 -12.93 16.33 -6.05
C ASN A 217 -11.54 16.96 -6.16
N ALA A 218 -10.65 16.37 -6.99
CA ALA A 218 -9.30 16.88 -7.22
C ALA A 218 -9.26 17.73 -8.49
N ASN A 219 -8.15 18.46 -8.68
CA ASN A 219 -7.91 19.21 -9.91
C ASN A 219 -7.48 18.24 -11.02
N GLU A 220 -7.55 18.68 -12.29
CA GLU A 220 -7.20 17.84 -13.44
C GLU A 220 -5.68 17.54 -13.47
N GLU A 221 -4.87 18.39 -12.82
CA GLU A 221 -3.43 18.21 -12.74
C GLU A 221 -3.09 17.02 -11.82
N ASP A 222 -3.88 16.83 -10.75
CA ASP A 222 -3.70 15.74 -9.80
C ASP A 222 -4.13 14.40 -10.44
N VAL A 223 -5.12 14.43 -11.33
CA VAL A 223 -5.64 13.24 -12.02
C VAL A 223 -4.68 12.81 -13.15
N LEU A 224 -3.69 13.66 -13.52
CA LEU A 224 -2.70 13.33 -14.52
C LEU A 224 -1.86 12.14 -14.04
N ASN A 225 -1.24 12.27 -12.85
CA ASN A 225 -0.50 11.19 -12.21
C ASN A 225 -1.49 10.23 -11.56
N PHE A 226 -1.95 9.27 -12.35
CA PHE A 226 -2.91 8.25 -11.95
C PHE A 226 -2.44 6.88 -12.45
N ALA A 227 -2.08 6.00 -11.51
CA ALA A 227 -1.73 4.62 -11.82
C ALA A 227 -2.22 3.69 -10.71
N MET A 228 -2.29 2.39 -11.00
CA MET A 228 -2.79 1.38 -10.07
C MET A 228 -1.86 0.17 -10.07
N LEU A 229 -1.91 -0.61 -8.98
CA LEU A 229 -1.06 -1.78 -8.78
C LEU A 229 -1.82 -2.82 -7.95
N GLY A 230 -1.40 -4.09 -8.04
CA GLY A 230 -2.03 -5.19 -7.33
C GLY A 230 -0.99 -6.14 -6.72
N LEU A 231 -1.49 -7.09 -5.92
CA LEU A 231 -0.70 -8.10 -5.23
C LEU A 231 -1.21 -9.47 -5.64
N GLY A 232 -0.50 -10.11 -6.59
CA GLY A 232 -0.83 -11.43 -7.10
C GLY A 232 0.45 -12.27 -7.32
N PRO A 233 0.30 -13.53 -7.76
CA PRO A 233 1.41 -14.46 -7.92
C PRO A 233 2.33 -14.07 -9.08
N ASN A 234 3.53 -14.65 -9.10
CA ASN A 234 4.52 -14.47 -10.15
C ASN A 234 4.15 -15.28 -11.40
N TRP A 235 4.76 -14.91 -12.53
CA TRP A 235 4.56 -15.56 -13.82
C TRP A 235 5.92 -15.98 -14.40
N GLU A 236 5.86 -16.77 -15.48
CA GLU A 236 7.04 -17.31 -16.14
C GLU A 236 7.92 -16.17 -16.69
N MET A 1 -4.87 -21.35 -16.60
CA MET A 1 -5.81 -21.48 -15.46
C MET A 1 -7.02 -20.54 -15.59
N SER A 2 -7.01 -19.65 -16.62
CA SER A 2 -8.09 -18.71 -16.90
C SER A 2 -8.32 -18.58 -18.41
N GLY A 3 -9.25 -17.69 -18.81
CA GLY A 3 -9.60 -17.49 -20.22
C GLY A 3 -8.39 -17.12 -21.07
N GLU A 4 -7.49 -16.28 -20.52
CA GLU A 4 -6.20 -15.97 -21.14
C GLU A 4 -5.11 -16.09 -20.07
N ASN A 5 -3.88 -16.40 -20.52
CA ASN A 5 -2.70 -16.51 -19.66
C ASN A 5 -1.48 -16.01 -20.44
N ARG A 6 -1.21 -14.71 -20.32
CA ARG A 6 -0.11 -14.01 -21.00
C ARG A 6 0.54 -13.02 -20.01
N ALA A 7 1.59 -12.33 -20.48
CA ALA A 7 2.29 -11.32 -19.69
C ALA A 7 2.54 -10.06 -20.53
N VAL A 8 2.94 -8.97 -19.85
CA VAL A 8 3.17 -7.67 -20.47
C VAL A 8 4.47 -7.06 -19.90
N VAL A 9 5.02 -6.06 -20.60
CA VAL A 9 6.20 -5.32 -20.18
C VAL A 9 5.84 -3.83 -20.12
N PRO A 10 5.39 -3.34 -18.95
CA PRO A 10 4.98 -1.96 -18.75
C PRO A 10 6.23 -1.06 -18.57
N ILE A 11 6.00 0.20 -18.19
CA ILE A 11 7.08 1.13 -17.85
C ILE A 11 7.94 0.59 -16.68
N GLU A 12 9.09 1.24 -16.45
CA GLU A 12 10.08 0.78 -15.46
C GLU A 12 9.98 1.58 -14.15
N SER A 13 8.96 2.43 -14.01
CA SER A 13 8.77 3.26 -12.82
C SER A 13 8.30 2.42 -11.62
N ASN A 14 6.98 2.33 -11.41
CA ASN A 14 6.41 1.72 -10.20
C ASN A 14 6.48 0.16 -10.19
N PRO A 15 6.06 -0.56 -11.27
CA PRO A 15 5.87 -2.01 -11.21
C PRO A 15 7.20 -2.78 -11.29
N GLU A 16 8.24 -2.19 -11.90
CA GLU A 16 9.56 -2.80 -11.98
C GLU A 16 10.22 -2.77 -10.60
N VAL A 17 10.12 -1.62 -9.91
CA VAL A 17 10.70 -1.43 -8.59
C VAL A 17 9.94 -2.25 -7.52
N PHE A 18 8.66 -2.58 -7.78
CA PHE A 18 7.83 -3.29 -6.81
C PHE A 18 8.33 -4.73 -6.57
N THR A 19 8.99 -5.35 -7.56
CA THR A 19 9.53 -6.71 -7.41
C THR A 19 10.75 -6.72 -6.48
N ASN A 20 11.45 -5.57 -6.38
CA ASN A 20 12.60 -5.43 -5.50
C ASN A 20 12.15 -5.08 -4.08
N PHE A 21 11.30 -4.03 -3.95
CA PHE A 21 10.89 -3.47 -2.66
C PHE A 21 10.12 -4.50 -1.82
N ALA A 22 9.19 -5.25 -2.44
CA ALA A 22 8.37 -6.22 -1.73
C ALA A 22 9.22 -7.42 -1.26
N HIS A 23 10.20 -7.84 -2.08
CA HIS A 23 11.07 -8.96 -1.77
C HIS A 23 12.08 -8.59 -0.66
N LYS A 24 12.38 -7.29 -0.50
CA LYS A 24 13.30 -6.80 0.53
C LYS A 24 12.62 -6.77 1.91
N LEU A 25 11.28 -6.83 1.98
CA LEU A 25 10.56 -7.01 3.24
C LEU A 25 10.66 -8.48 3.72
N GLY A 26 11.19 -9.37 2.86
CA GLY A 26 11.37 -10.78 3.18
C GLY A 26 10.35 -11.67 2.45
N LEU A 27 9.53 -11.09 1.55
CA LEU A 27 8.56 -11.83 0.76
C LEU A 27 9.31 -12.80 -0.16
N LYS A 28 8.75 -14.00 -0.38
CA LYS A 28 9.38 -15.02 -1.21
C LYS A 28 9.31 -14.61 -2.69
N ASN A 29 10.21 -15.18 -3.51
CA ASN A 29 10.29 -14.87 -4.95
C ASN A 29 9.09 -15.46 -5.72
N GLU A 30 8.34 -16.37 -5.08
CA GLU A 30 7.17 -17.02 -5.68
C GLU A 30 5.97 -16.04 -5.74
N TRP A 31 6.11 -14.83 -5.19
CA TRP A 31 5.04 -13.84 -5.10
C TRP A 31 5.53 -12.50 -5.65
N ALA A 32 4.94 -12.04 -6.77
CA ALA A 32 5.26 -10.77 -7.39
C ALA A 32 4.06 -10.25 -8.21
N TYR A 33 4.12 -8.96 -8.62
CA TYR A 33 3.04 -8.36 -9.39
C TYR A 33 3.52 -7.12 -10.15
N PHE A 34 2.54 -6.40 -10.74
CA PHE A 34 2.77 -5.28 -11.64
C PHE A 34 1.51 -4.37 -11.68
N ASP A 35 1.53 -3.31 -12.50
CA ASP A 35 0.44 -2.36 -12.59
C ASP A 35 -0.82 -2.99 -13.23
N ILE A 36 -1.91 -2.20 -13.29
CA ILE A 36 -3.19 -2.61 -13.85
C ILE A 36 -3.70 -1.49 -14.77
N TYR A 37 -4.02 -1.83 -16.02
CA TYR A 37 -4.48 -0.84 -17.00
C TYR A 37 -5.93 -0.40 -16.74
N SER A 38 -6.84 -1.36 -16.44
CA SER A 38 -8.24 -1.06 -16.18
C SER A 38 -8.82 -1.99 -15.11
N LEU A 39 -9.97 -1.58 -14.53
CA LEU A 39 -10.66 -2.30 -13.48
C LEU A 39 -12.19 -2.29 -13.67
N THR A 40 -12.67 -1.62 -14.74
CA THR A 40 -14.10 -1.52 -15.03
C THR A 40 -14.43 -2.18 -16.38
N GLU A 41 -13.40 -2.42 -17.22
CA GLU A 41 -13.53 -3.17 -18.46
C GLU A 41 -13.32 -4.66 -18.15
N PRO A 42 -14.34 -5.53 -18.36
CA PRO A 42 -14.25 -6.96 -18.08
C PRO A 42 -13.32 -7.68 -19.08
N GLU A 43 -12.90 -6.99 -20.15
CA GLU A 43 -11.92 -7.50 -21.10
C GLU A 43 -10.54 -7.63 -20.41
N LEU A 44 -10.29 -6.79 -19.38
CA LEU A 44 -9.07 -6.82 -18.61
C LEU A 44 -9.15 -7.97 -17.57
N LEU A 45 -10.33 -8.15 -16.94
CA LEU A 45 -10.53 -9.16 -15.90
C LEU A 45 -10.39 -10.60 -16.46
N ALA A 46 -10.57 -10.78 -17.78
CA ALA A 46 -10.46 -12.08 -18.43
C ALA A 46 -8.99 -12.57 -18.51
N PHE A 47 -8.02 -11.71 -18.17
CA PHE A 47 -6.59 -12.00 -18.27
C PHE A 47 -5.97 -12.26 -16.87
N LEU A 48 -6.73 -12.03 -15.79
CA LEU A 48 -6.30 -12.33 -14.41
C LEU A 48 -6.26 -13.86 -14.21
N PRO A 49 -5.07 -14.45 -13.97
CA PRO A 49 -4.94 -15.88 -13.74
C PRO A 49 -5.47 -16.23 -12.33
N ARG A 50 -4.62 -16.08 -11.31
CA ARG A 50 -4.99 -16.25 -9.91
C ARG A 50 -5.61 -14.93 -9.37
N PRO A 51 -6.30 -14.99 -8.21
CA PRO A 51 -6.90 -13.81 -7.59
C PRO A 51 -5.83 -12.90 -6.98
N VAL A 52 -6.22 -11.65 -6.75
CA VAL A 52 -5.37 -10.60 -6.17
C VAL A 52 -5.39 -10.75 -4.63
N LYS A 53 -4.28 -10.37 -3.98
CA LYS A 53 -4.10 -10.45 -2.53
C LYS A 53 -4.26 -9.07 -1.86
N ALA A 54 -3.81 -7.99 -2.54
CA ALA A 54 -3.90 -6.63 -2.02
C ALA A 54 -4.00 -5.61 -3.16
N ILE A 55 -4.35 -4.36 -2.80
CA ILE A 55 -4.53 -3.26 -3.76
C ILE A 55 -3.74 -2.05 -3.24
N VAL A 56 -3.07 -1.33 -4.16
CA VAL A 56 -2.24 -0.18 -3.86
C VAL A 56 -2.50 0.91 -4.91
N LEU A 57 -3.30 1.93 -4.55
CA LEU A 57 -3.69 3.01 -5.46
C LEU A 57 -2.80 4.24 -5.24
N LEU A 58 -2.00 4.58 -6.26
CA LEU A 58 -1.25 5.83 -6.30
C LEU A 58 -2.18 6.94 -6.77
N PHE A 59 -2.69 7.76 -5.84
CA PHE A 59 -3.61 8.85 -6.16
C PHE A 59 -3.25 10.09 -5.32
N PRO A 60 -3.05 11.27 -5.95
CA PRO A 60 -2.59 12.48 -5.28
C PRO A 60 -3.67 13.08 -4.36
N ILE A 61 -3.23 13.55 -3.18
CA ILE A 61 -4.07 14.27 -2.23
C ILE A 61 -4.10 15.76 -2.62
N ASN A 62 -5.13 16.15 -3.40
CA ASN A 62 -5.28 17.51 -3.92
C ASN A 62 -6.03 18.39 -2.89
N GLU A 63 -6.14 19.69 -3.20
CA GLU A 63 -6.80 20.66 -2.31
C GLU A 63 -8.32 20.51 -2.38
N ASP A 64 -8.91 19.90 -1.34
CA ASP A 64 -10.36 19.86 -0.98
C ASP A 64 -10.94 18.47 -1.21
N ARG A 65 -10.53 17.50 -0.36
CA ARG A 65 -10.96 16.10 -0.45
C ARG A 65 -12.44 15.97 -0.04
N LYS A 66 -13.33 16.00 -1.04
CA LYS A 66 -14.76 15.77 -0.84
C LYS A 66 -15.01 14.28 -0.66
N SER A 67 -15.34 13.87 0.59
CA SER A 67 -15.66 12.51 1.08
C SER A 67 -14.90 12.20 2.41
N SER A 68 -14.05 13.14 2.87
CA SER A 68 -13.35 13.02 4.15
C SER A 68 -14.37 13.06 5.29
N THR A 69 -14.62 11.88 5.90
CA THR A 69 -15.63 11.69 6.95
C THR A 69 -15.09 10.78 8.07
N SER A 70 -13.76 10.60 8.13
CA SER A 70 -13.09 9.76 9.15
C SER A 70 -13.47 10.23 10.56
N GLN A 71 -13.39 9.31 11.53
CA GLN A 71 -13.79 9.58 12.92
C GLN A 71 -12.94 8.77 13.91
N GLN A 72 -13.10 9.09 15.20
CA GLN A 72 -12.44 8.40 16.30
C GLN A 72 -12.99 6.97 16.41
N ILE A 73 -12.09 5.97 16.38
CA ILE A 73 -12.47 4.55 16.49
C ILE A 73 -11.52 3.82 17.44
N THR A 74 -11.90 2.59 17.81
CA THR A 74 -11.10 1.74 18.70
C THR A 74 -9.87 1.16 17.95
N SER A 75 -9.90 1.17 16.60
CA SER A 75 -8.82 0.68 15.72
C SER A 75 -8.54 -0.83 15.91
N SER A 76 -9.34 -1.52 16.73
CA SER A 76 -9.19 -2.96 17.02
C SER A 76 -9.82 -3.83 15.90
N TYR A 77 -9.99 -3.25 14.69
CA TYR A 77 -10.58 -3.93 13.54
C TYR A 77 -9.78 -5.19 13.14
N ASP A 78 -10.35 -5.97 12.20
CA ASP A 78 -9.75 -7.19 11.66
C ASP A 78 -8.51 -6.89 10.80
N VAL A 79 -8.13 -5.60 10.67
CA VAL A 79 -6.98 -5.16 9.89
C VAL A 79 -5.98 -4.42 10.78
N ILE A 80 -4.69 -4.72 10.61
CA ILE A 80 -3.59 -4.06 11.32
C ILE A 80 -3.37 -2.66 10.69
N TRP A 81 -2.83 -1.72 11.47
CA TRP A 81 -2.59 -0.37 10.98
C TRP A 81 -1.34 0.23 11.65
N PHE A 82 -0.70 1.19 10.95
CA PHE A 82 0.42 1.95 11.48
C PHE A 82 0.35 3.41 10.99
N LYS A 83 1.02 4.31 11.72
CA LYS A 83 1.14 5.72 11.37
C LYS A 83 2.39 5.93 10.51
N GLN A 84 2.23 6.54 9.34
CA GLN A 84 3.35 6.87 8.45
C GLN A 84 3.91 8.25 8.79
N SER A 85 5.24 8.39 8.69
CA SER A 85 5.93 9.66 8.99
C SER A 85 7.17 9.84 8.10
N VAL A 86 7.62 8.76 7.43
CA VAL A 86 8.79 8.79 6.56
C VAL A 86 8.39 9.23 5.14
N LYS A 87 8.64 10.51 4.83
CA LYS A 87 8.36 11.09 3.52
C LYS A 87 9.47 10.71 2.51
N ASN A 88 10.67 10.35 3.02
CA ASN A 88 11.82 10.00 2.18
C ASN A 88 11.58 8.68 1.43
N ALA A 89 10.65 7.84 1.93
CA ALA A 89 10.27 6.60 1.29
C ALA A 89 8.78 6.35 1.55
N CYS A 90 7.95 6.84 0.62
CA CYS A 90 6.48 6.74 0.70
C CYS A 90 6.02 5.34 0.29
N GLY A 91 6.80 4.67 -0.59
CA GLY A 91 6.54 3.31 -1.00
C GLY A 91 7.00 2.32 0.07
N LEU A 92 7.94 2.74 0.93
CA LEU A 92 8.40 1.92 2.04
C LEU A 92 7.29 1.77 3.08
N TYR A 93 6.54 2.86 3.38
CA TYR A 93 5.46 2.74 4.38
C TYR A 93 4.19 2.11 3.77
N ALA A 94 4.00 2.26 2.45
CA ALA A 94 2.78 1.82 1.78
C ALA A 94 2.76 0.31 1.59
N ILE A 95 3.86 -0.26 1.06
CA ILE A 95 3.96 -1.69 0.79
C ILE A 95 4.13 -2.48 2.11
N LEU A 96 4.54 -1.81 3.21
CA LEU A 96 4.61 -2.42 4.54
C LEU A 96 3.21 -2.89 4.95
N HIS A 97 2.18 -2.06 4.71
CA HIS A 97 0.79 -2.40 5.00
C HIS A 97 0.36 -3.65 4.23
N SER A 98 0.66 -3.69 2.92
CA SER A 98 0.23 -4.79 2.04
C SER A 98 0.89 -6.13 2.43
N LEU A 99 2.11 -6.07 3.00
CA LEU A 99 2.84 -7.26 3.42
C LEU A 99 2.28 -7.80 4.74
N SER A 100 1.85 -6.90 5.64
CA SER A 100 1.35 -7.26 6.96
C SER A 100 -0.15 -7.61 6.91
N ASN A 101 -0.84 -7.33 5.79
CA ASN A 101 -2.22 -7.76 5.55
C ASN A 101 -2.23 -9.12 4.80
N ASN A 102 -1.04 -9.64 4.45
CA ASN A 102 -0.90 -10.91 3.76
C ASN A 102 0.27 -11.69 4.40
N GLN A 103 0.11 -11.99 5.70
CA GLN A 103 1.09 -12.74 6.49
C GLN A 103 1.25 -14.18 5.97
N SER A 104 0.32 -14.63 5.11
CA SER A 104 0.27 -15.99 4.59
C SER A 104 1.39 -16.28 3.56
N LEU A 105 2.02 -15.22 3.01
CA LEU A 105 2.97 -15.35 1.90
C LEU A 105 4.42 -15.12 2.36
N LEU A 106 4.63 -14.79 3.64
CA LEU A 106 5.96 -14.52 4.21
C LEU A 106 6.80 -15.81 4.19
N GLU A 107 8.12 -15.64 4.16
CA GLU A 107 9.06 -16.72 4.41
C GLU A 107 9.17 -16.91 5.94
N PRO A 108 9.26 -18.16 6.45
CA PRO A 108 9.33 -18.42 7.88
C PRO A 108 10.63 -17.90 8.48
N GLY A 109 10.54 -16.77 9.20
CA GLY A 109 11.70 -16.14 9.85
C GLY A 109 12.14 -14.85 9.12
N SER A 110 11.29 -14.31 8.23
CA SER A 110 11.64 -13.17 7.38
C SER A 110 11.76 -11.87 8.19
N ASP A 111 12.15 -10.77 7.52
CA ASP A 111 12.34 -9.48 8.14
C ASP A 111 10.99 -8.86 8.59
N LEU A 112 9.88 -9.28 7.95
CA LEU A 112 8.53 -8.88 8.36
C LEU A 112 8.09 -9.73 9.57
N ASP A 113 8.52 -11.00 9.61
CA ASP A 113 8.19 -11.90 10.72
C ASP A 113 8.88 -11.44 12.01
N ASN A 114 10.06 -10.81 11.90
CA ASN A 114 10.74 -10.17 13.03
C ASN A 114 9.97 -8.92 13.50
N PHE A 115 9.49 -8.10 12.53
CA PHE A 115 8.81 -6.84 12.80
C PHE A 115 7.46 -7.07 13.51
N LEU A 116 6.78 -8.18 13.19
CA LEU A 116 5.49 -8.53 13.80
C LEU A 116 5.73 -9.11 15.21
N LYS A 117 6.79 -9.92 15.36
CA LYS A 117 7.16 -10.53 16.64
C LYS A 117 7.64 -9.48 17.65
N SER A 118 8.11 -8.32 17.16
CA SER A 118 8.58 -7.22 18.00
C SER A 118 7.41 -6.60 18.81
N GLN A 119 6.16 -6.89 18.41
CA GLN A 119 4.96 -6.41 19.10
C GLN A 119 4.22 -7.58 19.79
N SER A 120 4.54 -8.82 19.39
CA SER A 120 4.01 -10.03 20.04
C SER A 120 4.68 -10.22 21.40
N ASP A 121 6.00 -9.95 21.48
CA ASP A 121 6.78 -10.12 22.68
C ASP A 121 6.46 -9.03 23.71
N THR A 122 6.10 -7.82 23.24
CA THR A 122 5.65 -6.73 24.10
C THR A 122 4.16 -6.95 24.44
N SER A 123 3.71 -6.41 25.59
CA SER A 123 2.32 -6.51 26.02
C SER A 123 1.40 -5.59 25.17
N SER A 124 1.99 -4.69 24.38
CA SER A 124 1.26 -3.75 23.53
C SER A 124 0.57 -4.47 22.36
N SER A 125 -0.31 -3.74 21.67
CA SER A 125 -0.98 -4.22 20.46
C SER A 125 -0.04 -4.14 19.24
N LYS A 126 -0.55 -4.56 18.08
CA LYS A 126 0.14 -4.42 16.80
C LYS A 126 -0.69 -3.56 15.83
N ASN A 127 -1.99 -3.39 16.12
CA ASN A 127 -2.94 -2.61 15.32
C ASN A 127 -2.66 -1.10 15.41
N ARG A 128 -1.66 -0.71 16.21
CA ARG A 128 -1.27 0.69 16.40
C ARG A 128 0.25 0.83 16.23
N PHE A 129 0.70 2.09 16.10
CA PHE A 129 2.11 2.44 16.01
C PHE A 129 2.49 3.30 17.22
N ASP A 130 2.67 2.66 18.38
CA ASP A 130 3.01 3.35 19.64
C ASP A 130 4.09 2.58 20.43
N ASP A 131 4.35 1.32 20.05
CA ASP A 131 5.42 0.52 20.64
C ASP A 131 6.76 1.05 20.12
N VAL A 132 7.65 1.45 21.04
CA VAL A 132 8.91 2.11 20.69
C VAL A 132 9.88 1.18 19.93
N THR A 133 9.67 -0.15 20.02
CA THR A 133 10.50 -1.14 19.31
C THR A 133 10.13 -1.18 17.82
N THR A 134 8.87 -0.84 17.50
CA THR A 134 8.35 -0.84 16.13
C THR A 134 8.84 0.44 15.41
N ASP A 135 8.83 1.58 16.12
CA ASP A 135 9.29 2.86 15.58
C ASP A 135 10.80 2.84 15.31
N GLN A 136 11.56 2.11 16.13
CA GLN A 136 12.99 2.00 15.96
C GLN A 136 13.32 1.23 14.67
N PHE A 137 12.50 0.21 14.35
CA PHE A 137 12.75 -0.67 13.22
C PHE A 137 12.40 0.01 11.89
N VAL A 138 11.42 0.92 11.88
CA VAL A 138 11.05 1.67 10.66
C VAL A 138 12.22 2.54 10.22
N LEU A 139 12.91 3.17 11.18
CA LEU A 139 14.06 4.03 10.89
C LEU A 139 15.27 3.19 10.40
N ASN A 140 15.35 1.90 10.76
CA ASN A 140 16.48 1.06 10.39
C ASN A 140 16.40 0.60 8.92
N VAL A 141 15.19 0.30 8.42
CA VAL A 141 15.02 -0.21 7.06
C VAL A 141 15.38 0.87 6.03
N ILE A 142 14.86 2.09 6.22
CA ILE A 142 15.05 3.20 5.28
C ILE A 142 16.52 3.67 5.26
N LYS A 143 17.28 3.45 6.35
CA LYS A 143 18.66 3.92 6.48
C LYS A 143 19.59 3.18 5.49
N GLU A 144 19.29 1.91 5.18
CA GLU A 144 20.10 1.09 4.29
C GLU A 144 19.76 1.31 2.79
N ASN A 145 18.72 2.11 2.49
CA ASN A 145 18.30 2.36 1.12
C ASN A 145 18.55 3.84 0.74
N VAL A 146 18.51 4.75 1.72
CA VAL A 146 18.81 6.16 1.51
C VAL A 146 20.35 6.37 1.38
N GLN A 147 21.14 5.29 1.62
CA GLN A 147 22.58 5.30 1.50
C GLN A 147 22.98 5.18 0.02
N THR A 148 22.87 6.29 -0.73
CA THR A 148 23.32 6.44 -2.12
C THR A 148 22.81 5.29 -3.04
N PHE A 149 21.65 4.68 -2.70
CA PHE A 149 21.13 3.53 -3.46
C PHE A 149 19.60 3.64 -3.60
N SER A 150 19.12 4.65 -4.33
CA SER A 150 17.72 4.75 -4.74
C SER A 150 17.42 3.69 -5.81
N THR A 151 16.14 3.53 -6.16
CA THR A 151 15.71 2.56 -7.17
C THR A 151 14.51 3.08 -7.98
N GLY A 152 13.76 4.05 -7.43
CA GLY A 152 12.69 4.74 -8.16
C GLY A 152 13.27 5.84 -9.06
N GLN A 153 14.53 6.24 -8.82
CA GLN A 153 15.28 7.21 -9.61
C GLN A 153 16.73 6.73 -9.74
N SER A 154 17.56 7.51 -10.46
CA SER A 154 18.96 7.20 -10.72
C SER A 154 19.85 8.45 -10.54
N GLU A 155 19.29 9.52 -9.95
CA GLU A 155 19.97 10.80 -9.78
C GLU A 155 19.97 11.23 -8.28
N ALA A 156 19.65 10.29 -7.38
CA ALA A 156 19.67 10.49 -5.93
C ALA A 156 18.82 11.71 -5.49
N PRO A 157 17.48 11.57 -5.46
CA PRO A 157 16.56 12.63 -5.07
C PRO A 157 16.56 12.85 -3.55
N GLU A 158 15.81 13.87 -3.09
CA GLU A 158 15.65 14.20 -1.66
C GLU A 158 14.27 13.75 -1.17
N ALA A 159 13.28 13.70 -2.08
CA ALA A 159 11.92 13.23 -1.81
C ALA A 159 11.28 12.78 -3.13
N THR A 160 9.97 12.46 -3.11
CA THR A 160 9.23 12.19 -4.34
C THR A 160 9.26 13.45 -5.22
N ALA A 161 9.30 13.26 -6.56
CA ALA A 161 9.38 14.36 -7.51
C ALA A 161 8.15 15.31 -7.41
N ASP A 162 7.06 14.81 -6.84
CA ASP A 162 5.85 15.57 -6.55
C ASP A 162 5.26 15.03 -5.24
N THR A 163 5.43 15.79 -4.16
CA THR A 163 4.91 15.44 -2.83
C THR A 163 3.35 15.42 -2.83
N ASN A 164 2.73 15.94 -3.90
CA ASN A 164 1.28 15.96 -4.09
C ASN A 164 0.72 14.53 -4.20
N LEU A 165 1.54 13.56 -4.67
CA LEU A 165 1.15 12.15 -4.74
C LEU A 165 0.96 11.60 -3.33
N HIS A 166 -0.09 10.79 -3.13
CA HIS A 166 -0.39 10.20 -1.83
C HIS A 166 -0.59 8.69 -1.96
N TYR A 167 0.31 7.92 -1.34
CA TYR A 167 0.30 6.49 -1.38
C TYR A 167 -0.78 5.97 -0.41
N ILE A 168 -1.69 5.12 -0.93
CA ILE A 168 -2.77 4.51 -0.13
C ILE A 168 -2.81 3.00 -0.40
N THR A 169 -3.25 2.22 0.61
CA THR A 169 -3.37 0.77 0.53
C THR A 169 -4.80 0.35 0.93
N TYR A 170 -5.28 -0.76 0.37
CA TYR A 170 -6.62 -1.29 0.62
C TYR A 170 -6.56 -2.83 0.62
N VAL A 171 -6.80 -3.45 1.78
CA VAL A 171 -6.86 -4.92 1.89
C VAL A 171 -8.05 -5.32 2.78
N GLU A 172 -8.45 -6.60 2.72
CA GLU A 172 -9.71 -7.11 3.27
C GLU A 172 -9.46 -8.29 4.22
N GLU A 173 -10.40 -8.49 5.15
CA GLU A 173 -10.38 -9.60 6.11
C GLU A 173 -11.81 -9.80 6.65
N ASN A 174 -12.12 -11.02 7.11
CA ASN A 174 -13.38 -11.38 7.75
C ASN A 174 -14.62 -11.14 6.84
N GLY A 175 -14.40 -11.01 5.52
CA GLY A 175 -15.47 -10.87 4.54
C GLY A 175 -15.78 -9.42 4.19
N GLY A 176 -14.92 -8.46 4.59
CA GLY A 176 -15.13 -7.05 4.33
C GLY A 176 -13.82 -6.33 4.01
N ILE A 177 -13.90 -5.34 3.12
CA ILE A 177 -12.76 -4.54 2.66
C ILE A 177 -12.57 -3.31 3.59
N PHE A 178 -11.29 -2.90 3.74
CA PHE A 178 -10.88 -1.78 4.60
C PHE A 178 -10.00 -0.80 3.80
N GLU A 179 -9.56 0.27 4.48
CA GLU A 179 -8.66 1.30 3.94
C GLU A 179 -7.52 1.52 4.95
N LEU A 180 -6.31 1.77 4.43
CA LEU A 180 -5.10 1.94 5.22
C LEU A 180 -4.47 3.30 4.87
N ASP A 181 -4.60 4.26 5.79
CA ASP A 181 -3.96 5.56 5.71
C ASP A 181 -3.32 5.89 7.04
N GLY A 182 -1.98 5.86 7.09
CA GLY A 182 -1.23 6.30 8.27
C GLY A 182 -1.36 7.82 8.48
N ARG A 183 -1.81 8.54 7.44
CA ARG A 183 -2.08 9.97 7.49
C ARG A 183 -3.43 10.23 8.21
N ASN A 184 -4.26 9.18 8.38
CA ASN A 184 -5.50 9.23 9.16
C ASN A 184 -5.20 8.67 10.55
N LEU A 185 -4.89 9.57 11.49
CA LEU A 185 -4.35 9.23 12.82
C LEU A 185 -5.31 8.35 13.65
N SER A 186 -6.60 8.33 13.30
CA SER A 186 -7.61 7.60 14.08
C SER A 186 -7.52 6.07 13.89
N GLY A 187 -6.71 5.59 12.92
CA GLY A 187 -6.60 4.17 12.61
C GLY A 187 -7.06 3.88 11.19
N PRO A 188 -7.39 2.61 10.87
CA PRO A 188 -7.92 2.20 9.58
C PRO A 188 -9.36 2.72 9.40
N LEU A 189 -9.96 2.46 8.23
CA LEU A 189 -11.30 2.94 7.92
C LEU A 189 -12.06 1.87 7.12
N TYR A 190 -13.02 1.20 7.79
CA TYR A 190 -13.82 0.15 7.16
C TYR A 190 -14.73 0.75 6.08
N LEU A 191 -15.00 -0.04 5.03
CA LEU A 191 -15.76 0.40 3.85
C LEU A 191 -17.02 -0.46 3.63
N GLY A 192 -17.13 -1.60 4.32
CA GLY A 192 -18.31 -2.47 4.24
C GLY A 192 -17.94 -3.87 3.75
N LYS A 193 -18.93 -4.76 3.68
CA LYS A 193 -18.75 -6.13 3.21
C LYS A 193 -18.39 -6.12 1.72
N SER A 194 -17.45 -6.98 1.33
CA SER A 194 -17.02 -7.10 -0.07
C SER A 194 -18.19 -7.56 -0.96
N ASP A 195 -18.13 -7.24 -2.26
CA ASP A 195 -19.18 -7.60 -3.21
C ASP A 195 -19.12 -9.10 -3.53
N PRO A 196 -20.28 -9.79 -3.59
CA PRO A 196 -20.37 -11.21 -3.89
C PRO A 196 -20.27 -11.49 -5.41
N THR A 197 -20.17 -10.43 -6.24
CA THR A 197 -20.16 -10.55 -7.70
C THR A 197 -18.78 -10.21 -8.30
N ALA A 198 -17.80 -9.83 -7.47
CA ALA A 198 -16.46 -9.49 -7.93
C ALA A 198 -15.75 -10.73 -8.49
N THR A 199 -14.70 -10.50 -9.31
CA THR A 199 -13.86 -11.57 -9.85
C THR A 199 -12.89 -12.04 -8.77
N ASP A 200 -12.30 -11.08 -8.02
CA ASP A 200 -11.38 -11.39 -6.92
C ASP A 200 -11.44 -10.29 -5.85
N LEU A 201 -11.04 -9.06 -6.20
CA LEU A 201 -10.97 -7.93 -5.25
C LEU A 201 -11.18 -6.61 -5.97
N ILE A 202 -10.42 -6.37 -7.06
CA ILE A 202 -10.39 -5.08 -7.74
C ILE A 202 -11.75 -4.84 -8.46
N GLU A 203 -12.49 -5.91 -8.75
CA GLU A 203 -13.75 -5.84 -9.48
C GLU A 203 -14.91 -5.43 -8.55
N GLN A 204 -14.66 -5.30 -7.24
CA GLN A 204 -15.66 -4.83 -6.27
C GLN A 204 -16.12 -3.42 -6.65
N GLU A 205 -17.38 -3.09 -6.30
CA GLU A 205 -17.91 -1.75 -6.47
C GLU A 205 -17.34 -0.79 -5.41
N LEU A 206 -16.98 -1.33 -4.22
CA LEU A 206 -16.54 -0.49 -3.10
C LEU A 206 -15.17 0.15 -3.37
N VAL A 207 -14.31 -0.50 -4.17
CA VAL A 207 -13.00 0.07 -4.51
C VAL A 207 -13.10 1.03 -5.70
N ARG A 208 -14.12 0.85 -6.56
CA ARG A 208 -14.29 1.67 -7.75
C ARG A 208 -14.98 3.02 -7.41
N VAL A 209 -15.81 3.07 -6.35
CA VAL A 209 -16.42 4.33 -5.92
C VAL A 209 -15.43 5.15 -5.08
N ARG A 210 -14.48 4.49 -4.40
CA ARG A 210 -13.50 5.15 -3.55
C ARG A 210 -12.47 5.89 -4.39
N VAL A 211 -11.94 5.24 -5.44
CA VAL A 211 -10.93 5.85 -6.29
C VAL A 211 -11.55 6.96 -7.16
N ALA A 212 -12.84 6.82 -7.52
CA ALA A 212 -13.56 7.83 -8.29
C ALA A 212 -13.98 9.02 -7.42
N SER A 213 -14.04 8.84 -6.09
CA SER A 213 -14.44 9.90 -5.17
C SER A 213 -13.35 10.97 -5.03
N TYR A 214 -12.08 10.56 -5.16
CA TYR A 214 -10.95 11.50 -5.13
C TYR A 214 -10.85 12.27 -6.47
N MET A 215 -11.44 11.72 -7.54
CA MET A 215 -11.43 12.35 -8.85
C MET A 215 -12.45 13.51 -8.93
N GLU A 216 -13.45 13.52 -8.03
CA GLU A 216 -14.45 14.58 -7.97
C GLU A 216 -13.84 15.90 -7.44
N ASN A 217 -12.64 15.85 -6.85
CA ASN A 217 -11.94 17.02 -6.32
C ASN A 217 -10.57 17.22 -6.99
N ALA A 218 -10.05 16.20 -7.71
CA ALA A 218 -8.81 16.33 -8.48
C ALA A 218 -9.08 17.16 -9.74
N ASN A 219 -8.01 17.78 -10.27
CA ASN A 219 -8.07 18.53 -11.52
C ASN A 219 -7.94 17.56 -12.71
N GLU A 220 -8.28 18.03 -13.92
CA GLU A 220 -8.19 17.23 -15.14
C GLU A 220 -6.73 16.99 -15.56
N GLU A 221 -5.79 17.84 -15.08
CA GLU A 221 -4.36 17.67 -15.30
C GLU A 221 -3.73 16.80 -14.19
N ASP A 222 -4.38 16.72 -13.02
CA ASP A 222 -3.85 16.02 -11.84
C ASP A 222 -4.05 14.49 -11.97
N VAL A 223 -5.07 14.05 -12.72
CA VAL A 223 -5.34 12.62 -12.97
C VAL A 223 -4.33 11.98 -13.94
N LEU A 224 -3.41 12.78 -14.52
CA LEU A 224 -2.34 12.24 -15.38
C LEU A 224 -1.26 11.53 -14.53
N ASN A 225 -1.39 11.55 -13.20
CA ASN A 225 -0.45 10.89 -12.29
C ASN A 225 -1.15 9.76 -11.52
N PHE A 226 -2.45 9.56 -11.78
CA PHE A 226 -3.23 8.47 -11.20
C PHE A 226 -2.83 7.15 -11.86
N ALA A 227 -2.25 6.24 -11.06
CA ALA A 227 -1.84 4.92 -11.49
C ALA A 227 -2.38 3.86 -10.52
N MET A 228 -2.25 2.57 -10.90
CA MET A 228 -2.88 1.47 -10.19
C MET A 228 -1.89 0.31 -10.09
N LEU A 229 -1.46 -0.02 -8.86
CA LEU A 229 -0.51 -1.11 -8.58
C LEU A 229 -1.24 -2.18 -7.74
N GLY A 230 -0.72 -3.42 -7.73
CA GLY A 230 -1.38 -4.53 -7.04
C GLY A 230 -0.39 -5.59 -6.57
N LEU A 231 -0.91 -6.65 -5.95
CA LEU A 231 -0.15 -7.78 -5.43
C LEU A 231 -0.80 -9.11 -5.85
N GLY A 232 0.00 -10.03 -6.41
CA GLY A 232 -0.44 -11.36 -6.77
C GLY A 232 0.75 -12.33 -6.75
N PRO A 233 0.56 -13.58 -7.22
CA PRO A 233 1.63 -14.54 -7.37
C PRO A 233 2.53 -14.17 -8.56
N ASN A 234 3.81 -14.54 -8.46
CA ASN A 234 4.79 -14.37 -9.54
C ASN A 234 4.40 -15.25 -10.74
N TRP A 235 4.95 -14.91 -11.92
CA TRP A 235 4.69 -15.60 -13.16
C TRP A 235 6.00 -15.92 -13.88
N GLU A 236 5.90 -16.79 -14.89
CA GLU A 236 6.99 -17.25 -15.75
C GLU A 236 8.24 -17.62 -14.91
N MET A 1 31.20 2.50 -11.77
CA MET A 1 30.99 3.34 -12.97
C MET A 1 29.52 3.28 -13.42
N SER A 2 28.97 2.08 -13.59
CA SER A 2 27.58 1.86 -13.94
C SER A 2 26.69 2.01 -12.69
N GLY A 3 25.37 1.96 -12.89
CA GLY A 3 24.41 2.02 -11.81
C GLY A 3 24.30 0.64 -11.16
N GLU A 4 23.54 -0.27 -11.80
CA GLU A 4 23.46 -1.67 -11.39
C GLU A 4 24.77 -2.40 -11.73
N ASN A 5 24.83 -3.69 -11.39
CA ASN A 5 26.00 -4.54 -11.62
C ASN A 5 26.23 -4.81 -13.13
N ARG A 6 25.28 -4.42 -13.99
CA ARG A 6 25.34 -4.66 -15.43
C ARG A 6 25.50 -3.31 -16.16
N ALA A 7 24.52 -2.41 -16.04
CA ALA A 7 24.54 -1.08 -16.65
C ALA A 7 23.70 -0.11 -15.82
N VAL A 8 23.82 1.20 -16.11
CA VAL A 8 23.05 2.22 -15.42
C VAL A 8 21.61 2.27 -15.95
N VAL A 9 20.64 2.49 -15.05
CA VAL A 9 19.23 2.69 -15.38
C VAL A 9 18.66 3.77 -14.44
N PRO A 10 17.59 4.48 -14.87
CA PRO A 10 16.89 5.43 -14.01
C PRO A 10 16.03 4.67 -12.99
N ILE A 11 15.53 5.39 -11.97
CA ILE A 11 14.60 4.82 -11.00
C ILE A 11 13.25 4.59 -11.70
N GLU A 12 12.88 3.30 -11.84
CA GLU A 12 11.64 2.86 -12.44
C GLU A 12 10.45 3.30 -11.56
N SER A 13 9.23 3.23 -12.12
CA SER A 13 7.99 3.46 -11.41
C SER A 13 7.78 2.43 -10.27
N ASN A 14 6.69 2.61 -9.51
CA ASN A 14 6.43 1.85 -8.28
C ASN A 14 6.37 0.29 -8.40
N PRO A 15 6.02 -0.35 -9.56
CA PRO A 15 5.97 -1.83 -9.62
C PRO A 15 7.33 -2.47 -9.30
N GLU A 16 8.41 -2.04 -9.98
CA GLU A 16 9.74 -2.59 -9.79
C GLU A 16 10.24 -2.30 -8.36
N VAL A 17 9.89 -1.12 -7.82
CA VAL A 17 10.34 -0.68 -6.51
C VAL A 17 9.70 -1.50 -5.39
N PHE A 18 8.50 -2.09 -5.62
CA PHE A 18 7.84 -2.93 -4.62
C PHE A 18 8.67 -4.19 -4.34
N THR A 19 9.25 -4.78 -5.40
CA THR A 19 10.06 -5.98 -5.27
C THR A 19 11.43 -5.65 -4.62
N ASN A 20 11.93 -4.42 -4.82
CA ASN A 20 13.24 -4.03 -4.29
C ASN A 20 13.16 -3.78 -2.78
N PHE A 21 11.99 -3.33 -2.28
CA PHE A 21 11.77 -3.15 -0.85
C PHE A 21 11.41 -4.50 -0.19
N ALA A 22 10.31 -5.12 -0.63
CA ALA A 22 9.66 -6.20 0.11
C ALA A 22 10.46 -7.50 0.11
N HIS A 23 11.28 -7.75 -0.92
CA HIS A 23 12.07 -8.99 -0.98
C HIS A 23 13.17 -9.00 0.10
N LYS A 24 13.60 -7.82 0.56
CA LYS A 24 14.56 -7.68 1.66
C LYS A 24 13.87 -7.90 3.02
N LEU A 25 12.53 -7.80 3.07
CA LEU A 25 11.75 -8.00 4.30
C LEU A 25 11.31 -9.47 4.46
N GLY A 26 11.41 -10.30 3.40
CA GLY A 26 11.10 -11.73 3.48
C GLY A 26 9.98 -12.16 2.50
N LEU A 27 9.54 -11.25 1.60
CA LEU A 27 8.50 -11.52 0.61
C LEU A 27 8.99 -12.64 -0.36
N LYS A 28 8.12 -13.63 -0.65
CA LYS A 28 8.53 -14.89 -1.33
C LYS A 28 8.78 -14.65 -2.85
N ASN A 29 9.17 -15.71 -3.56
CA ASN A 29 9.26 -15.69 -5.02
C ASN A 29 7.89 -15.99 -5.67
N GLU A 30 6.90 -16.46 -4.87
CA GLU A 30 5.63 -16.99 -5.40
C GLU A 30 4.60 -15.89 -5.74
N TRP A 31 4.83 -14.63 -5.33
CA TRP A 31 3.95 -13.53 -5.74
C TRP A 31 4.73 -12.22 -5.94
N ALA A 32 4.21 -11.37 -6.83
CA ALA A 32 4.81 -10.11 -7.25
C ALA A 32 3.73 -9.14 -7.77
N TYR A 33 4.17 -7.96 -8.24
CA TYR A 33 3.28 -6.90 -8.72
C TYR A 33 2.60 -7.27 -10.05
N PHE A 34 1.57 -6.47 -10.41
CA PHE A 34 0.92 -6.44 -11.72
C PHE A 34 0.43 -5.00 -11.98
N ASP A 35 -0.05 -4.75 -13.21
CA ASP A 35 -0.48 -3.42 -13.64
C ASP A 35 -1.92 -3.49 -14.15
N ILE A 36 -2.88 -3.23 -13.23
CA ILE A 36 -4.31 -3.31 -13.51
C ILE A 36 -4.71 -2.06 -14.30
N TYR A 37 -5.08 -2.26 -15.56
CA TYR A 37 -5.48 -1.19 -16.47
C TYR A 37 -6.78 -0.54 -15.98
N SER A 38 -7.87 -1.31 -15.93
CA SER A 38 -9.18 -0.85 -15.44
C SER A 38 -9.94 -2.01 -14.80
N LEU A 39 -10.92 -1.68 -13.95
CA LEU A 39 -11.85 -2.66 -13.36
C LEU A 39 -13.16 -2.69 -14.16
N THR A 40 -13.52 -1.55 -14.79
CA THR A 40 -14.79 -1.39 -15.50
C THR A 40 -14.74 -1.98 -16.93
N GLU A 41 -13.56 -2.47 -17.36
CA GLU A 41 -13.37 -3.08 -18.67
C GLU A 41 -13.10 -4.58 -18.49
N PRO A 42 -14.12 -5.45 -18.64
CA PRO A 42 -14.00 -6.89 -18.40
C PRO A 42 -13.11 -7.57 -19.46
N GLU A 43 -12.78 -6.86 -20.55
CA GLU A 43 -11.87 -7.37 -21.57
C GLU A 43 -10.46 -7.55 -20.96
N LEU A 44 -10.06 -6.63 -20.05
CA LEU A 44 -8.78 -6.68 -19.37
C LEU A 44 -8.81 -7.65 -18.18
N LEU A 45 -10.01 -7.95 -17.64
CA LEU A 45 -10.16 -8.94 -16.55
C LEU A 45 -10.05 -10.37 -17.10
N ALA A 46 -10.25 -10.56 -18.41
CA ALA A 46 -10.18 -11.88 -19.05
C ALA A 46 -8.74 -12.45 -19.06
N PHE A 47 -7.73 -11.60 -18.76
CA PHE A 47 -6.32 -12.02 -18.74
C PHE A 47 -5.89 -12.54 -17.34
N LEU A 48 -6.77 -12.42 -16.32
CA LEU A 48 -6.47 -12.86 -14.95
C LEU A 48 -6.39 -14.40 -14.89
N PRO A 49 -5.20 -14.97 -14.60
CA PRO A 49 -5.03 -16.41 -14.47
C PRO A 49 -5.51 -16.90 -13.10
N ARG A 50 -5.23 -16.10 -12.05
CA ARG A 50 -5.54 -16.40 -10.66
C ARG A 50 -6.04 -15.10 -9.98
N PRO A 51 -6.67 -15.21 -8.79
CA PRO A 51 -7.16 -14.05 -8.06
C PRO A 51 -6.01 -13.21 -7.47
N VAL A 52 -6.38 -12.05 -6.89
CA VAL A 52 -5.46 -11.08 -6.30
C VAL A 52 -5.70 -11.03 -4.79
N LYS A 53 -4.65 -10.72 -4.00
CA LYS A 53 -4.70 -10.78 -2.53
C LYS A 53 -4.62 -9.39 -1.90
N ALA A 54 -4.15 -8.38 -2.64
CA ALA A 54 -4.18 -6.99 -2.20
C ALA A 54 -4.09 -6.06 -3.41
N ILE A 55 -4.49 -4.81 -3.23
CA ILE A 55 -4.42 -3.79 -4.27
C ILE A 55 -3.83 -2.50 -3.70
N VAL A 56 -3.18 -1.72 -4.57
CA VAL A 56 -2.42 -0.53 -4.20
C VAL A 56 -2.83 0.62 -5.13
N LEU A 57 -2.82 1.86 -4.62
CA LEU A 57 -3.22 3.04 -5.38
C LEU A 57 -2.20 4.17 -5.18
N LEU A 58 -1.91 4.90 -6.26
CA LEU A 58 -1.05 6.08 -6.26
C LEU A 58 -1.87 7.22 -6.85
N PHE A 59 -2.38 8.10 -5.98
CA PHE A 59 -3.26 9.19 -6.38
C PHE A 59 -2.93 10.44 -5.53
N PRO A 60 -2.60 11.58 -6.16
CA PRO A 60 -2.30 12.84 -5.48
C PRO A 60 -3.58 13.46 -4.90
N ILE A 61 -3.79 13.24 -3.60
CA ILE A 61 -4.92 13.80 -2.86
C ILE A 61 -4.63 15.27 -2.52
N ASN A 62 -5.33 16.19 -3.20
CA ASN A 62 -5.24 17.63 -2.94
C ASN A 62 -5.94 17.99 -1.63
N GLU A 63 -5.74 19.25 -1.17
CA GLU A 63 -6.41 19.79 0.02
C GLU A 63 -7.87 20.19 -0.32
N ASP A 64 -8.19 20.36 -1.62
CA ASP A 64 -9.50 20.81 -2.07
C ASP A 64 -10.59 19.79 -1.74
N ARG A 65 -11.55 20.22 -0.90
CA ARG A 65 -12.72 19.43 -0.50
C ARG A 65 -12.32 18.12 0.24
N LYS A 66 -11.05 18.01 0.67
CA LYS A 66 -10.53 16.91 1.46
C LYS A 66 -11.21 16.91 2.84
N SER A 67 -11.96 15.84 3.13
CA SER A 67 -12.69 15.68 4.39
C SER A 67 -12.53 14.24 4.89
N SER A 68 -11.77 14.07 5.99
CA SER A 68 -11.55 12.77 6.64
C SER A 68 -12.85 12.26 7.27
N THR A 69 -13.49 11.30 6.60
CA THR A 69 -14.74 10.69 7.06
C THR A 69 -14.54 9.77 8.28
N SER A 70 -13.28 9.50 8.66
CA SER A 70 -12.95 8.62 9.79
C SER A 70 -13.35 9.25 11.13
N GLN A 71 -13.39 8.41 12.18
CA GLN A 71 -13.72 8.82 13.55
C GLN A 71 -12.98 7.93 14.56
N GLN A 72 -13.23 8.14 15.86
CA GLN A 72 -12.63 7.35 16.94
C GLN A 72 -13.03 5.88 16.80
N ILE A 73 -12.06 5.05 16.38
CA ILE A 73 -12.21 3.62 16.12
C ILE A 73 -12.36 2.83 17.43
N THR A 74 -12.65 1.53 17.28
CA THR A 74 -12.60 0.54 18.36
C THR A 74 -11.12 0.33 18.76
N SER A 75 -10.88 -0.43 19.84
CA SER A 75 -9.52 -0.74 20.29
C SER A 75 -8.75 -1.53 19.21
N SER A 76 -9.45 -2.41 18.48
CA SER A 76 -8.87 -3.23 17.42
C SER A 76 -9.93 -3.59 16.36
N TYR A 77 -9.46 -4.12 15.22
CA TYR A 77 -10.28 -4.70 14.15
C TYR A 77 -9.58 -5.93 13.55
N ASP A 78 -8.40 -6.30 14.09
CA ASP A 78 -7.45 -7.25 13.50
C ASP A 78 -6.87 -6.71 12.16
N VAL A 79 -7.24 -5.48 11.77
CA VAL A 79 -6.67 -4.80 10.61
C VAL A 79 -5.45 -3.99 11.09
N ILE A 80 -4.26 -4.56 10.89
CA ILE A 80 -3.02 -3.89 11.25
C ILE A 80 -2.79 -2.69 10.32
N TRP A 81 -2.20 -1.63 10.89
CA TRP A 81 -1.86 -0.41 10.15
C TRP A 81 -0.55 0.16 10.70
N PHE A 82 0.04 1.11 9.96
CA PHE A 82 1.29 1.75 10.34
C PHE A 82 1.15 3.25 10.17
N LYS A 83 1.28 4.00 11.28
CA LYS A 83 1.18 5.48 11.19
C LYS A 83 2.32 6.04 10.30
N GLN A 84 1.95 6.59 9.15
CA GLN A 84 2.88 7.08 8.14
C GLN A 84 3.38 8.47 8.55
N SER A 85 4.64 8.54 9.01
CA SER A 85 5.25 9.80 9.44
C SER A 85 6.66 9.98 8.83
N VAL A 86 7.31 8.87 8.41
CA VAL A 86 8.62 8.93 7.77
C VAL A 86 8.45 9.34 6.30
N LYS A 87 8.80 10.60 5.98
CA LYS A 87 8.70 11.16 4.64
C LYS A 87 9.71 10.49 3.68
N ASN A 88 10.84 9.98 4.20
CA ASN A 88 11.86 9.29 3.40
C ASN A 88 11.39 7.88 2.98
N ALA A 89 10.17 7.47 3.36
CA ALA A 89 9.72 6.08 3.26
C ALA A 89 8.31 5.95 2.65
N CYS A 90 7.87 6.95 1.86
CA CYS A 90 6.52 6.97 1.29
C CYS A 90 6.25 5.74 0.40
N GLY A 91 7.29 5.20 -0.27
CA GLY A 91 7.16 4.01 -1.11
C GLY A 91 7.32 2.71 -0.31
N LEU A 92 8.11 2.76 0.79
CA LEU A 92 8.32 1.62 1.67
C LEU A 92 7.04 1.33 2.46
N TYR A 93 6.33 2.37 2.90
CA TYR A 93 5.07 2.21 3.63
C TYR A 93 3.94 1.78 2.68
N ALA A 94 4.02 2.16 1.39
CA ALA A 94 2.97 1.83 0.41
C ALA A 94 2.90 0.31 0.19
N ILE A 95 4.06 -0.37 0.17
CA ILE A 95 4.13 -1.82 0.00
C ILE A 95 4.01 -2.56 1.35
N LEU A 96 4.32 -1.89 2.47
CA LEU A 96 4.21 -2.47 3.81
C LEU A 96 2.75 -2.78 4.12
N HIS A 97 1.83 -1.88 3.76
CA HIS A 97 0.42 -1.98 4.12
C HIS A 97 -0.25 -3.20 3.46
N SER A 98 0.25 -3.65 2.29
CA SER A 98 -0.27 -4.86 1.65
C SER A 98 0.49 -6.12 2.14
N LEU A 99 1.75 -5.96 2.53
CA LEU A 99 2.61 -7.06 2.97
C LEU A 99 2.22 -7.54 4.38
N SER A 100 1.81 -6.60 5.24
CA SER A 100 1.45 -6.87 6.63
C SER A 100 0.01 -7.42 6.75
N ASN A 101 -0.73 -7.47 5.63
CA ASN A 101 -2.10 -7.97 5.58
C ASN A 101 -2.20 -9.19 4.64
N ASN A 102 -1.06 -9.57 4.04
CA ASN A 102 -0.90 -10.83 3.29
C ASN A 102 0.17 -11.70 3.99
N GLN A 103 0.34 -11.50 5.32
CA GLN A 103 1.34 -12.16 6.14
C GLN A 103 1.23 -13.70 6.12
N SER A 104 0.13 -14.24 5.57
CA SER A 104 -0.15 -15.67 5.54
C SER A 104 0.78 -16.46 4.60
N LEU A 105 1.57 -15.78 3.75
CA LEU A 105 2.46 -16.46 2.77
C LEU A 105 3.95 -16.26 3.09
N LEU A 106 4.29 -15.28 3.95
CA LEU A 106 5.66 -14.93 4.33
C LEU A 106 6.41 -16.13 4.94
N GLU A 107 7.75 -16.09 4.86
CA GLU A 107 8.61 -17.10 5.48
C GLU A 107 8.73 -16.81 6.99
N PRO A 108 9.01 -17.85 7.82
CA PRO A 108 9.17 -17.69 9.26
C PRO A 108 10.54 -17.11 9.60
N GLY A 109 10.63 -16.42 10.74
CA GLY A 109 11.87 -15.84 11.26
C GLY A 109 12.37 -14.65 10.42
N SER A 110 11.64 -14.28 9.36
CA SER A 110 12.04 -13.22 8.43
C SER A 110 11.91 -11.85 9.11
N ASP A 111 12.40 -10.80 8.42
CA ASP A 111 12.48 -9.45 8.98
C ASP A 111 11.09 -8.85 9.25
N LEU A 112 10.09 -9.22 8.43
CA LEU A 112 8.72 -8.77 8.60
C LEU A 112 8.06 -9.59 9.73
N ASP A 113 8.29 -10.91 9.73
CA ASP A 113 7.72 -11.83 10.71
C ASP A 113 8.26 -11.56 12.13
N ASN A 114 9.42 -10.88 12.25
CA ASN A 114 9.98 -10.52 13.56
C ASN A 114 9.17 -9.42 14.25
N PHE A 115 8.40 -8.62 13.50
CA PHE A 115 7.52 -7.61 14.08
C PHE A 115 6.25 -8.25 14.66
N LEU A 116 5.80 -9.37 14.07
CA LEU A 116 4.66 -10.14 14.60
C LEU A 116 5.05 -10.84 15.90
N LYS A 117 6.34 -11.17 16.07
CA LYS A 117 6.86 -11.79 17.28
C LYS A 117 7.06 -10.73 18.37
N SER A 118 7.51 -9.53 17.98
CA SER A 118 7.86 -8.45 18.91
C SER A 118 6.62 -7.84 19.56
N GLN A 119 5.54 -7.63 18.79
CA GLN A 119 4.30 -7.03 19.30
C GLN A 119 3.54 -8.03 20.19
N SER A 120 3.72 -9.34 19.94
CA SER A 120 3.13 -10.38 20.75
C SER A 120 3.92 -10.57 22.06
N ASP A 121 5.21 -10.24 22.05
CA ASP A 121 6.09 -10.37 23.22
C ASP A 121 5.94 -9.16 24.17
N THR A 122 5.33 -8.06 23.69
CA THR A 122 5.21 -6.81 24.46
C THR A 122 3.73 -6.58 24.82
N SER A 123 3.50 -5.81 25.90
CA SER A 123 2.16 -5.49 26.40
C SER A 123 1.38 -4.58 25.42
N SER A 124 2.09 -3.97 24.45
CA SER A 124 1.48 -3.11 23.44
C SER A 124 0.60 -3.90 22.48
N SER A 125 -0.20 -3.17 21.68
CA SER A 125 -1.07 -3.76 20.67
C SER A 125 -0.25 -4.36 19.51
N LYS A 126 -0.96 -4.97 18.55
CA LYS A 126 -0.37 -5.44 17.29
C LYS A 126 -0.88 -4.60 16.10
N ASN A 127 -1.90 -3.76 16.34
CA ASN A 127 -2.35 -2.72 15.42
C ASN A 127 -1.60 -1.39 15.70
N ARG A 128 -0.57 -1.47 16.56
CA ARG A 128 0.17 -0.35 17.12
C ARG A 128 0.83 0.56 16.04
N PHE A 129 2.07 0.22 15.65
CA PHE A 129 3.12 1.05 15.06
C PHE A 129 2.89 2.55 15.24
N ASP A 130 3.37 3.07 16.37
CA ASP A 130 3.38 4.49 16.71
C ASP A 130 4.51 4.79 17.73
N ASP A 131 5.26 3.75 18.19
CA ASP A 131 6.31 3.91 19.21
C ASP A 131 7.71 3.57 18.62
N VAL A 132 8.74 3.74 19.46
CA VAL A 132 10.15 3.70 19.05
C VAL A 132 10.67 2.28 18.76
N THR A 133 9.95 1.23 19.19
CA THR A 133 10.40 -0.16 19.08
C THR A 133 10.51 -0.57 17.61
N THR A 134 9.43 -0.37 16.83
CA THR A 134 9.42 -0.69 15.41
C THR A 134 10.22 0.35 14.62
N ASP A 135 10.27 1.60 15.12
CA ASP A 135 10.95 2.71 14.47
C ASP A 135 12.48 2.49 14.44
N GLN A 136 12.99 1.67 15.38
CA GLN A 136 14.41 1.33 15.43
C GLN A 136 14.85 0.63 14.14
N PHE A 137 14.10 -0.40 13.71
CA PHE A 137 14.47 -1.23 12.56
C PHE A 137 13.90 -0.67 11.24
N VAL A 138 12.84 0.14 11.30
CA VAL A 138 12.20 0.71 10.11
C VAL A 138 13.05 1.85 9.53
N LEU A 139 13.76 2.61 10.38
CA LEU A 139 14.65 3.66 9.89
C LEU A 139 15.95 3.07 9.33
N ASN A 140 16.30 1.83 9.72
CA ASN A 140 17.55 1.19 9.31
C ASN A 140 17.51 0.75 7.84
N VAL A 141 16.34 0.31 7.35
CA VAL A 141 16.23 -0.19 5.98
C VAL A 141 16.18 0.95 4.95
N ILE A 142 15.60 2.11 5.33
CA ILE A 142 15.56 3.28 4.45
C ILE A 142 16.85 4.12 4.56
N LYS A 143 17.71 3.82 5.57
CA LYS A 143 19.02 4.47 5.70
C LYS A 143 19.91 4.07 4.51
N GLU A 144 19.65 2.89 3.92
CA GLU A 144 20.37 2.40 2.76
C GLU A 144 19.90 3.11 1.48
N ASN A 145 18.60 3.45 1.41
CA ASN A 145 18.01 4.06 0.24
C ASN A 145 18.35 5.55 0.14
N VAL A 146 18.39 6.26 1.27
CA VAL A 146 18.70 7.69 1.29
C VAL A 146 20.21 7.95 1.10
N GLN A 147 21.04 6.90 1.26
CA GLN A 147 22.48 7.00 1.14
C GLN A 147 22.89 7.16 -0.34
N THR A 148 22.70 6.10 -1.15
CA THR A 148 23.08 6.13 -2.57
C THR A 148 22.08 5.32 -3.44
N PHE A 149 21.33 4.38 -2.82
CA PHE A 149 20.36 3.56 -3.55
C PHE A 149 19.03 4.32 -3.66
N SER A 150 18.97 5.32 -4.55
CA SER A 150 17.77 6.14 -4.76
C SER A 150 16.57 5.26 -5.11
N THR A 151 15.37 5.71 -4.72
CA THR A 151 14.13 4.95 -4.89
C THR A 151 12.93 5.88 -5.18
N GLY A 152 13.11 7.19 -5.00
CA GLY A 152 12.12 8.19 -5.39
C GLY A 152 12.33 8.56 -6.85
N GLN A 153 13.50 9.13 -7.15
CA GLN A 153 13.98 9.37 -8.51
C GLN A 153 15.52 9.38 -8.49
N SER A 154 16.15 9.17 -9.66
CA SER A 154 17.61 9.15 -9.78
C SER A 154 18.20 10.53 -9.46
N GLU A 155 19.48 10.56 -9.06
CA GLU A 155 20.21 11.76 -8.63
C GLU A 155 19.58 12.44 -7.39
N ALA A 156 18.55 11.79 -6.79
CA ALA A 156 17.84 12.24 -5.58
C ALA A 156 17.60 13.77 -5.55
N PRO A 157 16.68 14.29 -6.38
CA PRO A 157 16.31 15.70 -6.41
C PRO A 157 15.61 16.10 -5.10
N GLU A 158 16.29 16.92 -4.29
CA GLU A 158 15.80 17.41 -3.00
C GLU A 158 15.39 16.23 -2.06
N ALA A 159 16.12 15.11 -2.16
CA ALA A 159 15.88 13.89 -1.37
C ALA A 159 14.43 13.34 -1.52
N THR A 160 13.77 13.71 -2.64
CA THR A 160 12.42 13.31 -3.11
C THR A 160 11.47 14.51 -3.01
N ALA A 161 11.43 15.30 -4.10
CA ALA A 161 10.50 16.41 -4.26
C ALA A 161 9.12 15.90 -4.74
N ASP A 162 8.18 16.83 -4.96
CA ASP A 162 6.83 16.54 -5.46
C ASP A 162 6.15 15.42 -4.65
N THR A 163 6.31 15.46 -3.32
CA THR A 163 5.72 14.48 -2.38
C THR A 163 4.19 14.67 -2.26
N ASN A 164 3.60 15.59 -3.06
CA ASN A 164 2.15 15.85 -3.06
C ASN A 164 1.33 14.61 -3.49
N LEU A 165 1.98 13.62 -4.15
CA LEU A 165 1.33 12.34 -4.45
C LEU A 165 1.10 11.58 -3.15
N HIS A 166 0.04 10.77 -3.10
CA HIS A 166 -0.36 10.06 -1.87
C HIS A 166 -0.56 8.57 -2.15
N TYR A 167 -0.66 7.78 -1.07
CA TYR A 167 -0.75 6.34 -1.13
C TYR A 167 -1.86 5.85 -0.20
N ILE A 168 -2.79 5.06 -0.76
CA ILE A 168 -3.85 4.39 0.00
C ILE A 168 -3.92 2.94 -0.47
N THR A 169 -3.55 2.00 0.41
CA THR A 169 -3.63 0.57 0.13
C THR A 169 -5.01 0.06 0.56
N TYR A 170 -5.48 -1.03 -0.07
CA TYR A 170 -6.75 -1.67 0.30
C TYR A 170 -6.55 -3.19 0.36
N VAL A 171 -7.00 -3.81 1.45
CA VAL A 171 -6.99 -5.27 1.60
C VAL A 171 -8.32 -5.68 2.26
N GLU A 172 -8.65 -6.98 2.20
CA GLU A 172 -9.92 -7.50 2.69
C GLU A 172 -9.69 -8.68 3.62
N GLU A 173 -10.52 -8.78 4.67
CA GLU A 173 -10.49 -9.89 5.62
C GLU A 173 -11.91 -10.11 6.16
N ASN A 174 -12.24 -11.39 6.45
CA ASN A 174 -13.58 -11.81 6.90
C ASN A 174 -14.69 -11.39 5.92
N GLY A 175 -14.33 -11.10 4.65
CA GLY A 175 -15.29 -10.75 3.60
C GLY A 175 -15.68 -9.26 3.63
N GLY A 176 -14.93 -8.43 4.38
CA GLY A 176 -15.22 -7.02 4.57
C GLY A 176 -14.04 -6.17 4.15
N ILE A 177 -14.23 -5.37 3.09
CA ILE A 177 -13.18 -4.53 2.51
C ILE A 177 -12.90 -3.32 3.41
N PHE A 178 -11.62 -2.92 3.47
CA PHE A 178 -11.14 -1.77 4.25
C PHE A 178 -9.96 -1.10 3.52
N GLU A 179 -9.42 -0.02 4.12
CA GLU A 179 -8.27 0.70 3.59
C GLU A 179 -7.27 1.00 4.70
N LEU A 180 -6.02 1.30 4.29
CA LEU A 180 -4.91 1.62 5.18
C LEU A 180 -4.44 3.03 4.85
N ASP A 181 -4.56 3.95 5.81
CA ASP A 181 -4.13 5.33 5.68
C ASP A 181 -3.41 5.77 6.94
N GLY A 182 -2.08 5.86 6.86
CA GLY A 182 -1.24 6.26 7.99
C GLY A 182 -1.34 7.77 8.28
N ARG A 183 -2.03 8.54 7.41
CA ARG A 183 -2.28 9.95 7.64
C ARG A 183 -3.40 10.14 8.70
N ASN A 184 -4.33 9.18 8.79
CA ASN A 184 -5.38 9.22 9.80
C ASN A 184 -4.78 8.92 11.18
N LEU A 185 -4.87 9.91 12.09
CA LEU A 185 -4.65 9.67 13.51
C LEU A 185 -5.82 8.84 14.08
N SER A 186 -6.93 8.75 13.32
CA SER A 186 -8.08 7.92 13.64
C SER A 186 -7.81 6.43 13.34
N GLY A 187 -6.64 6.09 12.78
CA GLY A 187 -6.29 4.71 12.46
C GLY A 187 -6.97 4.27 11.15
N PRO A 188 -7.13 2.95 10.93
CA PRO A 188 -7.70 2.40 9.70
C PRO A 188 -9.18 2.75 9.57
N LEU A 189 -9.74 2.49 8.38
CA LEU A 189 -11.10 2.87 8.03
C LEU A 189 -11.78 1.72 7.30
N TYR A 190 -12.72 1.05 7.97
CA TYR A 190 -13.58 0.05 7.36
C TYR A 190 -14.50 0.77 6.35
N LEU A 191 -14.83 0.10 5.24
CA LEU A 191 -15.60 0.71 4.15
C LEU A 191 -16.95 -0.01 3.95
N GLY A 192 -17.11 -1.21 4.53
CA GLY A 192 -18.34 -1.97 4.45
C GLY A 192 -18.04 -3.39 4.00
N LYS A 193 -19.09 -4.19 3.81
CA LYS A 193 -18.96 -5.52 3.24
C LYS A 193 -18.46 -5.42 1.80
N SER A 194 -17.79 -6.47 1.33
CA SER A 194 -17.29 -6.56 -0.04
C SER A 194 -18.47 -6.62 -1.03
N ASP A 195 -18.20 -6.31 -2.31
CA ASP A 195 -19.17 -6.45 -3.38
C ASP A 195 -19.45 -7.97 -3.60
N PRO A 196 -20.72 -8.37 -3.82
CA PRO A 196 -21.13 -9.77 -3.85
C PRO A 196 -20.73 -10.50 -5.16
N THR A 197 -20.19 -9.75 -6.14
CA THR A 197 -19.72 -10.32 -7.41
C THR A 197 -18.21 -10.07 -7.61
N ALA A 198 -17.51 -9.65 -6.53
CA ALA A 198 -16.06 -9.48 -6.53
C ALA A 198 -15.38 -10.85 -6.67
N THR A 199 -14.87 -11.15 -7.88
CA THR A 199 -14.21 -12.41 -8.16
C THR A 199 -12.76 -12.43 -7.61
N ASP A 200 -12.14 -11.25 -7.46
CA ASP A 200 -10.73 -11.16 -7.06
C ASP A 200 -10.34 -9.73 -6.62
N LEU A 201 -11.33 -8.89 -6.25
CA LEU A 201 -11.20 -7.46 -5.89
C LEU A 201 -10.99 -6.57 -7.13
N ILE A 202 -10.61 -7.15 -8.28
CA ILE A 202 -10.49 -6.41 -9.54
C ILE A 202 -11.88 -6.34 -10.25
N GLU A 203 -12.89 -7.03 -9.69
CA GLU A 203 -14.27 -6.98 -10.15
C GLU A 203 -15.17 -6.35 -9.06
N GLN A 204 -14.60 -6.06 -7.87
CA GLN A 204 -15.28 -5.40 -6.77
C GLN A 204 -15.63 -3.95 -7.17
N GLU A 205 -16.94 -3.65 -7.23
CA GLU A 205 -17.43 -2.31 -7.58
C GLU A 205 -17.17 -1.30 -6.44
N LEU A 206 -16.98 -1.79 -5.20
CA LEU A 206 -16.76 -0.93 -4.03
C LEU A 206 -15.46 -0.14 -4.21
N VAL A 207 -14.34 -0.84 -4.47
CA VAL A 207 -13.03 -0.20 -4.63
C VAL A 207 -12.94 0.58 -5.96
N ARG A 208 -13.74 0.19 -6.97
CA ARG A 208 -13.74 0.87 -8.26
C ARG A 208 -14.28 2.29 -8.10
N VAL A 209 -15.45 2.42 -7.44
CA VAL A 209 -16.13 3.70 -7.24
C VAL A 209 -15.35 4.59 -6.24
N ARG A 210 -14.51 3.99 -5.37
CA ARG A 210 -13.74 4.77 -4.40
C ARG A 210 -12.57 5.51 -5.09
N VAL A 211 -12.03 4.95 -6.19
CA VAL A 211 -11.03 5.63 -7.00
C VAL A 211 -11.70 6.74 -7.83
N ALA A 212 -12.97 6.52 -8.23
CA ALA A 212 -13.76 7.50 -8.96
C ALA A 212 -14.18 8.68 -8.07
N SER A 213 -14.05 8.54 -6.74
CA SER A 213 -14.40 9.60 -5.80
C SER A 213 -13.31 10.68 -5.75
N TYR A 214 -12.03 10.28 -5.86
CA TYR A 214 -10.90 11.20 -5.69
C TYR A 214 -10.73 12.15 -6.88
N MET A 215 -11.13 11.73 -8.09
CA MET A 215 -11.00 12.56 -9.29
C MET A 215 -11.98 13.75 -9.26
N GLU A 216 -13.06 13.64 -8.46
CA GLU A 216 -14.01 14.74 -8.28
C GLU A 216 -13.40 15.83 -7.39
N ASN A 217 -12.69 15.42 -6.33
CA ASN A 217 -12.07 16.34 -5.37
C ASN A 217 -10.77 16.95 -5.94
N ALA A 218 -10.19 16.31 -6.96
CA ALA A 218 -8.90 16.71 -7.52
C ALA A 218 -9.07 17.68 -8.69
N ASN A 219 -7.97 18.33 -9.10
CA ASN A 219 -7.92 19.21 -10.25
C ASN A 219 -7.71 18.37 -11.52
N GLU A 220 -7.89 18.99 -12.71
CA GLU A 220 -7.70 18.33 -13.99
C GLU A 220 -6.20 18.02 -14.25
N GLU A 221 -5.29 18.71 -13.54
CA GLU A 221 -3.86 18.49 -13.65
C GLU A 221 -3.42 17.28 -12.80
N ASP A 222 -4.09 17.07 -11.66
CA ASP A 222 -3.71 16.03 -10.70
C ASP A 222 -4.22 14.64 -11.11
N VAL A 223 -5.30 14.57 -11.91
CA VAL A 223 -5.83 13.29 -12.40
C VAL A 223 -4.94 12.68 -13.51
N LEU A 224 -3.90 13.41 -13.95
CA LEU A 224 -2.92 12.92 -14.93
C LEU A 224 -2.04 11.85 -14.26
N ASN A 225 -1.48 12.17 -13.09
CA ASN A 225 -0.62 11.27 -12.34
C ASN A 225 -1.46 10.27 -11.57
N PHE A 226 -1.73 9.14 -12.20
CA PHE A 226 -2.41 8.03 -11.53
C PHE A 226 -1.76 6.69 -11.89
N ALA A 227 -1.90 5.72 -10.99
CA ALA A 227 -1.55 4.34 -11.23
C ALA A 227 -2.39 3.44 -10.32
N MET A 228 -2.56 2.18 -10.72
CA MET A 228 -3.36 1.21 -9.98
C MET A 228 -2.78 -0.18 -10.22
N LEU A 229 -2.16 -0.73 -9.17
CA LEU A 229 -1.44 -2.00 -9.23
C LEU A 229 -2.03 -2.97 -8.19
N GLY A 230 -1.63 -4.24 -8.29
CA GLY A 230 -2.11 -5.29 -7.39
C GLY A 230 -1.02 -6.32 -7.13
N LEU A 231 -1.31 -7.26 -6.22
CA LEU A 231 -0.38 -8.30 -5.81
C LEU A 231 -0.98 -9.67 -6.10
N GLY A 232 -0.57 -10.24 -7.23
CA GLY A 232 -0.97 -11.58 -7.69
C GLY A 232 0.28 -12.48 -7.80
N PRO A 233 0.14 -13.68 -8.40
CA PRO A 233 1.24 -14.64 -8.51
C PRO A 233 2.34 -14.14 -9.46
N ASN A 234 3.60 -14.42 -9.11
CA ASN A 234 4.76 -14.02 -9.87
C ASN A 234 4.91 -14.91 -11.11
N TRP A 235 4.53 -14.38 -12.28
CA TRP A 235 4.75 -15.07 -13.55
C TRP A 235 6.24 -15.07 -13.90
N GLU A 236 6.63 -15.96 -14.83
CA GLU A 236 8.02 -16.13 -15.25
C GLU A 236 8.05 -16.51 -16.73
N MET A 1 7.79 13.91 14.22
CA MET A 1 7.55 12.78 13.30
C MET A 1 7.86 13.20 11.85
N SER A 2 7.13 14.20 11.35
CA SER A 2 7.27 14.72 9.99
C SER A 2 7.16 16.25 9.99
N GLY A 3 7.07 16.85 8.79
CA GLY A 3 6.90 18.29 8.61
C GLY A 3 5.47 18.73 8.96
N GLU A 4 5.00 19.81 8.34
CA GLU A 4 3.63 20.33 8.53
C GLU A 4 2.57 19.28 8.15
N ASN A 5 2.98 18.23 7.41
CA ASN A 5 2.18 17.04 7.15
C ASN A 5 3.13 15.83 7.01
N ARG A 6 2.57 14.62 7.03
CA ARG A 6 3.30 13.39 6.73
C ARG A 6 3.55 13.34 5.21
N ALA A 7 4.74 13.80 4.81
CA ALA A 7 5.08 13.99 3.39
C ALA A 7 5.18 12.65 2.65
N VAL A 8 5.41 12.73 1.32
CA VAL A 8 5.38 11.59 0.41
C VAL A 8 6.67 11.52 -0.43
N VAL A 9 6.78 10.45 -1.24
CA VAL A 9 7.94 10.20 -2.10
C VAL A 9 7.48 10.13 -3.58
N PRO A 10 8.39 10.41 -4.55
CA PRO A 10 8.08 10.44 -5.97
C PRO A 10 7.91 9.02 -6.53
N ILE A 11 9.03 8.29 -6.70
CA ILE A 11 9.09 6.92 -7.23
C ILE A 11 8.20 6.75 -8.48
N GLU A 12 8.65 7.30 -9.62
CA GLU A 12 7.97 7.14 -10.92
C GLU A 12 8.27 5.75 -11.53
N SER A 13 9.26 5.03 -10.97
CA SER A 13 9.68 3.69 -11.42
C SER A 13 8.80 2.61 -10.77
N ASN A 14 7.49 2.86 -10.65
CA ASN A 14 6.52 2.01 -9.94
C ASN A 14 6.70 0.49 -10.23
N PRO A 15 6.61 0.01 -11.50
CA PRO A 15 6.52 -1.42 -11.82
C PRO A 15 7.85 -2.20 -11.62
N GLU A 16 8.87 -1.57 -11.02
CA GLU A 16 10.17 -2.20 -10.78
C GLU A 16 10.59 -2.06 -9.31
N VAL A 17 10.30 -0.90 -8.70
CA VAL A 17 10.78 -0.58 -7.36
C VAL A 17 10.13 -1.46 -6.31
N PHE A 18 8.79 -1.37 -6.14
CA PHE A 18 8.10 -2.07 -5.05
C PHE A 18 8.16 -3.60 -5.18
N THR A 19 8.58 -4.13 -6.35
CA THR A 19 8.73 -5.56 -6.55
C THR A 19 9.94 -6.07 -5.76
N ASN A 20 11.13 -5.49 -6.02
CA ASN A 20 12.39 -5.91 -5.42
C ASN A 20 12.58 -5.32 -4.02
N PHE A 21 12.02 -4.12 -3.77
CA PHE A 21 12.16 -3.42 -2.49
C PHE A 21 11.33 -4.11 -1.40
N ALA A 22 10.23 -4.77 -1.79
CA ALA A 22 9.42 -5.55 -0.86
C ALA A 22 10.09 -6.87 -0.51
N HIS A 23 10.92 -7.42 -1.43
CA HIS A 23 11.60 -8.70 -1.21
C HIS A 23 12.69 -8.57 -0.14
N LYS A 24 13.25 -7.35 0.03
CA LYS A 24 14.24 -7.07 1.07
C LYS A 24 13.60 -7.11 2.46
N LEU A 25 12.27 -6.87 2.56
CA LEU A 25 11.54 -6.92 3.83
C LEU A 25 11.24 -8.37 4.21
N GLY A 26 10.93 -9.23 3.21
CA GLY A 26 10.57 -10.62 3.47
C GLY A 26 9.48 -11.12 2.51
N LEU A 27 9.06 -10.32 1.52
CA LEU A 27 8.09 -10.76 0.50
C LEU A 27 8.69 -11.97 -0.24
N LYS A 28 8.10 -13.15 -0.01
CA LYS A 28 8.61 -14.40 -0.57
C LYS A 28 8.48 -14.41 -2.10
N ASN A 29 9.18 -15.33 -2.77
CA ASN A 29 9.16 -15.47 -4.22
C ASN A 29 7.82 -16.05 -4.73
N GLU A 30 6.94 -16.50 -3.83
CA GLU A 30 5.63 -17.06 -4.18
C GLU A 30 4.66 -15.96 -4.68
N TRP A 31 5.00 -14.68 -4.45
CA TRP A 31 4.12 -13.55 -4.75
C TRP A 31 4.95 -12.31 -5.11
N ALA A 32 4.46 -11.52 -6.08
CA ALA A 32 5.09 -10.29 -6.53
C ALA A 32 4.03 -9.32 -7.09
N TYR A 33 4.39 -8.03 -7.17
CA TYR A 33 3.50 -6.97 -7.64
C TYR A 33 3.36 -7.00 -9.17
N PHE A 34 2.35 -6.27 -9.68
CA PHE A 34 2.12 -6.01 -11.10
C PHE A 34 1.27 -4.74 -11.27
N ASP A 35 1.06 -4.30 -12.52
CA ASP A 35 0.25 -3.10 -12.81
C ASP A 35 -1.20 -3.50 -13.17
N ILE A 36 -2.13 -2.52 -13.12
CA ILE A 36 -3.52 -2.73 -13.49
C ILE A 36 -4.00 -1.56 -14.35
N TYR A 37 -4.31 -1.86 -15.63
CA TYR A 37 -4.77 -0.86 -16.59
C TYR A 37 -6.16 -0.35 -16.22
N SER A 38 -7.12 -1.27 -16.04
CA SER A 38 -8.52 -0.94 -15.74
C SER A 38 -9.12 -1.99 -14.79
N LEU A 39 -10.36 -1.73 -14.32
CA LEU A 39 -11.08 -2.62 -13.40
C LEU A 39 -12.57 -2.74 -13.78
N THR A 40 -12.99 -2.06 -14.85
CA THR A 40 -14.38 -2.05 -15.32
C THR A 40 -14.49 -2.65 -16.73
N GLU A 41 -13.35 -2.88 -17.39
CA GLU A 41 -13.28 -3.52 -18.71
C GLU A 41 -12.91 -5.00 -18.51
N PRO A 42 -13.77 -5.96 -18.91
CA PRO A 42 -13.53 -7.39 -18.76
C PRO A 42 -12.44 -7.89 -19.72
N GLU A 43 -11.91 -7.00 -20.57
CA GLU A 43 -10.80 -7.30 -21.49
C GLU A 43 -9.54 -7.67 -20.68
N LEU A 44 -9.32 -7.00 -19.53
CA LEU A 44 -8.16 -7.27 -18.67
C LEU A 44 -8.38 -8.57 -17.88
N LEU A 45 -9.64 -8.84 -17.47
CA LEU A 45 -9.99 -10.03 -16.69
C LEU A 45 -9.89 -11.30 -17.56
N ALA A 46 -9.92 -11.16 -18.89
CA ALA A 46 -9.81 -12.27 -19.83
C ALA A 46 -8.35 -12.80 -19.92
N PHE A 47 -7.39 -12.10 -19.29
CA PHE A 47 -5.97 -12.48 -19.27
C PHE A 47 -5.50 -12.73 -17.83
N LEU A 48 -6.40 -12.59 -16.83
CA LEU A 48 -6.09 -12.83 -15.42
C LEU A 48 -5.68 -14.30 -15.22
N PRO A 49 -4.41 -14.57 -14.81
CA PRO A 49 -3.89 -15.93 -14.63
C PRO A 49 -4.48 -16.56 -13.36
N ARG A 50 -4.30 -15.89 -12.22
CA ARG A 50 -4.81 -16.32 -10.91
C ARG A 50 -5.32 -15.07 -10.16
N PRO A 51 -6.15 -15.25 -9.11
CA PRO A 51 -6.74 -14.14 -8.37
C PRO A 51 -5.68 -13.32 -7.62
N VAL A 52 -6.08 -12.11 -7.19
CA VAL A 52 -5.17 -11.14 -6.58
C VAL A 52 -5.55 -10.97 -5.11
N LYS A 53 -4.55 -11.08 -4.22
CA LYS A 53 -4.78 -11.13 -2.78
C LYS A 53 -4.75 -9.73 -2.13
N ALA A 54 -4.20 -8.72 -2.84
CA ALA A 54 -4.17 -7.33 -2.34
C ALA A 54 -4.01 -6.35 -3.50
N ILE A 55 -4.38 -5.08 -3.27
CA ILE A 55 -4.18 -3.99 -4.24
C ILE A 55 -3.77 -2.70 -3.52
N VAL A 56 -3.09 -1.81 -4.25
CA VAL A 56 -2.70 -0.48 -3.78
C VAL A 56 -2.80 0.49 -4.96
N LEU A 57 -3.16 1.76 -4.68
CA LEU A 57 -3.23 2.79 -5.73
C LEU A 57 -2.53 4.08 -5.28
N LEU A 58 -2.22 4.94 -6.26
CA LEU A 58 -1.56 6.22 -6.04
C LEU A 58 -2.47 7.34 -6.53
N PHE A 59 -2.81 8.28 -5.63
CA PHE A 59 -3.42 9.55 -6.01
C PHE A 59 -3.00 10.63 -4.99
N PRO A 60 -2.90 11.92 -5.40
CA PRO A 60 -2.35 12.98 -4.56
C PRO A 60 -3.32 13.41 -3.46
N ILE A 61 -2.75 14.06 -2.43
CA ILE A 61 -3.51 14.57 -1.29
C ILE A 61 -3.93 16.02 -1.56
N ASN A 62 -5.17 16.18 -2.05
CA ASN A 62 -5.76 17.49 -2.27
C ASN A 62 -6.34 18.04 -0.96
N GLU A 63 -6.63 19.34 -0.94
CA GLU A 63 -7.16 20.04 0.23
C GLU A 63 -8.71 20.08 0.19
N ASP A 64 -9.30 19.73 -0.97
CA ASP A 64 -10.73 19.78 -1.21
C ASP A 64 -11.36 18.37 -1.16
N ARG A 65 -10.97 17.56 -0.15
CA ARG A 65 -11.53 16.23 0.09
C ARG A 65 -13.02 16.35 0.48
N LYS A 66 -13.91 16.19 -0.50
CA LYS A 66 -15.37 16.26 -0.30
C LYS A 66 -15.93 14.91 0.20
N SER A 67 -15.06 13.90 0.43
CA SER A 67 -15.48 12.56 0.84
C SER A 67 -14.53 12.00 1.91
N SER A 68 -14.26 12.80 2.95
CA SER A 68 -13.46 12.39 4.10
C SER A 68 -14.08 12.95 5.38
N THR A 69 -15.15 12.30 5.86
CA THR A 69 -15.84 12.65 7.09
C THR A 69 -14.98 12.26 8.31
N SER A 70 -14.10 13.17 8.74
CA SER A 70 -13.15 12.94 9.82
C SER A 70 -13.89 12.75 11.17
N GLN A 71 -13.67 11.58 11.79
CA GLN A 71 -14.23 11.25 13.09
C GLN A 71 -13.34 10.20 13.79
N GLN A 72 -13.62 9.92 15.08
CA GLN A 72 -12.89 8.91 15.84
C GLN A 72 -13.39 7.51 15.48
N ILE A 73 -12.55 6.50 15.76
CA ILE A 73 -12.89 5.08 15.58
C ILE A 73 -12.06 4.23 16.56
N THR A 74 -12.43 2.96 16.74
CA THR A 74 -11.83 2.08 17.75
C THR A 74 -10.37 1.71 17.42
N SER A 75 -9.95 1.85 16.14
CA SER A 75 -8.62 1.47 15.64
C SER A 75 -8.14 0.10 16.17
N SER A 76 -9.07 -0.86 16.29
CA SER A 76 -8.82 -2.20 16.83
C SER A 76 -9.43 -3.28 15.91
N TYR A 77 -9.60 -2.95 14.62
CA TYR A 77 -10.17 -3.84 13.60
C TYR A 77 -9.38 -5.16 13.47
N ASP A 78 -9.94 -6.11 12.71
CA ASP A 78 -9.36 -7.41 12.42
C ASP A 78 -8.05 -7.30 11.60
N VAL A 79 -7.68 -6.07 11.18
CA VAL A 79 -6.48 -5.81 10.39
C VAL A 79 -5.63 -4.75 11.11
N ILE A 80 -4.31 -4.81 10.87
CA ILE A 80 -3.31 -3.88 11.40
C ILE A 80 -3.59 -2.45 10.89
N TRP A 81 -3.12 -1.46 11.67
CA TRP A 81 -3.11 -0.05 11.27
C TRP A 81 -1.72 0.52 11.54
N PHE A 82 -1.27 1.45 10.70
CA PHE A 82 0.06 2.04 10.81
C PHE A 82 0.00 3.56 10.64
N LYS A 83 1.02 4.25 11.17
CA LYS A 83 1.21 5.69 11.01
C LYS A 83 2.26 5.93 9.91
N GLN A 84 2.10 7.02 9.15
CA GLN A 84 3.15 7.53 8.28
C GLN A 84 4.19 8.28 9.14
N SER A 85 5.08 7.52 9.79
CA SER A 85 6.00 8.04 10.78
C SER A 85 7.07 8.93 10.13
N VAL A 86 7.77 8.39 9.12
CA VAL A 86 8.89 9.05 8.45
C VAL A 86 8.49 9.44 7.02
N LYS A 87 9.09 10.52 6.51
CA LYS A 87 8.75 11.08 5.19
C LYS A 87 9.32 10.22 4.05
N ASN A 88 10.51 9.64 4.26
CA ASN A 88 11.14 8.72 3.30
C ASN A 88 10.45 7.35 3.29
N ALA A 89 9.60 7.09 4.30
CA ALA A 89 8.95 5.79 4.50
C ALA A 89 7.53 5.77 3.92
N CYS A 90 7.15 6.77 3.10
CA CYS A 90 5.82 6.81 2.50
C CYS A 90 5.62 5.65 1.51
N GLY A 91 6.70 5.25 0.81
CA GLY A 91 6.68 4.08 -0.06
C GLY A 91 6.92 2.79 0.72
N LEU A 92 7.58 2.88 1.89
CA LEU A 92 7.89 1.73 2.72
C LEU A 92 6.64 1.25 3.46
N TYR A 93 5.92 2.14 4.15
CA TYR A 93 4.73 1.80 4.92
C TYR A 93 3.58 1.32 4.00
N ALA A 94 3.59 1.73 2.73
CA ALA A 94 2.59 1.28 1.76
C ALA A 94 2.79 -0.22 1.44
N ILE A 95 4.06 -0.64 1.28
CA ILE A 95 4.42 -2.03 1.03
C ILE A 95 4.27 -2.85 2.31
N LEU A 96 4.74 -2.30 3.45
CA LEU A 96 4.80 -2.97 4.74
C LEU A 96 3.43 -3.47 5.17
N HIS A 97 2.37 -2.73 4.81
CA HIS A 97 1.02 -3.03 5.24
C HIS A 97 0.52 -4.37 4.67
N SER A 98 0.87 -4.68 3.41
CA SER A 98 0.42 -5.91 2.76
C SER A 98 1.23 -7.13 3.22
N LEU A 99 2.48 -6.93 3.69
CA LEU A 99 3.26 -8.03 4.26
C LEU A 99 2.80 -8.33 5.69
N SER A 100 2.31 -7.30 6.40
CA SER A 100 1.86 -7.40 7.79
C SER A 100 0.38 -7.82 7.90
N ASN A 101 -0.28 -8.08 6.75
CA ASN A 101 -1.69 -8.47 6.70
C ASN A 101 -1.89 -9.77 5.88
N ASN A 102 -0.78 -10.37 5.41
CA ASN A 102 -0.81 -11.65 4.71
C ASN A 102 0.25 -12.57 5.31
N GLN A 103 -0.14 -13.27 6.39
CA GLN A 103 0.62 -14.40 6.94
C GLN A 103 0.64 -15.57 5.94
N SER A 104 -0.18 -15.47 4.89
CA SER A 104 -0.41 -16.50 3.88
C SER A 104 0.89 -16.94 3.22
N LEU A 105 1.73 -15.99 2.80
CA LEU A 105 2.94 -16.25 2.03
C LEU A 105 4.19 -15.63 2.70
N LEU A 106 4.02 -15.05 3.90
CA LEU A 106 5.09 -14.44 4.69
C LEU A 106 6.23 -15.46 4.89
N GLU A 107 7.43 -15.14 4.39
CA GLU A 107 8.60 -16.00 4.55
C GLU A 107 9.00 -16.07 6.04
N PRO A 108 9.10 -17.28 6.63
CA PRO A 108 9.45 -17.43 8.03
C PRO A 108 10.92 -17.06 8.25
N GLY A 109 11.21 -16.41 9.39
CA GLY A 109 12.56 -15.99 9.76
C GLY A 109 13.02 -14.74 9.01
N SER A 110 12.16 -14.17 8.12
CA SER A 110 12.49 -12.92 7.42
C SER A 110 12.54 -11.75 8.41
N ASP A 111 13.00 -10.58 7.95
CA ASP A 111 13.08 -9.40 8.82
C ASP A 111 11.68 -8.90 9.20
N LEU A 112 10.67 -9.17 8.37
CA LEU A 112 9.28 -8.81 8.64
C LEU A 112 8.65 -9.84 9.61
N ASP A 113 9.12 -11.10 9.57
CA ASP A 113 8.68 -12.13 10.51
C ASP A 113 9.23 -11.87 11.91
N ASN A 114 10.43 -11.24 12.01
CA ASN A 114 11.00 -10.81 13.29
C ASN A 114 10.30 -9.53 13.79
N PHE A 115 9.75 -8.73 12.86
CA PHE A 115 9.04 -7.50 13.18
C PHE A 115 7.64 -7.82 13.76
N LEU A 116 7.08 -8.98 13.40
CA LEU A 116 5.82 -9.46 13.95
C LEU A 116 6.04 -9.86 15.42
N LYS A 117 7.07 -10.69 15.68
CA LYS A 117 7.39 -11.21 17.00
C LYS A 117 7.80 -10.09 17.97
N SER A 118 8.48 -9.04 17.47
CA SER A 118 9.02 -7.98 18.32
C SER A 118 7.92 -7.07 18.88
N GLN A 119 6.84 -6.84 18.10
CA GLN A 119 5.72 -6.01 18.53
C GLN A 119 4.83 -6.77 19.53
N SER A 120 4.89 -8.12 19.52
CA SER A 120 4.16 -8.95 20.46
C SER A 120 4.97 -9.17 21.75
N ASP A 121 6.31 -9.04 21.68
CA ASP A 121 7.20 -9.23 22.82
C ASP A 121 7.24 -7.96 23.71
N THR A 122 7.04 -6.79 23.09
CA THR A 122 6.89 -5.52 23.82
C THR A 122 5.49 -5.49 24.46
N SER A 123 5.28 -4.57 25.42
CA SER A 123 3.97 -4.36 26.06
C SER A 123 2.93 -3.82 25.05
N SER A 124 3.41 -3.33 23.89
CA SER A 124 2.56 -2.91 22.77
C SER A 124 2.00 -4.14 22.03
N SER A 125 1.37 -3.89 20.87
CA SER A 125 0.85 -4.94 20.00
C SER A 125 1.28 -4.69 18.55
N LYS A 126 1.01 -5.65 17.67
CA LYS A 126 1.32 -5.54 16.24
C LYS A 126 0.40 -4.52 15.54
N ASN A 127 -0.77 -4.24 16.14
CA ASN A 127 -1.71 -3.23 15.66
C ASN A 127 -1.29 -1.81 16.09
N ARG A 128 -0.26 -1.72 16.94
CA ARG A 128 0.18 -0.47 17.55
C ARG A 128 1.54 -0.03 17.00
N PHE A 129 1.64 1.26 16.66
CA PHE A 129 2.88 1.92 16.29
C PHE A 129 3.08 3.12 17.21
N ASP A 130 3.76 2.90 18.35
CA ASP A 130 3.93 3.93 19.38
C ASP A 130 5.24 3.72 20.18
N ASP A 131 6.03 2.67 19.86
CA ASP A 131 7.24 2.35 20.61
C ASP A 131 8.49 2.47 19.71
N VAL A 132 9.67 2.60 20.34
CA VAL A 132 10.94 2.79 19.64
C VAL A 132 11.41 1.50 18.95
N THR A 133 10.96 0.32 19.44
CA THR A 133 11.33 -0.97 18.86
C THR A 133 10.59 -1.19 17.54
N THR A 134 9.40 -0.57 17.39
CA THR A 134 8.61 -0.67 16.17
C THR A 134 9.24 0.21 15.06
N ASP A 135 9.79 1.37 15.46
CA ASP A 135 10.42 2.30 14.54
C ASP A 135 11.81 1.81 14.09
N GLN A 136 12.44 0.92 14.88
CA GLN A 136 13.80 0.48 14.60
C GLN A 136 13.89 -0.28 13.27
N PHE A 137 12.83 -1.04 12.91
CA PHE A 137 12.83 -1.82 11.67
C PHE A 137 12.76 -0.91 10.45
N VAL A 138 11.78 0.00 10.41
CA VAL A 138 11.58 0.91 9.28
C VAL A 138 12.73 1.92 9.14
N LEU A 139 13.45 2.20 10.25
CA LEU A 139 14.57 3.15 10.27
C LEU A 139 15.78 2.55 9.54
N ASN A 140 16.00 1.24 9.70
CA ASN A 140 17.14 0.55 9.08
C ASN A 140 16.97 0.45 7.56
N VAL A 141 15.71 0.46 7.07
CA VAL A 141 15.42 0.31 5.65
C VAL A 141 15.70 1.63 4.90
N ILE A 142 15.09 2.73 5.36
CA ILE A 142 15.19 4.02 4.66
C ILE A 142 16.62 4.59 4.71
N LYS A 143 17.47 4.09 5.61
CA LYS A 143 18.85 4.53 5.72
C LYS A 143 19.65 4.17 4.45
N GLU A 144 19.43 2.96 3.93
CA GLU A 144 20.13 2.46 2.74
C GLU A 144 19.63 3.17 1.46
N ASN A 145 18.36 3.63 1.46
CA ASN A 145 17.77 4.31 0.31
C ASN A 145 18.24 5.78 0.21
N VAL A 146 18.96 6.27 1.24
CA VAL A 146 19.50 7.63 1.27
C VAL A 146 21.03 7.63 0.99
N GLN A 147 21.66 6.44 1.02
CA GLN A 147 23.07 6.28 0.65
C GLN A 147 23.23 6.48 -0.86
N THR A 148 22.81 5.48 -1.65
CA THR A 148 22.87 5.53 -3.12
C THR A 148 21.89 4.52 -3.76
N PHE A 149 21.34 3.60 -2.94
CA PHE A 149 20.43 2.54 -3.39
C PHE A 149 18.96 3.02 -3.35
N SER A 150 18.74 4.27 -3.80
CA SER A 150 17.43 4.93 -3.72
C SER A 150 16.35 4.13 -4.45
N THR A 151 15.10 4.37 -4.05
CA THR A 151 13.92 3.70 -4.61
C THR A 151 13.47 4.44 -5.89
N GLY A 152 13.99 4.02 -7.04
CA GLY A 152 13.56 4.50 -8.35
C GLY A 152 14.18 5.86 -8.72
N GLN A 153 14.87 6.53 -7.78
CA GLN A 153 15.51 7.82 -8.02
C GLN A 153 16.82 7.61 -8.81
N SER A 154 17.54 8.70 -9.12
CA SER A 154 18.72 8.65 -9.99
C SER A 154 19.93 9.36 -9.37
N GLU A 155 19.74 10.04 -8.21
CA GLU A 155 20.84 10.66 -7.49
C GLU A 155 20.54 10.59 -5.98
N ALA A 156 20.37 11.76 -5.32
CA ALA A 156 20.11 11.83 -3.89
C ALA A 156 19.31 13.13 -3.58
N PRO A 157 18.05 13.21 -4.05
CA PRO A 157 17.20 14.38 -3.89
C PRO A 157 16.66 14.48 -2.45
N GLU A 158 15.85 15.52 -2.19
CA GLU A 158 15.21 15.76 -0.91
C GLU A 158 14.26 14.60 -0.57
N ALA A 159 13.93 14.44 0.74
CA ALA A 159 13.00 13.43 1.23
C ALA A 159 11.56 13.69 0.75
N THR A 160 11.31 14.85 0.11
CA THR A 160 10.02 15.23 -0.42
C THR A 160 10.24 15.99 -1.74
N ALA A 161 10.04 15.28 -2.86
CA ALA A 161 10.15 15.84 -4.20
C ALA A 161 8.98 16.79 -4.52
N ASP A 162 8.97 17.34 -5.73
CA ASP A 162 7.91 18.23 -6.22
C ASP A 162 6.56 17.50 -6.40
N THR A 163 6.57 16.16 -6.30
CA THR A 163 5.38 15.33 -6.43
C THR A 163 4.51 15.44 -5.18
N ASN A 164 3.35 14.77 -5.19
CA ASN A 164 2.40 14.83 -4.08
C ASN A 164 1.54 13.54 -3.98
N LEU A 165 1.76 12.56 -4.88
CA LEU A 165 1.02 11.30 -4.89
C LEU A 165 1.15 10.54 -3.55
N HIS A 166 0.08 9.85 -3.15
CA HIS A 166 -0.03 9.18 -1.85
C HIS A 166 -0.66 7.79 -2.04
N TYR A 167 -0.13 6.78 -1.32
CA TYR A 167 -0.56 5.40 -1.43
C TYR A 167 -1.83 5.14 -0.60
N ILE A 168 -2.70 4.25 -1.12
CA ILE A 168 -3.90 3.76 -0.42
C ILE A 168 -3.90 2.23 -0.55
N THR A 169 -3.59 1.53 0.55
CA THR A 169 -3.27 0.10 0.52
C THR A 169 -4.25 -0.73 1.36
N TYR A 170 -5.06 -1.59 0.69
CA TYR A 170 -5.97 -2.48 1.41
C TYR A 170 -6.35 -3.75 0.63
N VAL A 171 -7.29 -4.53 1.22
CA VAL A 171 -7.70 -5.88 0.79
C VAL A 171 -9.22 -6.09 1.05
N GLU A 172 -9.71 -7.30 0.78
CA GLU A 172 -11.00 -7.75 1.29
C GLU A 172 -10.78 -8.54 2.59
N GLU A 173 -11.71 -8.41 3.55
CA GLU A 173 -11.60 -9.09 4.84
C GLU A 173 -12.99 -9.23 5.47
N ASN A 174 -13.26 -10.41 6.05
CA ASN A 174 -14.53 -10.76 6.70
C ASN A 174 -15.76 -10.57 5.78
N GLY A 175 -15.54 -10.52 4.45
CA GLY A 175 -16.62 -10.38 3.47
C GLY A 175 -16.88 -8.91 3.10
N GLY A 176 -16.04 -7.99 3.61
CA GLY A 176 -16.17 -6.55 3.39
C GLY A 176 -14.99 -6.01 2.56
N ILE A 177 -15.01 -4.70 2.31
CA ILE A 177 -13.96 -3.96 1.62
C ILE A 177 -13.75 -2.61 2.33
N PHE A 178 -12.51 -2.35 2.80
CA PHE A 178 -12.18 -1.12 3.54
C PHE A 178 -10.91 -0.49 2.96
N GLU A 179 -10.37 0.56 3.61
CA GLU A 179 -9.07 1.14 3.24
C GLU A 179 -8.22 1.43 4.50
N LEU A 180 -6.89 1.54 4.31
CA LEU A 180 -5.96 1.91 5.38
C LEU A 180 -5.02 3.00 4.86
N ASP A 181 -5.12 4.19 5.44
CA ASP A 181 -4.25 5.31 5.12
C ASP A 181 -3.79 6.00 6.41
N GLY A 182 -2.59 6.56 6.37
CA GLY A 182 -2.01 7.31 7.48
C GLY A 182 -2.50 8.77 7.51
N ARG A 183 -3.32 9.17 6.53
CA ARG A 183 -3.96 10.49 6.50
C ARG A 183 -5.09 10.58 7.57
N ASN A 184 -5.44 9.43 8.18
CA ASN A 184 -6.49 9.34 9.17
C ASN A 184 -5.92 8.70 10.43
N LEU A 185 -5.35 9.54 11.30
CA LEU A 185 -4.62 9.11 12.50
C LEU A 185 -5.57 8.52 13.57
N SER A 186 -6.88 8.68 13.39
CA SER A 186 -7.87 8.15 14.32
C SER A 186 -8.03 6.62 14.18
N GLY A 187 -7.60 6.05 13.04
CA GLY A 187 -7.75 4.62 12.76
C GLY A 187 -8.17 4.37 11.30
N PRO A 188 -8.67 3.14 11.01
CA PRO A 188 -9.06 2.73 9.66
C PRO A 188 -10.32 3.46 9.17
N LEU A 189 -10.71 3.21 7.92
CA LEU A 189 -11.90 3.79 7.29
C LEU A 189 -12.65 2.69 6.53
N TYR A 190 -13.73 2.19 7.13
CA TYR A 190 -14.57 1.16 6.53
C TYR A 190 -15.43 1.77 5.41
N LEU A 191 -15.22 1.30 4.16
CA LEU A 191 -16.01 1.75 3.01
C LEU A 191 -17.39 1.09 3.00
N GLY A 192 -17.49 -0.15 3.52
CA GLY A 192 -18.74 -0.90 3.60
C GLY A 192 -18.51 -2.36 3.18
N LYS A 193 -19.60 -3.14 3.11
CA LYS A 193 -19.53 -4.54 2.70
C LYS A 193 -19.14 -4.65 1.22
N SER A 194 -18.51 -5.77 0.85
CA SER A 194 -18.18 -6.07 -0.54
C SER A 194 -19.43 -6.57 -1.27
N ASP A 195 -19.42 -6.53 -2.61
CA ASP A 195 -20.48 -7.08 -3.44
C ASP A 195 -20.26 -8.61 -3.61
N PRO A 196 -21.33 -9.38 -3.91
CA PRO A 196 -21.27 -10.83 -4.00
C PRO A 196 -20.64 -11.31 -5.33
N THR A 197 -20.45 -10.38 -6.29
CA THR A 197 -19.90 -10.69 -7.62
C THR A 197 -18.36 -10.74 -7.59
N ALA A 198 -17.74 -10.54 -6.42
CA ALA A 198 -16.29 -10.43 -6.27
C ALA A 198 -15.57 -11.65 -6.85
N THR A 199 -14.84 -11.42 -7.96
CA THR A 199 -13.97 -12.43 -8.54
C THR A 199 -12.74 -12.58 -7.64
N ASP A 200 -12.16 -11.45 -7.20
CA ASP A 200 -11.09 -11.41 -6.22
C ASP A 200 -11.09 -10.05 -5.52
N LEU A 201 -10.83 -8.96 -6.28
CA LEU A 201 -10.76 -7.58 -5.78
C LEU A 201 -11.11 -6.58 -6.90
N ILE A 202 -11.02 -7.02 -8.16
CA ILE A 202 -11.14 -6.15 -9.33
C ILE A 202 -12.62 -5.83 -9.63
N GLU A 203 -13.52 -6.78 -9.35
CA GLU A 203 -14.95 -6.67 -9.64
C GLU A 203 -15.68 -5.80 -8.58
N GLN A 204 -14.97 -5.38 -7.52
CA GLN A 204 -15.52 -4.60 -6.42
C GLN A 204 -15.98 -3.22 -6.90
N GLU A 205 -17.31 -3.02 -6.95
CA GLU A 205 -17.91 -1.77 -7.38
C GLU A 205 -17.84 -0.70 -6.27
N LEU A 206 -17.81 -1.12 -4.98
CA LEU A 206 -17.84 -0.17 -3.87
C LEU A 206 -16.51 0.58 -3.71
N VAL A 207 -15.39 -0.05 -4.11
CA VAL A 207 -14.09 0.63 -4.11
C VAL A 207 -13.90 1.39 -5.44
N ARG A 208 -14.60 0.98 -6.51
CA ARG A 208 -14.51 1.65 -7.81
C ARG A 208 -15.13 3.06 -7.75
N VAL A 209 -16.22 3.24 -6.98
CA VAL A 209 -16.83 4.56 -6.80
C VAL A 209 -16.00 5.43 -5.85
N ARG A 210 -15.11 4.82 -5.04
CA ARG A 210 -14.20 5.56 -4.17
C ARG A 210 -12.98 6.08 -4.97
N VAL A 211 -12.62 5.39 -6.06
CA VAL A 211 -11.60 5.86 -6.99
C VAL A 211 -12.14 7.05 -7.80
N ALA A 212 -13.44 6.99 -8.18
CA ALA A 212 -14.11 8.05 -8.91
C ALA A 212 -14.39 9.26 -7.99
N SER A 213 -14.51 9.02 -6.68
CA SER A 213 -14.73 10.08 -5.70
C SER A 213 -13.45 10.90 -5.51
N TYR A 214 -12.28 10.26 -5.64
CA TYR A 214 -10.99 10.95 -5.56
C TYR A 214 -10.70 11.72 -6.86
N MET A 215 -11.27 11.28 -7.99
CA MET A 215 -11.07 11.92 -9.28
C MET A 215 -11.89 13.23 -9.38
N GLU A 216 -13.00 13.31 -8.62
CA GLU A 216 -13.83 14.50 -8.53
C GLU A 216 -13.15 15.59 -7.68
N ASN A 217 -12.07 15.24 -6.96
CA ASN A 217 -11.30 16.18 -6.14
C ASN A 217 -9.89 16.41 -6.74
N ALA A 218 -9.53 15.63 -7.77
CA ALA A 218 -8.27 15.78 -8.49
C ALA A 218 -8.49 16.65 -9.73
N ASN A 219 -7.66 17.70 -9.87
CA ASN A 219 -7.66 18.55 -11.08
C ASN A 219 -7.06 17.77 -12.27
N GLU A 220 -7.03 18.39 -13.45
CA GLU A 220 -6.53 17.76 -14.68
C GLU A 220 -5.02 17.44 -14.59
N GLU A 221 -4.29 18.13 -13.70
CA GLU A 221 -2.86 17.90 -13.47
C GLU A 221 -2.65 16.76 -12.46
N ASP A 222 -3.62 16.56 -11.54
CA ASP A 222 -3.51 15.59 -10.46
C ASP A 222 -3.91 14.17 -10.91
N VAL A 223 -4.68 14.04 -12.00
CA VAL A 223 -5.03 12.74 -12.58
C VAL A 223 -3.92 12.20 -13.50
N LEU A 224 -2.88 13.01 -13.75
CA LEU A 224 -1.81 12.70 -14.70
C LEU A 224 -0.94 11.51 -14.22
N ASN A 225 -0.97 11.19 -12.92
CA ASN A 225 -0.23 10.07 -12.33
C ASN A 225 -1.14 9.16 -11.50
N PHE A 226 -2.46 9.45 -11.48
CA PHE A 226 -3.44 8.67 -10.74
C PHE A 226 -3.66 7.33 -11.46
N ALA A 227 -3.15 6.23 -10.87
CA ALA A 227 -3.23 4.88 -11.43
C ALA A 227 -3.37 3.84 -10.30
N MET A 228 -3.52 2.55 -10.66
CA MET A 228 -3.68 1.45 -9.70
C MET A 228 -2.72 0.30 -10.02
N LEU A 229 -2.30 -0.40 -8.96
CA LEU A 229 -1.39 -1.53 -8.97
C LEU A 229 -2.05 -2.71 -8.24
N GLY A 230 -1.43 -3.89 -8.31
CA GLY A 230 -1.91 -5.08 -7.62
C GLY A 230 -0.76 -5.90 -7.03
N LEU A 231 -1.12 -6.93 -6.25
CA LEU A 231 -0.20 -7.84 -5.60
C LEU A 231 -0.84 -9.23 -5.55
N GLY A 232 -0.45 -10.08 -6.52
CA GLY A 232 -0.92 -11.44 -6.66
C GLY A 232 0.27 -12.40 -6.66
N PRO A 233 0.08 -13.65 -7.13
CA PRO A 233 1.16 -14.63 -7.21
C PRO A 233 2.23 -14.18 -8.21
N ASN A 234 3.43 -14.76 -8.09
CA ASN A 234 4.59 -14.34 -8.87
C ASN A 234 4.47 -14.80 -10.33
N TRP A 235 4.90 -13.92 -11.24
CA TRP A 235 4.96 -14.19 -12.67
C TRP A 235 6.18 -15.07 -13.01
N GLU A 236 6.32 -15.44 -14.29
CA GLU A 236 7.39 -16.30 -14.78
C GLU A 236 8.76 -15.78 -14.33
N MET A 1 -18.12 -8.65 -16.54
CA MET A 1 -18.42 -8.01 -15.24
C MET A 1 -17.29 -7.07 -14.84
N SER A 2 -17.57 -5.76 -14.85
CA SER A 2 -16.65 -4.72 -14.36
C SER A 2 -17.45 -3.50 -13.90
N GLY A 3 -16.73 -2.55 -13.29
CA GLY A 3 -17.29 -1.26 -12.87
C GLY A 3 -17.28 -0.27 -14.03
N GLU A 4 -17.51 1.00 -13.70
CA GLU A 4 -17.50 2.11 -14.66
C GLU A 4 -16.71 3.27 -14.04
N ASN A 5 -15.42 3.37 -14.41
CA ASN A 5 -14.50 4.34 -13.84
C ASN A 5 -13.80 5.12 -14.96
N ARG A 6 -13.35 6.34 -14.65
CA ARG A 6 -12.74 7.26 -15.61
C ARG A 6 -11.37 6.72 -16.11
N ALA A 7 -10.76 7.45 -17.05
CA ALA A 7 -9.48 7.10 -17.67
C ALA A 7 -8.34 7.04 -16.64
N VAL A 8 -7.16 6.58 -17.09
CA VAL A 8 -5.99 6.35 -16.24
C VAL A 8 -4.72 6.93 -16.90
N VAL A 9 -3.72 7.27 -16.07
CA VAL A 9 -2.40 7.71 -16.51
C VAL A 9 -1.35 7.10 -15.55
N PRO A 10 -0.46 6.21 -16.05
CA PRO A 10 0.52 5.51 -15.22
C PRO A 10 1.57 6.48 -14.64
N ILE A 11 2.43 5.96 -13.76
CA ILE A 11 3.42 6.76 -13.01
C ILE A 11 4.86 6.30 -13.33
N GLU A 12 5.82 6.82 -12.57
CA GLU A 12 7.26 6.68 -12.76
C GLU A 12 7.66 5.24 -13.10
N SER A 13 7.53 4.31 -12.14
CA SER A 13 7.92 2.92 -12.33
C SER A 13 6.99 1.98 -11.56
N ASN A 14 5.89 1.58 -12.23
CA ASN A 14 5.01 0.53 -11.74
C ASN A 14 5.68 -0.88 -11.76
N PRO A 15 6.51 -1.24 -12.78
CA PRO A 15 6.89 -2.64 -13.01
C PRO A 15 8.25 -3.06 -12.40
N GLU A 16 9.02 -2.14 -11.75
CA GLU A 16 10.39 -2.48 -11.35
C GLU A 16 10.75 -2.04 -9.91
N VAL A 17 10.65 -0.73 -9.62
CA VAL A 17 11.24 -0.14 -8.40
C VAL A 17 10.54 -0.64 -7.10
N PHE A 18 9.28 -1.09 -7.20
CA PHE A 18 8.48 -1.42 -6.02
C PHE A 18 8.95 -2.74 -5.35
N THR A 19 9.68 -3.62 -6.09
CA THR A 19 10.15 -4.90 -5.53
C THR A 19 11.35 -4.71 -4.59
N ASN A 20 12.04 -3.56 -4.67
CA ASN A 20 13.10 -3.26 -3.71
C ASN A 20 12.51 -3.08 -2.31
N PHE A 21 11.24 -2.67 -2.21
CA PHE A 21 10.54 -2.50 -0.95
C PHE A 21 9.92 -3.82 -0.46
N ALA A 22 9.39 -4.63 -1.39
CA ALA A 22 8.58 -5.81 -1.06
C ALA A 22 9.43 -7.06 -0.83
N HIS A 23 10.32 -7.40 -1.77
CA HIS A 23 10.99 -8.69 -1.80
C HIS A 23 12.07 -8.81 -0.71
N LYS A 24 12.59 -7.67 -0.23
CA LYS A 24 13.58 -7.64 0.85
C LYS A 24 12.90 -7.85 2.23
N LEU A 25 11.58 -7.60 2.30
CA LEU A 25 10.84 -7.64 3.57
C LEU A 25 10.25 -9.03 3.87
N GLY A 26 10.29 -9.98 2.89
CA GLY A 26 9.90 -11.36 3.17
C GLY A 26 8.86 -11.92 2.18
N LEU A 27 8.57 -11.21 1.08
CA LEU A 27 7.65 -11.70 0.05
C LEU A 27 8.21 -13.00 -0.57
N LYS A 28 7.34 -14.00 -0.77
CA LYS A 28 7.72 -15.29 -1.39
C LYS A 28 8.30 -15.08 -2.79
N ASN A 29 9.00 -16.09 -3.30
CA ASN A 29 9.40 -16.16 -4.70
C ASN A 29 8.23 -16.66 -5.56
N GLU A 30 7.24 -17.31 -4.93
CA GLU A 30 6.07 -17.90 -5.59
C GLU A 30 4.98 -16.84 -5.83
N TRP A 31 5.11 -15.66 -5.24
CA TRP A 31 4.15 -14.56 -5.34
C TRP A 31 4.91 -13.29 -5.75
N ALA A 32 4.43 -12.61 -6.80
CA ALA A 32 5.01 -11.33 -7.25
C ALA A 32 3.91 -10.43 -7.84
N TYR A 33 4.28 -9.18 -8.18
CA TYR A 33 3.32 -8.17 -8.58
C TYR A 33 3.44 -7.85 -10.07
N PHE A 34 2.50 -7.04 -10.58
CA PHE A 34 2.57 -6.50 -11.94
C PHE A 34 1.79 -5.17 -12.01
N ASP A 35 1.96 -4.45 -13.14
CA ASP A 35 1.20 -3.23 -13.40
C ASP A 35 -0.28 -3.57 -13.64
N ILE A 36 -1.14 -2.56 -13.49
CA ILE A 36 -2.58 -2.71 -13.75
C ILE A 36 -3.05 -1.47 -14.51
N TYR A 37 -3.54 -1.69 -15.73
CA TYR A 37 -4.08 -0.63 -16.55
C TYR A 37 -5.35 -0.06 -15.90
N SER A 38 -6.42 -0.85 -15.85
CA SER A 38 -7.73 -0.41 -15.34
C SER A 38 -8.45 -1.54 -14.60
N LEU A 39 -9.68 -1.25 -14.15
CA LEU A 39 -10.57 -2.21 -13.49
C LEU A 39 -11.99 -2.15 -14.09
N THR A 40 -12.24 -1.15 -14.95
CA THR A 40 -13.53 -0.94 -15.62
C THR A 40 -13.68 -1.84 -16.87
N GLU A 41 -12.66 -2.67 -17.16
CA GLU A 41 -12.60 -3.50 -18.37
C GLU A 41 -12.45 -4.98 -17.97
N PRO A 42 -13.41 -5.86 -18.36
CA PRO A 42 -13.39 -7.26 -17.99
C PRO A 42 -12.34 -8.05 -18.81
N GLU A 43 -11.79 -7.42 -19.85
CA GLU A 43 -10.74 -8.01 -20.68
C GLU A 43 -9.43 -8.11 -19.89
N LEU A 44 -9.22 -7.19 -18.94
CA LEU A 44 -8.05 -7.19 -18.05
C LEU A 44 -8.22 -8.20 -16.92
N LEU A 45 -9.46 -8.32 -16.41
CA LEU A 45 -9.76 -9.21 -15.28
C LEU A 45 -9.81 -10.68 -15.72
N ALA A 46 -10.04 -10.92 -17.02
CA ALA A 46 -10.11 -12.27 -17.58
C ALA A 46 -8.69 -12.83 -17.87
N PHE A 47 -7.66 -11.96 -17.83
CA PHE A 47 -6.27 -12.37 -18.08
C PHE A 47 -5.54 -12.71 -16.76
N LEU A 48 -6.17 -12.44 -15.61
CA LEU A 48 -5.64 -12.79 -14.29
C LEU A 48 -5.66 -14.33 -14.13
N PRO A 49 -4.49 -15.01 -14.04
CA PRO A 49 -4.41 -16.45 -13.91
C PRO A 49 -4.86 -16.93 -12.50
N ARG A 50 -4.88 -16.00 -11.52
CA ARG A 50 -5.30 -16.27 -10.15
C ARG A 50 -6.07 -15.06 -9.62
N PRO A 51 -7.07 -15.25 -8.72
CA PRO A 51 -7.74 -14.15 -8.05
C PRO A 51 -6.74 -13.41 -7.16
N VAL A 52 -6.52 -12.11 -7.46
CA VAL A 52 -5.53 -11.27 -6.76
C VAL A 52 -6.00 -11.04 -5.31
N LYS A 53 -5.05 -11.05 -4.35
CA LYS A 53 -5.37 -10.97 -2.92
C LYS A 53 -5.14 -9.56 -2.35
N ALA A 54 -4.41 -8.69 -3.05
CA ALA A 54 -4.16 -7.32 -2.58
C ALA A 54 -4.08 -6.33 -3.74
N ILE A 55 -4.43 -5.06 -3.44
CA ILE A 55 -4.47 -3.98 -4.42
C ILE A 55 -4.17 -2.64 -3.71
N VAL A 56 -3.62 -1.68 -4.46
CA VAL A 56 -3.30 -0.34 -3.97
C VAL A 56 -3.59 0.69 -5.08
N LEU A 57 -4.03 1.90 -4.69
CA LEU A 57 -4.23 3.02 -5.62
C LEU A 57 -3.10 4.03 -5.43
N LEU A 58 -2.78 4.76 -6.50
CA LEU A 58 -1.64 5.66 -6.56
C LEU A 58 -2.13 7.04 -7.01
N PHE A 59 -2.17 8.02 -6.09
CA PHE A 59 -2.59 9.39 -6.43
C PHE A 59 -1.93 10.42 -5.49
N PRO A 60 -1.75 11.68 -5.93
CA PRO A 60 -1.14 12.74 -5.14
C PRO A 60 -2.13 13.33 -4.12
N ILE A 61 -1.62 14.22 -3.26
CA ILE A 61 -2.44 14.95 -2.29
C ILE A 61 -3.07 16.19 -2.94
N ASN A 62 -4.20 16.65 -2.40
CA ASN A 62 -4.81 17.92 -2.78
C ASN A 62 -4.78 18.89 -1.59
N GLU A 63 -4.79 20.20 -1.87
CA GLU A 63 -4.87 21.25 -0.85
C GLU A 63 -6.29 21.37 -0.27
N ASP A 64 -7.26 20.63 -0.85
CA ASP A 64 -8.64 20.63 -0.41
C ASP A 64 -9.19 19.20 -0.46
N ARG A 65 -9.34 18.59 0.72
CA ARG A 65 -9.91 17.26 0.88
C ARG A 65 -11.40 17.40 1.22
N LYS A 66 -12.25 17.45 0.18
CA LYS A 66 -13.70 17.60 0.35
C LYS A 66 -14.36 16.30 0.86
N SER A 67 -13.57 15.22 1.02
CA SER A 67 -14.07 13.92 1.44
C SER A 67 -13.10 13.31 2.46
N SER A 68 -13.08 13.89 3.67
CA SER A 68 -12.25 13.42 4.77
C SER A 68 -12.96 13.68 6.10
N THR A 69 -12.92 12.68 6.98
CA THR A 69 -13.48 12.75 8.33
C THR A 69 -12.57 12.00 9.31
N SER A 70 -12.69 12.33 10.60
CA SER A 70 -11.99 11.62 11.68
C SER A 70 -12.71 11.83 13.01
N GLN A 71 -12.46 10.91 13.96
CA GLN A 71 -12.97 10.99 15.33
C GLN A 71 -12.11 10.15 16.30
N GLN A 72 -10.95 9.64 15.82
CA GLN A 72 -10.03 8.79 16.57
C GLN A 72 -10.77 7.54 17.09
N ILE A 73 -11.07 6.62 16.16
CA ILE A 73 -11.95 5.46 16.39
C ILE A 73 -11.31 4.44 17.34
N THR A 74 -9.98 4.21 17.22
CA THR A 74 -9.15 3.26 18.03
C THR A 74 -9.72 1.82 18.15
N SER A 75 -10.76 1.46 17.37
CA SER A 75 -11.38 0.14 17.46
C SER A 75 -10.46 -0.95 16.87
N SER A 76 -10.80 -2.22 17.18
CA SER A 76 -10.08 -3.39 16.69
C SER A 76 -10.76 -3.96 15.44
N TYR A 77 -10.47 -3.37 14.28
CA TYR A 77 -10.99 -3.81 12.98
C TYR A 77 -10.28 -5.08 12.47
N ASP A 78 -9.41 -5.68 13.31
CA ASP A 78 -8.66 -6.90 13.00
C ASP A 78 -7.72 -6.74 11.78
N VAL A 79 -7.41 -5.50 11.38
CA VAL A 79 -6.43 -5.20 10.33
C VAL A 79 -5.38 -4.22 10.87
N ILE A 80 -4.12 -4.48 10.55
CA ILE A 80 -2.98 -3.67 10.97
C ILE A 80 -3.01 -2.34 10.19
N TRP A 81 -2.45 -1.28 10.78
CA TRP A 81 -2.19 -0.01 10.08
C TRP A 81 -0.87 0.60 10.57
N PHE A 82 -0.35 1.58 9.83
CA PHE A 82 0.91 2.25 10.19
C PHE A 82 0.83 3.73 9.85
N LYS A 83 0.94 4.58 10.88
CA LYS A 83 0.90 6.03 10.76
C LYS A 83 2.11 6.51 9.95
N GLN A 84 1.84 7.21 8.84
CA GLN A 84 2.87 7.77 7.98
C GLN A 84 3.56 8.93 8.70
N SER A 85 4.84 8.74 9.02
CA SER A 85 5.67 9.75 9.68
C SER A 85 7.11 9.73 9.11
N VAL A 86 7.38 8.80 8.18
CA VAL A 86 8.67 8.63 7.51
C VAL A 86 8.52 8.97 6.03
N LYS A 87 8.99 10.17 5.65
CA LYS A 87 8.88 10.70 4.29
C LYS A 87 9.86 9.98 3.33
N ASN A 88 10.96 9.42 3.86
CA ASN A 88 11.94 8.66 3.07
C ASN A 88 11.45 7.22 2.80
N ALA A 89 10.23 6.88 3.27
CA ALA A 89 9.71 5.53 3.25
C ALA A 89 8.25 5.53 2.76
N CYS A 90 7.96 6.31 1.69
CA CYS A 90 6.61 6.42 1.12
C CYS A 90 6.16 5.10 0.51
N GLY A 91 7.00 4.51 -0.35
CA GLY A 91 6.71 3.21 -0.97
C GLY A 91 6.91 2.07 0.03
N LEU A 92 7.74 2.29 1.07
CA LEU A 92 7.99 1.30 2.10
C LEU A 92 6.83 1.18 3.08
N TYR A 93 6.09 2.28 3.36
CA TYR A 93 4.92 2.18 4.24
C TYR A 93 3.75 1.54 3.48
N ALA A 94 3.75 1.65 2.14
CA ALA A 94 2.74 0.99 1.31
C ALA A 94 2.94 -0.54 1.33
N ILE A 95 4.19 -1.01 1.55
CA ILE A 95 4.48 -2.43 1.75
C ILE A 95 4.08 -2.84 3.17
N LEU A 96 4.27 -1.96 4.17
CA LEU A 96 3.89 -2.27 5.55
C LEU A 96 2.36 -2.40 5.67
N HIS A 97 1.59 -1.84 4.73
CA HIS A 97 0.13 -1.98 4.71
C HIS A 97 -0.26 -3.36 4.15
N SER A 98 0.22 -3.69 2.94
CA SER A 98 -0.21 -4.88 2.20
C SER A 98 0.33 -6.17 2.84
N LEU A 99 1.64 -6.21 3.14
CA LEU A 99 2.31 -7.44 3.55
C LEU A 99 1.97 -7.82 5.01
N SER A 100 1.54 -6.84 5.83
CA SER A 100 1.18 -7.07 7.23
C SER A 100 -0.30 -7.49 7.39
N ASN A 101 -1.05 -7.55 6.27
CA ASN A 101 -2.44 -8.00 6.25
C ASN A 101 -2.62 -9.17 5.28
N ASN A 102 -1.50 -9.71 4.77
CA ASN A 102 -1.48 -10.92 3.99
C ASN A 102 -0.29 -11.77 4.44
N GLN A 103 -0.34 -12.19 5.73
CA GLN A 103 0.68 -13.03 6.34
C GLN A 103 0.64 -14.46 5.75
N SER A 104 -0.44 -14.78 5.03
CA SER A 104 -0.59 -16.05 4.30
C SER A 104 0.35 -16.11 3.08
N LEU A 105 1.03 -15.00 2.76
CA LEU A 105 1.98 -14.88 1.66
C LEU A 105 3.36 -14.40 2.20
N LEU A 106 3.40 -13.94 3.47
CA LEU A 106 4.60 -13.47 4.14
C LEU A 106 5.36 -14.67 4.72
N GLU A 107 6.65 -14.81 4.36
CA GLU A 107 7.49 -15.93 4.81
C GLU A 107 7.69 -15.90 6.34
N PRO A 108 7.86 -17.07 6.99
CA PRO A 108 8.13 -17.17 8.41
C PRO A 108 9.59 -16.81 8.70
N GLY A 109 9.84 -16.15 9.83
CA GLY A 109 11.18 -15.79 10.28
C GLY A 109 11.83 -14.69 9.43
N SER A 110 11.11 -14.14 8.44
CA SER A 110 11.61 -13.10 7.53
C SER A 110 11.80 -11.77 8.27
N ASP A 111 12.26 -10.76 7.53
CA ASP A 111 12.58 -9.44 8.06
C ASP A 111 11.33 -8.75 8.67
N LEU A 112 10.17 -8.87 7.99
CA LEU A 112 8.91 -8.28 8.48
C LEU A 112 8.28 -9.17 9.56
N ASP A 113 8.52 -10.50 9.52
CA ASP A 113 7.97 -11.41 10.51
C ASP A 113 8.65 -11.24 11.88
N ASN A 114 9.94 -10.83 11.87
CA ASN A 114 10.68 -10.57 13.11
C ASN A 114 10.20 -9.26 13.74
N PHE A 115 9.74 -8.30 12.92
CA PHE A 115 9.19 -7.04 13.40
C PHE A 115 7.81 -7.24 14.04
N LEU A 116 7.05 -8.24 13.56
CA LEU A 116 5.75 -8.60 14.12
C LEU A 116 5.93 -9.38 15.43
N LYS A 117 7.02 -10.17 15.52
CA LYS A 117 7.35 -10.93 16.72
C LYS A 117 7.85 -9.98 17.84
N SER A 118 8.43 -8.83 17.47
CA SER A 118 8.90 -7.84 18.42
C SER A 118 7.72 -7.17 19.15
N GLN A 119 6.58 -6.99 18.44
CA GLN A 119 5.38 -6.39 19.04
C GLN A 119 4.73 -7.32 20.05
N SER A 120 4.98 -8.64 19.94
CA SER A 120 4.47 -9.61 20.91
C SER A 120 5.22 -9.46 22.25
N ASP A 121 6.50 -9.03 22.20
CA ASP A 121 7.31 -8.80 23.40
C ASP A 121 7.15 -7.36 23.93
N THR A 122 6.60 -6.45 23.10
CA THR A 122 6.33 -5.07 23.52
C THR A 122 5.07 -4.99 24.41
N SER A 123 4.31 -6.11 24.50
CA SER A 123 3.09 -6.22 25.31
C SER A 123 2.03 -5.17 24.93
N SER A 124 2.14 -4.58 23.72
CA SER A 124 1.23 -3.56 23.22
C SER A 124 0.62 -4.00 21.88
N SER A 125 -0.37 -3.23 21.40
CA SER A 125 -1.12 -3.57 20.20
C SER A 125 -0.22 -3.56 18.96
N LYS A 126 -0.27 -4.64 18.18
CA LYS A 126 0.45 -4.76 16.92
C LYS A 126 -0.17 -3.85 15.83
N ASN A 127 -1.42 -3.40 16.05
CA ASN A 127 -2.14 -2.58 15.08
C ASN A 127 -1.69 -1.12 15.16
N ARG A 128 -1.42 -0.62 16.38
CA ARG A 128 -1.01 0.77 16.60
C ARG A 128 0.46 0.97 16.23
N PHE A 129 0.83 2.23 15.94
CA PHE A 129 2.21 2.64 15.67
C PHE A 129 2.56 3.82 16.59
N ASP A 130 2.94 3.51 17.85
CA ASP A 130 3.22 4.53 18.87
C ASP A 130 4.40 4.12 19.77
N ASP A 131 4.86 2.86 19.67
CA ASP A 131 5.98 2.36 20.46
C ASP A 131 7.30 2.94 19.93
N VAL A 132 8.38 2.83 20.72
CA VAL A 132 9.73 3.16 20.26
C VAL A 132 10.30 2.00 19.42
N THR A 133 9.76 0.78 19.61
CA THR A 133 10.24 -0.42 18.94
C THR A 133 9.74 -0.49 17.49
N THR A 134 8.56 0.10 17.21
CA THR A 134 8.00 0.10 15.86
C THR A 134 8.77 1.06 14.95
N ASP A 135 9.38 2.10 15.53
CA ASP A 135 10.16 3.09 14.78
C ASP A 135 11.63 2.65 14.67
N GLN A 136 12.11 1.81 15.61
CA GLN A 136 13.51 1.40 15.69
C GLN A 136 13.93 0.60 14.45
N PHE A 137 13.03 -0.25 13.94
CA PHE A 137 13.30 -1.10 12.78
C PHE A 137 13.18 -0.28 11.50
N VAL A 138 12.14 0.57 11.41
CA VAL A 138 11.80 1.33 10.20
C VAL A 138 12.92 2.31 9.84
N LEU A 139 13.51 3.00 10.84
CA LEU A 139 14.54 4.02 10.56
C LEU A 139 15.86 3.39 10.07
N ASN A 140 16.06 2.08 10.34
CA ASN A 140 17.29 1.39 9.94
C ASN A 140 17.21 0.92 8.47
N VAL A 141 16.00 0.55 8.01
CA VAL A 141 15.78 0.10 6.63
C VAL A 141 15.87 1.28 5.65
N ILE A 142 15.59 2.50 6.12
CA ILE A 142 15.63 3.71 5.30
C ILE A 142 17.08 4.03 4.88
N LYS A 143 18.07 3.68 5.71
CA LYS A 143 19.48 4.01 5.43
C LYS A 143 20.00 3.26 4.19
N GLU A 144 19.33 2.16 3.80
CA GLU A 144 19.67 1.35 2.63
C GLU A 144 19.19 1.99 1.31
N ASN A 145 18.55 3.18 1.39
CA ASN A 145 17.94 3.84 0.23
C ASN A 145 18.29 5.35 0.21
N VAL A 146 18.77 5.88 1.35
CA VAL A 146 19.32 7.25 1.45
C VAL A 146 20.65 7.33 0.69
N GLN A 147 21.21 6.16 0.35
CA GLN A 147 22.35 6.04 -0.52
C GLN A 147 21.98 6.49 -1.93
N THR A 148 22.95 6.38 -2.81
CA THR A 148 22.93 6.96 -4.16
C THR A 148 21.88 6.29 -5.08
N PHE A 149 21.31 5.15 -4.66
CA PHE A 149 20.27 4.45 -5.42
C PHE A 149 18.97 5.25 -5.41
N SER A 150 18.60 5.82 -4.25
CA SER A 150 17.42 6.68 -4.06
C SER A 150 16.07 6.02 -4.45
N THR A 151 16.08 4.72 -4.81
CA THR A 151 14.92 3.91 -5.21
C THR A 151 13.81 4.75 -5.87
N GLY A 152 14.06 5.19 -7.12
CA GLY A 152 13.17 6.07 -7.83
C GLY A 152 13.44 6.04 -9.34
N GLN A 153 12.87 7.02 -10.05
CA GLN A 153 12.98 7.14 -11.50
C GLN A 153 14.45 7.27 -11.93
N SER A 154 15.05 8.45 -11.70
CA SER A 154 16.42 8.74 -12.12
C SER A 154 16.96 9.96 -11.32
N GLU A 155 18.19 10.41 -11.67
CA GLU A 155 18.88 11.62 -11.16
C GLU A 155 18.89 11.77 -9.62
N ALA A 156 18.67 10.66 -8.88
CA ALA A 156 18.72 10.60 -7.41
C ALA A 156 18.00 11.79 -6.74
N PRO A 157 16.66 11.74 -6.63
CA PRO A 157 15.85 12.84 -6.14
C PRO A 157 15.90 12.96 -4.61
N GLU A 158 15.28 14.02 -4.08
CA GLU A 158 15.13 14.27 -2.64
C GLU A 158 13.66 14.04 -2.21
N ALA A 159 12.78 13.74 -3.19
CA ALA A 159 11.37 13.44 -2.95
C ALA A 159 10.92 12.29 -3.88
N THR A 160 9.66 11.86 -3.74
CA THR A 160 9.13 10.77 -4.57
C THR A 160 8.96 11.23 -6.03
N ALA A 161 8.51 12.47 -6.24
CA ALA A 161 8.31 13.05 -7.57
C ALA A 161 8.29 14.60 -7.49
N ASP A 162 7.89 15.26 -8.59
CA ASP A 162 7.98 16.71 -8.78
C ASP A 162 7.04 17.52 -7.84
N THR A 163 6.08 16.86 -7.16
CA THR A 163 5.15 17.56 -6.26
C THR A 163 5.06 16.80 -4.92
N ASN A 164 3.96 16.05 -4.68
CA ASN A 164 3.81 15.24 -3.47
C ASN A 164 2.82 14.10 -3.73
N LEU A 165 3.34 12.87 -3.86
CA LEU A 165 2.52 11.66 -4.04
C LEU A 165 1.93 11.19 -2.71
N HIS A 166 0.85 10.40 -2.78
CA HIS A 166 0.25 9.71 -1.64
C HIS A 166 -0.15 8.28 -2.05
N TYR A 167 -0.31 7.37 -1.08
CA TYR A 167 -0.69 5.98 -1.35
C TYR A 167 -1.76 5.52 -0.35
N ILE A 168 -2.68 4.67 -0.83
CA ILE A 168 -3.76 4.08 -0.04
C ILE A 168 -3.91 2.60 -0.44
N THR A 169 -3.48 1.69 0.44
CA THR A 169 -3.67 0.26 0.24
C THR A 169 -5.03 -0.15 0.82
N TYR A 170 -5.77 -0.98 0.10
CA TYR A 170 -7.10 -1.47 0.52
C TYR A 170 -7.27 -2.92 0.09
N VAL A 171 -7.78 -3.76 1.02
CA VAL A 171 -8.00 -5.19 0.78
C VAL A 171 -9.28 -5.63 1.53
N GLU A 172 -9.60 -6.93 1.45
CA GLU A 172 -10.71 -7.52 2.21
C GLU A 172 -10.23 -8.70 3.05
N GLU A 173 -10.92 -8.93 4.17
CA GLU A 173 -10.64 -10.00 5.11
C GLU A 173 -11.97 -10.53 5.65
N ASN A 174 -12.20 -11.84 5.52
CA ASN A 174 -13.42 -12.53 5.98
C ASN A 174 -14.71 -11.95 5.34
N GLY A 175 -14.57 -11.28 4.17
CA GLY A 175 -15.70 -10.74 3.42
C GLY A 175 -15.98 -9.26 3.75
N GLY A 176 -15.13 -8.63 4.57
CA GLY A 176 -15.26 -7.23 4.97
C GLY A 176 -14.08 -6.42 4.44
N ILE A 177 -14.37 -5.47 3.54
CA ILE A 177 -13.37 -4.59 2.94
C ILE A 177 -12.92 -3.56 3.99
N PHE A 178 -11.63 -3.21 3.95
CA PHE A 178 -11.04 -2.16 4.77
C PHE A 178 -10.14 -1.27 3.91
N GLU A 179 -9.64 -0.18 4.51
CA GLU A 179 -8.75 0.76 3.87
C GLU A 179 -7.70 1.19 4.90
N LEU A 180 -6.44 1.25 4.45
CA LEU A 180 -5.29 1.51 5.31
C LEU A 180 -4.64 2.82 4.89
N ASP A 181 -4.65 3.80 5.79
CA ASP A 181 -4.10 5.12 5.56
C ASP A 181 -3.33 5.58 6.79
N GLY A 182 -2.08 5.96 6.60
CA GLY A 182 -1.22 6.47 7.67
C GLY A 182 -1.47 7.96 7.93
N ARG A 183 -2.14 8.67 6.99
CA ARG A 183 -2.54 10.06 7.20
C ARG A 183 -3.72 10.11 8.19
N ASN A 184 -4.53 9.03 8.25
CA ASN A 184 -5.58 8.89 9.24
C ASN A 184 -5.00 8.30 10.52
N LEU A 185 -4.77 9.17 11.53
CA LEU A 185 -4.30 8.74 12.85
C LEU A 185 -5.38 7.92 13.58
N SER A 186 -6.63 7.95 13.09
CA SER A 186 -7.77 7.28 13.70
C SER A 186 -7.72 5.75 13.50
N GLY A 187 -6.79 5.25 12.67
CA GLY A 187 -6.68 3.82 12.37
C GLY A 187 -7.33 3.49 11.02
N PRO A 188 -7.62 2.19 10.77
CA PRO A 188 -8.20 1.71 9.52
C PRO A 188 -9.66 2.18 9.36
N LEU A 189 -10.25 1.91 8.19
CA LEU A 189 -11.58 2.37 7.83
C LEU A 189 -12.31 1.26 7.04
N TYR A 190 -13.38 0.70 7.65
CA TYR A 190 -14.23 -0.30 7.01
C TYR A 190 -14.95 0.34 5.81
N LEU A 191 -14.53 -0.03 4.59
CA LEU A 191 -15.05 0.53 3.34
C LEU A 191 -16.49 0.03 3.11
N GLY A 192 -16.74 -1.27 3.28
CA GLY A 192 -18.05 -1.87 3.07
C GLY A 192 -17.96 -3.40 2.97
N LYS A 193 -19.10 -4.06 2.74
CA LYS A 193 -19.19 -5.50 2.59
C LYS A 193 -18.89 -5.86 1.13
N SER A 194 -18.12 -6.96 0.91
CA SER A 194 -17.78 -7.47 -0.40
C SER A 194 -19.05 -7.86 -1.19
N ASP A 195 -19.01 -7.69 -2.52
CA ASP A 195 -20.12 -8.07 -3.40
C ASP A 195 -20.04 -9.58 -3.71
N PRO A 196 -21.20 -10.24 -3.90
CA PRO A 196 -21.27 -11.65 -4.24
C PRO A 196 -21.01 -11.89 -5.75
N THR A 197 -20.86 -10.80 -6.53
CA THR A 197 -20.67 -10.87 -7.99
C THR A 197 -19.22 -10.62 -8.40
N ALA A 198 -18.36 -10.16 -7.46
CA ALA A 198 -16.95 -9.92 -7.73
C ALA A 198 -16.23 -11.26 -7.97
N THR A 199 -15.30 -11.28 -8.94
CA THR A 199 -14.57 -12.49 -9.31
C THR A 199 -13.34 -12.71 -8.41
N ASP A 200 -12.81 -11.63 -7.79
CA ASP A 200 -11.65 -11.76 -6.90
C ASP A 200 -11.68 -10.68 -5.81
N LEU A 201 -11.55 -9.40 -6.20
CA LEU A 201 -11.40 -8.27 -5.28
C LEU A 201 -11.43 -6.97 -6.12
N ILE A 202 -10.68 -6.97 -7.24
CA ILE A 202 -10.54 -5.81 -8.13
C ILE A 202 -11.87 -5.47 -8.81
N GLU A 203 -12.73 -6.49 -9.02
CA GLU A 203 -14.01 -6.36 -9.72
C GLU A 203 -15.09 -5.72 -8.81
N GLN A 204 -14.82 -5.57 -7.50
CA GLN A 204 -15.78 -5.03 -6.53
C GLN A 204 -16.21 -3.61 -6.92
N GLU A 205 -17.47 -3.28 -6.61
CA GLU A 205 -18.05 -1.95 -6.86
C GLU A 205 -17.67 -0.97 -5.75
N LEU A 206 -17.48 -1.45 -4.51
CA LEU A 206 -17.20 -0.61 -3.34
C LEU A 206 -15.84 0.10 -3.52
N VAL A 207 -14.84 -0.61 -4.06
CA VAL A 207 -13.51 -0.06 -4.27
C VAL A 207 -13.44 0.80 -5.55
N ARG A 208 -14.35 0.54 -6.52
CA ARG A 208 -14.38 1.25 -7.79
C ARG A 208 -14.98 2.66 -7.62
N VAL A 209 -15.91 2.81 -6.67
CA VAL A 209 -16.49 4.11 -6.32
C VAL A 209 -15.51 4.89 -5.41
N ARG A 210 -14.63 4.17 -4.68
CA ARG A 210 -13.68 4.78 -3.76
C ARG A 210 -12.57 5.51 -4.54
N VAL A 211 -12.03 4.88 -5.60
CA VAL A 211 -10.99 5.51 -6.44
C VAL A 211 -11.58 6.69 -7.24
N ALA A 212 -12.90 6.64 -7.55
CA ALA A 212 -13.57 7.69 -8.28
C ALA A 212 -13.84 8.92 -7.40
N SER A 213 -13.94 8.72 -6.08
CA SER A 213 -14.21 9.80 -5.14
C SER A 213 -12.96 10.68 -4.94
N TYR A 214 -11.76 10.08 -5.05
CA TYR A 214 -10.51 10.82 -4.96
C TYR A 214 -10.29 11.68 -6.21
N MET A 215 -10.87 11.28 -7.36
CA MET A 215 -10.76 12.04 -8.61
C MET A 215 -11.63 13.32 -8.53
N GLU A 216 -12.71 13.28 -7.75
CA GLU A 216 -13.56 14.45 -7.52
C GLU A 216 -12.87 15.47 -6.60
N ASN A 217 -11.87 15.03 -5.81
CA ASN A 217 -11.07 15.93 -4.98
C ASN A 217 -9.88 16.49 -5.77
N ALA A 218 -9.51 15.83 -6.87
CA ALA A 218 -8.31 16.15 -7.64
C ALA A 218 -8.58 17.16 -8.75
N ASN A 219 -7.56 17.94 -9.10
CA ASN A 219 -7.58 18.86 -10.22
C ASN A 219 -7.24 18.11 -11.53
N GLU A 220 -7.36 18.77 -12.68
CA GLU A 220 -6.96 18.21 -13.98
C GLU A 220 -5.43 18.03 -14.06
N GLU A 221 -4.67 18.64 -13.13
CA GLU A 221 -3.23 18.44 -13.01
C GLU A 221 -2.94 17.19 -12.17
N ASP A 222 -3.64 17.04 -11.04
CA ASP A 222 -3.41 15.96 -10.08
C ASP A 222 -3.92 14.60 -10.59
N VAL A 223 -4.88 14.60 -11.54
CA VAL A 223 -5.44 13.36 -12.09
C VAL A 223 -4.45 12.66 -13.04
N LEU A 224 -3.35 13.36 -13.42
CA LEU A 224 -2.35 12.85 -14.35
C LEU A 224 -1.39 11.83 -13.69
N ASN A 225 -1.60 11.51 -12.41
CA ASN A 225 -0.78 10.54 -11.69
C ASN A 225 -1.67 9.44 -11.09
N PHE A 226 -2.96 9.43 -11.46
CA PHE A 226 -3.88 8.37 -11.04
C PHE A 226 -3.54 7.09 -11.78
N ALA A 227 -2.95 6.14 -11.06
CA ALA A 227 -2.51 4.85 -11.58
C ALA A 227 -2.97 3.73 -10.64
N MET A 228 -2.75 2.47 -11.06
CA MET A 228 -3.23 1.30 -10.34
C MET A 228 -2.16 0.21 -10.34
N LEU A 229 -2.02 -0.48 -9.21
CA LEU A 229 -1.00 -1.50 -9.00
C LEU A 229 -1.54 -2.53 -8.00
N GLY A 230 -1.09 -3.79 -8.09
CA GLY A 230 -1.55 -4.84 -7.17
C GLY A 230 -0.58 -6.02 -7.11
N LEU A 231 -0.78 -6.88 -6.10
CA LEU A 231 0.12 -8.00 -5.77
C LEU A 231 -0.64 -9.32 -5.91
N GLY A 232 -0.21 -10.14 -6.89
CA GLY A 232 -0.84 -11.42 -7.25
C GLY A 232 0.23 -12.53 -7.31
N PRO A 233 0.06 -13.52 -8.23
CA PRO A 233 0.97 -14.64 -8.37
C PRO A 233 2.29 -14.22 -9.05
N ASN A 234 3.32 -15.07 -8.93
CA ASN A 234 4.59 -14.88 -9.63
C ASN A 234 4.43 -15.21 -11.11
N TRP A 235 4.36 -14.16 -11.95
CA TRP A 235 4.36 -14.28 -13.40
C TRP A 235 5.78 -14.66 -13.90
N GLU A 236 5.88 -14.98 -15.20
CA GLU A 236 7.11 -15.45 -15.85
C GLU A 236 8.25 -14.43 -15.66
N MET A 1 -13.43 11.96 -20.63
CA MET A 1 -12.86 10.72 -21.21
C MET A 1 -11.67 10.24 -20.37
N SER A 2 -10.64 11.10 -20.20
CA SER A 2 -9.48 10.80 -19.38
C SER A 2 -9.91 10.62 -17.91
N GLY A 3 -9.72 9.40 -17.37
CA GLY A 3 -10.15 9.08 -16.03
C GLY A 3 -10.02 7.59 -15.73
N GLU A 4 -11.07 7.02 -15.11
CA GLU A 4 -11.12 5.64 -14.64
C GLU A 4 -11.11 4.61 -15.79
N ASN A 5 -11.05 5.06 -17.05
CA ASN A 5 -11.06 4.18 -18.21
C ASN A 5 -9.80 4.38 -19.06
N ARG A 6 -9.62 5.59 -19.62
CA ARG A 6 -8.44 5.93 -20.42
C ARG A 6 -7.22 6.11 -19.49
N ALA A 7 -6.40 5.06 -19.38
CA ALA A 7 -5.17 5.08 -18.61
C ALA A 7 -4.05 5.68 -19.46
N VAL A 8 -3.70 6.95 -19.19
CA VAL A 8 -2.63 7.65 -19.91
C VAL A 8 -1.78 8.45 -18.90
N VAL A 9 -0.72 7.82 -18.38
CA VAL A 9 0.26 8.49 -17.51
C VAL A 9 1.64 7.78 -17.65
N PRO A 10 2.75 8.56 -17.76
CA PRO A 10 4.12 8.04 -17.82
C PRO A 10 4.67 7.78 -16.39
N ILE A 11 3.82 7.24 -15.49
CA ILE A 11 4.14 7.01 -14.08
C ILE A 11 5.43 6.17 -13.92
N GLU A 12 6.00 6.20 -12.70
CA GLU A 12 7.28 5.55 -12.37
C GLU A 12 7.24 4.05 -12.71
N SER A 13 8.44 3.48 -12.97
CA SER A 13 8.60 2.10 -13.37
C SER A 13 8.40 1.16 -12.18
N ASN A 14 7.14 0.74 -11.98
CA ASN A 14 6.75 -0.12 -10.87
C ASN A 14 7.16 -1.62 -10.99
N PRO A 15 7.49 -2.21 -12.19
CA PRO A 15 7.83 -3.64 -12.27
C PRO A 15 9.26 -3.94 -11.74
N GLU A 16 9.95 -2.93 -11.17
CA GLU A 16 11.28 -3.10 -10.57
C GLU A 16 11.34 -2.42 -9.19
N VAL A 17 10.49 -1.41 -8.94
CA VAL A 17 10.44 -0.72 -7.66
C VAL A 17 9.74 -1.61 -6.62
N PHE A 18 8.48 -2.00 -6.89
CA PHE A 18 7.69 -2.79 -5.96
C PHE A 18 8.13 -4.27 -5.96
N THR A 19 8.72 -4.74 -7.06
CA THR A 19 9.17 -6.13 -7.19
C THR A 19 10.44 -6.36 -6.34
N ASN A 20 11.34 -5.35 -6.28
CA ASN A 20 12.56 -5.43 -5.50
C ASN A 20 12.24 -5.36 -4.00
N PHE A 21 11.41 -4.39 -3.60
CA PHE A 21 11.07 -4.14 -2.20
C PHE A 21 10.27 -5.31 -1.61
N ALA A 22 9.47 -6.01 -2.42
CA ALA A 22 8.66 -7.13 -1.93
C ALA A 22 9.55 -8.23 -1.35
N HIS A 23 10.65 -8.55 -2.05
CA HIS A 23 11.59 -9.58 -1.63
C HIS A 23 12.45 -9.14 -0.43
N LYS A 24 12.65 -7.81 -0.26
CA LYS A 24 13.39 -7.27 0.88
C LYS A 24 12.54 -7.29 2.16
N LEU A 25 11.20 -7.19 2.01
CA LEU A 25 10.27 -7.33 3.14
C LEU A 25 10.04 -8.83 3.46
N GLY A 26 10.66 -9.73 2.67
CA GLY A 26 10.75 -11.16 3.00
C GLY A 26 9.68 -12.01 2.30
N LEU A 27 8.93 -11.44 1.35
CA LEU A 27 7.86 -12.14 0.64
C LEU A 27 8.42 -13.35 -0.12
N LYS A 28 7.58 -14.40 -0.31
CA LYS A 28 7.95 -15.58 -1.08
C LYS A 28 8.28 -15.18 -2.53
N ASN A 29 9.16 -15.95 -3.17
CA ASN A 29 9.45 -15.82 -4.60
C ASN A 29 8.25 -16.28 -5.45
N GLU A 30 7.28 -16.96 -4.82
CA GLU A 30 6.06 -17.44 -5.46
C GLU A 30 5.05 -16.28 -5.68
N TRP A 31 5.37 -15.06 -5.21
CA TRP A 31 4.50 -13.88 -5.34
C TRP A 31 5.33 -12.64 -5.67
N ALA A 32 4.72 -11.71 -6.43
CA ALA A 32 5.36 -10.48 -6.88
C ALA A 32 4.31 -9.40 -7.19
N TYR A 33 4.76 -8.23 -7.66
CA TYR A 33 3.89 -7.12 -8.07
C TYR A 33 3.11 -7.50 -9.36
N PHE A 34 2.04 -6.74 -9.67
CA PHE A 34 1.32 -6.83 -10.94
C PHE A 34 0.50 -5.55 -11.14
N ASP A 35 0.71 -4.85 -12.26
CA ASP A 35 -0.05 -3.63 -12.58
C ASP A 35 -1.46 -3.97 -13.10
N ILE A 36 -2.36 -2.96 -13.09
CA ILE A 36 -3.70 -3.06 -13.65
C ILE A 36 -4.02 -1.73 -14.35
N TYR A 37 -4.18 -1.76 -15.69
CA TYR A 37 -4.47 -0.55 -16.48
C TYR A 37 -5.84 0.05 -16.10
N SER A 38 -6.84 -0.79 -15.85
CA SER A 38 -8.18 -0.37 -15.40
C SER A 38 -8.84 -1.51 -14.63
N LEU A 39 -9.36 -1.21 -13.43
CA LEU A 39 -9.97 -2.21 -12.55
C LEU A 39 -11.43 -2.50 -12.93
N THR A 40 -12.01 -1.71 -13.84
CA THR A 40 -13.44 -1.77 -14.17
C THR A 40 -13.68 -2.20 -15.63
N GLU A 41 -12.60 -2.28 -16.44
CA GLU A 41 -12.67 -2.78 -17.81
C GLU A 41 -12.52 -4.32 -17.77
N PRO A 42 -13.55 -5.09 -18.16
CA PRO A 42 -13.52 -6.55 -18.11
C PRO A 42 -12.59 -7.15 -19.19
N GLU A 43 -12.11 -6.31 -20.12
CA GLU A 43 -11.17 -6.73 -21.16
C GLU A 43 -9.85 -7.18 -20.53
N LEU A 44 -9.41 -6.46 -19.47
CA LEU A 44 -8.16 -6.73 -18.79
C LEU A 44 -8.30 -7.91 -17.82
N LEU A 45 -9.43 -7.98 -17.10
CA LEU A 45 -9.66 -9.01 -16.10
C LEU A 45 -9.88 -10.40 -16.75
N ALA A 46 -10.13 -10.44 -18.07
CA ALA A 46 -10.34 -11.69 -18.81
C ALA A 46 -9.04 -12.50 -18.97
N PHE A 47 -7.88 -11.93 -18.60
CA PHE A 47 -6.57 -12.57 -18.80
C PHE A 47 -5.93 -13.00 -17.45
N LEU A 48 -6.57 -12.68 -16.32
CA LEU A 48 -6.06 -13.01 -14.98
C LEU A 48 -5.98 -14.54 -14.81
N PRO A 49 -4.75 -15.12 -14.70
CA PRO A 49 -4.59 -16.56 -14.57
C PRO A 49 -4.91 -17.03 -13.14
N ARG A 50 -4.58 -16.19 -12.14
CA ARG A 50 -4.75 -16.50 -10.72
C ARG A 50 -5.23 -15.22 -9.98
N PRO A 51 -5.79 -15.36 -8.75
CA PRO A 51 -6.34 -14.24 -7.98
C PRO A 51 -5.22 -13.36 -7.35
N VAL A 52 -5.64 -12.24 -6.72
CA VAL A 52 -4.76 -11.25 -6.08
C VAL A 52 -5.11 -11.15 -4.59
N LYS A 53 -4.08 -10.96 -3.75
CA LYS A 53 -4.20 -10.90 -2.29
C LYS A 53 -4.46 -9.47 -1.79
N ALA A 54 -3.83 -8.47 -2.42
CA ALA A 54 -3.93 -7.06 -1.99
C ALA A 54 -3.67 -6.12 -3.18
N ILE A 55 -3.97 -4.83 -2.98
CA ILE A 55 -3.83 -3.80 -4.02
C ILE A 55 -3.28 -2.50 -3.40
N VAL A 56 -2.59 -1.71 -4.25
CA VAL A 56 -2.12 -0.35 -3.91
C VAL A 56 -2.52 0.61 -5.05
N LEU A 57 -2.71 1.91 -4.70
CA LEU A 57 -3.10 2.96 -5.64
C LEU A 57 -2.07 4.10 -5.59
N LEU A 58 -1.88 4.80 -6.72
CA LEU A 58 -1.01 5.98 -6.81
C LEU A 58 -1.84 7.20 -7.23
N PHE A 59 -2.19 8.07 -6.27
CA PHE A 59 -2.97 9.27 -6.54
C PHE A 59 -2.58 10.37 -5.54
N PRO A 60 -2.58 11.67 -5.95
CA PRO A 60 -2.28 12.79 -5.07
C PRO A 60 -3.49 13.13 -4.18
N ILE A 61 -3.34 14.13 -3.30
CA ILE A 61 -4.41 14.63 -2.43
C ILE A 61 -4.42 16.16 -2.48
N ASN A 62 -5.38 16.72 -3.23
CA ASN A 62 -5.65 18.15 -3.26
C ASN A 62 -6.24 18.60 -1.91
N GLU A 63 -6.41 19.92 -1.74
CA GLU A 63 -6.90 20.51 -0.49
C GLU A 63 -8.10 21.44 -0.74
N ASP A 64 -8.57 21.54 -2.00
CA ASP A 64 -9.77 22.30 -2.33
C ASP A 64 -11.01 21.61 -1.74
N ARG A 65 -10.96 20.27 -1.62
CA ARG A 65 -11.99 19.47 -0.97
C ARG A 65 -11.38 18.09 -0.73
N LYS A 66 -11.37 17.66 0.54
CA LYS A 66 -10.74 16.41 0.94
C LYS A 66 -11.69 15.59 1.81
N SER A 67 -11.31 14.33 2.03
CA SER A 67 -12.14 13.34 2.72
C SER A 67 -11.49 12.84 4.03
N SER A 68 -10.32 13.39 4.40
CA SER A 68 -9.65 13.09 5.67
C SER A 68 -10.46 13.69 6.83
N THR A 69 -11.33 12.87 7.44
CA THR A 69 -12.23 13.33 8.51
C THR A 69 -11.45 13.69 9.78
N SER A 70 -10.39 12.94 10.09
CA SER A 70 -9.56 13.11 11.31
C SER A 70 -10.42 13.18 12.60
N GLN A 71 -11.65 12.65 12.56
CA GLN A 71 -12.60 12.66 13.67
C GLN A 71 -12.18 11.65 14.78
N GLN A 72 -11.03 10.98 14.60
CA GLN A 72 -10.50 9.98 15.52
C GLN A 72 -11.53 8.88 15.80
N ILE A 73 -11.81 8.06 14.77
CA ILE A 73 -12.64 6.86 14.86
C ILE A 73 -11.96 5.82 15.78
N THR A 74 -12.68 4.74 16.13
CA THR A 74 -12.11 3.59 16.82
C THR A 74 -11.02 2.96 15.94
N SER A 75 -9.75 3.25 16.28
CA SER A 75 -8.57 2.84 15.52
C SER A 75 -8.21 1.35 15.75
N SER A 76 -9.17 0.56 16.28
CA SER A 76 -8.98 -0.86 16.58
C SER A 76 -10.00 -1.69 15.81
N TYR A 77 -9.54 -2.30 14.72
CA TYR A 77 -10.33 -3.16 13.85
C TYR A 77 -9.58 -4.47 13.57
N ASP A 78 -10.19 -5.36 12.78
CA ASP A 78 -9.64 -6.68 12.44
C ASP A 78 -8.43 -6.58 11.48
N VAL A 79 -8.00 -5.36 11.15
CA VAL A 79 -6.93 -5.12 10.18
C VAL A 79 -5.80 -4.33 10.84
N ILE A 80 -4.58 -4.88 10.78
CA ILE A 80 -3.38 -4.24 11.32
C ILE A 80 -3.10 -2.92 10.59
N TRP A 81 -2.54 -1.93 11.31
CA TRP A 81 -2.27 -0.61 10.77
C TRP A 81 -1.04 -0.01 11.47
N PHE A 82 -0.40 0.99 10.82
CA PHE A 82 0.61 1.82 11.46
C PHE A 82 0.54 3.25 10.95
N LYS A 83 1.15 4.19 11.71
CA LYS A 83 1.22 5.60 11.36
C LYS A 83 2.59 5.88 10.75
N GLN A 84 2.61 6.41 9.51
CA GLN A 84 3.83 6.77 8.81
C GLN A 84 4.55 7.93 9.55
N SER A 85 5.55 7.58 10.38
CA SER A 85 6.36 8.55 11.09
C SER A 85 7.39 9.16 10.14
N VAL A 86 8.26 8.31 9.56
CA VAL A 86 9.30 8.71 8.63
C VAL A 86 8.67 9.22 7.33
N LYS A 87 8.78 10.53 7.08
CA LYS A 87 8.20 11.16 5.90
C LYS A 87 8.97 10.80 4.62
N ASN A 88 10.23 10.35 4.75
CA ASN A 88 11.05 9.94 3.60
C ASN A 88 10.67 8.51 3.12
N ALA A 89 9.85 7.79 3.90
CA ALA A 89 9.49 6.40 3.65
C ALA A 89 8.35 6.26 2.63
N CYS A 90 8.18 7.23 1.72
CA CYS A 90 7.08 7.29 0.76
C CYS A 90 6.94 6.00 -0.07
N GLY A 91 8.07 5.36 -0.39
CA GLY A 91 8.06 4.12 -1.17
C GLY A 91 8.01 2.87 -0.27
N LEU A 92 8.58 2.97 0.93
CA LEU A 92 8.69 1.85 1.86
C LEU A 92 7.37 1.60 2.59
N TYR A 93 6.75 2.67 3.13
CA TYR A 93 5.51 2.55 3.92
C TYR A 93 4.34 2.07 3.04
N ALA A 94 4.41 2.37 1.73
CA ALA A 94 3.35 2.02 0.79
C ALA A 94 3.19 0.49 0.70
N ILE A 95 4.31 -0.21 0.49
CA ILE A 95 4.33 -1.66 0.38
C ILE A 95 4.28 -2.34 1.77
N LEU A 96 4.73 -1.64 2.84
CA LEU A 96 4.79 -2.23 4.18
C LEU A 96 3.37 -2.44 4.75
N HIS A 97 2.40 -1.59 4.38
CA HIS A 97 1.02 -1.72 4.84
C HIS A 97 0.38 -2.99 4.29
N SER A 98 0.57 -3.28 2.99
CA SER A 98 -0.01 -4.47 2.37
C SER A 98 0.70 -5.74 2.83
N LEU A 99 2.01 -5.66 3.12
CA LEU A 99 2.83 -6.79 3.57
C LEU A 99 2.45 -7.23 4.99
N SER A 100 1.90 -6.29 5.79
CA SER A 100 1.41 -6.60 7.13
C SER A 100 0.15 -7.48 7.08
N ASN A 101 -0.43 -7.66 5.89
CA ASN A 101 -1.61 -8.51 5.67
C ASN A 101 -1.33 -9.62 4.63
N ASN A 102 -0.14 -9.58 3.98
CA ASN A 102 0.34 -10.67 3.12
C ASN A 102 1.07 -11.73 3.96
N GLN A 103 0.74 -11.82 5.27
CA GLN A 103 1.37 -12.75 6.21
C GLN A 103 1.09 -14.22 5.83
N SER A 104 0.02 -14.47 5.07
CA SER A 104 -0.37 -15.81 4.64
C SER A 104 0.48 -16.31 3.44
N LEU A 105 1.30 -15.43 2.85
CA LEU A 105 2.19 -15.76 1.73
C LEU A 105 3.63 -15.28 2.00
N LEU A 106 3.90 -14.72 3.20
CA LEU A 106 5.24 -14.36 3.64
C LEU A 106 5.99 -15.63 4.08
N GLU A 107 7.33 -15.54 4.08
CA GLU A 107 8.19 -16.65 4.51
C GLU A 107 8.16 -16.80 6.04
N PRO A 108 8.50 -18.00 6.56
CA PRO A 108 8.65 -18.23 7.99
C PRO A 108 9.94 -17.57 8.47
N GLY A 109 9.82 -16.57 9.36
CA GLY A 109 10.97 -15.82 9.87
C GLY A 109 11.35 -14.64 8.96
N SER A 110 10.43 -14.21 8.08
CA SER A 110 10.63 -13.07 7.16
C SER A 110 10.90 -11.78 7.95
N ASP A 111 11.30 -10.72 7.23
CA ASP A 111 11.61 -9.42 7.84
C ASP A 111 10.35 -8.81 8.49
N LEU A 112 9.17 -9.10 7.95
CA LEU A 112 7.89 -8.65 8.49
C LEU A 112 7.54 -9.47 9.73
N ASP A 113 7.71 -10.80 9.66
CA ASP A 113 7.37 -11.73 10.75
C ASP A 113 8.29 -11.52 11.96
N ASN A 114 9.52 -11.02 11.75
CA ASN A 114 10.47 -10.77 12.81
C ASN A 114 10.08 -9.52 13.61
N PHE A 115 9.45 -8.55 12.94
CA PHE A 115 8.86 -7.38 13.59
C PHE A 115 7.54 -7.76 14.29
N LEU A 116 6.85 -8.79 13.80
CA LEU A 116 5.59 -9.26 14.37
C LEU A 116 5.83 -9.79 15.79
N LYS A 117 6.92 -10.57 15.96
CA LYS A 117 7.31 -11.11 17.26
C LYS A 117 7.88 -10.00 18.16
N SER A 118 8.49 -8.96 17.57
CA SER A 118 9.08 -7.85 18.32
C SER A 118 7.99 -6.87 18.79
N GLN A 119 6.82 -6.87 18.13
CA GLN A 119 5.67 -6.07 18.54
C GLN A 119 4.96 -6.73 19.73
N SER A 120 4.95 -8.08 19.75
CA SER A 120 4.40 -8.86 20.85
C SER A 120 5.37 -8.88 22.05
N ASP A 121 6.66 -8.56 21.82
CA ASP A 121 7.66 -8.53 22.88
C ASP A 121 7.41 -7.32 23.80
N THR A 122 7.22 -6.14 23.21
CA THR A 122 6.88 -4.92 23.95
C THR A 122 5.41 -4.97 24.44
N SER A 123 4.61 -5.93 23.90
CA SER A 123 3.22 -6.19 24.29
C SER A 123 2.31 -4.94 24.19
N SER A 124 2.75 -3.91 23.44
CA SER A 124 2.00 -2.66 23.28
C SER A 124 0.65 -2.92 22.59
N SER A 125 0.65 -2.98 21.24
CA SER A 125 -0.54 -3.28 20.45
C SER A 125 -0.12 -3.93 19.13
N LYS A 126 -0.90 -4.94 18.69
CA LYS A 126 -0.67 -5.62 17.43
C LYS A 126 -1.01 -4.71 16.23
N ASN A 127 -1.88 -3.70 16.45
CA ASN A 127 -2.54 -2.95 15.37
C ASN A 127 -2.24 -1.43 15.41
N ARG A 128 -1.36 -0.97 16.32
CA ARG A 128 -1.10 0.46 16.52
C ARG A 128 0.41 0.74 16.50
N PHE A 129 0.76 2.00 16.17
CA PHE A 129 2.13 2.51 16.06
C PHE A 129 2.34 3.59 17.13
N ASP A 130 3.08 3.25 18.20
CA ASP A 130 3.39 4.22 19.26
C ASP A 130 4.67 3.85 20.03
N ASP A 131 5.10 2.58 19.97
CA ASP A 131 6.29 2.12 20.71
C ASP A 131 7.58 2.58 20.00
N VAL A 132 8.69 2.66 20.77
CA VAL A 132 9.98 3.11 20.25
C VAL A 132 10.65 2.06 19.35
N THR A 133 10.32 0.77 19.54
CA THR A 133 10.89 -0.32 18.74
C THR A 133 10.20 -0.38 17.37
N THR A 134 8.92 0.06 17.32
CA THR A 134 8.14 0.06 16.08
C THR A 134 8.63 1.18 15.14
N ASP A 135 9.07 2.31 15.71
CA ASP A 135 9.65 3.41 14.95
C ASP A 135 11.11 3.11 14.56
N GLN A 136 11.80 2.27 15.36
CA GLN A 136 13.17 1.88 15.07
C GLN A 136 13.21 0.86 13.92
N PHE A 137 12.11 0.09 13.71
CA PHE A 137 12.03 -0.92 12.68
C PHE A 137 12.11 -0.28 11.28
N VAL A 138 11.23 0.70 11.01
CA VAL A 138 11.23 1.40 9.73
C VAL A 138 12.52 2.21 9.53
N LEU A 139 13.12 2.68 10.63
CA LEU A 139 14.27 3.56 10.56
C LEU A 139 15.54 2.82 10.13
N ASN A 140 15.65 1.50 10.44
CA ASN A 140 16.82 0.71 10.03
C ASN A 140 16.65 0.15 8.61
N VAL A 141 15.40 0.03 8.13
CA VAL A 141 15.12 -0.48 6.78
C VAL A 141 15.40 0.62 5.74
N ILE A 142 15.01 1.87 6.03
CA ILE A 142 15.22 2.99 5.12
C ILE A 142 16.69 3.44 5.12
N LYS A 143 17.47 3.06 6.16
CA LYS A 143 18.89 3.39 6.24
C LYS A 143 19.69 2.68 5.13
N GLU A 144 19.18 1.53 4.65
CA GLU A 144 19.80 0.75 3.58
C GLU A 144 19.50 1.35 2.18
N ASN A 145 18.60 2.35 2.11
CA ASN A 145 18.05 2.83 0.84
C ASN A 145 18.22 4.36 0.69
N VAL A 146 18.51 5.07 1.78
CA VAL A 146 18.71 6.53 1.76
C VAL A 146 20.15 6.88 1.30
N GLN A 147 21.05 5.88 1.27
CA GLN A 147 22.45 6.08 0.93
C GLN A 147 22.62 6.47 -0.54
N THR A 148 22.30 5.53 -1.45
CA THR A 148 22.62 5.66 -2.88
C THR A 148 21.48 5.06 -3.74
N PHE A 149 20.33 4.75 -3.12
CA PHE A 149 19.24 4.03 -3.76
C PHE A 149 17.95 4.87 -3.72
N SER A 150 17.97 6.03 -4.39
CA SER A 150 16.83 6.93 -4.53
C SER A 150 15.62 6.15 -5.07
N THR A 151 14.59 5.99 -4.23
CA THR A 151 13.41 5.18 -4.53
C THR A 151 12.62 5.76 -5.72
N GLY A 152 12.56 4.99 -6.81
CA GLY A 152 11.78 5.32 -8.00
C GLY A 152 12.29 6.57 -8.74
N GLN A 153 13.43 7.13 -8.30
CA GLN A 153 13.97 8.39 -8.82
C GLN A 153 15.51 8.31 -8.88
N SER A 154 16.15 9.44 -9.20
CA SER A 154 17.60 9.54 -9.26
C SER A 154 18.05 10.85 -8.59
N GLU A 155 19.28 10.82 -8.03
CA GLU A 155 19.95 11.92 -7.29
C GLU A 155 19.07 12.63 -6.22
N ALA A 156 17.90 12.05 -5.87
CA ALA A 156 16.94 12.56 -4.87
C ALA A 156 16.78 14.10 -4.97
N PRO A 157 15.92 14.60 -5.88
CA PRO A 157 15.72 16.03 -6.11
C PRO A 157 14.93 16.69 -4.97
N GLU A 158 14.38 15.88 -4.05
CA GLU A 158 13.71 16.37 -2.86
C GLU A 158 13.80 15.28 -1.76
N ALA A 159 13.29 15.60 -0.57
CA ALA A 159 13.14 14.64 0.53
C ALA A 159 12.11 13.53 0.16
N THR A 160 11.45 13.66 -1.00
CA THR A 160 10.51 12.70 -1.53
C THR A 160 10.80 12.48 -3.05
N ALA A 161 10.20 11.44 -3.64
CA ALA A 161 10.48 11.04 -5.02
C ALA A 161 9.66 11.84 -6.05
N ASP A 162 8.56 12.49 -5.63
CA ASP A 162 7.67 13.22 -6.55
C ASP A 162 6.94 14.35 -5.82
N THR A 163 6.01 15.01 -6.52
CA THR A 163 5.30 16.20 -6.03
C THR A 163 4.50 15.89 -4.76
N ASN A 164 3.44 15.07 -4.86
CA ASN A 164 2.50 14.86 -3.75
C ASN A 164 1.87 13.44 -3.79
N LEU A 165 2.59 12.44 -4.32
CA LEU A 165 2.13 11.05 -4.36
C LEU A 165 1.63 10.61 -2.98
N HIS A 166 0.33 10.25 -2.90
CA HIS A 166 -0.27 9.72 -1.68
C HIS A 166 -0.70 8.28 -1.93
N TYR A 167 0.09 7.34 -1.37
CA TYR A 167 -0.12 5.92 -1.55
C TYR A 167 -1.24 5.47 -0.60
N ILE A 168 -2.10 4.55 -1.09
CA ILE A 168 -3.21 4.00 -0.30
C ILE A 168 -3.18 2.46 -0.44
N THR A 169 -3.52 1.74 0.64
CA THR A 169 -3.53 0.28 0.65
C THR A 169 -4.99 -0.23 0.69
N TYR A 170 -5.22 -1.42 0.12
CA TYR A 170 -6.54 -2.03 -0.03
C TYR A 170 -6.43 -3.53 0.23
N VAL A 171 -7.05 -4.01 1.31
CA VAL A 171 -7.10 -5.45 1.63
C VAL A 171 -8.53 -5.79 2.12
N GLU A 172 -8.82 -7.09 2.29
CA GLU A 172 -10.10 -7.59 2.75
C GLU A 172 -9.93 -8.52 3.95
N GLU A 173 -10.81 -8.37 4.95
CA GLU A 173 -10.84 -9.17 6.17
C GLU A 173 -12.29 -9.35 6.59
N ASN A 174 -12.62 -10.55 7.10
CA ASN A 174 -13.98 -10.93 7.55
C ASN A 174 -15.07 -10.68 6.47
N GLY A 175 -14.66 -10.59 5.20
CA GLY A 175 -15.58 -10.37 4.08
C GLY A 175 -15.85 -8.88 3.81
N GLY A 176 -15.35 -7.99 4.69
CA GLY A 176 -15.49 -6.55 4.53
C GLY A 176 -14.27 -5.99 3.79
N ILE A 177 -14.45 -4.86 3.08
CA ILE A 177 -13.41 -4.28 2.24
C ILE A 177 -13.41 -2.76 2.37
N PHE A 178 -12.25 -2.18 2.70
CA PHE A 178 -12.03 -0.74 2.54
C PHE A 178 -10.52 -0.44 2.49
N GLU A 179 -10.17 0.84 2.68
CA GLU A 179 -8.82 1.36 2.51
C GLU A 179 -8.30 2.00 3.81
N LEU A 180 -6.97 2.15 3.89
CA LEU A 180 -6.30 2.85 4.99
C LEU A 180 -5.16 3.72 4.47
N ASP A 181 -4.74 4.69 5.30
CA ASP A 181 -3.55 5.51 5.04
C ASP A 181 -2.85 5.81 6.38
N GLY A 182 -1.53 6.09 6.31
CA GLY A 182 -0.71 6.29 7.51
C GLY A 182 -0.62 7.76 7.94
N ARG A 183 -1.18 8.69 7.14
CA ARG A 183 -1.10 10.12 7.44
C ARG A 183 -2.20 10.53 8.44
N ASN A 184 -3.41 9.96 8.30
CA ASN A 184 -4.53 10.29 9.18
C ASN A 184 -4.36 9.57 10.51
N LEU A 185 -4.28 10.35 11.61
CA LEU A 185 -4.03 9.83 12.95
C LEU A 185 -5.25 9.06 13.49
N SER A 186 -6.39 9.10 12.78
CA SER A 186 -7.63 8.45 13.22
C SER A 186 -7.55 6.91 13.13
N GLY A 187 -6.50 6.37 12.49
CA GLY A 187 -6.37 4.93 12.28
C GLY A 187 -7.06 4.53 10.96
N PRO A 188 -7.19 3.21 10.72
CA PRO A 188 -7.79 2.66 9.52
C PRO A 188 -9.33 2.84 9.53
N LEU A 189 -9.99 2.48 8.41
CA LEU A 189 -11.42 2.67 8.24
C LEU A 189 -12.00 1.45 7.46
N TYR A 190 -13.27 1.10 7.72
CA TYR A 190 -14.01 0.06 6.97
C TYR A 190 -15.28 0.65 6.34
N LEU A 191 -15.74 0.07 5.21
CA LEU A 191 -16.96 0.50 4.52
C LEU A 191 -18.10 -0.46 4.82
N GLY A 192 -17.98 -1.72 4.37
CA GLY A 192 -19.03 -2.71 4.50
C GLY A 192 -18.67 -3.99 3.74
N LYS A 193 -19.60 -4.94 3.69
CA LYS A 193 -19.40 -6.24 3.04
C LYS A 193 -19.11 -6.07 1.53
N SER A 194 -18.51 -7.10 0.94
CA SER A 194 -18.20 -7.14 -0.48
C SER A 194 -19.44 -7.54 -1.30
N ASP A 195 -19.38 -7.27 -2.62
CA ASP A 195 -20.37 -7.77 -3.57
C ASP A 195 -19.96 -9.19 -4.02
N PRO A 196 -20.95 -10.01 -4.44
CA PRO A 196 -20.72 -11.38 -4.89
C PRO A 196 -20.17 -11.43 -6.33
N THR A 197 -20.20 -10.29 -7.04
CA THR A 197 -19.77 -10.20 -8.44
C THR A 197 -18.22 -10.26 -8.56
N ALA A 198 -17.51 -10.01 -7.44
CA ALA A 198 -16.06 -9.91 -7.40
C ALA A 198 -15.40 -11.19 -7.91
N THR A 199 -14.58 -11.07 -8.96
CA THR A 199 -13.84 -12.18 -9.54
C THR A 199 -12.78 -12.66 -8.55
N ASP A 200 -12.05 -11.72 -7.92
CA ASP A 200 -11.04 -12.04 -6.92
C ASP A 200 -10.89 -10.86 -5.95
N LEU A 201 -10.55 -9.67 -6.47
CA LEU A 201 -10.27 -8.48 -5.66
C LEU A 201 -10.24 -7.24 -6.55
N ILE A 202 -9.75 -7.38 -7.80
CA ILE A 202 -9.64 -6.27 -8.77
C ILE A 202 -11.04 -5.80 -9.21
N GLU A 203 -11.98 -6.73 -9.36
CA GLU A 203 -13.32 -6.47 -9.90
C GLU A 203 -14.23 -5.77 -8.86
N GLN A 204 -13.76 -5.63 -7.61
CA GLN A 204 -14.58 -5.18 -6.49
C GLN A 204 -15.21 -3.81 -6.76
N GLU A 205 -16.54 -3.73 -6.64
CA GLU A 205 -17.32 -2.54 -6.93
C GLU A 205 -17.19 -1.48 -5.82
N LEU A 206 -16.88 -1.88 -4.57
CA LEU A 206 -16.76 -0.93 -3.45
C LEU A 206 -15.52 -0.04 -3.65
N VAL A 207 -14.43 -0.61 -4.18
CA VAL A 207 -13.19 0.10 -4.42
C VAL A 207 -13.32 1.00 -5.67
N ARG A 208 -14.14 0.57 -6.64
CA ARG A 208 -14.37 1.29 -7.89
C ARG A 208 -15.14 2.59 -7.64
N VAL A 209 -16.08 2.58 -6.68
CA VAL A 209 -16.86 3.76 -6.32
C VAL A 209 -16.04 4.70 -5.42
N ARG A 210 -15.10 4.15 -4.63
CA ARG A 210 -14.30 4.93 -3.70
C ARG A 210 -13.26 5.78 -4.45
N VAL A 211 -12.59 5.20 -5.44
CA VAL A 211 -11.56 5.90 -6.20
C VAL A 211 -12.18 6.95 -7.14
N ALA A 212 -13.45 6.74 -7.55
CA ALA A 212 -14.17 7.70 -8.38
C ALA A 212 -14.51 8.97 -7.58
N SER A 213 -14.57 8.87 -6.25
CA SER A 213 -14.89 10.00 -5.38
C SER A 213 -13.70 10.96 -5.28
N TYR A 214 -12.47 10.42 -5.23
CA TYR A 214 -11.25 11.24 -5.19
C TYR A 214 -11.04 11.97 -6.53
N MET A 215 -11.50 11.36 -7.63
CA MET A 215 -11.42 11.95 -8.96
C MET A 215 -12.48 13.07 -9.12
N GLU A 216 -13.55 13.03 -8.32
CA GLU A 216 -14.65 13.99 -8.38
C GLU A 216 -14.28 15.31 -7.67
N ASN A 217 -13.26 15.31 -6.79
CA ASN A 217 -12.80 16.50 -6.06
C ASN A 217 -11.38 16.93 -6.48
N ALA A 218 -10.69 16.11 -7.28
CA ALA A 218 -9.37 16.46 -7.79
C ALA A 218 -9.48 17.45 -8.95
N ASN A 219 -8.44 18.26 -9.15
CA ASN A 219 -8.35 19.20 -10.27
C ASN A 219 -8.03 18.42 -11.56
N GLU A 220 -8.14 19.09 -12.73
CA GLU A 220 -7.82 18.48 -14.02
C GLU A 220 -6.32 18.12 -14.11
N GLU A 221 -5.47 18.77 -13.29
CA GLU A 221 -4.04 18.50 -13.24
C GLU A 221 -3.72 17.33 -12.28
N ASP A 222 -4.53 17.15 -11.22
CA ASP A 222 -4.30 16.10 -10.22
C ASP A 222 -4.76 14.72 -10.70
N VAL A 223 -5.71 14.66 -11.65
CA VAL A 223 -6.19 13.40 -12.21
C VAL A 223 -5.22 12.84 -13.27
N LEU A 224 -4.18 13.61 -13.65
CA LEU A 224 -3.16 13.12 -14.57
C LEU A 224 -2.38 11.99 -13.93
N ASN A 225 -2.01 12.15 -12.65
CA ASN A 225 -1.34 11.13 -11.87
C ASN A 225 -2.39 10.14 -11.37
N PHE A 226 -2.66 9.13 -12.20
CA PHE A 226 -3.68 8.12 -11.93
C PHE A 226 -3.19 6.74 -12.43
N ALA A 227 -2.80 5.86 -11.49
CA ALA A 227 -2.32 4.52 -11.82
C ALA A 227 -2.73 3.51 -10.73
N MET A 228 -2.59 2.21 -11.04
CA MET A 228 -3.01 1.11 -10.16
C MET A 228 -1.92 0.04 -10.10
N LEU A 229 -1.89 -0.69 -8.97
CA LEU A 229 -0.98 -1.80 -8.72
C LEU A 229 -1.72 -2.93 -7.99
N GLY A 230 -1.06 -4.08 -7.86
CA GLY A 230 -1.63 -5.26 -7.22
C GLY A 230 -0.51 -6.20 -6.72
N LEU A 231 -0.93 -7.22 -5.97
CA LEU A 231 -0.02 -8.22 -5.39
C LEU A 231 -0.58 -9.61 -5.69
N GLY A 232 -0.09 -10.24 -6.78
CA GLY A 232 -0.52 -11.56 -7.22
C GLY A 232 0.68 -12.51 -7.32
N PRO A 233 0.45 -13.76 -7.77
CA PRO A 233 1.49 -14.77 -7.87
C PRO A 233 2.48 -14.41 -8.97
N ASN A 234 3.78 -14.60 -8.68
CA ASN A 234 4.88 -14.22 -9.55
C ASN A 234 4.79 -14.92 -10.90
N TRP A 235 4.52 -14.13 -11.96
CA TRP A 235 4.42 -14.60 -13.34
C TRP A 235 5.78 -15.09 -13.86
N GLU A 236 5.75 -15.71 -15.05
CA GLU A 236 6.93 -16.26 -15.71
C GLU A 236 8.00 -15.16 -15.88
N MET A 1 0.14 -21.26 -5.10
CA MET A 1 0.52 -20.10 -5.91
C MET A 1 0.68 -20.51 -7.37
N SER A 2 -0.15 -19.93 -8.25
CA SER A 2 -0.16 -20.25 -9.68
C SER A 2 -0.62 -19.01 -10.49
N GLY A 3 -0.53 -19.10 -11.83
CA GLY A 3 -1.01 -18.06 -12.72
C GLY A 3 -0.25 -18.10 -14.04
N GLU A 4 0.97 -17.52 -14.02
CA GLU A 4 1.88 -17.41 -15.16
C GLU A 4 1.14 -17.14 -16.48
N ASN A 5 0.57 -15.93 -16.63
CA ASN A 5 -0.07 -15.50 -17.88
C ASN A 5 1.01 -15.25 -18.95
N ARG A 6 0.61 -15.22 -20.23
CA ARG A 6 1.56 -15.08 -21.34
C ARG A 6 2.17 -13.66 -21.43
N ALA A 7 1.59 -12.68 -20.71
CA ALA A 7 2.06 -11.29 -20.73
C ALA A 7 3.26 -11.13 -19.79
N VAL A 8 4.47 -11.18 -20.35
CA VAL A 8 5.73 -11.03 -19.60
C VAL A 8 6.66 -10.10 -20.39
N VAL A 9 6.75 -8.83 -19.95
CA VAL A 9 7.61 -7.82 -20.57
C VAL A 9 8.35 -7.07 -19.44
N PRO A 10 9.69 -6.89 -19.55
CA PRO A 10 10.50 -6.23 -18.54
C PRO A 10 10.20 -4.73 -18.50
N ILE A 11 9.41 -4.30 -17.50
CA ILE A 11 9.08 -2.91 -17.27
C ILE A 11 10.30 -2.17 -16.68
N GLU A 12 10.26 -0.83 -16.68
CA GLU A 12 11.36 0.03 -16.20
C GLU A 12 10.81 1.24 -15.42
N SER A 13 9.58 1.12 -14.90
CA SER A 13 8.85 2.17 -14.21
C SER A 13 8.68 1.79 -12.72
N ASN A 14 7.68 2.37 -12.05
CA ASN A 14 7.38 2.12 -10.64
C ASN A 14 7.34 0.61 -10.27
N PRO A 15 6.60 -0.26 -11.03
CA PRO A 15 6.46 -1.68 -10.66
C PRO A 15 7.77 -2.48 -10.87
N GLU A 16 8.78 -1.90 -11.54
CA GLU A 16 10.10 -2.53 -11.68
C GLU A 16 10.78 -2.60 -10.31
N VAL A 17 10.88 -1.45 -9.63
CA VAL A 17 11.52 -1.33 -8.33
C VAL A 17 10.68 -2.05 -7.25
N PHE A 18 9.34 -2.09 -7.44
CA PHE A 18 8.40 -2.70 -6.49
C PHE A 18 8.66 -4.21 -6.30
N THR A 19 9.26 -4.87 -7.31
CA THR A 19 9.51 -6.31 -7.26
C THR A 19 10.57 -6.64 -6.21
N ASN A 20 11.75 -6.00 -6.30
CA ASN A 20 12.86 -6.28 -5.39
C ASN A 20 12.68 -5.56 -4.04
N PHE A 21 12.00 -4.40 -4.04
CA PHE A 21 11.83 -3.61 -2.83
C PHE A 21 10.86 -4.30 -1.85
N ALA A 22 9.91 -5.09 -2.37
CA ALA A 22 9.02 -5.91 -1.55
C ALA A 22 9.70 -7.22 -1.12
N HIS A 23 10.60 -7.75 -1.97
CA HIS A 23 11.30 -9.02 -1.71
C HIS A 23 12.30 -8.90 -0.55
N LYS A 24 12.83 -7.69 -0.32
CA LYS A 24 13.78 -7.43 0.77
C LYS A 24 13.05 -7.28 2.12
N LEU A 25 11.71 -7.14 2.10
CA LEU A 25 10.89 -7.08 3.31
C LEU A 25 10.36 -8.48 3.70
N GLY A 26 10.61 -9.49 2.85
CA GLY A 26 10.30 -10.89 3.17
C GLY A 26 9.18 -11.48 2.30
N LEU A 27 8.67 -10.73 1.31
CA LEU A 27 7.69 -11.25 0.36
C LEU A 27 8.35 -12.39 -0.45
N LYS A 28 7.77 -13.60 -0.34
CA LYS A 28 8.40 -14.83 -0.82
C LYS A 28 8.51 -14.85 -2.36
N ASN A 29 9.39 -15.71 -2.88
CA ASN A 29 9.69 -15.82 -4.32
C ASN A 29 8.50 -16.40 -5.11
N GLU A 30 7.53 -17.03 -4.44
CA GLU A 30 6.34 -17.60 -5.09
C GLU A 30 5.32 -16.51 -5.46
N TRP A 31 5.58 -15.23 -5.06
CA TRP A 31 4.69 -14.09 -5.33
C TRP A 31 5.45 -12.99 -6.06
N ALA A 32 4.75 -12.34 -7.02
CA ALA A 32 5.17 -11.11 -7.68
C ALA A 32 3.94 -10.49 -8.39
N TYR A 33 4.07 -9.24 -8.87
CA TYR A 33 2.99 -8.58 -9.60
C TYR A 33 3.51 -7.42 -10.47
N PHE A 34 2.58 -6.65 -11.03
CA PHE A 34 2.83 -5.68 -12.11
C PHE A 34 1.78 -4.55 -12.07
N ASP A 35 1.82 -3.64 -13.06
CA ASP A 35 0.89 -2.51 -13.15
C ASP A 35 -0.56 -2.97 -13.34
N ILE A 36 -1.50 -2.02 -13.26
CA ILE A 36 -2.92 -2.27 -13.53
C ILE A 36 -3.47 -1.12 -14.40
N TYR A 37 -3.82 -1.43 -15.64
CA TYR A 37 -4.39 -0.46 -16.60
C TYR A 37 -5.74 0.06 -16.11
N SER A 38 -6.68 -0.84 -15.77
CA SER A 38 -8.04 -0.46 -15.42
C SER A 38 -8.64 -1.41 -14.36
N LEU A 39 -9.79 -1.02 -13.79
CA LEU A 39 -10.55 -1.78 -12.81
C LEU A 39 -12.06 -1.72 -13.10
N THR A 40 -12.44 -1.06 -14.20
CA THR A 40 -13.82 -0.88 -14.64
C THR A 40 -14.01 -1.43 -16.08
N GLU A 41 -12.94 -2.03 -16.65
CA GLU A 41 -12.97 -2.65 -17.98
C GLU A 41 -12.66 -4.15 -17.81
N PRO A 42 -13.70 -5.02 -17.80
CA PRO A 42 -13.55 -6.44 -17.50
C PRO A 42 -12.88 -7.22 -18.66
N GLU A 43 -12.63 -6.56 -19.79
CA GLU A 43 -11.92 -7.17 -20.92
C GLU A 43 -10.48 -7.53 -20.53
N LEU A 44 -9.86 -6.71 -19.65
CA LEU A 44 -8.49 -6.92 -19.22
C LEU A 44 -8.44 -7.95 -18.08
N LEU A 45 -9.45 -7.95 -17.20
CA LEU A 45 -9.56 -8.90 -16.08
C LEU A 45 -9.91 -10.32 -16.59
N ALA A 46 -10.33 -10.45 -17.86
CA ALA A 46 -10.65 -11.74 -18.48
C ALA A 46 -9.39 -12.59 -18.73
N PHE A 47 -8.20 -12.02 -18.50
CA PHE A 47 -6.91 -12.71 -18.70
C PHE A 47 -6.24 -13.04 -17.36
N LEU A 48 -6.79 -12.54 -16.24
CA LEU A 48 -6.26 -12.76 -14.90
C LEU A 48 -6.64 -14.18 -14.41
N PRO A 49 -5.66 -15.08 -14.18
CA PRO A 49 -5.91 -16.46 -13.77
C PRO A 49 -6.37 -16.53 -12.30
N ARG A 50 -5.43 -16.44 -11.34
CA ARG A 50 -5.73 -16.43 -9.90
C ARG A 50 -6.05 -15.00 -9.43
N PRO A 51 -6.67 -14.85 -8.25
CA PRO A 51 -7.08 -13.55 -7.71
C PRO A 51 -5.89 -12.80 -7.10
N VAL A 52 -6.06 -11.49 -6.93
CA VAL A 52 -5.10 -10.62 -6.23
C VAL A 52 -5.38 -10.71 -4.71
N LYS A 53 -4.33 -10.54 -3.88
CA LYS A 53 -4.45 -10.72 -2.43
C LYS A 53 -4.18 -9.41 -1.66
N ALA A 54 -3.61 -8.40 -2.33
CA ALA A 54 -3.49 -7.05 -1.78
C ALA A 54 -3.37 -6.03 -2.93
N ILE A 55 -3.85 -4.80 -2.69
CA ILE A 55 -3.94 -3.77 -3.71
C ILE A 55 -3.51 -2.42 -3.12
N VAL A 56 -2.87 -1.57 -3.94
CA VAL A 56 -2.48 -0.20 -3.57
C VAL A 56 -2.89 0.78 -4.67
N LEU A 57 -3.01 2.06 -4.30
CA LEU A 57 -3.36 3.16 -5.20
C LEU A 57 -2.28 4.24 -5.14
N LEU A 58 -2.08 4.93 -6.28
CA LEU A 58 -1.07 5.96 -6.43
C LEU A 58 -1.71 7.20 -7.06
N PHE A 59 -2.08 8.17 -6.22
CA PHE A 59 -2.66 9.42 -6.66
C PHE A 59 -2.44 10.49 -5.56
N PRO A 60 -2.42 11.79 -5.92
CA PRO A 60 -2.21 12.89 -4.98
C PRO A 60 -3.46 13.12 -4.11
N ILE A 61 -3.34 14.05 -3.13
CA ILE A 61 -4.44 14.39 -2.21
C ILE A 61 -4.66 15.91 -2.22
N ASN A 62 -5.69 16.35 -2.94
CA ASN A 62 -6.01 17.77 -3.14
C ASN A 62 -6.56 18.40 -1.86
N GLU A 63 -6.58 19.75 -1.83
CA GLU A 63 -7.09 20.54 -0.72
C GLU A 63 -8.62 20.51 -0.69
N ASP A 64 -9.26 20.34 -1.85
CA ASP A 64 -10.71 20.29 -1.97
C ASP A 64 -11.21 18.90 -1.55
N ARG A 65 -12.37 18.87 -0.86
CA ARG A 65 -13.01 17.65 -0.31
C ARG A 65 -12.02 16.73 0.41
N LYS A 66 -10.97 17.30 1.03
CA LYS A 66 -9.95 16.55 1.78
C LYS A 66 -10.53 15.87 3.04
N SER A 67 -11.83 16.07 3.32
CA SER A 67 -12.54 15.45 4.44
C SER A 67 -12.54 13.92 4.31
N SER A 68 -11.58 13.27 4.98
CA SER A 68 -11.45 11.82 5.01
C SER A 68 -12.46 11.18 6.00
N THR A 69 -13.42 11.99 6.51
CA THR A 69 -14.42 11.60 7.52
C THR A 69 -13.79 10.91 8.75
N SER A 70 -12.53 11.26 9.06
CA SER A 70 -11.78 10.71 10.18
C SER A 70 -12.54 10.94 11.50
N GLN A 71 -12.83 9.83 12.20
CA GLN A 71 -13.58 9.83 13.46
C GLN A 71 -12.98 8.72 14.36
N GLN A 72 -13.28 8.76 15.67
CA GLN A 72 -12.73 7.81 16.66
C GLN A 72 -13.14 6.38 16.29
N ILE A 73 -12.16 5.60 15.81
CA ILE A 73 -12.33 4.20 15.39
C ILE A 73 -12.41 3.28 16.63
N THR A 74 -12.81 2.03 16.43
CA THR A 74 -12.73 0.96 17.42
C THR A 74 -11.26 0.73 17.82
N SER A 75 -11.03 -0.03 18.90
CA SER A 75 -9.68 -0.34 19.39
C SER A 75 -8.84 -1.03 18.30
N SER A 76 -9.49 -1.83 17.44
CA SER A 76 -8.85 -2.47 16.28
C SER A 76 -9.92 -2.97 15.29
N TYR A 77 -9.47 -3.30 14.08
CA TYR A 77 -10.22 -4.10 13.10
C TYR A 77 -9.37 -5.32 12.74
N ASP A 78 -9.88 -6.21 11.87
CA ASP A 78 -9.17 -7.41 11.45
C ASP A 78 -7.95 -7.06 10.55
N VAL A 79 -7.77 -5.77 10.18
CA VAL A 79 -6.57 -5.29 9.49
C VAL A 79 -5.62 -4.63 10.49
N ILE A 80 -4.34 -4.52 10.09
CA ILE A 80 -3.31 -3.79 10.82
C ILE A 80 -3.28 -2.33 10.33
N TRP A 81 -2.78 -1.41 11.16
CA TRP A 81 -2.63 -0.01 10.80
C TRP A 81 -1.31 0.54 11.36
N PHE A 82 -0.69 1.47 10.62
CA PHE A 82 0.46 2.24 11.08
C PHE A 82 0.39 3.68 10.52
N LYS A 83 1.24 4.56 11.05
CA LYS A 83 1.35 5.95 10.61
C LYS A 83 2.33 6.04 9.42
N GLN A 84 2.06 7.00 8.50
CA GLN A 84 3.02 7.40 7.47
C GLN A 84 3.96 8.45 8.10
N SER A 85 4.86 8.00 8.98
CA SER A 85 5.71 8.88 9.75
C SER A 85 6.77 9.53 8.84
N VAL A 86 7.72 8.71 8.36
CA VAL A 86 8.78 9.18 7.47
C VAL A 86 8.19 9.45 6.07
N LYS A 87 8.62 10.56 5.45
CA LYS A 87 8.11 11.02 4.16
C LYS A 87 8.73 10.26 2.98
N ASN A 88 10.00 9.83 3.10
CA ASN A 88 10.67 9.02 2.07
C ASN A 88 10.13 7.59 2.08
N ALA A 89 9.49 7.19 3.20
CA ALA A 89 8.94 5.86 3.41
C ALA A 89 7.53 5.72 2.82
N CYS A 90 7.10 6.64 1.94
CA CYS A 90 5.77 6.57 1.32
C CYS A 90 5.62 5.31 0.45
N GLY A 91 6.72 4.80 -0.11
CA GLY A 91 6.73 3.54 -0.87
C GLY A 91 6.98 2.34 0.07
N LEU A 92 7.67 2.57 1.20
CA LEU A 92 7.96 1.56 2.20
C LEU A 92 6.65 1.14 2.89
N TYR A 93 5.87 2.12 3.37
CA TYR A 93 4.60 1.88 4.05
C TYR A 93 3.53 1.33 3.08
N ALA A 94 3.68 1.58 1.78
CA ALA A 94 2.76 1.00 0.79
C ALA A 94 2.97 -0.52 0.70
N ILE A 95 4.22 -0.97 0.93
CA ILE A 95 4.61 -2.37 0.96
C ILE A 95 4.35 -2.96 2.37
N LEU A 96 4.46 -2.15 3.43
CA LEU A 96 4.32 -2.62 4.81
C LEU A 96 2.87 -2.99 5.12
N HIS A 97 1.93 -2.12 4.72
CA HIS A 97 0.52 -2.27 5.07
C HIS A 97 -0.14 -3.42 4.31
N SER A 98 0.40 -3.77 3.13
CA SER A 98 -0.11 -4.90 2.35
C SER A 98 0.40 -6.22 2.95
N LEU A 99 1.69 -6.28 3.32
CA LEU A 99 2.32 -7.51 3.81
C LEU A 99 1.89 -7.81 5.27
N SER A 100 1.48 -6.78 6.03
CA SER A 100 0.99 -6.93 7.39
C SER A 100 -0.44 -7.54 7.42
N ASN A 101 -1.04 -7.73 6.24
CA ASN A 101 -2.34 -8.38 6.08
C ASN A 101 -2.24 -9.52 5.05
N ASN A 102 -1.01 -9.81 4.59
CA ASN A 102 -0.68 -11.01 3.83
C ASN A 102 0.18 -11.93 4.72
N GLN A 103 -0.18 -12.01 6.02
CA GLN A 103 0.48 -12.89 6.99
C GLN A 103 0.37 -14.36 6.56
N SER A 104 -0.56 -14.66 5.64
CA SER A 104 -0.77 -15.99 5.07
C SER A 104 0.41 -16.44 4.18
N LEU A 105 1.21 -15.47 3.68
CA LEU A 105 2.35 -15.72 2.83
C LEU A 105 3.56 -14.97 3.41
N LEU A 106 4.41 -15.70 4.16
CA LEU A 106 5.57 -15.14 4.86
C LEU A 106 6.76 -16.09 4.77
N GLU A 107 7.98 -15.52 4.88
CA GLU A 107 9.23 -16.29 4.93
C GLU A 107 9.59 -16.63 6.39
N PRO A 108 10.41 -17.68 6.61
CA PRO A 108 10.76 -18.17 7.94
C PRO A 108 11.87 -17.29 8.58
N GLY A 109 11.54 -16.62 9.70
CA GLY A 109 12.51 -15.87 10.49
C GLY A 109 12.95 -14.57 9.83
N SER A 110 12.35 -14.21 8.69
CA SER A 110 12.68 -13.01 7.93
C SER A 110 12.25 -11.73 8.67
N ASP A 111 12.42 -10.58 8.01
CA ASP A 111 12.31 -9.25 8.60
C ASP A 111 10.95 -9.04 9.29
N LEU A 112 9.83 -9.27 8.56
CA LEU A 112 8.50 -9.04 9.11
C LEU A 112 8.06 -10.16 10.06
N ASP A 113 8.66 -11.36 9.95
CA ASP A 113 8.39 -12.45 10.88
C ASP A 113 8.94 -12.10 12.26
N ASN A 114 10.11 -11.44 12.30
CA ASN A 114 10.78 -10.98 13.51
C ASN A 114 10.18 -9.65 14.01
N PHE A 115 9.49 -8.90 13.13
CA PHE A 115 8.93 -7.59 13.46
C PHE A 115 7.71 -7.74 14.39
N LEU A 116 6.96 -8.83 14.23
CA LEU A 116 5.82 -9.15 15.09
C LEU A 116 6.27 -9.72 16.43
N LYS A 117 7.48 -10.31 16.47
CA LYS A 117 8.01 -10.90 17.69
C LYS A 117 8.34 -9.80 18.71
N SER A 118 8.87 -8.66 18.24
CA SER A 118 9.28 -7.57 19.13
C SER A 118 8.07 -6.84 19.76
N GLN A 119 6.87 -7.01 19.19
CA GLN A 119 5.66 -6.40 19.71
C GLN A 119 5.18 -7.16 20.95
N SER A 120 5.06 -8.50 20.81
CA SER A 120 4.47 -9.35 21.84
C SER A 120 5.48 -9.69 22.96
N ASP A 121 6.79 -9.55 22.67
CA ASP A 121 7.85 -9.74 23.67
C ASP A 121 7.95 -8.52 24.61
N THR A 122 7.11 -7.50 24.39
CA THR A 122 7.03 -6.29 25.20
C THR A 122 5.58 -6.11 25.72
N SER A 123 4.68 -7.06 25.37
CA SER A 123 3.26 -7.06 25.75
C SER A 123 2.48 -5.87 25.14
N SER A 124 3.14 -5.05 24.30
CA SER A 124 2.52 -3.93 23.61
C SER A 124 1.62 -4.44 22.46
N SER A 125 0.91 -3.50 21.81
CA SER A 125 0.08 -3.81 20.65
C SER A 125 0.95 -4.11 19.42
N LYS A 126 0.31 -4.51 18.32
CA LYS A 126 0.97 -4.77 17.04
C LYS A 126 0.16 -4.16 15.88
N ASN A 127 -1.04 -3.63 16.18
CA ASN A 127 -1.97 -3.07 15.19
C ASN A 127 -1.94 -1.53 15.18
N ARG A 128 -1.00 -0.93 15.93
CA ARG A 128 -0.88 0.53 16.07
C ARG A 128 0.58 0.97 15.92
N PHE A 129 0.79 2.29 15.75
CA PHE A 129 2.10 2.92 15.65
C PHE A 129 2.28 3.84 16.86
N ASP A 130 2.61 3.26 18.03
CA ASP A 130 2.70 4.00 19.29
C ASP A 130 3.79 3.42 20.21
N ASP A 131 4.60 2.46 19.72
CA ASP A 131 5.68 1.86 20.51
C ASP A 131 7.02 1.97 19.77
N VAL A 132 8.13 1.84 20.52
CA VAL A 132 9.47 2.06 20.01
C VAL A 132 9.92 0.93 19.06
N THR A 133 9.44 -0.30 19.29
CA THR A 133 9.82 -1.47 18.46
C THR A 133 9.14 -1.40 17.08
N THR A 134 8.03 -0.66 16.98
CA THR A 134 7.26 -0.53 15.74
C THR A 134 7.99 0.37 14.73
N ASP A 135 9.00 1.14 15.17
CA ASP A 135 9.66 2.14 14.33
C ASP A 135 11.18 2.03 14.36
N GLN A 136 11.76 1.38 15.39
CA GLN A 136 13.22 1.27 15.50
C GLN A 136 13.79 0.45 14.32
N PHE A 137 13.04 -0.58 13.88
CA PHE A 137 13.44 -1.40 12.74
C PHE A 137 13.17 -0.68 11.41
N VAL A 138 12.10 0.14 11.36
CA VAL A 138 11.70 0.83 10.13
C VAL A 138 12.72 1.93 9.77
N LEU A 139 13.39 2.51 10.78
CA LEU A 139 14.44 3.52 10.58
C LEU A 139 15.70 2.90 9.96
N ASN A 140 15.87 1.57 10.08
CA ASN A 140 17.01 0.87 9.47
C ASN A 140 16.72 0.49 8.00
N VAL A 141 15.43 0.34 7.64
CA VAL A 141 15.04 -0.02 6.27
C VAL A 141 15.16 1.20 5.34
N ILE A 142 14.81 2.40 5.82
CA ILE A 142 14.93 3.64 5.03
C ILE A 142 16.40 4.00 4.77
N LYS A 143 17.32 3.47 5.59
CA LYS A 143 18.75 3.75 5.44
C LYS A 143 19.30 3.08 4.16
N GLU A 144 18.62 2.03 3.68
CA GLU A 144 18.98 1.30 2.47
C GLU A 144 18.45 1.99 1.20
N ASN A 145 17.70 3.11 1.35
CA ASN A 145 17.01 3.78 0.25
C ASN A 145 17.42 5.25 0.15
N VAL A 146 17.82 5.85 1.28
CA VAL A 146 18.22 7.26 1.37
C VAL A 146 19.73 7.40 1.11
N GLN A 147 20.46 6.26 1.15
CA GLN A 147 21.82 6.18 0.72
C GLN A 147 21.91 6.37 -0.79
N THR A 148 23.11 6.23 -1.31
CA THR A 148 23.43 6.47 -2.72
C THR A 148 22.75 5.44 -3.64
N PHE A 149 22.17 4.38 -3.06
CA PHE A 149 21.31 3.44 -3.77
C PHE A 149 19.89 3.98 -3.73
N SER A 150 19.54 4.81 -4.72
CA SER A 150 18.22 5.43 -4.83
C SER A 150 17.13 4.37 -4.96
N THR A 151 15.88 4.78 -4.72
CA THR A 151 14.72 3.88 -4.72
C THR A 151 13.55 4.58 -5.42
N GLY A 152 13.29 4.19 -6.66
CA GLY A 152 12.25 4.76 -7.51
C GLY A 152 12.83 5.76 -8.52
N GLN A 153 14.07 6.22 -8.28
CA GLN A 153 14.82 7.12 -9.15
C GLN A 153 16.30 6.68 -9.17
N SER A 154 17.16 7.50 -9.77
CA SER A 154 18.59 7.23 -9.92
C SER A 154 19.43 8.49 -9.59
N GLU A 155 18.78 9.56 -9.08
CA GLU A 155 19.41 10.84 -8.82
C GLU A 155 19.07 11.33 -7.40
N ALA A 156 19.01 10.39 -6.44
CA ALA A 156 18.73 10.61 -5.02
C ALA A 156 17.40 11.38 -4.81
N PRO A 157 16.26 10.66 -4.77
CA PRO A 157 14.94 11.23 -4.58
C PRO A 157 14.77 11.73 -3.15
N GLU A 158 14.90 13.06 -2.96
CA GLU A 158 14.74 13.72 -1.67
C GLU A 158 13.29 13.57 -1.16
N ALA A 159 12.33 13.53 -2.08
CA ALA A 159 10.90 13.39 -1.77
C ALA A 159 10.15 12.86 -3.00
N THR A 160 10.84 12.08 -3.86
CA THR A 160 10.34 11.64 -5.17
C THR A 160 10.23 12.85 -6.14
N ALA A 161 10.84 14.00 -5.75
CA ALA A 161 10.78 15.29 -6.45
C ALA A 161 9.34 15.84 -6.55
N ASP A 162 8.36 15.11 -5.99
CA ASP A 162 6.96 15.47 -5.99
C ASP A 162 6.33 14.96 -4.70
N THR A 163 6.26 15.81 -3.68
CA THR A 163 5.57 15.49 -2.42
C THR A 163 4.04 15.46 -2.64
N ASN A 164 3.58 15.95 -3.80
CA ASN A 164 2.16 16.05 -4.15
C ASN A 164 1.48 14.66 -4.17
N LEU A 165 2.14 13.65 -4.76
CA LEU A 165 1.59 12.29 -4.84
C LEU A 165 1.47 11.67 -3.44
N HIS A 166 0.54 10.71 -3.31
CA HIS A 166 0.26 10.04 -2.04
C HIS A 166 0.09 8.52 -2.26
N TYR A 167 0.20 7.74 -1.19
CA TYR A 167 0.09 6.27 -1.24
C TYR A 167 -1.00 5.79 -0.27
N ILE A 168 -1.87 4.89 -0.78
CA ILE A 168 -2.97 4.28 -0.04
C ILE A 168 -2.87 2.75 -0.23
N THR A 169 -3.27 1.98 0.81
CA THR A 169 -3.26 0.51 0.77
C THR A 169 -4.57 -0.05 1.33
N TYR A 170 -5.05 -1.17 0.78
CA TYR A 170 -6.20 -1.88 1.31
C TYR A 170 -6.10 -3.40 1.04
N VAL A 171 -6.69 -4.20 1.94
CA VAL A 171 -6.74 -5.67 1.84
C VAL A 171 -8.10 -6.15 2.38
N GLU A 172 -8.56 -7.32 1.91
CA GLU A 172 -9.82 -7.93 2.30
C GLU A 172 -9.64 -8.74 3.59
N GLU A 173 -10.52 -8.50 4.57
CA GLU A 173 -10.54 -9.27 5.82
C GLU A 173 -12.00 -9.51 6.23
N ASN A 174 -12.26 -10.70 6.79
CA ASN A 174 -13.56 -11.17 7.28
C ASN A 174 -14.69 -11.08 6.21
N GLY A 175 -14.32 -10.93 4.92
CA GLY A 175 -15.28 -10.89 3.82
C GLY A 175 -15.72 -9.46 3.48
N GLY A 176 -14.95 -8.44 3.89
CA GLY A 176 -15.26 -7.04 3.65
C GLY A 176 -14.02 -6.27 3.21
N ILE A 177 -14.25 -5.05 2.69
CA ILE A 177 -13.20 -4.17 2.22
C ILE A 177 -12.82 -3.21 3.36
N PHE A 178 -11.51 -2.98 3.55
CA PHE A 178 -11.01 -2.08 4.58
C PHE A 178 -9.87 -1.22 4.02
N GLU A 179 -10.10 0.09 3.94
CA GLU A 179 -9.13 1.07 3.51
C GLU A 179 -8.21 1.45 4.68
N LEU A 180 -6.94 1.79 4.37
CA LEU A 180 -5.98 2.27 5.36
C LEU A 180 -5.38 3.59 4.89
N ASP A 181 -5.25 4.54 5.81
CA ASP A 181 -4.61 5.83 5.57
C ASP A 181 -3.81 6.22 6.80
N GLY A 182 -2.51 6.52 6.60
CA GLY A 182 -1.67 7.05 7.68
C GLY A 182 -2.05 8.50 8.01
N ARG A 183 -2.76 9.17 7.09
CA ARG A 183 -3.29 10.51 7.29
C ARG A 183 -4.45 10.48 8.31
N ASN A 184 -5.09 9.30 8.48
CA ASN A 184 -6.11 9.08 9.50
C ASN A 184 -5.44 8.48 10.73
N LEU A 185 -4.96 9.35 11.63
CA LEU A 185 -4.29 8.95 12.86
C LEU A 185 -5.27 8.22 13.81
N SER A 186 -6.58 8.30 13.52
CA SER A 186 -7.62 7.68 14.33
C SER A 186 -7.64 6.16 14.21
N GLY A 187 -6.98 5.59 13.18
CA GLY A 187 -6.94 4.15 12.95
C GLY A 187 -7.44 3.78 11.55
N PRO A 188 -7.71 2.48 11.31
CA PRO A 188 -8.15 1.95 10.01
C PRO A 188 -9.60 2.37 9.71
N LEU A 189 -10.10 1.99 8.52
CA LEU A 189 -11.45 2.32 8.07
C LEU A 189 -12.08 1.13 7.32
N TYR A 190 -13.41 1.00 7.40
CA TYR A 190 -14.21 0.03 6.66
C TYR A 190 -14.85 0.74 5.46
N LEU A 191 -14.33 0.50 4.25
CA LEU A 191 -14.81 1.17 3.05
C LEU A 191 -16.24 0.73 2.68
N GLY A 192 -16.56 -0.57 2.84
CA GLY A 192 -17.89 -1.08 2.52
C GLY A 192 -17.86 -2.60 2.36
N LYS A 193 -19.03 -3.19 2.08
CA LYS A 193 -19.18 -4.63 1.93
C LYS A 193 -18.52 -5.14 0.65
N SER A 194 -18.21 -6.44 0.65
CA SER A 194 -17.83 -7.17 -0.56
C SER A 194 -19.08 -7.57 -1.34
N ASP A 195 -19.13 -7.21 -2.64
CA ASP A 195 -20.14 -7.72 -3.56
C ASP A 195 -19.84 -9.22 -3.85
N PRO A 196 -20.88 -10.01 -4.21
CA PRO A 196 -20.76 -11.46 -4.37
C PRO A 196 -20.17 -11.88 -5.73
N THR A 197 -19.94 -10.91 -6.64
CA THR A 197 -19.53 -11.20 -8.02
C THR A 197 -18.01 -11.02 -8.21
N ALA A 198 -17.33 -10.38 -7.26
CA ALA A 198 -15.90 -10.07 -7.37
C ALA A 198 -15.06 -11.35 -7.34
N THR A 199 -14.39 -11.63 -8.46
CA THR A 199 -13.55 -12.81 -8.62
C THR A 199 -12.13 -12.54 -8.06
N ASP A 200 -11.70 -11.28 -8.00
CA ASP A 200 -10.28 -10.94 -7.75
C ASP A 200 -10.08 -9.60 -7.02
N LEU A 201 -11.18 -8.98 -6.50
CA LEU A 201 -11.17 -7.76 -5.66
C LEU A 201 -11.11 -6.49 -6.54
N ILE A 202 -10.46 -6.56 -7.72
CA ILE A 202 -10.44 -5.44 -8.66
C ILE A 202 -11.84 -5.24 -9.30
N GLU A 203 -12.67 -6.29 -9.28
CA GLU A 203 -14.02 -6.28 -9.84
C GLU A 203 -15.05 -5.65 -8.85
N GLN A 204 -14.63 -5.37 -7.60
CA GLN A 204 -15.51 -4.77 -6.58
C GLN A 204 -16.00 -3.40 -7.04
N GLU A 205 -17.26 -3.07 -6.73
CA GLU A 205 -17.85 -1.76 -7.08
C GLU A 205 -17.51 -0.70 -6.02
N LEU A 206 -17.23 -1.11 -4.77
CA LEU A 206 -16.98 -0.17 -3.67
C LEU A 206 -15.62 0.51 -3.82
N VAL A 207 -14.63 -0.17 -4.42
CA VAL A 207 -13.32 0.42 -4.70
C VAL A 207 -13.39 1.29 -5.98
N ARG A 208 -14.37 1.00 -6.86
CA ARG A 208 -14.55 1.73 -8.12
C ARG A 208 -15.06 3.14 -7.82
N VAL A 209 -16.12 3.26 -6.98
CA VAL A 209 -16.71 4.55 -6.62
C VAL A 209 -15.77 5.37 -5.71
N ARG A 210 -14.84 4.70 -5.00
CA ARG A 210 -13.87 5.38 -4.14
C ARG A 210 -12.82 6.10 -4.99
N VAL A 211 -12.30 5.43 -6.02
CA VAL A 211 -11.37 6.02 -6.97
C VAL A 211 -12.06 7.13 -7.79
N ALA A 212 -13.37 6.96 -8.06
CA ALA A 212 -14.16 7.94 -8.80
C ALA A 212 -14.52 9.17 -7.94
N SER A 213 -14.41 9.06 -6.61
CA SER A 213 -14.74 10.16 -5.70
C SER A 213 -13.57 11.16 -5.61
N TYR A 214 -12.32 10.68 -5.78
CA TYR A 214 -11.13 11.53 -5.64
C TYR A 214 -10.91 12.42 -6.88
N MET A 215 -11.34 11.99 -8.07
CA MET A 215 -11.16 12.76 -9.29
C MET A 215 -12.14 13.95 -9.37
N GLU A 216 -13.27 13.87 -8.64
CA GLU A 216 -14.30 14.92 -8.63
C GLU A 216 -13.87 16.15 -7.83
N ASN A 217 -12.76 16.05 -7.07
CA ASN A 217 -12.20 17.18 -6.33
C ASN A 217 -10.76 17.50 -6.79
N ALA A 218 -10.18 16.61 -7.62
CA ALA A 218 -8.85 16.82 -8.18
C ALA A 218 -8.94 17.67 -9.45
N ASN A 219 -7.80 18.26 -9.85
CA ASN A 219 -7.68 18.97 -11.12
C ASN A 219 -7.34 17.95 -12.23
N GLU A 220 -7.37 18.40 -13.49
CA GLU A 220 -7.03 17.55 -14.64
C GLU A 220 -5.54 17.17 -14.62
N GLU A 221 -4.69 18.02 -14.01
CA GLU A 221 -3.25 17.78 -13.92
C GLU A 221 -2.92 16.77 -12.81
N ASP A 222 -3.79 16.65 -11.81
CA ASP A 222 -3.64 15.65 -10.74
C ASP A 222 -4.09 14.27 -11.23
N VAL A 223 -5.17 14.22 -12.03
CA VAL A 223 -5.71 12.99 -12.61
C VAL A 223 -4.77 12.43 -13.70
N LEU A 224 -3.76 13.21 -14.12
CA LEU A 224 -2.73 12.80 -15.07
C LEU A 224 -1.78 11.73 -14.45
N ASN A 225 -1.95 11.39 -13.16
CA ASN A 225 -1.11 10.41 -12.45
C ASN A 225 -1.95 9.42 -11.64
N PHE A 226 -3.29 9.47 -11.76
CA PHE A 226 -4.19 8.50 -11.11
C PHE A 226 -3.99 7.13 -11.75
N ALA A 227 -3.45 6.18 -10.97
CA ALA A 227 -3.19 4.81 -11.41
C ALA A 227 -3.37 3.82 -10.24
N MET A 228 -3.24 2.52 -10.52
CA MET A 228 -3.35 1.47 -9.51
C MET A 228 -2.26 0.41 -9.75
N LEU A 229 -1.96 -0.35 -8.69
CA LEU A 229 -0.99 -1.45 -8.71
C LEU A 229 -1.56 -2.60 -7.87
N GLY A 230 -1.01 -3.81 -8.03
CA GLY A 230 -1.48 -4.99 -7.32
C GLY A 230 -0.33 -5.82 -6.77
N LEU A 231 -0.70 -6.86 -6.00
CA LEU A 231 0.22 -7.77 -5.34
C LEU A 231 -0.44 -9.17 -5.30
N GLY A 232 0.07 -10.10 -6.11
CA GLY A 232 -0.52 -11.43 -6.29
C GLY A 232 0.57 -12.50 -6.49
N PRO A 233 0.19 -13.70 -7.00
CA PRO A 233 1.12 -14.80 -7.25
C PRO A 233 2.06 -14.46 -8.41
N ASN A 234 3.24 -15.10 -8.43
CA ASN A 234 4.31 -14.83 -9.38
C ASN A 234 3.92 -15.25 -10.81
N TRP A 235 4.42 -14.48 -11.79
CA TRP A 235 4.36 -14.80 -13.22
C TRP A 235 5.81 -14.89 -13.73
N GLU A 236 6.30 -16.12 -13.94
CA GLU A 236 7.66 -16.43 -14.40
C GLU A 236 8.74 -15.71 -13.57
N MET A 1 10.66 26.61 2.31
CA MET A 1 11.17 25.43 1.59
C MET A 1 10.44 24.17 2.05
N SER A 2 10.41 23.92 3.37
CA SER A 2 9.74 22.76 3.96
C SER A 2 8.21 22.86 3.81
N GLY A 3 7.52 21.77 4.18
CA GLY A 3 6.06 21.72 4.17
C GLY A 3 5.56 20.29 4.45
N GLU A 4 6.47 19.30 4.41
CA GLU A 4 6.18 17.90 4.70
C GLU A 4 7.33 17.33 5.55
N ASN A 5 7.31 17.66 6.85
CA ASN A 5 8.31 17.26 7.84
C ASN A 5 9.75 17.44 7.31
N ARG A 6 10.15 18.72 7.16
CA ARG A 6 11.47 19.14 6.63
C ARG A 6 11.53 18.89 5.11
N ALA A 7 11.68 17.62 4.70
CA ALA A 7 11.66 17.22 3.30
C ALA A 7 10.92 15.89 3.14
N VAL A 8 10.49 15.58 1.90
CA VAL A 8 9.74 14.38 1.59
C VAL A 8 10.24 13.77 0.26
N VAL A 9 10.37 12.44 0.21
CA VAL A 9 10.92 11.73 -0.95
C VAL A 9 10.11 10.43 -1.21
N PRO A 10 9.16 10.46 -2.19
CA PRO A 10 8.44 9.27 -2.65
C PRO A 10 9.34 8.40 -3.57
N ILE A 11 8.77 7.29 -4.11
CA ILE A 11 9.49 6.38 -5.00
C ILE A 11 8.65 6.12 -6.27
N GLU A 12 9.09 6.74 -7.39
CA GLU A 12 8.48 6.54 -8.71
C GLU A 12 8.90 5.16 -9.28
N SER A 13 8.48 4.86 -10.52
CA SER A 13 8.75 3.59 -11.20
C SER A 13 8.31 2.40 -10.34
N ASN A 14 7.11 2.51 -9.71
CA ASN A 14 6.58 1.52 -8.80
C ASN A 14 6.36 0.09 -9.41
N PRO A 15 6.11 -0.11 -10.74
CA PRO A 15 5.88 -1.46 -11.28
C PRO A 15 7.18 -2.29 -11.39
N GLU A 16 8.31 -1.76 -10.88
CA GLU A 16 9.60 -2.45 -10.91
C GLU A 16 10.36 -2.25 -9.59
N VAL A 17 10.19 -1.09 -8.94
CA VAL A 17 10.90 -0.75 -7.71
C VAL A 17 10.30 -1.49 -6.50
N PHE A 18 8.98 -1.70 -6.48
CA PHE A 18 8.29 -2.27 -5.32
C PHE A 18 8.60 -3.78 -5.17
N THR A 19 8.94 -4.47 -6.27
CA THR A 19 9.21 -5.91 -6.24
C THR A 19 10.58 -6.20 -5.60
N ASN A 20 11.53 -5.25 -5.69
CA ASN A 20 12.87 -5.42 -5.13
C ASN A 20 12.81 -5.41 -3.60
N PHE A 21 12.14 -4.41 -3.02
CA PHE A 21 12.08 -4.23 -1.58
C PHE A 21 11.17 -5.28 -0.92
N ALA A 22 10.14 -5.75 -1.62
CA ALA A 22 9.22 -6.76 -1.09
C ALA A 22 9.92 -8.13 -1.01
N HIS A 23 10.83 -8.42 -1.94
CA HIS A 23 11.61 -9.65 -1.92
C HIS A 23 12.68 -9.58 -0.82
N LYS A 24 13.16 -8.37 -0.51
CA LYS A 24 14.15 -8.15 0.55
C LYS A 24 13.49 -8.22 1.95
N LEU A 25 12.16 -8.13 2.02
CA LEU A 25 11.43 -8.27 3.28
C LEU A 25 11.17 -9.76 3.61
N GLY A 26 11.43 -10.68 2.67
CA GLY A 26 11.32 -12.11 2.92
C GLY A 26 10.19 -12.80 2.15
N LEU A 27 9.52 -12.08 1.22
CA LEU A 27 8.36 -12.61 0.50
C LEU A 27 8.77 -13.82 -0.36
N LYS A 28 7.83 -14.76 -0.58
CA LYS A 28 8.05 -15.93 -1.43
C LYS A 28 8.29 -15.51 -2.88
N ASN A 29 9.04 -16.33 -3.62
CA ASN A 29 9.33 -16.12 -5.04
C ASN A 29 8.06 -16.36 -5.89
N GLU A 30 7.07 -17.08 -5.32
CA GLU A 30 5.82 -17.41 -5.99
C GLU A 30 4.81 -16.23 -5.96
N TRP A 31 5.21 -15.07 -5.40
CA TRP A 31 4.38 -13.87 -5.38
C TRP A 31 5.23 -12.61 -5.58
N ALA A 32 4.69 -11.65 -6.35
CA ALA A 32 5.30 -10.33 -6.56
C ALA A 32 4.21 -9.33 -6.99
N TYR A 33 4.52 -8.03 -6.89
CA TYR A 33 3.63 -6.98 -7.36
C TYR A 33 3.60 -6.93 -8.89
N PHE A 34 2.55 -6.31 -9.44
CA PHE A 34 2.44 -5.96 -10.86
C PHE A 34 1.35 -4.89 -11.03
N ASP A 35 1.47 -4.07 -12.07
CA ASP A 35 0.49 -3.01 -12.36
C ASP A 35 -0.85 -3.62 -12.80
N ILE A 36 -1.91 -2.80 -12.80
CA ILE A 36 -3.25 -3.20 -13.22
C ILE A 36 -3.71 -2.23 -14.32
N TYR A 37 -4.08 -2.80 -15.48
CA TYR A 37 -4.44 -2.04 -16.68
C TYR A 37 -5.74 -1.26 -16.48
N SER A 38 -6.83 -1.95 -16.10
CA SER A 38 -8.14 -1.34 -15.95
C SER A 38 -8.95 -2.05 -14.85
N LEU A 39 -10.12 -1.48 -14.50
CA LEU A 39 -11.02 -2.03 -13.49
C LEU A 39 -12.47 -2.02 -14.03
N THR A 40 -12.81 -0.97 -14.81
CA THR A 40 -14.12 -0.85 -15.45
C THR A 40 -14.21 -1.72 -16.73
N GLU A 41 -13.10 -2.37 -17.10
CA GLU A 41 -13.03 -3.27 -18.24
C GLU A 41 -12.63 -4.66 -17.74
N PRO A 42 -13.61 -5.58 -17.54
CA PRO A 42 -13.35 -6.93 -17.04
C PRO A 42 -12.66 -7.80 -18.10
N GLU A 43 -12.47 -7.28 -19.32
CA GLU A 43 -11.71 -7.95 -20.38
C GLU A 43 -10.24 -8.10 -19.96
N LEU A 44 -9.71 -7.10 -19.24
CA LEU A 44 -8.34 -7.13 -18.73
C LEU A 44 -8.24 -8.06 -17.51
N LEU A 45 -9.33 -8.16 -16.73
CA LEU A 45 -9.36 -8.96 -15.51
C LEU A 45 -9.57 -10.45 -15.82
N ALA A 46 -10.00 -10.77 -17.05
CA ALA A 46 -10.24 -12.15 -17.47
C ALA A 46 -8.92 -12.86 -17.86
N PHE A 47 -7.84 -12.08 -18.07
CA PHE A 47 -6.53 -12.61 -18.43
C PHE A 47 -5.71 -12.99 -17.19
N LEU A 48 -6.18 -12.58 -15.99
CA LEU A 48 -5.50 -12.88 -14.73
C LEU A 48 -5.68 -14.38 -14.39
N PRO A 49 -4.59 -15.18 -14.33
CA PRO A 49 -4.67 -16.62 -14.14
C PRO A 49 -5.05 -17.00 -12.70
N ARG A 50 -4.82 -16.10 -11.73
CA ARG A 50 -5.15 -16.30 -10.31
C ARG A 50 -5.64 -14.97 -9.70
N PRO A 51 -6.26 -15.02 -8.50
CA PRO A 51 -6.81 -13.86 -7.82
C PRO A 51 -5.69 -12.94 -7.25
N VAL A 52 -6.10 -11.74 -6.81
CA VAL A 52 -5.22 -10.75 -6.20
C VAL A 52 -5.57 -10.61 -4.71
N LYS A 53 -4.64 -11.01 -3.83
CA LYS A 53 -4.88 -11.06 -2.38
C LYS A 53 -5.02 -9.65 -1.78
N ALA A 54 -4.24 -8.68 -2.29
CA ALA A 54 -4.27 -7.30 -1.79
C ALA A 54 -3.95 -6.32 -2.92
N ILE A 55 -4.30 -5.04 -2.70
CA ILE A 55 -4.17 -3.99 -3.71
C ILE A 55 -3.61 -2.72 -3.04
N VAL A 56 -2.86 -1.93 -3.82
CA VAL A 56 -2.31 -0.64 -3.41
C VAL A 56 -2.64 0.39 -4.50
N LEU A 57 -2.86 1.64 -4.09
CA LEU A 57 -3.26 2.72 -5.00
C LEU A 57 -2.24 3.85 -4.93
N LEU A 58 -2.07 4.54 -6.07
CA LEU A 58 -1.05 5.55 -6.25
C LEU A 58 -1.69 6.77 -6.93
N PHE A 59 -2.00 7.81 -6.15
CA PHE A 59 -2.49 9.08 -6.70
C PHE A 59 -2.20 10.24 -5.72
N PRO A 60 -2.02 11.47 -6.23
CA PRO A 60 -1.70 12.65 -5.41
C PRO A 60 -2.92 13.10 -4.59
N ILE A 61 -2.73 14.16 -3.79
CA ILE A 61 -3.78 14.70 -2.94
C ILE A 61 -3.72 16.24 -2.94
N ASN A 62 -4.91 16.87 -2.89
CA ASN A 62 -5.06 18.31 -2.72
C ASN A 62 -5.72 18.58 -1.35
N GLU A 63 -5.59 19.82 -0.87
CA GLU A 63 -6.25 20.25 0.37
C GLU A 63 -7.78 20.29 0.17
N ASP A 64 -8.23 20.35 -1.09
CA ASP A 64 -9.63 20.22 -1.47
C ASP A 64 -10.01 18.73 -1.43
N ARG A 65 -10.66 18.30 -0.34
CA ARG A 65 -11.13 16.92 -0.18
C ARG A 65 -12.49 16.89 0.52
N LYS A 66 -13.22 15.78 0.35
CA LYS A 66 -14.60 15.63 0.84
C LYS A 66 -14.98 14.15 1.04
N SER A 67 -14.09 13.22 0.67
CA SER A 67 -14.42 11.80 0.57
C SER A 67 -14.48 11.11 1.94
N SER A 68 -14.06 11.79 3.02
CA SER A 68 -14.17 11.27 4.38
C SER A 68 -14.27 12.42 5.38
N THR A 69 -15.02 12.19 6.47
CA THR A 69 -15.14 13.14 7.58
C THR A 69 -14.05 12.88 8.65
N SER A 70 -13.28 11.78 8.50
CA SER A 70 -12.23 11.37 9.44
C SER A 70 -12.76 11.33 10.90
N GLN A 71 -14.02 10.89 11.08
CA GLN A 71 -14.69 10.83 12.38
C GLN A 71 -13.99 9.86 13.34
N GLN A 72 -14.39 9.90 14.62
CA GLN A 72 -13.89 9.00 15.65
C GLN A 72 -14.43 7.59 15.40
N ILE A 73 -13.53 6.61 15.26
CA ILE A 73 -13.87 5.21 15.07
C ILE A 73 -12.80 4.31 15.74
N THR A 74 -13.13 3.03 15.97
CA THR A 74 -12.24 2.05 16.58
C THR A 74 -10.98 1.84 15.70
N SER A 75 -9.91 1.27 16.29
CA SER A 75 -8.60 1.12 15.64
C SER A 75 -8.05 -0.32 15.86
N SER A 76 -8.91 -1.24 16.34
CA SER A 76 -8.56 -2.63 16.59
C SER A 76 -9.46 -3.53 15.74
N TYR A 77 -8.90 -3.99 14.61
CA TYR A 77 -9.59 -4.83 13.63
C TYR A 77 -8.63 -5.93 13.13
N ASP A 78 -9.08 -6.71 12.15
CA ASP A 78 -8.28 -7.74 11.48
C ASP A 78 -7.23 -7.15 10.52
N VAL A 79 -7.07 -5.81 10.49
CA VAL A 79 -6.24 -5.11 9.50
C VAL A 79 -5.19 -4.23 10.17
N ILE A 80 -3.92 -4.69 10.16
CA ILE A 80 -2.79 -3.93 10.67
C ILE A 80 -2.57 -2.68 9.79
N TRP A 81 -2.15 -1.58 10.43
CA TRP A 81 -1.83 -0.34 9.72
C TRP A 81 -0.62 0.35 10.36
N PHE A 82 -0.09 1.37 9.68
CA PHE A 82 1.06 2.13 10.14
C PHE A 82 0.83 3.61 9.87
N LYS A 83 0.98 4.44 10.90
CA LYS A 83 0.76 5.89 10.84
C LYS A 83 1.83 6.56 9.97
N GLN A 84 1.42 7.59 9.20
CA GLN A 84 2.29 8.35 8.32
C GLN A 84 3.23 9.24 9.16
N SER A 85 4.47 8.76 9.38
CA SER A 85 5.48 9.47 10.16
C SER A 85 6.86 9.36 9.50
N VAL A 86 7.01 8.47 8.50
CA VAL A 86 8.24 8.32 7.74
C VAL A 86 8.10 9.03 6.40
N LYS A 87 8.55 10.30 6.38
CA LYS A 87 8.44 11.18 5.22
C LYS A 87 9.41 10.79 4.09
N ASN A 88 10.47 10.02 4.40
CA ASN A 88 11.39 9.49 3.39
C ASN A 88 10.83 8.19 2.77
N ALA A 89 9.66 7.72 3.27
CA ALA A 89 9.03 6.47 2.85
C ALA A 89 7.53 6.70 2.61
N CYS A 90 7.20 7.40 1.53
CA CYS A 90 5.80 7.65 1.14
C CYS A 90 5.20 6.38 0.51
N GLY A 91 5.90 5.82 -0.49
CA GLY A 91 5.48 4.58 -1.15
C GLY A 91 6.20 3.37 -0.57
N LEU A 92 7.35 3.59 0.10
CA LEU A 92 8.19 2.51 0.62
C LEU A 92 7.54 1.88 1.87
N TYR A 93 6.82 2.66 2.70
CA TYR A 93 6.12 2.15 3.88
C TYR A 93 4.72 1.60 3.50
N ALA A 94 4.21 1.97 2.31
CA ALA A 94 2.93 1.47 1.81
C ALA A 94 3.03 -0.01 1.42
N ILE A 95 4.27 -0.49 1.17
CA ILE A 95 4.54 -1.90 0.89
C ILE A 95 4.28 -2.74 2.14
N LEU A 96 4.57 -2.19 3.34
CA LEU A 96 4.41 -2.92 4.60
C LEU A 96 2.93 -3.14 4.96
N HIS A 97 2.02 -2.29 4.47
CA HIS A 97 0.58 -2.47 4.72
C HIS A 97 0.09 -3.73 4.00
N SER A 98 0.49 -3.89 2.74
CA SER A 98 0.06 -5.02 1.91
C SER A 98 0.74 -6.33 2.34
N LEU A 99 1.97 -6.23 2.89
CA LEU A 99 2.76 -7.40 3.26
C LEU A 99 2.33 -7.94 4.64
N SER A 100 2.35 -7.06 5.66
CA SER A 100 2.15 -7.44 7.06
C SER A 100 0.70 -7.84 7.35
N ASN A 101 -0.24 -7.57 6.43
CA ASN A 101 -1.65 -7.92 6.61
C ASN A 101 -1.94 -9.35 6.15
N ASN A 102 -1.01 -9.97 5.40
CA ASN A 102 -1.20 -11.30 4.85
C ASN A 102 -0.04 -12.18 5.26
N GLN A 103 -0.15 -12.78 6.46
CA GLN A 103 0.80 -13.78 6.97
C GLN A 103 0.78 -15.06 6.09
N SER A 104 -0.21 -15.16 5.21
CA SER A 104 -0.57 -16.35 4.44
C SER A 104 0.48 -16.78 3.41
N LEU A 105 1.44 -15.89 3.06
CA LEU A 105 2.42 -16.16 1.99
C LEU A 105 3.86 -15.79 2.39
N LEU A 106 4.11 -15.56 3.69
CA LEU A 106 5.46 -15.32 4.24
C LEU A 106 6.30 -16.60 4.22
N GLU A 107 7.62 -16.43 4.38
CA GLU A 107 8.54 -17.55 4.65
C GLU A 107 8.87 -17.57 6.16
N PRO A 108 9.25 -18.74 6.71
CA PRO A 108 9.57 -18.89 8.13
C PRO A 108 10.91 -18.24 8.45
N GLY A 109 10.88 -17.04 9.07
CA GLY A 109 12.08 -16.32 9.48
C GLY A 109 12.32 -15.05 8.65
N SER A 110 11.31 -14.59 7.89
CA SER A 110 11.41 -13.38 7.08
C SER A 110 11.68 -12.14 7.95
N ASP A 111 12.03 -11.02 7.29
CA ASP A 111 12.34 -9.77 7.98
C ASP A 111 11.09 -9.22 8.66
N LEU A 112 9.95 -9.15 7.95
CA LEU A 112 8.73 -8.60 8.52
C LEU A 112 8.01 -9.63 9.43
N ASP A 113 8.40 -10.91 9.33
CA ASP A 113 7.89 -11.97 10.21
C ASP A 113 8.52 -11.86 11.59
N ASN A 114 9.82 -11.48 11.65
CA ASN A 114 10.54 -11.24 12.89
C ASN A 114 10.15 -9.86 13.48
N PHE A 115 9.68 -8.95 12.62
CA PHE A 115 9.19 -7.63 13.04
C PHE A 115 7.86 -7.78 13.80
N LEU A 116 7.06 -8.78 13.41
CA LEU A 116 5.80 -9.11 14.08
C LEU A 116 6.09 -9.80 15.42
N LYS A 117 7.13 -10.65 15.47
CA LYS A 117 7.53 -11.35 16.68
C LYS A 117 8.12 -10.38 17.72
N SER A 118 8.62 -9.22 17.28
CA SER A 118 9.13 -8.20 18.18
C SER A 118 7.98 -7.38 18.76
N GLN A 119 6.88 -7.22 18.01
CA GLN A 119 5.72 -6.45 18.43
C GLN A 119 4.85 -7.24 19.43
N SER A 120 4.95 -8.58 19.44
CA SER A 120 4.25 -9.39 20.43
C SER A 120 4.96 -9.33 21.79
N ASP A 121 6.25 -8.93 21.80
CA ASP A 121 7.01 -8.71 23.03
C ASP A 121 6.83 -7.28 23.55
N THR A 122 6.38 -6.36 22.67
CA THR A 122 6.15 -4.95 23.03
C THR A 122 4.86 -4.78 23.86
N SER A 123 3.98 -5.80 23.85
CA SER A 123 2.73 -5.90 24.63
C SER A 123 1.80 -4.65 24.53
N SER A 124 2.03 -3.76 23.55
CA SER A 124 1.16 -2.60 23.30
C SER A 124 1.02 -2.30 21.79
N SER A 125 1.82 -2.98 20.96
CA SER A 125 1.64 -3.03 19.50
C SER A 125 0.41 -3.84 19.15
N LYS A 126 0.33 -4.28 17.88
CA LYS A 126 -0.84 -4.85 17.27
C LYS A 126 -1.80 -3.72 16.92
N ASN A 127 -2.10 -3.64 15.62
CA ASN A 127 -2.81 -2.56 14.93
C ASN A 127 -2.49 -1.13 15.45
N ARG A 128 -1.31 -0.95 16.06
CA ARG A 128 -0.83 0.37 16.49
C ARG A 128 0.64 0.55 16.13
N PHE A 129 1.02 1.81 15.85
CA PHE A 129 2.40 2.23 15.61
C PHE A 129 2.70 3.45 16.48
N ASP A 130 3.24 3.21 17.69
CA ASP A 130 3.50 4.26 18.67
C ASP A 130 4.75 3.96 19.52
N ASP A 131 5.23 2.71 19.50
CA ASP A 131 6.38 2.30 20.30
C ASP A 131 7.70 2.62 19.58
N VAL A 132 8.79 2.70 20.36
CA VAL A 132 10.14 2.97 19.84
C VAL A 132 10.75 1.70 19.23
N THR A 133 10.27 0.50 19.63
CA THR A 133 10.78 -0.77 19.12
C THR A 133 10.20 -1.05 17.73
N THR A 134 8.97 -0.58 17.49
CA THR A 134 8.31 -0.72 16.20
C THR A 134 8.89 0.32 15.20
N ASP A 135 9.46 1.41 15.72
CA ASP A 135 10.06 2.47 14.91
C ASP A 135 11.53 2.17 14.58
N GLN A 136 12.20 1.35 15.42
CA GLN A 136 13.62 1.04 15.26
C GLN A 136 13.87 0.16 14.02
N PHE A 137 12.88 -0.65 13.63
CA PHE A 137 12.99 -1.53 12.48
C PHE A 137 12.79 -0.76 11.16
N VAL A 138 11.96 0.30 11.20
CA VAL A 138 11.63 1.07 10.00
C VAL A 138 12.72 2.12 9.70
N LEU A 139 13.35 2.70 10.73
CA LEU A 139 14.42 3.68 10.51
C LEU A 139 15.66 3.04 9.89
N ASN A 140 15.73 1.69 9.88
CA ASN A 140 16.82 0.96 9.26
C ASN A 140 16.71 0.99 7.73
N VAL A 141 15.52 0.63 7.20
CA VAL A 141 15.32 0.45 5.77
C VAL A 141 15.24 1.78 5.00
N ILE A 142 14.81 2.87 5.67
CA ILE A 142 14.72 4.17 5.01
C ILE A 142 16.11 4.81 4.84
N LYS A 143 17.09 4.39 5.66
CA LYS A 143 18.45 4.88 5.55
C LYS A 143 19.17 4.23 4.36
N GLU A 144 18.65 3.10 3.84
CA GLU A 144 19.26 2.42 2.70
C GLU A 144 19.08 3.25 1.43
N ASN A 145 17.89 3.84 1.25
CA ASN A 145 17.59 4.64 0.04
C ASN A 145 18.15 6.07 0.15
N VAL A 146 18.84 6.39 1.26
CA VAL A 146 19.54 7.66 1.45
C VAL A 146 21.07 7.43 1.48
N GLN A 147 21.52 6.19 1.73
CA GLN A 147 22.93 5.83 1.82
C GLN A 147 23.58 5.85 0.43
N THR A 148 23.14 4.96 -0.47
CA THR A 148 23.74 4.81 -1.79
C THR A 148 22.72 4.39 -2.87
N PHE A 149 21.56 3.85 -2.45
CA PHE A 149 20.49 3.48 -3.37
C PHE A 149 19.69 4.73 -3.76
N SER A 150 20.01 5.30 -4.93
CA SER A 150 19.34 6.48 -5.49
C SER A 150 17.89 6.17 -5.97
N THR A 151 17.37 4.98 -5.61
CA THR A 151 16.06 4.47 -6.02
C THR A 151 14.94 5.51 -5.80
N GLY A 152 13.95 5.49 -6.71
CA GLY A 152 12.80 6.40 -6.70
C GLY A 152 12.94 7.50 -7.75
N GLN A 153 14.16 7.74 -8.25
CA GLN A 153 14.44 8.74 -9.29
C GLN A 153 15.77 8.42 -10.00
N SER A 154 16.51 7.40 -9.51
CA SER A 154 17.90 7.05 -9.88
C SER A 154 18.88 8.24 -9.73
N GLU A 155 18.40 9.38 -9.18
CA GLU A 155 19.21 10.57 -8.93
C GLU A 155 18.71 11.22 -7.63
N ALA A 156 19.08 10.62 -6.49
CA ALA A 156 18.66 10.97 -5.11
C ALA A 156 18.50 12.49 -4.91
N PRO A 157 17.25 12.99 -5.00
CA PRO A 157 16.95 14.42 -4.96
C PRO A 157 16.94 14.97 -3.51
N GLU A 158 16.79 14.08 -2.52
CA GLU A 158 16.61 14.43 -1.09
C GLU A 158 15.34 15.31 -0.84
N ALA A 159 14.59 15.65 -1.91
CA ALA A 159 13.39 16.46 -1.84
C ALA A 159 12.44 16.08 -3.00
N THR A 160 11.33 16.81 -3.14
CA THR A 160 10.33 16.57 -4.20
C THR A 160 10.91 16.85 -5.59
N ALA A 161 10.21 16.38 -6.63
CA ALA A 161 10.51 16.67 -8.03
C ALA A 161 9.21 16.68 -8.87
N ASP A 162 8.07 16.31 -8.26
CA ASP A 162 6.76 16.28 -8.88
C ASP A 162 5.70 16.70 -7.84
N THR A 163 4.40 16.58 -8.19
CA THR A 163 3.31 16.83 -7.26
C THR A 163 3.39 15.82 -6.10
N ASN A 164 2.87 16.21 -4.93
CA ASN A 164 2.90 15.40 -3.73
C ASN A 164 2.00 14.17 -3.87
N LEU A 165 2.61 13.01 -4.20
CA LEU A 165 1.92 11.73 -4.31
C LEU A 165 1.48 11.24 -2.93
N HIS A 166 0.34 10.52 -2.89
CA HIS A 166 -0.24 10.02 -1.66
C HIS A 166 -0.66 8.55 -1.84
N TYR A 167 0.14 7.63 -1.26
CA TYR A 167 -0.05 6.20 -1.42
C TYR A 167 -1.11 5.67 -0.44
N ILE A 168 -2.32 5.39 -0.96
CA ILE A 168 -3.36 4.71 -0.20
C ILE A 168 -3.12 3.19 -0.34
N THR A 169 -3.56 2.42 0.66
CA THR A 169 -3.44 0.96 0.65
C THR A 169 -4.82 0.34 0.95
N TYR A 170 -5.05 -0.88 0.44
CA TYR A 170 -6.36 -1.53 0.53
C TYR A 170 -6.18 -3.05 0.76
N VAL A 171 -6.93 -3.59 1.73
CA VAL A 171 -6.97 -5.02 2.04
C VAL A 171 -8.41 -5.47 2.32
N GLU A 172 -8.69 -6.76 2.15
CA GLU A 172 -10.02 -7.34 2.35
C GLU A 172 -9.88 -8.71 3.02
N GLU A 173 -10.66 -8.92 4.08
CA GLU A 173 -10.73 -10.20 4.79
C GLU A 173 -12.09 -10.33 5.48
N ASN A 174 -12.53 -11.58 5.71
CA ASN A 174 -13.80 -11.94 6.37
C ASN A 174 -15.04 -11.41 5.62
N GLY A 175 -14.87 -11.00 4.35
CA GLY A 175 -15.98 -10.45 3.55
C GLY A 175 -16.20 -8.97 3.86
N GLY A 176 -15.14 -8.24 4.21
CA GLY A 176 -15.22 -6.84 4.62
C GLY A 176 -14.13 -6.02 3.94
N ILE A 177 -14.56 -5.02 3.16
CA ILE A 177 -13.68 -4.07 2.49
C ILE A 177 -13.20 -3.04 3.53
N PHE A 178 -11.88 -3.00 3.75
CA PHE A 178 -11.24 -2.07 4.70
C PHE A 178 -10.07 -1.35 4.01
N GLU A 179 -10.26 -0.05 3.73
CA GLU A 179 -9.19 0.80 3.21
C GLU A 179 -8.34 1.30 4.39
N LEU A 180 -7.04 1.47 4.15
CA LEU A 180 -6.08 1.90 5.15
C LEU A 180 -5.29 3.10 4.64
N ASP A 181 -5.00 4.04 5.54
CA ASP A 181 -4.12 5.18 5.27
C ASP A 181 -3.36 5.55 6.55
N GLY A 182 -2.30 6.35 6.41
CA GLY A 182 -1.50 6.77 7.56
C GLY A 182 -2.02 8.07 8.19
N ARG A 183 -2.94 8.78 7.50
CA ARG A 183 -3.60 9.97 8.06
C ARG A 183 -4.78 9.57 8.99
N ASN A 184 -5.03 8.25 9.14
CA ASN A 184 -6.09 7.72 9.99
C ASN A 184 -5.68 7.72 11.47
N LEU A 185 -5.35 8.90 12.01
CA LEU A 185 -5.08 9.08 13.44
C LEU A 185 -6.37 8.88 14.27
N SER A 186 -7.54 8.91 13.60
CA SER A 186 -8.84 8.67 14.22
C SER A 186 -9.35 7.24 13.93
N GLY A 187 -8.60 6.46 13.14
CA GLY A 187 -8.92 5.08 12.80
C GLY A 187 -9.33 4.97 11.31
N PRO A 188 -9.29 3.74 10.74
CA PRO A 188 -9.51 3.50 9.32
C PRO A 188 -10.99 3.69 8.92
N LEU A 189 -11.25 3.71 7.60
CA LEU A 189 -12.59 3.91 7.03
C LEU A 189 -12.99 2.70 6.20
N TYR A 190 -13.94 1.90 6.73
CA TYR A 190 -14.49 0.76 6.00
C TYR A 190 -15.46 1.26 4.93
N LEU A 191 -15.31 0.73 3.70
CA LEU A 191 -16.17 1.10 2.58
C LEU A 191 -17.53 0.39 2.67
N GLY A 192 -17.57 -0.78 3.32
CA GLY A 192 -18.77 -1.61 3.44
C GLY A 192 -18.40 -3.07 3.26
N LYS A 193 -19.40 -3.96 3.33
CA LYS A 193 -19.18 -5.39 3.10
C LYS A 193 -18.78 -5.63 1.64
N SER A 194 -18.09 -6.75 1.38
CA SER A 194 -17.67 -7.13 0.03
C SER A 194 -18.88 -7.50 -0.85
N ASP A 195 -18.70 -7.42 -2.16
CA ASP A 195 -19.74 -7.80 -3.12
C ASP A 195 -19.77 -9.33 -3.27
N PRO A 196 -20.94 -9.91 -3.64
CA PRO A 196 -21.09 -11.33 -3.92
C PRO A 196 -20.53 -11.70 -5.31
N THR A 197 -20.02 -10.70 -6.06
CA THR A 197 -19.51 -10.87 -7.41
C THR A 197 -17.97 -10.75 -7.47
N ALA A 198 -17.31 -10.66 -6.30
CA ALA A 198 -15.86 -10.49 -6.21
C ALA A 198 -15.12 -11.71 -6.79
N THR A 199 -14.55 -11.55 -8.00
CA THR A 199 -13.89 -12.64 -8.72
C THR A 199 -12.35 -12.60 -8.54
N ASP A 200 -11.78 -11.41 -8.23
CA ASP A 200 -10.32 -11.24 -8.16
C ASP A 200 -9.94 -10.16 -7.12
N LEU A 201 -10.90 -9.27 -6.77
CA LEU A 201 -10.83 -8.18 -5.76
C LEU A 201 -10.77 -6.80 -6.46
N ILE A 202 -10.45 -6.77 -7.76
CA ILE A 202 -10.30 -5.51 -8.51
C ILE A 202 -11.69 -4.98 -8.97
N GLU A 203 -12.67 -5.88 -9.16
CA GLU A 203 -14.00 -5.51 -9.65
C GLU A 203 -14.92 -4.99 -8.51
N GLN A 204 -14.41 -4.90 -7.26
CA GLN A 204 -15.17 -4.46 -6.09
C GLN A 204 -15.87 -3.12 -6.38
N GLU A 205 -17.21 -3.13 -6.34
CA GLU A 205 -18.05 -2.01 -6.75
C GLU A 205 -17.88 -0.81 -5.81
N LEU A 206 -17.69 -1.07 -4.50
CA LEU A 206 -17.55 0.00 -3.52
C LEU A 206 -16.14 0.64 -3.59
N VAL A 207 -15.13 -0.13 -4.02
CA VAL A 207 -13.76 0.37 -4.18
C VAL A 207 -13.67 1.24 -5.45
N ARG A 208 -14.49 0.93 -6.47
CA ARG A 208 -14.49 1.62 -7.75
C ARG A 208 -15.06 3.04 -7.60
N VAL A 209 -16.14 3.20 -6.82
CA VAL A 209 -16.74 4.51 -6.60
C VAL A 209 -15.91 5.33 -5.58
N ARG A 210 -15.14 4.65 -4.71
CA ARG A 210 -14.36 5.33 -3.67
C ARG A 210 -13.13 6.01 -4.25
N VAL A 211 -12.43 5.35 -5.18
CA VAL A 211 -11.24 5.91 -5.84
C VAL A 211 -11.64 7.02 -6.84
N ALA A 212 -12.86 6.91 -7.40
CA ALA A 212 -13.38 7.88 -8.36
C ALA A 212 -13.81 9.19 -7.67
N SER A 213 -14.09 9.14 -6.36
CA SER A 213 -14.56 10.29 -5.60
C SER A 213 -13.44 11.33 -5.39
N TYR A 214 -12.17 10.91 -5.40
CA TYR A 214 -11.03 11.80 -5.23
C TYR A 214 -10.84 12.71 -6.45
N MET A 215 -11.20 12.21 -7.66
CA MET A 215 -11.04 12.97 -8.89
C MET A 215 -12.11 14.08 -9.02
N GLU A 216 -13.20 13.99 -8.24
CA GLU A 216 -14.25 15.00 -8.26
C GLU A 216 -13.80 16.30 -7.56
N ASN A 217 -12.71 16.24 -6.78
CA ASN A 217 -12.19 17.39 -6.01
C ASN A 217 -10.71 17.68 -6.35
N ALA A 218 -10.06 16.82 -7.15
CA ALA A 218 -8.67 17.02 -7.57
C ALA A 218 -8.61 17.97 -8.78
N ASN A 219 -7.38 18.41 -9.12
CA ASN A 219 -7.13 19.19 -10.33
C ASN A 219 -7.09 18.26 -11.55
N GLU A 220 -7.11 18.85 -12.75
CA GLU A 220 -7.07 18.13 -14.03
C GLU A 220 -5.68 17.50 -14.26
N GLU A 221 -4.62 18.16 -13.80
CA GLU A 221 -3.24 17.69 -13.98
C GLU A 221 -2.92 16.54 -13.00
N ASP A 222 -3.65 16.49 -11.87
CA ASP A 222 -3.48 15.44 -10.86
C ASP A 222 -4.06 14.10 -11.35
N VAL A 223 -4.93 14.14 -12.39
CA VAL A 223 -5.55 12.92 -12.95
C VAL A 223 -4.48 12.06 -13.68
N LEU A 224 -3.40 12.69 -14.16
CA LEU A 224 -2.34 12.00 -14.91
C LEU A 224 -1.47 11.11 -14.00
N ASN A 225 -1.66 11.18 -12.68
CA ASN A 225 -0.84 10.45 -11.71
C ASN A 225 -1.66 9.35 -11.00
N PHE A 226 -2.94 9.15 -11.40
CA PHE A 226 -3.75 8.04 -10.90
C PHE A 226 -3.32 6.75 -11.60
N ALA A 227 -2.84 5.79 -10.81
CA ALA A 227 -2.40 4.49 -11.27
C ALA A 227 -2.74 3.42 -10.22
N MET A 228 -2.53 2.13 -10.58
CA MET A 228 -2.88 1.00 -9.73
C MET A 228 -1.71 0.01 -9.67
N LEU A 229 -1.63 -0.73 -8.56
CA LEU A 229 -0.54 -1.66 -8.28
C LEU A 229 -1.10 -2.79 -7.40
N GLY A 230 -1.32 -3.97 -8.00
CA GLY A 230 -1.91 -5.12 -7.31
C GLY A 230 -0.84 -6.12 -6.86
N LEU A 231 -1.24 -7.10 -6.04
CA LEU A 231 -0.34 -8.12 -5.49
C LEU A 231 -0.99 -9.50 -5.64
N GLY A 232 -0.50 -10.26 -6.62
CA GLY A 232 -0.91 -11.64 -6.88
C GLY A 232 0.35 -12.49 -7.08
N PRO A 233 0.20 -13.73 -7.58
CA PRO A 233 1.31 -14.64 -7.78
C PRO A 233 2.26 -14.11 -8.87
N ASN A 234 3.53 -14.50 -8.78
CA ASN A 234 4.59 -14.05 -9.67
C ASN A 234 4.38 -14.63 -11.08
N TRP A 235 4.98 -13.97 -12.08
CA TRP A 235 4.98 -14.42 -13.47
C TRP A 235 6.42 -14.44 -14.00
N GLU A 236 6.67 -15.34 -14.97
CA GLU A 236 7.99 -15.57 -15.58
C GLU A 236 9.12 -15.50 -14.53
N MET A 1 39.55 -4.94 -14.06
CA MET A 1 38.86 -3.79 -13.43
C MET A 1 37.86 -4.27 -12.38
N SER A 2 37.57 -3.40 -11.40
CA SER A 2 36.62 -3.68 -10.33
C SER A 2 35.90 -2.39 -9.91
N GLY A 3 34.93 -2.51 -8.99
CA GLY A 3 34.16 -1.37 -8.48
C GLY A 3 33.75 -1.60 -7.02
N GLU A 4 33.11 -0.58 -6.43
CA GLU A 4 32.67 -0.61 -5.03
C GLU A 4 31.57 -1.64 -4.84
N ASN A 5 30.47 -1.52 -5.61
CA ASN A 5 29.33 -2.43 -5.55
C ASN A 5 28.60 -2.45 -6.90
N ARG A 6 27.51 -3.23 -6.98
CA ARG A 6 26.67 -3.33 -8.18
C ARG A 6 25.20 -3.32 -7.75
N ALA A 7 24.55 -2.16 -7.89
CA ALA A 7 23.16 -1.95 -7.50
C ALA A 7 22.45 -1.02 -8.49
N VAL A 8 21.13 -0.82 -8.28
CA VAL A 8 20.32 0.09 -9.08
C VAL A 8 20.80 1.54 -8.87
N VAL A 9 20.48 2.44 -9.82
CA VAL A 9 20.82 3.87 -9.72
C VAL A 9 19.73 4.63 -8.92
N PRO A 10 20.07 5.80 -8.31
CA PRO A 10 19.17 6.57 -7.46
C PRO A 10 18.16 7.39 -8.29
N ILE A 11 16.91 6.89 -8.37
CA ILE A 11 15.79 7.52 -9.08
C ILE A 11 14.50 7.19 -8.29
N GLU A 12 13.30 7.54 -8.81
CA GLU A 12 12.05 7.30 -8.07
C GLU A 12 10.89 6.89 -8.99
N SER A 13 10.46 5.62 -8.88
CA SER A 13 9.21 5.14 -9.48
C SER A 13 8.65 3.97 -8.65
N ASN A 14 7.44 3.49 -9.00
CA ASN A 14 6.73 2.50 -8.19
C ASN A 14 6.77 1.02 -8.68
N PRO A 15 6.81 0.70 -10.01
CA PRO A 15 6.40 -0.63 -10.48
C PRO A 15 7.41 -1.74 -10.15
N GLU A 16 8.43 -1.96 -11.00
CA GLU A 16 9.45 -2.99 -10.79
C GLU A 16 10.28 -2.64 -9.53
N VAL A 17 10.22 -1.37 -9.12
CA VAL A 17 10.95 -0.84 -7.98
C VAL A 17 10.44 -1.46 -6.67
N PHE A 18 9.10 -1.49 -6.48
CA PHE A 18 8.47 -2.07 -5.29
C PHE A 18 8.68 -3.60 -5.23
N THR A 19 8.95 -4.24 -6.39
CA THR A 19 9.14 -5.69 -6.43
C THR A 19 10.42 -6.08 -5.68
N ASN A 20 11.46 -5.25 -5.79
CA ASN A 20 12.74 -5.48 -5.10
C ASN A 20 12.66 -5.09 -3.62
N PHE A 21 11.82 -4.10 -3.29
CA PHE A 21 11.60 -3.71 -1.89
C PHE A 21 10.85 -4.82 -1.14
N ALA A 22 9.78 -5.35 -1.76
CA ALA A 22 8.90 -6.31 -1.13
C ALA A 22 9.62 -7.63 -0.86
N HIS A 23 10.40 -8.11 -1.84
CA HIS A 23 11.05 -9.41 -1.76
C HIS A 23 12.10 -9.45 -0.64
N LYS A 24 12.79 -8.32 -0.41
CA LYS A 24 13.83 -8.22 0.62
C LYS A 24 13.23 -8.06 2.04
N LEU A 25 11.96 -7.62 2.13
CA LEU A 25 11.29 -7.43 3.43
C LEU A 25 10.42 -8.64 3.83
N GLY A 26 10.32 -9.68 2.97
CA GLY A 26 9.71 -10.94 3.37
C GLY A 26 8.75 -11.56 2.35
N LEU A 27 8.45 -10.85 1.25
CA LEU A 27 7.55 -11.39 0.23
C LEU A 27 8.26 -12.54 -0.49
N LYS A 28 7.68 -13.76 -0.44
CA LYS A 28 8.27 -14.93 -1.07
C LYS A 28 8.37 -14.77 -2.61
N ASN A 29 9.20 -15.62 -3.22
CA ASN A 29 9.47 -15.62 -4.65
C ASN A 29 8.25 -16.13 -5.46
N GLU A 30 7.29 -16.81 -4.80
CA GLU A 30 6.07 -17.31 -5.43
C GLU A 30 5.04 -16.18 -5.68
N TRP A 31 5.43 -14.92 -5.40
CA TRP A 31 4.57 -13.76 -5.60
C TRP A 31 5.27 -12.71 -6.47
N ALA A 32 4.47 -11.94 -7.21
CA ALA A 32 4.89 -10.76 -7.97
C ALA A 32 3.66 -9.87 -8.19
N TYR A 33 3.81 -8.74 -8.89
CA TYR A 33 2.66 -7.91 -9.19
C TYR A 33 2.85 -7.13 -10.50
N PHE A 34 1.77 -6.51 -10.98
CA PHE A 34 1.74 -5.69 -12.18
C PHE A 34 0.81 -4.49 -12.00
N ASP A 35 0.90 -3.51 -12.92
CA ASP A 35 -0.03 -2.39 -12.93
C ASP A 35 -1.35 -2.80 -13.59
N ILE A 36 -2.46 -2.63 -12.86
CA ILE A 36 -3.80 -2.88 -13.36
C ILE A 36 -4.12 -1.82 -14.42
N TYR A 37 -4.41 -2.27 -15.66
CA TYR A 37 -4.74 -1.38 -16.77
C TYR A 37 -6.10 -0.72 -16.50
N SER A 38 -7.14 -1.55 -16.26
CA SER A 38 -8.51 -1.08 -16.02
C SER A 38 -9.22 -1.98 -15.01
N LEU A 39 -10.42 -1.56 -14.59
CA LEU A 39 -11.26 -2.27 -13.62
C LEU A 39 -12.72 -2.36 -14.11
N THR A 40 -13.01 -1.84 -15.30
CA THR A 40 -14.34 -1.87 -15.92
C THR A 40 -14.30 -2.62 -17.27
N GLU A 41 -13.11 -3.12 -17.66
CA GLU A 41 -12.90 -3.87 -18.89
C GLU A 41 -12.55 -5.32 -18.54
N PRO A 42 -13.52 -6.27 -18.63
CA PRO A 42 -13.29 -7.68 -18.35
C PRO A 42 -12.41 -8.34 -19.44
N GLU A 43 -12.13 -7.61 -20.53
CA GLU A 43 -11.22 -8.05 -21.59
C GLU A 43 -9.77 -8.12 -21.06
N LEU A 44 -9.47 -7.45 -19.94
CA LEU A 44 -8.12 -7.38 -19.37
C LEU A 44 -8.03 -8.18 -18.06
N LEU A 45 -9.16 -8.32 -17.35
CA LEU A 45 -9.23 -9.15 -16.15
C LEU A 45 -9.27 -10.65 -16.52
N ALA A 46 -9.53 -10.97 -17.80
CA ALA A 46 -9.61 -12.35 -18.30
C ALA A 46 -8.23 -13.05 -18.35
N PHE A 47 -7.15 -12.31 -18.05
CA PHE A 47 -5.78 -12.83 -18.14
C PHE A 47 -5.18 -13.13 -16.74
N LEU A 48 -5.90 -12.81 -15.66
CA LEU A 48 -5.50 -13.15 -14.29
C LEU A 48 -5.86 -14.63 -14.03
N PRO A 49 -4.87 -15.52 -13.82
CA PRO A 49 -5.11 -16.94 -13.62
C PRO A 49 -5.57 -17.25 -12.18
N ARG A 50 -5.15 -16.40 -11.22
CA ARG A 50 -5.53 -16.51 -9.80
C ARG A 50 -5.92 -15.11 -9.30
N PRO A 51 -6.67 -15.02 -8.19
CA PRO A 51 -7.06 -13.74 -7.59
C PRO A 51 -5.86 -13.04 -6.94
N VAL A 52 -5.96 -11.72 -6.78
CA VAL A 52 -4.95 -10.93 -6.08
C VAL A 52 -5.21 -11.01 -4.57
N LYS A 53 -4.12 -11.08 -3.78
CA LYS A 53 -4.20 -11.13 -2.33
C LYS A 53 -4.57 -9.74 -1.78
N ALA A 54 -3.99 -8.69 -2.37
CA ALA A 54 -4.25 -7.31 -1.97
C ALA A 54 -4.03 -6.36 -3.16
N ILE A 55 -4.38 -5.08 -2.97
CA ILE A 55 -4.21 -4.04 -3.99
C ILE A 55 -3.72 -2.73 -3.34
N VAL A 56 -3.07 -1.88 -4.15
CA VAL A 56 -2.58 -0.57 -3.74
C VAL A 56 -2.78 0.42 -4.89
N LEU A 57 -3.06 1.70 -4.56
CA LEU A 57 -3.39 2.73 -5.55
C LEU A 57 -2.67 4.03 -5.19
N LEU A 58 -1.71 4.44 -6.04
CA LEU A 58 -0.92 5.66 -5.86
C LEU A 58 -1.62 6.82 -6.56
N PHE A 59 -1.99 7.85 -5.78
CA PHE A 59 -2.51 9.10 -6.33
C PHE A 59 -2.28 10.24 -5.32
N PRO A 60 -2.15 11.49 -5.80
CA PRO A 60 -1.96 12.66 -4.96
C PRO A 60 -3.25 13.03 -4.21
N ILE A 61 -3.13 13.96 -3.25
CA ILE A 61 -4.24 14.42 -2.43
C ILE A 61 -4.29 15.94 -2.45
N ASN A 62 -5.40 16.48 -2.94
CA ASN A 62 -5.64 17.91 -3.09
C ASN A 62 -5.99 18.54 -1.72
N GLU A 63 -6.15 19.88 -1.71
CA GLU A 63 -6.53 20.63 -0.52
C GLU A 63 -7.77 21.51 -0.80
N ASP A 64 -8.13 21.68 -2.08
CA ASP A 64 -9.25 22.51 -2.49
C ASP A 64 -10.59 21.77 -2.34
N ARG A 65 -10.56 20.44 -2.16
CA ARG A 65 -11.76 19.63 -2.05
C ARG A 65 -11.47 18.33 -1.26
N LYS A 66 -10.50 18.37 -0.32
CA LYS A 66 -10.10 17.20 0.46
C LYS A 66 -11.32 16.55 1.17
N SER A 67 -11.23 15.24 1.42
CA SER A 67 -12.34 14.47 1.99
C SER A 67 -11.82 13.25 2.74
N SER A 68 -11.72 13.37 4.07
CA SER A 68 -11.29 12.27 4.94
C SER A 68 -11.97 12.41 6.31
N THR A 69 -13.27 12.06 6.36
CA THR A 69 -14.09 12.09 7.56
C THR A 69 -13.64 11.00 8.54
N SER A 70 -12.83 11.38 9.55
CA SER A 70 -12.32 10.46 10.57
C SER A 70 -13.43 10.08 11.56
N GLN A 71 -13.21 8.99 12.31
CA GLN A 71 -14.09 8.53 13.39
C GLN A 71 -13.30 7.62 14.35
N GLN A 72 -13.73 7.55 15.61
CA GLN A 72 -13.06 6.77 16.66
C GLN A 72 -13.24 5.27 16.40
N ILE A 73 -12.20 4.62 15.85
CA ILE A 73 -12.18 3.19 15.61
C ILE A 73 -12.08 2.46 16.96
N THR A 74 -12.99 1.50 17.19
CA THR A 74 -13.00 0.68 18.40
C THR A 74 -11.77 -0.24 18.40
N SER A 75 -11.62 -1.05 17.35
CA SER A 75 -10.48 -1.93 17.16
C SER A 75 -10.24 -2.14 15.65
N SER A 76 -9.01 -2.56 15.28
CA SER A 76 -8.66 -2.87 13.91
C SER A 76 -9.23 -4.26 13.55
N TYR A 77 -10.41 -4.27 12.92
CA TYR A 77 -11.16 -5.48 12.60
C TYR A 77 -10.41 -6.35 11.59
N ASP A 78 -9.71 -7.38 12.09
CA ASP A 78 -8.94 -8.36 11.31
C ASP A 78 -7.84 -7.71 10.43
N VAL A 79 -7.55 -6.42 10.63
CA VAL A 79 -6.53 -5.69 9.87
C VAL A 79 -5.48 -5.08 10.79
N ILE A 80 -4.42 -4.51 10.18
CA ILE A 80 -3.29 -3.88 10.88
C ILE A 80 -3.24 -2.41 10.45
N TRP A 81 -2.62 -1.55 11.27
CA TRP A 81 -2.49 -0.12 10.94
C TRP A 81 -1.10 0.39 11.35
N PHE A 82 -0.61 1.42 10.63
CA PHE A 82 0.64 2.11 10.94
C PHE A 82 0.46 3.63 10.76
N LYS A 83 1.30 4.41 11.46
CA LYS A 83 1.27 5.87 11.39
C LYS A 83 2.34 6.35 10.41
N GLN A 84 1.90 6.98 9.30
CA GLN A 84 2.79 7.63 8.34
C GLN A 84 3.45 8.83 9.02
N SER A 85 4.78 8.82 9.09
CA SER A 85 5.54 9.88 9.75
C SER A 85 6.69 10.36 8.85
N VAL A 86 7.69 9.49 8.62
CA VAL A 86 8.89 9.88 7.87
C VAL A 86 8.55 10.10 6.38
N LYS A 87 9.45 10.82 5.69
CA LYS A 87 9.32 11.18 4.28
C LYS A 87 9.88 10.07 3.38
N ASN A 88 10.79 9.24 3.91
CA ASN A 88 11.56 8.27 3.13
C ASN A 88 10.87 6.89 3.05
N ALA A 89 9.71 6.73 3.71
CA ALA A 89 8.98 5.46 3.77
C ALA A 89 7.56 5.62 3.19
N CYS A 90 7.35 6.64 2.35
CA CYS A 90 6.05 6.95 1.76
C CYS A 90 5.62 5.83 0.78
N GLY A 91 6.57 5.23 0.05
CA GLY A 91 6.32 4.09 -0.81
C GLY A 91 6.56 2.77 -0.07
N LEU A 92 7.36 2.80 1.01
CA LEU A 92 7.76 1.62 1.75
C LEU A 92 6.59 1.11 2.59
N TYR A 93 5.93 2.00 3.35
CA TYR A 93 4.80 1.62 4.20
C TYR A 93 3.57 1.21 3.35
N ALA A 94 3.53 1.65 2.08
CA ALA A 94 2.47 1.26 1.15
C ALA A 94 2.59 -0.24 0.78
N ILE A 95 3.83 -0.77 0.78
CA ILE A 95 4.08 -2.20 0.57
C ILE A 95 3.90 -2.96 1.91
N LEU A 96 4.15 -2.26 3.03
CA LEU A 96 4.17 -2.88 4.36
C LEU A 96 2.75 -3.23 4.84
N HIS A 97 1.73 -2.51 4.33
CA HIS A 97 0.33 -2.90 4.56
C HIS A 97 -0.01 -4.17 3.77
N SER A 98 0.59 -4.34 2.58
CA SER A 98 0.33 -5.49 1.71
C SER A 98 0.97 -6.78 2.27
N LEU A 99 2.05 -6.63 3.05
CA LEU A 99 2.78 -7.76 3.62
C LEU A 99 2.18 -8.14 4.99
N SER A 100 2.11 -7.16 5.91
CA SER A 100 1.77 -7.40 7.31
C SER A 100 0.31 -7.86 7.50
N ASN A 101 -0.59 -7.49 6.58
CA ASN A 101 -2.00 -7.86 6.69
C ASN A 101 -2.26 -9.23 6.01
N ASN A 102 -1.20 -9.84 5.44
CA ASN A 102 -1.27 -11.15 4.82
C ASN A 102 -0.16 -12.02 5.37
N GLN A 103 -0.48 -12.76 6.45
CA GLN A 103 0.44 -13.71 7.08
C GLN A 103 0.85 -14.83 6.09
N SER A 104 0.12 -14.97 4.97
CA SER A 104 0.44 -15.90 3.89
C SER A 104 1.72 -15.46 3.15
N LEU A 105 1.78 -14.16 2.82
CA LEU A 105 2.91 -13.56 2.10
C LEU A 105 4.10 -13.29 3.05
N LEU A 106 3.94 -13.59 4.35
CA LEU A 106 4.91 -13.28 5.40
C LEU A 106 5.72 -14.55 5.72
N GLU A 107 6.96 -14.66 5.18
CA GLU A 107 7.85 -15.79 5.43
C GLU A 107 8.52 -15.69 6.82
N PRO A 108 8.98 -16.82 7.39
CA PRO A 108 9.60 -16.84 8.72
C PRO A 108 11.05 -16.35 8.65
N GLY A 109 11.54 -15.81 9.79
CA GLY A 109 12.92 -15.34 9.93
C GLY A 109 13.14 -13.97 9.26
N SER A 110 12.09 -13.42 8.66
CA SER A 110 12.12 -12.18 7.90
C SER A 110 12.17 -10.95 8.82
N ASP A 111 12.31 -9.75 8.21
CA ASP A 111 12.27 -8.48 8.92
C ASP A 111 10.85 -8.22 9.47
N LEU A 112 9.82 -8.60 8.68
CA LEU A 112 8.42 -8.50 9.08
C LEU A 112 8.05 -9.59 10.08
N ASP A 113 8.78 -10.71 10.10
CA ASP A 113 8.55 -11.77 11.08
C ASP A 113 9.14 -11.36 12.44
N ASN A 114 10.26 -10.61 12.44
CA ASN A 114 10.84 -10.04 13.66
C ASN A 114 9.99 -8.87 14.17
N PHE A 115 9.24 -8.19 13.29
CA PHE A 115 8.35 -7.10 13.70
C PHE A 115 7.20 -7.64 14.55
N LEU A 116 6.71 -8.84 14.21
CA LEU A 116 5.64 -9.50 14.96
C LEU A 116 6.15 -9.84 16.38
N LYS A 117 7.40 -10.30 16.49
CA LYS A 117 8.02 -10.69 17.75
C LYS A 117 8.34 -9.46 18.64
N SER A 118 8.48 -8.27 18.04
CA SER A 118 8.80 -7.05 18.78
C SER A 118 7.61 -6.53 19.60
N GLN A 119 6.40 -7.07 19.36
CA GLN A 119 5.20 -6.69 20.10
C GLN A 119 4.48 -7.91 20.69
N SER A 120 4.91 -9.13 20.31
CA SER A 120 4.40 -10.36 20.90
C SER A 120 5.21 -10.73 22.16
N ASP A 121 6.49 -10.31 22.20
CA ASP A 121 7.36 -10.46 23.37
C ASP A 121 7.12 -9.34 24.39
N THR A 122 6.19 -8.41 24.08
CA THR A 122 5.87 -7.25 24.91
C THR A 122 4.34 -7.18 25.12
N SER A 123 3.91 -6.39 26.12
CA SER A 123 2.50 -6.21 26.45
C SER A 123 1.74 -5.41 25.36
N SER A 124 2.47 -4.82 24.38
CA SER A 124 1.89 -4.07 23.27
C SER A 124 1.12 -5.00 22.30
N SER A 125 0.56 -4.42 21.23
CA SER A 125 -0.26 -5.13 20.25
C SER A 125 0.20 -4.81 18.83
N LYS A 126 0.02 -5.77 17.91
CA LYS A 126 0.47 -5.65 16.52
C LYS A 126 -0.36 -4.63 15.71
N ASN A 127 -1.57 -4.31 16.19
CA ASN A 127 -2.49 -3.43 15.48
C ASN A 127 -2.13 -1.95 15.66
N ARG A 128 -1.19 -1.64 16.58
CA ARG A 128 -0.81 -0.29 16.95
C ARG A 128 0.66 -0.04 16.59
N PHE A 129 0.95 1.18 16.15
CA PHE A 129 2.29 1.65 15.77
C PHE A 129 2.59 2.94 16.52
N ASP A 130 3.28 2.84 17.66
CA ASP A 130 3.63 4.01 18.45
C ASP A 130 4.93 3.76 19.27
N ASP A 131 5.39 2.51 19.35
CA ASP A 131 6.61 2.15 20.07
C ASP A 131 7.85 2.61 19.27
N VAL A 132 8.99 2.72 19.95
CA VAL A 132 10.28 3.00 19.33
C VAL A 132 10.85 1.72 18.67
N THR A 133 10.37 0.54 19.12
CA THR A 133 10.83 -0.75 18.62
C THR A 133 10.23 -1.05 17.24
N THR A 134 9.02 -0.53 16.95
CA THR A 134 8.39 -0.68 15.65
C THR A 134 8.99 0.31 14.65
N ASP A 135 9.45 1.48 15.15
CA ASP A 135 10.10 2.50 14.33
C ASP A 135 11.52 2.08 13.93
N GLN A 136 12.11 1.10 14.65
CA GLN A 136 13.45 0.60 14.34
C GLN A 136 13.49 -0.04 12.95
N PHE A 137 12.40 -0.74 12.56
CA PHE A 137 12.30 -1.40 11.27
C PHE A 137 12.13 -0.39 10.13
N VAL A 138 11.58 0.80 10.43
CA VAL A 138 11.39 1.84 9.42
C VAL A 138 12.73 2.53 9.12
N LEU A 139 13.43 3.00 10.16
CA LEU A 139 14.61 3.87 9.99
C LEU A 139 15.81 3.14 9.40
N ASN A 140 15.91 1.80 9.58
CA ASN A 140 17.04 1.03 9.05
C ASN A 140 16.81 0.61 7.59
N VAL A 141 15.55 0.43 7.17
CA VAL A 141 15.23 0.03 5.80
C VAL A 141 15.42 1.23 4.85
N ILE A 142 15.03 2.44 5.29
CA ILE A 142 15.19 3.64 4.45
C ILE A 142 16.66 4.08 4.39
N LYS A 143 17.49 3.69 5.37
CA LYS A 143 18.91 4.04 5.40
C LYS A 143 19.68 3.31 4.28
N GLU A 144 19.11 2.20 3.77
CA GLU A 144 19.69 1.42 2.67
C GLU A 144 19.56 2.17 1.31
N ASN A 145 18.84 3.31 1.27
CA ASN A 145 18.55 4.00 0.02
C ASN A 145 18.86 5.51 0.08
N VAL A 146 18.78 6.10 1.28
CA VAL A 146 19.01 7.54 1.49
C VAL A 146 20.52 7.86 1.38
N GLN A 147 21.39 6.83 1.45
CA GLN A 147 22.82 7.01 1.27
C GLN A 147 23.14 7.39 -0.19
N THR A 148 22.97 6.45 -1.14
CA THR A 148 23.46 6.62 -2.52
C THR A 148 22.52 5.97 -3.56
N PHE A 149 21.53 5.18 -3.13
CA PHE A 149 20.74 4.32 -4.03
C PHE A 149 19.24 4.43 -3.73
N SER A 150 18.62 5.51 -4.24
CA SER A 150 17.23 5.86 -3.97
C SER A 150 16.19 4.91 -4.64
N THR A 151 16.65 4.00 -5.53
CA THR A 151 15.84 2.96 -6.25
C THR A 151 14.55 3.52 -6.90
N GLY A 152 14.52 3.55 -8.25
CA GLY A 152 13.35 4.06 -8.98
C GLY A 152 13.46 3.86 -10.49
N GLN A 153 12.73 4.70 -11.26
CA GLN A 153 12.71 4.63 -12.73
C GLN A 153 12.47 6.03 -13.38
N SER A 154 12.55 7.13 -12.59
CA SER A 154 12.17 8.48 -13.06
C SER A 154 13.35 9.50 -12.96
N GLU A 155 13.02 10.79 -12.76
CA GLU A 155 13.95 11.93 -12.89
C GLU A 155 14.85 12.15 -11.64
N ALA A 156 14.82 11.22 -10.67
CA ALA A 156 15.52 11.35 -9.38
C ALA A 156 15.08 12.60 -8.58
N PRO A 157 13.79 12.65 -8.15
CA PRO A 157 13.27 13.66 -7.25
C PRO A 157 13.74 13.39 -5.80
N GLU A 158 13.22 14.15 -4.84
CA GLU A 158 13.61 14.04 -3.43
C GLU A 158 13.14 12.71 -2.82
N ALA A 159 11.85 12.35 -2.99
CA ALA A 159 11.29 11.09 -2.49
C ALA A 159 10.03 10.67 -3.25
N THR A 160 9.40 11.61 -3.98
CA THR A 160 8.12 11.41 -4.66
C THR A 160 8.03 12.27 -5.93
N ALA A 161 6.96 12.08 -6.72
CA ALA A 161 6.70 12.90 -7.90
C ALA A 161 6.55 14.37 -7.48
N ASP A 162 5.72 14.62 -6.45
CA ASP A 162 5.60 15.90 -5.77
C ASP A 162 5.29 15.65 -4.30
N THR A 163 5.40 16.69 -3.46
CA THR A 163 5.10 16.58 -2.02
C THR A 163 3.59 16.33 -1.80
N ASN A 164 2.75 16.68 -2.78
CA ASN A 164 1.31 16.44 -2.71
C ASN A 164 0.94 14.97 -3.06
N LEU A 165 1.91 14.14 -3.48
CA LEU A 165 1.65 12.72 -3.77
C LEU A 165 1.27 12.02 -2.46
N HIS A 166 0.30 11.09 -2.54
CA HIS A 166 -0.15 10.30 -1.39
C HIS A 166 -0.21 8.81 -1.77
N TYR A 167 -0.38 7.95 -0.74
CA TYR A 167 -0.41 6.50 -0.89
C TYR A 167 -1.58 5.95 -0.07
N ILE A 168 -2.39 5.10 -0.71
CA ILE A 168 -3.54 4.43 -0.11
C ILE A 168 -3.47 2.94 -0.46
N THR A 169 -3.90 2.08 0.49
CA THR A 169 -4.02 0.65 0.28
C THR A 169 -5.44 0.19 0.65
N TYR A 170 -5.86 -0.95 0.08
CA TYR A 170 -7.14 -1.57 0.38
C TYR A 170 -6.91 -3.07 0.60
N VAL A 171 -7.63 -3.65 1.57
CA VAL A 171 -7.47 -5.05 1.95
C VAL A 171 -8.87 -5.65 2.21
N GLU A 172 -9.01 -6.98 2.07
CA GLU A 172 -10.26 -7.68 2.29
C GLU A 172 -10.03 -8.77 3.36
N GLU A 173 -10.72 -8.61 4.50
CA GLU A 173 -10.66 -9.55 5.62
C GLU A 173 -12.08 -9.77 6.16
N ASN A 174 -12.35 -11.00 6.65
CA ASN A 174 -13.65 -11.41 7.22
C ASN A 174 -14.83 -11.17 6.26
N GLY A 175 -14.57 -11.03 4.94
CA GLY A 175 -15.60 -10.86 3.93
C GLY A 175 -16.00 -9.39 3.74
N GLY A 176 -15.13 -8.45 4.16
CA GLY A 176 -15.38 -7.02 4.05
C GLY A 176 -14.08 -6.30 3.69
N ILE A 177 -14.20 -5.04 3.22
CA ILE A 177 -13.08 -4.30 2.66
C ILE A 177 -12.85 -2.99 3.44
N PHE A 178 -11.57 -2.59 3.51
CA PHE A 178 -11.09 -1.47 4.33
C PHE A 178 -10.23 -0.52 3.48
N GLU A 179 -9.82 0.60 4.09
CA GLU A 179 -8.90 1.56 3.50
C GLU A 179 -7.85 1.93 4.55
N LEU A 180 -6.70 1.24 4.48
CA LEU A 180 -5.59 1.43 5.40
C LEU A 180 -4.74 2.61 4.91
N ASP A 181 -4.78 3.73 5.64
CA ASP A 181 -4.02 4.93 5.28
C ASP A 181 -3.43 5.61 6.51
N GLY A 182 -2.43 6.46 6.30
CA GLY A 182 -1.74 7.18 7.37
C GLY A 182 -2.26 8.62 7.53
N ARG A 183 -3.07 9.11 6.57
CA ARG A 183 -3.68 10.43 6.65
C ARG A 183 -4.82 10.45 7.69
N ASN A 184 -5.31 9.26 8.07
CA ASN A 184 -6.38 9.09 9.04
C ASN A 184 -5.80 8.49 10.32
N LEU A 185 -5.39 9.38 11.25
CA LEU A 185 -4.68 9.02 12.47
C LEU A 185 -5.59 8.25 13.45
N SER A 186 -6.91 8.24 13.23
CA SER A 186 -7.86 7.57 14.10
C SER A 186 -7.84 6.03 13.92
N GLY A 187 -7.10 5.53 12.91
CA GLY A 187 -7.05 4.10 12.58
C GLY A 187 -7.45 3.87 11.11
N PRO A 188 -7.70 2.60 10.73
CA PRO A 188 -8.16 2.23 9.39
C PRO A 188 -9.60 2.72 9.17
N LEU A 189 -10.15 2.50 7.95
CA LEU A 189 -11.49 2.96 7.59
C LEU A 189 -12.22 1.86 6.82
N TYR A 190 -13.12 1.15 7.51
CA TYR A 190 -13.98 0.13 6.92
C TYR A 190 -14.99 0.79 5.97
N LEU A 191 -14.77 0.63 4.66
CA LEU A 191 -15.65 1.22 3.64
C LEU A 191 -17.00 0.47 3.56
N GLY A 192 -17.06 -0.77 4.06
CA GLY A 192 -18.27 -1.58 4.05
C GLY A 192 -17.95 -3.02 3.62
N LYS A 193 -18.99 -3.85 3.55
CA LYS A 193 -18.87 -5.24 3.15
C LYS A 193 -18.48 -5.33 1.66
N SER A 194 -17.71 -6.36 1.29
CA SER A 194 -17.27 -6.58 -0.09
C SER A 194 -18.46 -6.88 -1.02
N ASP A 195 -18.23 -6.79 -2.33
CA ASP A 195 -19.25 -7.03 -3.35
C ASP A 195 -19.40 -8.54 -3.60
N PRO A 196 -20.65 -9.05 -3.76
CA PRO A 196 -20.92 -10.49 -3.94
C PRO A 196 -20.61 -10.98 -5.37
N THR A 197 -20.25 -10.05 -6.28
CA THR A 197 -19.94 -10.36 -7.68
C THR A 197 -18.45 -10.11 -7.99
N ALA A 198 -17.67 -9.69 -6.97
CA ALA A 198 -16.23 -9.49 -7.09
C ALA A 198 -15.55 -10.81 -7.48
N THR A 199 -14.91 -10.82 -8.66
CA THR A 199 -14.25 -12.01 -9.19
C THR A 199 -12.95 -12.30 -8.42
N ASP A 200 -12.24 -11.24 -7.98
CA ASP A 200 -10.98 -11.38 -7.25
C ASP A 200 -10.92 -10.34 -6.12
N LEU A 201 -10.86 -9.05 -6.50
CA LEU A 201 -10.79 -7.91 -5.57
C LEU A 201 -10.96 -6.60 -6.36
N ILE A 202 -10.61 -6.61 -7.66
CA ILE A 202 -10.66 -5.44 -8.54
C ILE A 202 -12.14 -5.11 -8.88
N GLU A 203 -12.99 -6.15 -8.95
CA GLU A 203 -14.40 -6.01 -9.32
C GLU A 203 -15.28 -5.55 -8.14
N GLN A 204 -14.69 -5.32 -6.96
CA GLN A 204 -15.44 -4.82 -5.81
C GLN A 204 -15.99 -3.41 -6.10
N GLU A 205 -17.17 -3.12 -5.52
CA GLU A 205 -17.93 -1.90 -5.81
C GLU A 205 -17.39 -0.70 -5.03
N LEU A 206 -16.96 -0.91 -3.78
CA LEU A 206 -16.52 0.18 -2.90
C LEU A 206 -15.21 0.80 -3.40
N VAL A 207 -14.29 -0.02 -3.93
CA VAL A 207 -13.01 0.46 -4.45
C VAL A 207 -13.21 1.15 -5.82
N ARG A 208 -14.27 0.80 -6.55
CA ARG A 208 -14.60 1.42 -7.83
C ARG A 208 -15.17 2.84 -7.62
N VAL A 209 -15.90 3.05 -6.52
CA VAL A 209 -16.47 4.36 -6.18
C VAL A 209 -15.37 5.28 -5.60
N ARG A 210 -14.36 4.70 -4.93
CA ARG A 210 -13.28 5.49 -4.32
C ARG A 210 -12.43 6.17 -5.38
N VAL A 211 -11.92 5.41 -6.37
CA VAL A 211 -11.04 5.95 -7.41
C VAL A 211 -11.78 7.02 -8.26
N ALA A 212 -13.11 6.87 -8.42
CA ALA A 212 -13.93 7.80 -9.18
C ALA A 212 -14.19 9.09 -8.39
N SER A 213 -14.27 8.99 -7.05
CA SER A 213 -14.58 10.13 -6.19
C SER A 213 -13.34 11.04 -6.00
N TYR A 214 -12.15 10.42 -5.88
CA TYR A 214 -10.90 11.17 -5.72
C TYR A 214 -10.51 11.91 -7.01
N MET A 215 -10.97 11.41 -8.17
CA MET A 215 -10.73 12.05 -9.46
C MET A 215 -11.54 13.36 -9.55
N GLU A 216 -12.74 13.39 -8.97
CA GLU A 216 -13.61 14.56 -8.96
C GLU A 216 -13.13 15.62 -7.95
N ASN A 217 -12.27 15.23 -6.99
CA ASN A 217 -11.76 16.16 -5.99
C ASN A 217 -10.43 16.78 -6.44
N ALA A 218 -9.68 16.08 -7.29
CA ALA A 218 -8.36 16.51 -7.76
C ALA A 218 -8.48 17.37 -9.02
N ASN A 219 -7.38 18.07 -9.36
CA ASN A 219 -7.30 18.86 -10.60
C ASN A 219 -7.07 17.93 -11.80
N GLU A 220 -7.23 18.47 -13.02
CA GLU A 220 -7.03 17.72 -14.26
C GLU A 220 -5.54 17.34 -14.43
N GLU A 221 -4.62 18.14 -13.85
CA GLU A 221 -3.19 17.89 -13.91
C GLU A 221 -2.80 16.80 -12.91
N ASP A 222 -3.46 16.76 -11.74
CA ASP A 222 -3.15 15.81 -10.68
C ASP A 222 -3.52 14.36 -11.08
N VAL A 223 -4.44 14.19 -12.05
CA VAL A 223 -4.86 12.88 -12.55
C VAL A 223 -3.74 12.20 -13.36
N LEU A 224 -2.67 12.94 -13.71
CA LEU A 224 -1.53 12.40 -14.44
C LEU A 224 -0.66 11.47 -13.56
N ASN A 225 -0.98 11.35 -12.26
CA ASN A 225 -0.24 10.50 -11.31
C ASN A 225 -1.16 9.42 -10.72
N PHE A 226 -2.41 9.35 -11.19
CA PHE A 226 -3.36 8.32 -10.76
C PHE A 226 -3.09 7.02 -11.53
N ALA A 227 -2.43 6.05 -10.88
CA ALA A 227 -2.31 4.68 -11.40
C ALA A 227 -2.70 3.67 -10.32
N MET A 228 -3.00 2.43 -10.76
CA MET A 228 -3.47 1.36 -9.87
C MET A 228 -2.62 0.11 -10.07
N LEU A 229 -2.46 -0.67 -8.99
CA LEU A 229 -1.60 -1.86 -8.96
C LEU A 229 -2.36 -3.01 -8.25
N GLY A 230 -1.89 -4.26 -8.42
CA GLY A 230 -2.55 -5.42 -7.81
C GLY A 230 -1.57 -6.59 -7.63
N LEU A 231 -1.43 -7.04 -6.37
CA LEU A 231 -0.49 -8.09 -5.95
C LEU A 231 -1.07 -9.47 -6.25
N GLY A 232 -0.62 -10.08 -7.36
CA GLY A 232 -1.05 -11.40 -7.83
C GLY A 232 0.04 -12.47 -7.61
N PRO A 233 -0.04 -13.62 -8.30
CA PRO A 233 0.97 -14.66 -8.24
C PRO A 233 2.23 -14.22 -8.99
N ASN A 234 3.30 -15.03 -8.93
CA ASN A 234 4.54 -14.78 -9.67
C ASN A 234 4.29 -14.88 -11.19
N TRP A 235 4.41 -13.75 -11.90
CA TRP A 235 4.36 -13.73 -13.36
C TRP A 235 5.61 -14.42 -13.96
N GLU A 236 5.53 -14.73 -15.26
CA GLU A 236 6.63 -15.37 -15.99
C GLU A 236 7.82 -14.40 -16.08
N MET A 1 -13.68 10.42 -19.44
CA MET A 1 -12.61 9.76 -18.67
C MET A 1 -11.28 9.86 -19.42
N SER A 2 -10.31 10.57 -18.83
CA SER A 2 -8.96 10.77 -19.39
C SER A 2 -7.88 10.53 -18.32
N GLY A 3 -8.29 10.17 -17.10
CA GLY A 3 -7.38 9.83 -16.01
C GLY A 3 -8.03 8.80 -15.06
N GLU A 4 -9.33 8.52 -15.26
CA GLU A 4 -10.10 7.56 -14.47
C GLU A 4 -9.67 6.11 -14.80
N ASN A 5 -10.45 5.12 -14.36
CA ASN A 5 -10.17 3.69 -14.57
C ASN A 5 -10.18 3.32 -16.07
N ARG A 6 -10.62 4.24 -16.95
CA ARG A 6 -10.61 4.04 -18.40
C ARG A 6 -9.15 4.05 -18.90
N ALA A 7 -8.47 5.19 -18.77
CA ALA A 7 -7.09 5.38 -19.22
C ALA A 7 -6.28 6.06 -18.12
N VAL A 8 -5.03 5.61 -17.95
CA VAL A 8 -4.15 6.05 -16.86
C VAL A 8 -2.73 6.35 -17.40
N VAL A 9 -1.93 7.05 -16.58
CA VAL A 9 -0.53 7.34 -16.86
C VAL A 9 0.27 7.10 -15.55
N PRO A 10 1.41 6.37 -15.62
CA PRO A 10 2.24 6.08 -14.45
C PRO A 10 2.95 7.34 -13.94
N ILE A 11 3.67 7.21 -12.82
CA ILE A 11 4.34 8.34 -12.16
C ILE A 11 5.82 8.04 -11.86
N GLU A 12 6.23 6.77 -11.96
CA GLU A 12 7.62 6.36 -11.75
C GLU A 12 7.81 4.91 -12.19
N SER A 13 9.04 4.40 -12.04
CA SER A 13 9.37 2.97 -12.15
C SER A 13 8.92 2.22 -10.86
N ASN A 14 7.98 2.80 -10.10
CA ASN A 14 7.48 2.27 -8.84
C ASN A 14 7.09 0.77 -8.91
N PRO A 15 6.30 0.31 -9.91
CA PRO A 15 5.86 -1.09 -9.98
C PRO A 15 6.98 -2.04 -10.45
N GLU A 16 8.15 -1.50 -10.86
CA GLU A 16 9.29 -2.30 -11.28
C GLU A 16 10.22 -2.56 -10.08
N VAL A 17 10.52 -1.51 -9.29
CA VAL A 17 11.30 -1.63 -8.05
C VAL A 17 10.47 -2.31 -6.94
N PHE A 18 9.14 -2.44 -7.15
CA PHE A 18 8.21 -3.03 -6.20
C PHE A 18 8.61 -4.47 -5.86
N THR A 19 9.08 -5.24 -6.85
CA THR A 19 9.40 -6.66 -6.66
C THR A 19 10.67 -6.82 -5.79
N ASN A 20 11.60 -5.85 -5.87
CA ASN A 20 12.84 -5.89 -5.10
C ASN A 20 12.56 -5.64 -3.61
N PHE A 21 11.86 -4.55 -3.30
CA PHE A 21 11.60 -4.14 -1.92
C PHE A 21 10.60 -5.09 -1.23
N ALA A 22 9.66 -5.66 -1.98
CA ALA A 22 8.67 -6.57 -1.41
C ALA A 22 9.31 -7.89 -1.02
N HIS A 23 10.24 -8.40 -1.85
CA HIS A 23 10.94 -9.66 -1.57
C HIS A 23 11.85 -9.52 -0.35
N LYS A 24 12.39 -8.31 -0.13
CA LYS A 24 13.24 -8.01 1.02
C LYS A 24 12.40 -7.88 2.30
N LEU A 25 11.11 -7.51 2.16
CA LEU A 25 10.16 -7.45 3.28
C LEU A 25 9.74 -8.88 3.70
N GLY A 26 10.03 -9.90 2.85
CA GLY A 26 9.78 -11.30 3.16
C GLY A 26 8.84 -11.98 2.15
N LEU A 27 8.36 -11.24 1.14
CA LEU A 27 7.46 -11.79 0.14
C LEU A 27 8.17 -12.91 -0.63
N LYS A 28 7.48 -14.04 -0.79
CA LYS A 28 8.01 -15.19 -1.52
C LYS A 28 8.36 -14.81 -2.97
N ASN A 29 9.30 -15.55 -3.57
CA ASN A 29 9.67 -15.38 -4.98
C ASN A 29 8.52 -15.89 -5.89
N GLU A 30 7.63 -16.72 -5.34
CA GLU A 30 6.44 -17.21 -6.02
C GLU A 30 5.36 -16.10 -6.13
N TRP A 31 5.67 -14.87 -5.67
CA TRP A 31 4.79 -13.71 -5.77
C TRP A 31 5.58 -12.50 -6.25
N ALA A 32 5.23 -12.02 -7.46
CA ALA A 32 5.70 -10.77 -8.02
C ALA A 32 4.56 -10.15 -8.85
N TYR A 33 4.68 -8.87 -9.23
CA TYR A 33 3.64 -8.21 -10.00
C TYR A 33 4.16 -6.95 -10.72
N PHE A 34 3.21 -6.18 -11.28
CA PHE A 34 3.48 -5.11 -12.26
C PHE A 34 2.43 -3.98 -12.14
N ASP A 35 2.51 -2.99 -13.05
CA ASP A 35 1.52 -1.92 -13.20
C ASP A 35 0.14 -2.49 -13.57
N ILE A 36 -0.88 -1.62 -13.63
CA ILE A 36 -2.25 -1.99 -14.00
C ILE A 36 -2.78 -1.01 -15.06
N TYR A 37 -3.46 -1.56 -16.08
CA TYR A 37 -4.08 -0.77 -17.15
C TYR A 37 -5.42 -0.21 -16.67
N SER A 38 -6.41 -1.09 -16.45
CA SER A 38 -7.75 -0.70 -15.98
C SER A 38 -8.23 -1.68 -14.91
N LEU A 39 -9.37 -1.35 -14.27
CA LEU A 39 -9.92 -2.12 -13.15
C LEU A 39 -11.45 -2.27 -13.29
N THR A 40 -12.04 -1.70 -14.36
CA THR A 40 -13.46 -1.80 -14.65
C THR A 40 -13.68 -2.53 -16.01
N GLU A 41 -12.61 -2.70 -16.79
CA GLU A 41 -12.64 -3.40 -18.06
C GLU A 41 -12.70 -4.92 -17.79
N PRO A 42 -13.74 -5.63 -18.29
CA PRO A 42 -13.91 -7.06 -18.07
C PRO A 42 -12.93 -7.89 -18.91
N GLU A 43 -12.24 -7.25 -19.88
CA GLU A 43 -11.28 -7.93 -20.74
C GLU A 43 -10.02 -8.32 -19.93
N LEU A 44 -9.65 -7.48 -18.95
CA LEU A 44 -8.47 -7.70 -18.11
C LEU A 44 -8.80 -8.72 -17.01
N LEU A 45 -10.04 -8.67 -16.49
CA LEU A 45 -10.51 -9.59 -15.45
C LEU A 45 -10.67 -11.01 -16.01
N ALA A 46 -10.83 -11.14 -17.34
CA ALA A 46 -10.97 -12.43 -18.02
C ALA A 46 -9.61 -13.02 -18.44
N PHE A 47 -8.52 -12.22 -18.36
CA PHE A 47 -7.21 -12.61 -18.88
C PHE A 47 -6.29 -13.16 -17.77
N LEU A 48 -6.61 -12.90 -16.49
CA LEU A 48 -5.77 -13.33 -15.38
C LEU A 48 -6.05 -14.82 -15.02
N PRO A 49 -5.01 -15.57 -14.60
CA PRO A 49 -5.15 -16.95 -14.15
C PRO A 49 -5.69 -16.98 -12.71
N ARG A 50 -4.78 -16.86 -11.72
CA ARG A 50 -5.13 -16.81 -10.30
C ARG A 50 -5.51 -15.37 -9.91
N PRO A 51 -6.32 -15.19 -8.84
CA PRO A 51 -6.82 -13.88 -8.42
C PRO A 51 -5.73 -13.04 -7.72
N VAL A 52 -6.03 -11.76 -7.53
CA VAL A 52 -5.14 -10.78 -6.89
C VAL A 52 -5.20 -10.96 -5.35
N LYS A 53 -4.02 -11.00 -4.70
CA LYS A 53 -3.94 -11.11 -3.23
C LYS A 53 -4.15 -9.73 -2.56
N ALA A 54 -3.58 -8.67 -3.16
CA ALA A 54 -3.74 -7.30 -2.66
C ALA A 54 -3.62 -6.28 -3.81
N ILE A 55 -4.14 -5.07 -3.57
CA ILE A 55 -4.19 -4.00 -4.57
C ILE A 55 -3.79 -2.67 -3.90
N VAL A 56 -3.14 -1.79 -4.67
CA VAL A 56 -2.59 -0.51 -4.19
C VAL A 56 -3.02 0.61 -5.14
N LEU A 57 -3.11 1.83 -4.59
CA LEU A 57 -3.49 3.04 -5.30
C LEU A 57 -2.49 4.15 -4.97
N LEU A 58 -2.06 4.89 -6.01
CA LEU A 58 -1.13 6.01 -5.89
C LEU A 58 -1.74 7.23 -6.57
N PHE A 59 -2.26 8.17 -5.76
CA PHE A 59 -2.79 9.44 -6.27
C PHE A 59 -2.49 10.57 -5.27
N PRO A 60 -2.48 11.84 -5.71
CA PRO A 60 -2.11 12.99 -4.89
C PRO A 60 -3.25 13.41 -3.94
N ILE A 61 -2.98 14.45 -3.13
CA ILE A 61 -3.95 14.97 -2.17
C ILE A 61 -4.04 16.49 -2.35
N ASN A 62 -5.18 16.94 -2.91
CA ASN A 62 -5.44 18.36 -3.16
C ASN A 62 -5.62 19.13 -1.83
N GLU A 63 -5.58 20.46 -1.90
CA GLU A 63 -5.74 21.33 -0.74
C GLU A 63 -7.19 21.34 -0.22
N ASP A 64 -8.13 20.72 -0.98
CA ASP A 64 -9.54 20.67 -0.62
C ASP A 64 -10.09 19.25 -0.86
N ARG A 65 -10.73 18.70 0.17
CA ARG A 65 -11.32 17.36 0.15
C ARG A 65 -12.55 17.35 1.06
N LYS A 66 -13.74 17.45 0.45
CA LYS A 66 -15.02 17.59 1.16
C LYS A 66 -15.47 16.29 1.88
N SER A 67 -14.65 15.22 1.84
CA SER A 67 -14.97 13.94 2.48
C SER A 67 -14.01 13.61 3.64
N SER A 68 -13.09 14.55 3.97
CA SER A 68 -12.13 14.40 5.07
C SER A 68 -12.79 14.58 6.45
N THR A 69 -14.14 14.56 6.52
CA THR A 69 -14.92 14.71 7.75
C THR A 69 -14.43 13.72 8.82
N SER A 70 -13.69 14.24 9.82
CA SER A 70 -13.07 13.42 10.86
C SER A 70 -14.09 13.00 11.91
N GLN A 71 -13.78 11.90 12.62
CA GLN A 71 -14.57 11.36 13.72
C GLN A 71 -13.66 10.47 14.58
N GLN A 72 -14.04 10.25 15.85
CA GLN A 72 -13.29 9.40 16.76
C GLN A 72 -13.51 7.92 16.38
N ILE A 73 -12.55 7.34 15.64
CA ILE A 73 -12.58 5.93 15.24
C ILE A 73 -11.47 5.18 16.01
N THR A 74 -11.72 3.90 16.31
CA THR A 74 -10.80 3.05 17.07
C THR A 74 -9.88 2.26 16.14
N SER A 75 -9.05 1.39 16.71
CA SER A 75 -8.06 0.57 16.00
C SER A 75 -8.31 -0.94 16.22
N SER A 76 -9.42 -1.28 16.91
CA SER A 76 -9.84 -2.67 17.14
C SER A 76 -10.41 -3.32 15.85
N TYR A 77 -10.33 -2.62 14.71
CA TYR A 77 -10.88 -3.06 13.43
C TYR A 77 -10.22 -4.36 12.94
N ASP A 78 -10.85 -4.97 11.91
CA ASP A 78 -10.49 -6.27 11.36
C ASP A 78 -9.13 -6.22 10.59
N VAL A 79 -8.57 -5.02 10.40
CA VAL A 79 -7.30 -4.84 9.70
C VAL A 79 -6.33 -4.00 10.55
N ILE A 80 -5.03 -4.24 10.36
CA ILE A 80 -3.96 -3.49 11.03
C ILE A 80 -3.75 -2.15 10.31
N TRP A 81 -3.20 -1.17 11.04
CA TRP A 81 -2.89 0.16 10.53
C TRP A 81 -1.57 0.66 11.15
N PHE A 82 -0.93 1.64 10.49
CA PHE A 82 0.34 2.22 10.93
C PHE A 82 0.30 3.74 10.76
N LYS A 83 1.02 4.45 11.65
CA LYS A 83 1.14 5.91 11.59
C LYS A 83 2.41 6.29 10.82
N GLN A 84 2.32 7.35 9.99
CA GLN A 84 3.42 7.83 9.16
C GLN A 84 4.39 8.66 10.02
N SER A 85 5.50 8.04 10.46
CA SER A 85 6.56 8.75 11.19
C SER A 85 7.48 9.50 10.22
N VAL A 86 7.74 8.92 9.03
CA VAL A 86 8.62 9.49 8.02
C VAL A 86 7.90 9.55 6.66
N LYS A 87 8.02 10.72 6.00
CA LYS A 87 7.40 10.98 4.69
C LYS A 87 8.21 10.34 3.55
N ASN A 88 9.52 10.09 3.75
CA ASN A 88 10.38 9.45 2.76
C ASN A 88 10.02 7.96 2.57
N ALA A 89 9.09 7.43 3.40
CA ALA A 89 8.64 6.04 3.34
C ALA A 89 7.26 5.89 2.64
N CYS A 90 6.91 6.80 1.71
CA CYS A 90 5.61 6.74 1.02
C CYS A 90 5.44 5.39 0.31
N GLY A 91 6.41 5.01 -0.53
CA GLY A 91 6.36 3.76 -1.27
C GLY A 91 6.77 2.56 -0.41
N LEU A 92 7.51 2.80 0.69
CA LEU A 92 7.96 1.73 1.58
C LEU A 92 6.80 1.23 2.46
N TYR A 93 5.95 2.15 2.94
CA TYR A 93 4.76 1.81 3.72
C TYR A 93 3.66 1.25 2.81
N ALA A 94 3.66 1.60 1.51
CA ALA A 94 2.65 1.10 0.57
C ALA A 94 2.78 -0.42 0.37
N ILE A 95 4.02 -0.94 0.48
CA ILE A 95 4.29 -2.38 0.41
C ILE A 95 3.98 -3.02 1.78
N LEU A 96 4.38 -2.34 2.87
CA LEU A 96 4.24 -2.89 4.22
C LEU A 96 2.77 -3.09 4.61
N HIS A 97 1.85 -2.34 3.99
CA HIS A 97 0.42 -2.50 4.22
C HIS A 97 -0.05 -3.90 3.79
N SER A 98 0.16 -4.24 2.52
CA SER A 98 -0.34 -5.50 1.94
C SER A 98 0.35 -6.72 2.56
N LEU A 99 1.62 -6.57 2.98
CA LEU A 99 2.38 -7.66 3.58
C LEU A 99 1.93 -7.91 5.04
N SER A 100 1.46 -6.85 5.72
CA SER A 100 1.03 -6.94 7.12
C SER A 100 -0.46 -7.33 7.24
N ASN A 101 -1.19 -7.34 6.11
CA ASN A 101 -2.60 -7.76 6.05
C ASN A 101 -2.73 -9.10 5.31
N ASN A 102 -1.61 -9.64 4.80
CA ASN A 102 -1.54 -10.97 4.21
C ASN A 102 -0.28 -11.65 4.74
N GLN A 103 -0.32 -12.04 6.02
CA GLN A 103 0.77 -12.76 6.70
C GLN A 103 1.03 -14.14 6.06
N SER A 104 0.09 -14.60 5.23
CA SER A 104 0.13 -15.90 4.56
C SER A 104 1.18 -15.96 3.44
N LEU A 105 1.83 -14.83 3.13
CA LEU A 105 2.79 -14.74 2.02
C LEU A 105 4.23 -14.60 2.54
N LEU A 106 4.41 -14.45 3.86
CA LEU A 106 5.73 -14.30 4.47
C LEU A 106 6.35 -15.67 4.70
N GLU A 107 7.69 -15.69 4.77
CA GLU A 107 8.47 -16.89 5.09
C GLU A 107 8.96 -16.81 6.55
N PRO A 108 9.34 -17.95 7.17
CA PRO A 108 9.78 -18.01 8.55
C PRO A 108 11.19 -17.40 8.68
N GLY A 109 11.29 -16.26 9.37
CA GLY A 109 12.55 -15.57 9.63
C GLY A 109 12.70 -14.30 8.79
N SER A 110 11.64 -13.90 8.08
CA SER A 110 11.63 -12.70 7.23
C SER A 110 11.77 -11.41 8.06
N ASP A 111 11.86 -10.27 7.36
CA ASP A 111 11.93 -8.95 7.97
C ASP A 111 10.66 -8.66 8.79
N LEU A 112 9.48 -9.04 8.25
CA LEU A 112 8.21 -8.83 8.94
C LEU A 112 8.00 -9.87 10.05
N ASP A 113 8.62 -11.06 9.91
CA ASP A 113 8.50 -12.12 10.90
C ASP A 113 9.11 -11.68 12.23
N ASN A 114 10.26 -10.98 12.18
CA ASN A 114 10.93 -10.45 13.37
C ASN A 114 10.27 -9.15 13.85
N PHE A 115 9.57 -8.44 12.96
CA PHE A 115 8.92 -7.17 13.28
C PHE A 115 7.73 -7.38 14.21
N LEU A 116 6.82 -8.30 13.84
CA LEU A 116 5.57 -8.54 14.54
C LEU A 116 5.81 -9.29 15.87
N LYS A 117 6.85 -10.15 15.90
CA LYS A 117 7.19 -10.93 17.10
C LYS A 117 7.75 -9.98 18.17
N SER A 118 8.66 -9.08 17.77
CA SER A 118 9.27 -8.13 18.70
C SER A 118 8.26 -7.10 19.23
N GLN A 119 7.10 -6.95 18.56
CA GLN A 119 6.06 -6.02 18.98
C GLN A 119 5.33 -6.55 20.22
N SER A 120 5.05 -7.87 20.25
CA SER A 120 4.43 -8.50 21.41
C SER A 120 5.47 -8.80 22.50
N ASP A 121 6.78 -8.70 22.18
CA ASP A 121 7.86 -8.85 23.16
C ASP A 121 8.00 -7.56 24.01
N THR A 122 7.43 -6.45 23.52
CA THR A 122 7.34 -5.19 24.26
C THR A 122 6.22 -5.28 25.33
N SER A 123 5.50 -6.42 25.38
CA SER A 123 4.29 -6.64 26.17
C SER A 123 3.11 -5.74 25.68
N SER A 124 3.37 -4.90 24.67
CA SER A 124 2.36 -4.06 24.01
C SER A 124 1.53 -4.92 23.03
N SER A 125 0.61 -4.25 22.31
CA SER A 125 -0.19 -4.85 21.26
C SER A 125 0.69 -5.28 20.05
N LYS A 126 0.04 -5.66 18.95
CA LYS A 126 0.70 -6.13 17.73
C LYS A 126 0.13 -5.42 16.49
N ASN A 127 -0.92 -4.60 16.66
CA ASN A 127 -1.61 -3.93 15.56
C ASN A 127 -1.61 -2.39 15.67
N ARG A 128 -0.84 -1.82 16.62
CA ARG A 128 -0.68 -0.36 16.73
C ARG A 128 0.80 0.01 16.56
N PHE A 129 1.04 1.26 16.12
CA PHE A 129 2.38 1.78 15.82
C PHE A 129 2.64 3.03 16.67
N ASP A 130 3.18 2.84 17.88
CA ASP A 130 3.47 3.95 18.78
C ASP A 130 4.66 3.66 19.71
N ASP A 131 5.10 2.39 19.80
CA ASP A 131 6.25 2.03 20.64
C ASP A 131 7.55 2.46 19.96
N VAL A 132 8.57 2.75 20.77
CA VAL A 132 9.90 3.10 20.27
C VAL A 132 10.60 1.87 19.67
N THR A 133 10.15 0.66 20.05
CA THR A 133 10.69 -0.61 19.57
C THR A 133 10.25 -0.88 18.14
N THR A 134 9.03 -0.45 17.79
CA THR A 134 8.44 -0.73 16.48
C THR A 134 9.00 0.23 15.43
N ASP A 135 9.25 1.49 15.81
CA ASP A 135 9.79 2.51 14.92
C ASP A 135 11.30 2.31 14.70
N GLN A 136 11.99 1.66 15.65
CA GLN A 136 13.44 1.42 15.55
C GLN A 136 13.77 0.55 14.33
N PHE A 137 12.94 -0.47 14.05
CA PHE A 137 13.19 -1.40 12.96
C PHE A 137 12.82 -0.76 11.59
N VAL A 138 11.95 0.26 11.58
CA VAL A 138 11.63 1.01 10.35
C VAL A 138 12.82 1.90 9.95
N LEU A 139 13.54 2.45 10.95
CA LEU A 139 14.70 3.30 10.70
C LEU A 139 15.88 2.49 10.13
N ASN A 140 15.87 1.16 10.32
CA ASN A 140 16.92 0.28 9.82
C ASN A 140 16.74 0.03 8.31
N VAL A 141 15.49 -0.20 7.87
CA VAL A 141 15.18 -0.51 6.47
C VAL A 141 15.36 0.76 5.61
N ILE A 142 14.88 1.91 6.09
CA ILE A 142 14.89 3.15 5.32
C ILE A 142 16.32 3.73 5.18
N LYS A 143 17.26 3.30 6.03
CA LYS A 143 18.64 3.78 5.97
C LYS A 143 19.28 3.38 4.62
N GLU A 144 18.84 2.24 4.05
CA GLU A 144 19.30 1.77 2.75
C GLU A 144 18.75 2.67 1.63
N ASN A 145 17.50 3.15 1.80
CA ASN A 145 16.80 4.00 0.83
C ASN A 145 17.26 5.47 0.91
N VAL A 146 18.22 5.80 1.80
CA VAL A 146 18.69 7.16 2.00
C VAL A 146 20.20 7.28 1.70
N GLN A 147 20.96 6.19 1.85
CA GLN A 147 22.42 6.26 1.74
C GLN A 147 22.89 6.33 0.28
N THR A 148 22.20 5.66 -0.65
CA THR A 148 22.54 5.68 -2.09
C THR A 148 21.29 5.45 -2.94
N PHE A 149 20.51 4.40 -2.61
CA PHE A 149 19.34 4.00 -3.40
C PHE A 149 18.27 5.11 -3.37
N SER A 150 17.99 5.67 -4.55
CA SER A 150 16.95 6.69 -4.75
C SER A 150 15.53 6.13 -4.48
N THR A 151 15.43 4.80 -4.26
CA THR A 151 14.21 4.04 -3.94
C THR A 151 13.00 4.32 -4.85
N GLY A 152 13.18 4.99 -6.00
CA GLY A 152 12.10 5.25 -6.93
C GLY A 152 12.55 6.02 -8.15
N GLN A 153 12.79 7.33 -7.98
CA GLN A 153 13.03 8.25 -9.09
C GLN A 153 14.38 7.98 -9.81
N SER A 154 15.29 7.23 -9.17
CA SER A 154 16.64 6.93 -9.71
C SER A 154 17.42 8.23 -10.05
N GLU A 155 17.00 9.37 -9.47
CA GLU A 155 17.57 10.69 -9.73
C GLU A 155 17.74 11.46 -8.40
N ALA A 156 17.81 10.73 -7.27
CA ALA A 156 17.98 11.26 -5.92
C ALA A 156 16.89 12.30 -5.57
N PRO A 157 15.67 11.82 -5.22
CA PRO A 157 14.55 12.67 -4.81
C PRO A 157 14.82 13.25 -3.42
N GLU A 158 15.29 14.51 -3.38
CA GLU A 158 15.74 15.19 -2.15
C GLU A 158 14.57 15.50 -1.17
N ALA A 159 13.32 15.35 -1.63
CA ALA A 159 12.12 15.71 -0.86
C ALA A 159 10.95 14.82 -1.30
N THR A 160 11.25 13.60 -1.80
CA THR A 160 10.30 12.80 -2.57
C THR A 160 9.95 13.55 -3.87
N ALA A 161 10.93 14.30 -4.42
CA ALA A 161 10.79 15.19 -5.58
C ALA A 161 9.78 16.32 -5.33
N ASP A 162 9.44 16.58 -4.04
CA ASP A 162 8.50 17.61 -3.59
C ASP A 162 7.07 17.41 -4.14
N THR A 163 6.80 16.25 -4.76
CA THR A 163 5.49 15.95 -5.36
C THR A 163 4.39 15.90 -4.29
N ASN A 164 3.13 15.97 -4.76
CA ASN A 164 1.95 15.86 -3.91
C ASN A 164 1.39 14.41 -3.88
N LEU A 165 2.04 13.48 -4.60
CA LEU A 165 1.62 12.08 -4.67
C LEU A 165 1.62 11.46 -3.27
N HIS A 166 0.56 10.71 -2.94
CA HIS A 166 0.42 10.01 -1.67
C HIS A 166 0.03 8.54 -1.91
N TYR A 167 0.14 7.71 -0.88
CA TYR A 167 -0.02 6.26 -0.97
C TYR A 167 -1.25 5.80 -0.18
N ILE A 168 -2.00 4.86 -0.77
CA ILE A 168 -3.20 4.25 -0.19
C ILE A 168 -3.19 2.75 -0.55
N THR A 169 -3.67 1.91 0.39
CA THR A 169 -3.80 0.46 0.16
C THR A 169 -5.14 -0.03 0.74
N TYR A 170 -5.78 -0.99 0.05
CA TYR A 170 -7.01 -1.62 0.51
C TYR A 170 -7.03 -3.10 0.13
N VAL A 171 -7.51 -3.94 1.05
CA VAL A 171 -7.69 -5.38 0.85
C VAL A 171 -8.97 -5.81 1.61
N GLU A 172 -9.62 -6.90 1.15
CA GLU A 172 -10.83 -7.40 1.79
C GLU A 172 -10.49 -8.50 2.80
N GLU A 173 -11.26 -8.58 3.89
CA GLU A 173 -11.11 -9.62 4.90
C GLU A 173 -12.39 -9.72 5.74
N ASN A 174 -12.69 -10.94 6.24
CA ASN A 174 -13.84 -11.23 7.10
C ASN A 174 -15.20 -10.83 6.46
N GLY A 175 -15.25 -10.69 5.12
CA GLY A 175 -16.48 -10.41 4.39
C GLY A 175 -16.71 -8.91 4.17
N GLY A 176 -15.72 -8.06 4.52
CA GLY A 176 -15.81 -6.61 4.38
C GLY A 176 -14.58 -6.04 3.69
N ILE A 177 -14.61 -4.72 3.43
CA ILE A 177 -13.52 -3.99 2.78
C ILE A 177 -13.16 -2.78 3.65
N PHE A 178 -11.87 -2.40 3.65
CA PHE A 178 -11.34 -1.33 4.48
C PHE A 178 -10.36 -0.46 3.67
N GLU A 179 -9.80 0.57 4.33
CA GLU A 179 -8.89 1.53 3.71
C GLU A 179 -7.74 1.82 4.66
N LEU A 180 -6.57 2.18 4.11
CA LEU A 180 -5.36 2.49 4.87
C LEU A 180 -4.79 3.82 4.39
N ASP A 181 -4.83 4.83 5.28
CA ASP A 181 -4.34 6.18 5.00
C ASP A 181 -3.48 6.65 6.17
N GLY A 182 -2.17 6.80 5.92
CA GLY A 182 -1.21 7.20 6.95
C GLY A 182 -1.38 8.66 7.38
N ARG A 183 -2.09 9.47 6.58
CA ARG A 183 -2.39 10.86 6.94
C ARG A 183 -3.57 10.93 7.93
N ASN A 184 -4.46 9.93 7.90
CA ASN A 184 -5.59 9.84 8.81
C ASN A 184 -5.16 9.08 10.08
N LEU A 185 -4.71 9.83 11.10
CA LEU A 185 -4.17 9.27 12.35
C LEU A 185 -5.25 8.50 13.15
N SER A 186 -6.53 8.63 12.77
CA SER A 186 -7.64 8.04 13.51
C SER A 186 -7.72 6.50 13.33
N GLY A 187 -6.88 5.92 12.45
CA GLY A 187 -6.87 4.48 12.18
C GLY A 187 -7.43 4.18 10.78
N PRO A 188 -7.80 2.91 10.51
CA PRO A 188 -8.35 2.48 9.24
C PRO A 188 -9.78 3.03 9.05
N LEU A 189 -10.33 2.88 7.84
CA LEU A 189 -11.65 3.39 7.49
C LEU A 189 -12.38 2.37 6.62
N TYR A 190 -13.43 1.74 7.17
CA TYR A 190 -14.23 0.77 6.44
C TYR A 190 -14.93 1.44 5.25
N LEU A 191 -15.16 0.67 4.18
CA LEU A 191 -15.80 1.16 2.96
C LEU A 191 -17.16 0.47 2.73
N GLY A 192 -17.48 -0.55 3.54
CA GLY A 192 -18.72 -1.31 3.46
C GLY A 192 -18.42 -2.79 3.26
N LYS A 193 -19.47 -3.62 3.29
CA LYS A 193 -19.32 -5.05 3.06
C LYS A 193 -18.88 -5.31 1.62
N SER A 194 -18.11 -6.39 1.41
CA SER A 194 -17.71 -6.84 0.09
C SER A 194 -18.92 -7.36 -0.69
N ASP A 195 -18.83 -7.33 -2.03
CA ASP A 195 -19.89 -7.83 -2.90
C ASP A 195 -19.91 -9.37 -2.88
N PRO A 196 -21.08 -9.99 -3.20
CA PRO A 196 -21.22 -11.44 -3.29
C PRO A 196 -20.56 -12.02 -4.57
N THR A 197 -20.01 -11.13 -5.42
CA THR A 197 -19.41 -11.49 -6.71
C THR A 197 -17.88 -11.22 -6.72
N ALA A 198 -17.29 -10.95 -5.54
CA ALA A 198 -15.85 -10.72 -5.40
C ALA A 198 -15.05 -11.95 -5.86
N THR A 199 -14.52 -11.89 -7.09
CA THR A 199 -13.78 -13.00 -7.71
C THR A 199 -12.27 -12.69 -7.78
N ASP A 200 -11.88 -11.41 -7.72
CA ASP A 200 -10.51 -11.01 -8.04
C ASP A 200 -10.03 -9.81 -7.18
N LEU A 201 -10.79 -9.44 -6.12
CA LEU A 201 -10.52 -8.29 -5.23
C LEU A 201 -10.79 -6.94 -5.95
N ILE A 202 -10.72 -6.94 -7.29
CA ILE A 202 -10.97 -5.79 -8.13
C ILE A 202 -12.42 -5.83 -8.67
N GLU A 203 -13.09 -6.99 -8.58
CA GLU A 203 -14.42 -7.20 -9.16
C GLU A 203 -15.49 -6.45 -8.35
N GLN A 204 -15.18 -6.04 -7.11
CA GLN A 204 -16.13 -5.36 -6.26
C GLN A 204 -16.38 -3.95 -6.80
N GLU A 205 -17.63 -3.49 -6.73
CA GLU A 205 -18.01 -2.16 -7.17
C GLU A 205 -17.52 -1.10 -6.17
N LEU A 206 -17.27 -1.49 -4.90
CA LEU A 206 -16.85 -0.57 -3.85
C LEU A 206 -15.50 0.07 -4.17
N VAL A 207 -14.56 -0.70 -4.74
CA VAL A 207 -13.20 -0.22 -4.97
C VAL A 207 -13.11 0.67 -6.22
N ARG A 208 -14.01 0.49 -7.21
CA ARG A 208 -14.03 1.37 -8.39
C ARG A 208 -14.62 2.75 -8.04
N VAL A 209 -15.69 2.80 -7.22
CA VAL A 209 -16.33 4.08 -6.89
C VAL A 209 -15.50 4.87 -5.85
N ARG A 210 -14.61 4.19 -5.12
CA ARG A 210 -13.80 4.83 -4.09
C ARG A 210 -12.79 5.79 -4.72
N VAL A 211 -12.05 5.32 -5.75
CA VAL A 211 -11.08 6.14 -6.46
C VAL A 211 -11.77 7.14 -7.41
N ALA A 212 -12.98 6.79 -7.89
CA ALA A 212 -13.78 7.68 -8.75
C ALA A 212 -14.38 8.83 -7.93
N SER A 213 -14.40 8.72 -6.59
CA SER A 213 -14.82 9.80 -5.72
C SER A 213 -13.66 10.77 -5.46
N TYR A 214 -12.41 10.29 -5.51
CA TYR A 214 -11.22 11.09 -5.23
C TYR A 214 -10.85 12.00 -6.41
N MET A 215 -11.20 11.59 -7.65
CA MET A 215 -10.89 12.37 -8.85
C MET A 215 -11.81 13.59 -8.98
N GLU A 216 -12.93 13.62 -8.22
CA GLU A 216 -13.82 14.77 -8.14
C GLU A 216 -13.23 15.88 -7.25
N ASN A 217 -12.12 15.58 -6.54
CA ASN A 217 -11.44 16.52 -5.64
C ASN A 217 -10.06 16.90 -6.19
N ALA A 218 -9.54 16.10 -7.14
CA ALA A 218 -8.28 16.37 -7.81
C ALA A 218 -8.45 17.50 -8.84
N ASN A 219 -7.34 18.18 -9.17
CA ASN A 219 -7.29 19.17 -10.24
C ASN A 219 -7.27 18.45 -11.61
N GLU A 220 -7.39 19.21 -12.70
CA GLU A 220 -7.32 18.67 -14.07
C GLU A 220 -5.89 18.16 -14.37
N GLU A 221 -4.88 18.70 -13.67
CA GLU A 221 -3.50 18.23 -13.76
C GLU A 221 -3.30 17.00 -12.86
N ASP A 222 -3.85 17.05 -11.63
CA ASP A 222 -3.61 16.02 -10.62
C ASP A 222 -4.37 14.71 -10.91
N VAL A 223 -5.41 14.77 -11.77
CA VAL A 223 -6.23 13.59 -12.10
C VAL A 223 -5.57 12.74 -13.19
N LEU A 224 -4.68 13.34 -14.00
CA LEU A 224 -4.07 12.68 -15.16
C LEU A 224 -2.95 11.71 -14.75
N ASN A 225 -2.59 11.66 -13.46
CA ASN A 225 -1.49 10.85 -12.95
C ASN A 225 -1.96 9.77 -11.97
N PHE A 226 -3.29 9.58 -11.87
CA PHE A 226 -3.87 8.49 -11.10
C PHE A 226 -3.40 7.17 -11.69
N ALA A 227 -2.66 6.39 -10.89
CA ALA A 227 -2.09 5.11 -11.31
C ALA A 227 -2.25 4.09 -10.19
N MET A 228 -2.07 2.80 -10.53
CA MET A 228 -2.15 1.70 -9.57
C MET A 228 -1.11 0.63 -9.89
N LEU A 229 -0.87 -0.23 -8.90
CA LEU A 229 -0.10 -1.45 -9.03
C LEU A 229 -0.71 -2.51 -8.13
N GLY A 230 -0.38 -3.78 -8.40
CA GLY A 230 -0.97 -4.92 -7.70
C GLY A 230 0.10 -5.81 -7.09
N LEU A 231 -0.36 -6.86 -6.40
CA LEU A 231 0.48 -7.87 -5.76
C LEU A 231 -0.18 -9.24 -6.00
N GLY A 232 0.41 -10.05 -6.90
CA GLY A 232 -0.13 -11.35 -7.25
C GLY A 232 1.01 -12.37 -7.39
N PRO A 233 0.69 -13.61 -7.84
CA PRO A 233 1.68 -14.64 -8.03
C PRO A 233 2.59 -14.30 -9.22
N ASN A 234 3.89 -14.60 -9.07
CA ASN A 234 4.90 -14.41 -10.11
C ASN A 234 4.54 -15.26 -11.34
N TRP A 235 4.77 -14.69 -12.53
CA TRP A 235 4.51 -15.36 -13.81
C TRP A 235 5.77 -15.30 -14.67
N GLU A 236 6.43 -16.47 -14.83
CA GLU A 236 7.68 -16.64 -15.57
C GLU A 236 8.69 -15.53 -15.22
N MET A 1 -16.87 -24.82 -8.72
CA MET A 1 -16.78 -23.39 -8.42
C MET A 1 -15.63 -22.73 -9.18
N SER A 2 -15.77 -21.44 -9.49
CA SER A 2 -14.78 -20.66 -10.23
C SER A 2 -13.49 -20.45 -9.41
N GLY A 3 -12.48 -19.85 -10.04
CA GLY A 3 -11.19 -19.58 -9.39
C GLY A 3 -10.19 -18.92 -10.34
N GLU A 4 -10.57 -18.69 -11.62
CA GLU A 4 -9.73 -18.03 -12.60
C GLU A 4 -9.90 -16.51 -12.47
N ASN A 5 -9.24 -15.92 -11.47
CA ASN A 5 -9.32 -14.49 -11.14
C ASN A 5 -8.49 -13.64 -12.12
N ARG A 6 -8.25 -12.35 -11.77
CA ARG A 6 -7.98 -11.29 -12.75
C ARG A 6 -6.78 -10.37 -12.36
N ALA A 7 -5.59 -10.92 -12.06
CA ALA A 7 -4.36 -10.10 -11.85
C ALA A 7 -3.87 -9.51 -13.19
N VAL A 8 -2.72 -8.81 -13.19
CA VAL A 8 -2.15 -8.19 -14.42
C VAL A 8 -0.62 -8.43 -14.47
N VAL A 9 -0.02 -8.27 -15.66
CA VAL A 9 1.44 -8.37 -15.86
C VAL A 9 2.15 -7.12 -15.30
N PRO A 10 3.43 -7.25 -14.89
CA PRO A 10 4.24 -6.17 -14.33
C PRO A 10 4.83 -5.25 -15.41
N ILE A 11 5.54 -4.20 -14.96
CA ILE A 11 6.26 -3.26 -15.82
C ILE A 11 7.68 -3.05 -15.22
N GLU A 12 8.65 -2.71 -16.07
CA GLU A 12 10.07 -2.54 -15.68
C GLU A 12 10.34 -1.21 -14.94
N SER A 13 9.28 -0.45 -14.58
CA SER A 13 9.42 0.87 -13.99
C SER A 13 8.62 0.97 -12.69
N ASN A 14 7.29 1.09 -12.80
CA ASN A 14 6.42 1.42 -11.66
C ASN A 14 6.45 0.33 -10.56
N PRO A 15 6.05 -0.94 -10.84
CA PRO A 15 6.06 -2.01 -9.83
C PRO A 15 7.46 -2.63 -9.65
N GLU A 16 8.45 -2.22 -10.45
CA GLU A 16 9.80 -2.80 -10.41
C GLU A 16 10.49 -2.49 -9.08
N VAL A 17 10.18 -1.31 -8.48
CA VAL A 17 10.71 -0.93 -7.18
C VAL A 17 9.85 -1.49 -6.04
N PHE A 18 8.59 -1.85 -6.32
CA PHE A 18 7.72 -2.46 -5.31
C PHE A 18 8.19 -3.89 -4.99
N THR A 19 8.76 -4.58 -5.99
CA THR A 19 9.33 -5.92 -5.77
C THR A 19 10.72 -5.83 -5.13
N ASN A 20 11.42 -4.69 -5.30
CA ASN A 20 12.71 -4.47 -4.68
C ASN A 20 12.56 -4.23 -3.17
N PHE A 21 11.44 -3.59 -2.76
CA PHE A 21 11.12 -3.40 -1.35
C PHE A 21 10.61 -4.72 -0.74
N ALA A 22 9.55 -5.28 -1.32
CA ALA A 22 8.77 -6.35 -0.71
C ALA A 22 9.59 -7.61 -0.45
N HIS A 23 10.53 -7.94 -1.35
CA HIS A 23 11.35 -9.15 -1.23
C HIS A 23 12.26 -9.06 0.01
N LYS A 24 12.81 -7.87 0.28
CA LYS A 24 13.67 -7.63 1.43
C LYS A 24 12.83 -7.50 2.72
N LEU A 25 11.54 -7.14 2.60
CA LEU A 25 10.66 -6.97 3.76
C LEU A 25 10.20 -8.32 4.33
N GLY A 26 10.47 -9.44 3.63
CA GLY A 26 10.19 -10.79 4.14
C GLY A 26 9.26 -11.60 3.23
N LEU A 27 8.88 -11.06 2.06
CA LEU A 27 7.98 -11.75 1.13
C LEU A 27 8.66 -13.02 0.59
N LYS A 28 7.86 -14.06 0.33
CA LYS A 28 8.38 -15.38 -0.03
C LYS A 28 8.92 -15.43 -1.49
N ASN A 29 8.82 -14.31 -2.23
CA ASN A 29 9.31 -14.13 -3.60
C ASN A 29 8.48 -14.94 -4.63
N GLU A 30 7.63 -15.88 -4.18
CA GLU A 30 6.64 -16.53 -5.03
C GLU A 30 5.47 -15.57 -5.33
N TRP A 31 5.57 -14.31 -4.84
CA TRP A 31 4.59 -13.26 -5.08
C TRP A 31 5.33 -11.98 -5.48
N ALA A 32 4.73 -11.17 -6.35
CA ALA A 32 5.33 -9.93 -6.84
C ALA A 32 4.26 -8.92 -7.22
N TYR A 33 4.62 -7.63 -7.18
CA TYR A 33 3.75 -6.54 -7.57
C TYR A 33 3.74 -6.39 -9.10
N PHE A 34 2.73 -5.66 -9.60
CA PHE A 34 2.55 -5.34 -11.01
C PHE A 34 1.69 -4.08 -11.14
N ASP A 35 1.60 -3.53 -12.35
CA ASP A 35 0.73 -2.38 -12.66
C ASP A 35 -0.57 -2.88 -13.32
N ILE A 36 -1.63 -2.04 -13.29
CA ILE A 36 -2.95 -2.39 -13.81
C ILE A 36 -3.36 -1.38 -14.87
N TYR A 37 -3.45 -1.83 -16.14
CA TYR A 37 -3.95 -1.01 -17.24
C TYR A 37 -5.41 -0.64 -16.98
N SER A 38 -6.28 -1.65 -16.86
CA SER A 38 -7.69 -1.48 -16.56
C SER A 38 -8.22 -2.69 -15.79
N LEU A 39 -9.36 -2.53 -15.13
CA LEU A 39 -10.06 -3.59 -14.41
C LEU A 39 -11.59 -3.47 -14.58
N THR A 40 -12.05 -2.57 -15.46
CA THR A 40 -13.47 -2.32 -15.71
C THR A 40 -13.84 -2.62 -17.18
N GLU A 41 -12.84 -2.84 -18.06
CA GLU A 41 -13.06 -3.29 -19.43
C GLU A 41 -13.03 -4.83 -19.45
N PRO A 42 -14.16 -5.50 -19.77
CA PRO A 42 -14.23 -6.96 -19.77
C PRO A 42 -13.44 -7.57 -20.94
N GLU A 43 -13.08 -6.76 -21.96
CA GLU A 43 -12.30 -7.24 -23.11
C GLU A 43 -10.83 -7.46 -22.70
N LEU A 44 -10.33 -6.63 -21.77
CA LEU A 44 -9.00 -6.77 -21.20
C LEU A 44 -9.03 -7.87 -20.11
N LEU A 45 -10.17 -8.00 -19.42
CA LEU A 45 -10.33 -8.86 -18.26
C LEU A 45 -10.38 -10.35 -18.65
N ALA A 46 -10.78 -10.64 -19.90
CA ALA A 46 -11.02 -12.01 -20.37
C ALA A 46 -9.72 -12.83 -20.52
N PHE A 47 -8.55 -12.20 -20.40
CA PHE A 47 -7.26 -12.86 -20.70
C PHE A 47 -6.28 -12.83 -19.51
N LEU A 48 -6.75 -12.47 -18.30
CA LEU A 48 -5.89 -12.17 -17.16
C LEU A 48 -5.50 -13.44 -16.34
N PRO A 49 -4.32 -13.40 -15.66
CA PRO A 49 -3.75 -14.50 -14.85
C PRO A 49 -4.38 -14.61 -13.44
N ARG A 50 -3.76 -15.46 -12.58
CA ARG A 50 -4.17 -15.87 -11.22
C ARG A 50 -4.62 -14.70 -10.29
N PRO A 51 -5.22 -15.01 -9.11
CA PRO A 51 -5.75 -14.01 -8.17
C PRO A 51 -4.69 -13.13 -7.50
N VAL A 52 -5.19 -12.11 -6.76
CA VAL A 52 -4.41 -11.27 -5.84
C VAL A 52 -4.97 -11.45 -4.42
N LYS A 53 -4.21 -10.96 -3.42
CA LYS A 53 -4.63 -10.95 -2.02
C LYS A 53 -4.56 -9.52 -1.44
N ALA A 54 -3.93 -8.58 -2.16
CA ALA A 54 -3.88 -7.18 -1.78
C ALA A 54 -3.79 -6.29 -3.02
N ILE A 55 -4.18 -5.02 -2.87
CA ILE A 55 -4.12 -4.01 -3.92
C ILE A 55 -3.79 -2.63 -3.30
N VAL A 56 -3.25 -1.72 -4.11
CA VAL A 56 -2.94 -0.34 -3.69
C VAL A 56 -3.19 0.62 -4.87
N LEU A 57 -3.44 1.91 -4.58
CA LEU A 57 -3.61 2.95 -5.59
C LEU A 57 -2.73 4.15 -5.28
N LEU A 58 -2.42 4.94 -6.31
CA LEU A 58 -1.54 6.11 -6.22
C LEU A 58 -2.25 7.32 -6.82
N PHE A 59 -2.66 8.26 -5.95
CA PHE A 59 -3.28 9.51 -6.37
C PHE A 59 -2.94 10.62 -5.34
N PRO A 60 -2.59 11.84 -5.79
CA PRO A 60 -2.26 12.95 -4.92
C PRO A 60 -3.53 13.48 -4.23
N ILE A 61 -3.66 13.21 -2.93
CA ILE A 61 -4.81 13.61 -2.13
C ILE A 61 -4.90 15.15 -2.07
N ASN A 62 -6.03 15.70 -2.58
CA ASN A 62 -6.32 17.12 -2.52
C ASN A 62 -7.20 17.42 -1.29
N GLU A 63 -7.48 18.70 -1.02
CA GLU A 63 -8.23 19.12 0.16
C GLU A 63 -9.50 19.91 -0.22
N ASP A 64 -9.69 20.24 -1.50
CA ASP A 64 -10.85 21.01 -1.96
C ASP A 64 -12.09 20.10 -2.04
N ARG A 65 -12.87 20.09 -0.93
CA ARG A 65 -14.15 19.37 -0.76
C ARG A 65 -13.90 17.93 -0.27
N LYS A 66 -12.63 17.54 -0.17
CA LYS A 66 -12.22 16.30 0.48
C LYS A 66 -12.40 16.45 1.99
N SER A 67 -12.46 15.33 2.71
CA SER A 67 -12.42 15.30 4.17
C SER A 67 -11.60 14.11 4.66
N SER A 68 -11.04 14.24 5.87
CA SER A 68 -10.22 13.19 6.48
C SER A 68 -11.10 12.21 7.30
N THR A 69 -12.40 12.54 7.49
CA THR A 69 -13.35 11.78 8.31
C THR A 69 -12.73 11.34 9.66
N SER A 70 -11.89 12.21 10.24
CA SER A 70 -11.13 11.95 11.46
C SER A 70 -12.05 11.70 12.65
N GLN A 71 -12.19 10.42 13.04
CA GLN A 71 -12.93 10.01 14.22
C GLN A 71 -12.32 8.70 14.73
N GLN A 72 -12.01 8.66 16.04
CA GLN A 72 -11.43 7.49 16.69
C GLN A 72 -12.50 6.41 16.86
N ILE A 73 -12.58 5.47 15.91
CA ILE A 73 -13.53 4.37 15.95
C ILE A 73 -13.01 3.30 16.94
N THR A 74 -12.13 2.40 16.48
CA THR A 74 -11.48 1.38 17.30
C THR A 74 -10.06 1.13 16.79
N SER A 75 -9.26 0.42 17.60
CA SER A 75 -7.88 0.04 17.26
C SER A 75 -7.66 -1.44 17.62
N SER A 76 -6.47 -1.96 17.23
CA SER A 76 -6.11 -3.40 17.30
C SER A 76 -7.18 -4.30 16.65
N TYR A 77 -8.03 -3.70 15.80
CA TYR A 77 -9.16 -4.32 15.12
C TYR A 77 -8.68 -5.38 14.11
N ASP A 78 -9.64 -6.07 13.46
CA ASP A 78 -9.38 -7.15 12.49
C ASP A 78 -8.62 -6.66 11.24
N VAL A 79 -8.36 -5.35 11.13
CA VAL A 79 -7.51 -4.76 10.11
C VAL A 79 -6.43 -3.91 10.81
N ILE A 80 -5.18 -4.38 10.72
CA ILE A 80 -4.02 -3.69 11.29
C ILE A 80 -3.86 -2.32 10.61
N TRP A 81 -3.33 -1.33 11.35
CA TRP A 81 -3.20 0.02 10.85
C TRP A 81 -1.97 0.69 11.46
N PHE A 82 -1.31 1.55 10.67
CA PHE A 82 -0.22 2.39 11.14
C PHE A 82 -0.43 3.83 10.64
N LYS A 83 0.25 4.79 11.28
CA LYS A 83 0.18 6.21 10.91
C LYS A 83 1.07 6.50 9.70
N GLN A 84 0.95 7.71 9.14
CA GLN A 84 1.88 8.24 8.13
C GLN A 84 3.13 8.75 8.84
N SER A 85 4.32 8.49 8.26
CA SER A 85 5.59 8.94 8.84
C SER A 85 6.59 9.29 7.72
N VAL A 86 7.29 8.27 7.17
CA VAL A 86 8.37 8.48 6.20
C VAL A 86 7.83 9.01 4.87
N LYS A 87 8.31 10.19 4.46
CA LYS A 87 7.88 10.87 3.24
C LYS A 87 8.62 10.31 2.01
N ASN A 88 9.96 10.30 2.05
CA ASN A 88 10.80 9.85 0.93
C ASN A 88 10.80 8.32 0.76
N ALA A 89 10.11 7.60 1.66
CA ALA A 89 9.96 6.14 1.61
C ALA A 89 8.48 5.76 1.82
N CYS A 90 7.56 6.66 1.43
CA CYS A 90 6.12 6.41 1.53
C CYS A 90 5.69 5.21 0.65
N GLY A 91 6.52 4.82 -0.34
CA GLY A 91 6.27 3.65 -1.17
C GLY A 91 6.69 2.37 -0.45
N LEU A 92 7.72 2.45 0.41
CA LEU A 92 8.14 1.36 1.28
C LEU A 92 7.03 1.11 2.32
N TYR A 93 6.48 2.21 2.89
CA TYR A 93 5.48 2.13 3.94
C TYR A 93 4.12 1.66 3.38
N ALA A 94 3.84 1.95 2.09
CA ALA A 94 2.60 1.51 1.43
C ALA A 94 2.60 -0.01 1.29
N ILE A 95 3.77 -0.59 1.03
CA ILE A 95 3.96 -2.02 0.91
C ILE A 95 3.96 -2.67 2.29
N LEU A 96 4.40 -1.94 3.33
CA LEU A 96 4.45 -2.46 4.69
C LEU A 96 3.03 -2.58 5.29
N HIS A 97 2.07 -1.76 4.82
CA HIS A 97 0.66 -1.87 5.21
C HIS A 97 0.02 -3.13 4.59
N SER A 98 0.49 -3.54 3.40
CA SER A 98 -0.02 -4.72 2.71
C SER A 98 0.53 -5.99 3.36
N LEU A 99 1.86 -6.08 3.53
CA LEU A 99 2.53 -7.27 4.03
C LEU A 99 2.20 -7.55 5.51
N SER A 100 1.72 -6.54 6.25
CA SER A 100 1.38 -6.68 7.67
C SER A 100 -0.03 -7.28 7.86
N ASN A 101 -0.82 -7.39 6.79
CA ASN A 101 -2.22 -7.81 6.84
C ASN A 101 -2.47 -9.04 5.94
N ASN A 102 -1.39 -9.57 5.32
CA ASN A 102 -1.43 -10.75 4.47
C ASN A 102 -0.45 -11.78 5.03
N GLN A 103 -0.84 -12.39 6.16
CA GLN A 103 0.00 -13.36 6.87
C GLN A 103 0.21 -14.65 6.04
N SER A 104 -0.60 -14.85 5.00
CA SER A 104 -0.51 -16.03 4.14
C SER A 104 0.71 -15.93 3.20
N LEU A 105 1.01 -14.73 2.70
CA LEU A 105 2.09 -14.49 1.74
C LEU A 105 3.48 -14.50 2.42
N LEU A 106 3.53 -14.44 3.76
CA LEU A 106 4.78 -14.41 4.51
C LEU A 106 5.38 -15.81 4.64
N GLU A 107 6.64 -15.86 5.10
CA GLU A 107 7.34 -17.10 5.44
C GLU A 107 7.98 -16.93 6.85
N PRO A 108 8.31 -18.03 7.55
CA PRO A 108 8.88 -17.97 8.89
C PRO A 108 10.32 -17.46 8.84
N GLY A 109 10.78 -16.85 9.94
CA GLY A 109 12.15 -16.35 10.07
C GLY A 109 12.40 -15.07 9.24
N SER A 110 11.39 -14.60 8.48
CA SER A 110 11.52 -13.43 7.61
C SER A 110 11.64 -12.14 8.42
N ASP A 111 11.92 -11.02 7.72
CA ASP A 111 12.05 -9.71 8.36
C ASP A 111 10.70 -9.19 8.87
N LEU A 112 9.58 -9.62 8.26
CA LEU A 112 8.23 -9.24 8.69
C LEU A 112 7.87 -10.02 9.96
N ASP A 113 8.20 -11.32 9.98
CA ASP A 113 7.92 -12.20 11.10
C ASP A 113 8.75 -11.81 12.33
N ASN A 114 9.96 -11.28 12.12
CA ASN A 114 10.86 -10.87 13.19
C ASN A 114 10.50 -9.47 13.71
N PHE A 115 9.88 -8.64 12.87
CA PHE A 115 9.52 -7.26 13.20
C PHE A 115 8.37 -7.22 14.20
N LEU A 116 7.24 -7.87 13.86
CA LEU A 116 6.05 -7.89 14.71
C LEU A 116 6.29 -8.70 16.00
N LYS A 117 7.28 -9.61 15.99
CA LYS A 117 7.66 -10.38 17.17
C LYS A 117 8.31 -9.47 18.22
N SER A 118 9.02 -8.42 17.76
CA SER A 118 9.70 -7.49 18.66
C SER A 118 8.71 -6.55 19.35
N GLN A 119 7.54 -6.30 18.74
CA GLN A 119 6.49 -5.50 19.38
C GLN A 119 5.74 -6.35 20.42
N SER A 120 5.63 -7.67 20.18
CA SER A 120 4.99 -8.58 21.12
C SER A 120 5.91 -8.86 22.33
N ASP A 121 7.21 -8.57 22.18
CA ASP A 121 8.21 -8.80 23.23
C ASP A 121 8.28 -7.62 24.21
N THR A 122 7.62 -6.48 23.90
CA THR A 122 7.68 -5.27 24.72
C THR A 122 6.29 -4.72 25.06
N SER A 123 5.24 -5.22 24.39
CA SER A 123 3.86 -4.84 24.69
C SER A 123 2.90 -6.00 24.37
N SER A 124 1.62 -5.83 24.75
CA SER A 124 0.58 -6.82 24.58
C SER A 124 -0.01 -6.80 23.14
N SER A 125 0.56 -5.98 22.24
CA SER A 125 0.05 -5.82 20.87
C SER A 125 1.20 -5.76 19.85
N LYS A 126 0.83 -5.78 18.56
CA LYS A 126 1.76 -5.65 17.44
C LYS A 126 1.20 -4.68 16.39
N ASN A 127 -0.10 -4.35 16.48
CA ASN A 127 -0.80 -3.53 15.48
C ASN A 127 -0.49 -2.04 15.65
N ARG A 128 -0.03 -1.61 16.83
CA ARG A 128 0.25 -0.21 17.10
C ARG A 128 1.58 0.21 16.45
N PHE A 129 1.66 1.50 16.06
CA PHE A 129 2.90 2.13 15.60
C PHE A 129 3.19 3.35 16.46
N ASP A 130 3.79 3.14 17.64
CA ASP A 130 4.14 4.22 18.55
C ASP A 130 5.30 3.82 19.50
N ASP A 131 5.65 2.52 19.54
CA ASP A 131 6.75 2.03 20.38
C ASP A 131 8.09 2.46 19.79
N VAL A 132 9.12 2.56 20.64
CA VAL A 132 10.47 2.91 20.21
C VAL A 132 11.15 1.73 19.50
N THR A 133 10.72 0.49 19.81
CA THR A 133 11.22 -0.73 19.18
C THR A 133 10.70 -0.84 17.73
N THR A 134 9.49 -0.32 17.47
CA THR A 134 8.89 -0.33 16.14
C THR A 134 9.67 0.62 15.22
N ASP A 135 9.93 1.84 15.69
CA ASP A 135 10.59 2.88 14.89
C ASP A 135 12.08 2.56 14.67
N GLN A 136 12.69 1.76 15.57
CA GLN A 136 14.10 1.42 15.48
C GLN A 136 14.38 0.56 14.23
N PHE A 137 13.49 -0.39 13.92
CA PHE A 137 13.68 -1.28 12.77
C PHE A 137 13.31 -0.58 11.46
N VAL A 138 12.44 0.44 11.50
CA VAL A 138 12.05 1.19 10.31
C VAL A 138 13.25 2.00 9.78
N LEU A 139 14.08 2.54 10.68
CA LEU A 139 15.26 3.32 10.32
C LEU A 139 16.39 2.43 9.79
N ASN A 140 16.35 1.12 10.09
CA ASN A 140 17.33 0.16 9.59
C ASN A 140 16.99 -0.31 8.16
N VAL A 141 15.69 -0.51 7.88
CA VAL A 141 15.23 -1.06 6.59
C VAL A 141 15.22 0.02 5.50
N ILE A 142 14.89 1.27 5.86
CA ILE A 142 14.89 2.40 4.94
C ILE A 142 16.33 2.73 4.48
N LYS A 143 17.33 2.31 5.27
CA LYS A 143 18.73 2.66 5.05
C LYS A 143 19.25 2.04 3.73
N GLU A 144 18.73 0.87 3.33
CA GLU A 144 19.17 0.16 2.12
C GLU A 144 18.65 0.85 0.83
N ASN A 145 17.73 1.82 0.96
CA ASN A 145 17.05 2.44 -0.18
C ASN A 145 17.32 3.95 -0.23
N VAL A 146 18.04 4.49 0.76
CA VAL A 146 18.42 5.91 0.83
C VAL A 146 19.96 6.04 0.67
N GLN A 147 20.70 4.93 0.79
CA GLN A 147 22.16 4.95 0.72
C GLN A 147 22.67 5.18 -0.72
N THR A 148 22.22 4.37 -1.69
CA THR A 148 22.73 4.46 -3.08
C THR A 148 21.66 4.03 -4.11
N PHE A 149 20.53 3.45 -3.68
CA PHE A 149 19.53 2.90 -4.59
C PHE A 149 18.17 3.54 -4.33
N SER A 150 17.94 4.68 -4.97
CA SER A 150 16.65 5.37 -4.94
C SER A 150 15.58 4.54 -5.66
N THR A 151 14.32 4.95 -5.53
CA THR A 151 13.19 4.27 -6.16
C THR A 151 12.30 5.28 -6.88
N GLY A 152 11.61 4.78 -7.93
CA GLY A 152 10.81 5.59 -8.83
C GLY A 152 11.68 6.31 -9.88
N GLN A 153 12.98 6.47 -9.59
CA GLN A 153 13.97 7.12 -10.45
C GLN A 153 15.34 6.43 -10.26
N SER A 154 16.36 6.90 -11.00
CA SER A 154 17.72 6.34 -10.95
C SER A 154 18.78 7.45 -10.89
N GLU A 155 18.36 8.73 -11.00
CA GLU A 155 19.24 9.89 -10.90
C GLU A 155 19.61 10.20 -9.42
N ALA A 156 19.09 9.41 -8.47
CA ALA A 156 19.18 9.64 -7.02
C ALA A 156 18.95 11.13 -6.67
N PRO A 157 17.75 11.68 -7.01
CA PRO A 157 17.39 13.07 -6.77
C PRO A 157 16.94 13.27 -5.29
N GLU A 158 15.99 14.19 -5.05
CA GLU A 158 15.46 14.53 -3.73
C GLU A 158 14.66 13.35 -3.10
N ALA A 159 14.61 12.18 -3.77
CA ALA A 159 13.95 10.96 -3.30
C ALA A 159 12.41 11.12 -3.14
N THR A 160 11.84 12.20 -3.69
CA THR A 160 10.40 12.49 -3.62
C THR A 160 9.86 12.85 -5.02
N ALA A 161 8.53 12.94 -5.15
CA ALA A 161 7.89 13.32 -6.41
C ALA A 161 7.87 14.86 -6.56
N ASP A 162 7.53 15.32 -7.77
CA ASP A 162 7.32 16.75 -8.04
C ASP A 162 5.94 17.23 -7.57
N THR A 163 5.12 16.32 -7.01
CA THR A 163 3.77 16.62 -6.54
C THR A 163 3.50 15.94 -5.18
N ASN A 164 2.34 16.24 -4.58
CA ASN A 164 1.90 15.70 -3.29
C ASN A 164 1.27 14.29 -3.46
N LEU A 165 1.93 13.41 -4.22
CA LEU A 165 1.46 12.05 -4.49
C LEU A 165 1.32 11.27 -3.18
N HIS A 166 0.13 10.69 -2.96
CA HIS A 166 -0.20 9.86 -1.80
C HIS A 166 -0.76 8.51 -2.24
N TYR A 167 -0.97 7.60 -1.28
CA TYR A 167 -1.43 6.25 -1.56
C TYR A 167 -2.54 5.84 -0.58
N ILE A 168 -3.36 4.86 -1.00
CA ILE A 168 -4.39 4.24 -0.18
C ILE A 168 -4.35 2.73 -0.43
N THR A 169 -3.97 1.96 0.59
CA THR A 169 -3.92 0.49 0.50
C THR A 169 -5.33 -0.06 0.76
N TYR A 170 -5.63 -1.21 0.15
CA TYR A 170 -6.92 -1.89 0.29
C TYR A 170 -6.69 -3.40 0.32
N VAL A 171 -7.26 -4.06 1.34
CA VAL A 171 -7.18 -5.50 1.51
C VAL A 171 -8.54 -6.03 1.99
N GLU A 172 -9.04 -7.09 1.34
CA GLU A 172 -10.26 -7.76 1.75
C GLU A 172 -9.91 -8.79 2.84
N GLU A 173 -10.73 -8.85 3.89
CA GLU A 173 -10.58 -9.79 4.97
C GLU A 173 -11.96 -10.11 5.57
N ASN A 174 -12.18 -11.40 5.89
CA ASN A 174 -13.40 -11.90 6.52
C ASN A 174 -14.70 -11.55 5.73
N GLY A 175 -14.57 -11.23 4.44
CA GLY A 175 -15.72 -10.98 3.56
C GLY A 175 -16.09 -9.49 3.46
N GLY A 176 -15.18 -8.60 3.86
CA GLY A 176 -15.40 -7.15 3.82
C GLY A 176 -14.13 -6.43 3.41
N ILE A 177 -14.26 -5.13 3.09
CA ILE A 177 -13.15 -4.31 2.61
C ILE A 177 -12.93 -3.11 3.54
N PHE A 178 -11.66 -2.67 3.66
CA PHE A 178 -11.26 -1.64 4.62
C PHE A 178 -10.26 -0.68 3.97
N GLU A 179 -10.47 0.62 4.19
CA GLU A 179 -9.60 1.69 3.68
C GLU A 179 -8.44 1.92 4.65
N LEU A 180 -7.24 1.47 4.27
CA LEU A 180 -6.01 1.74 5.01
C LEU A 180 -5.53 3.15 4.62
N ASP A 181 -5.67 4.12 5.54
CA ASP A 181 -5.22 5.50 5.32
C ASP A 181 -4.49 5.99 6.58
N GLY A 182 -3.15 5.96 6.54
CA GLY A 182 -2.33 6.37 7.67
C GLY A 182 -2.30 7.90 7.83
N ARG A 183 -2.66 8.65 6.77
CA ARG A 183 -2.75 10.11 6.84
C ARG A 183 -3.91 10.53 7.76
N ASN A 184 -4.96 9.70 7.82
CA ASN A 184 -6.04 9.84 8.78
C ASN A 184 -5.61 9.17 10.09
N LEU A 185 -4.89 9.93 10.94
CA LEU A 185 -4.25 9.43 12.15
C LEU A 185 -5.24 8.95 13.24
N SER A 186 -6.56 9.10 13.01
CA SER A 186 -7.57 8.68 13.98
C SER A 186 -7.68 7.15 14.08
N GLY A 187 -7.05 6.41 13.14
CA GLY A 187 -7.10 4.95 13.11
C GLY A 187 -7.67 4.45 11.77
N PRO A 188 -7.95 3.13 11.66
CA PRO A 188 -8.47 2.49 10.46
C PRO A 188 -9.91 2.96 10.15
N LEU A 189 -10.38 2.66 8.93
CA LEU A 189 -11.67 3.12 8.42
C LEU A 189 -12.30 2.00 7.59
N TYR A 190 -13.31 1.30 8.13
CA TYR A 190 -14.04 0.26 7.41
C TYR A 190 -14.92 0.90 6.32
N LEU A 191 -14.61 0.57 5.05
CA LEU A 191 -15.32 1.14 3.91
C LEU A 191 -16.73 0.55 3.78
N GLY A 192 -16.87 -0.77 4.02
CA GLY A 192 -18.15 -1.46 3.93
C GLY A 192 -17.93 -2.95 3.64
N LYS A 193 -19.03 -3.70 3.50
CA LYS A 193 -18.99 -5.11 3.13
C LYS A 193 -18.54 -5.24 1.66
N SER A 194 -18.00 -6.42 1.30
CA SER A 194 -17.64 -6.74 -0.08
C SER A 194 -18.93 -6.86 -0.93
N ASP A 195 -18.78 -6.76 -2.26
CA ASP A 195 -19.89 -6.94 -3.21
C ASP A 195 -20.23 -8.44 -3.36
N PRO A 196 -21.45 -8.77 -3.81
CA PRO A 196 -21.91 -10.14 -4.00
C PRO A 196 -21.33 -10.78 -5.28
N THR A 197 -20.64 -10.00 -6.11
CA THR A 197 -20.05 -10.44 -7.38
C THR A 197 -18.52 -10.32 -7.37
N ALA A 198 -17.94 -9.84 -6.25
CA ALA A 198 -16.50 -9.72 -6.07
C ALA A 198 -15.84 -11.09 -6.24
N THR A 199 -14.98 -11.23 -7.28
CA THR A 199 -14.28 -12.48 -7.55
C THR A 199 -13.18 -12.72 -6.50
N ASP A 200 -12.47 -11.64 -6.13
CA ASP A 200 -11.52 -11.66 -5.03
C ASP A 200 -11.29 -10.22 -4.52
N LEU A 201 -10.79 -9.31 -5.38
CA LEU A 201 -10.59 -7.90 -5.05
C LEU A 201 -10.73 -6.99 -6.29
N ILE A 202 -10.53 -7.54 -7.50
CA ILE A 202 -10.43 -6.75 -8.73
C ILE A 202 -11.82 -6.38 -9.29
N GLU A 203 -12.82 -7.25 -9.10
CA GLU A 203 -14.18 -7.05 -9.65
C GLU A 203 -15.04 -6.22 -8.69
N GLN A 204 -14.54 -5.93 -7.48
CA GLN A 204 -15.29 -5.26 -6.43
C GLN A 204 -15.70 -3.85 -6.87
N GLU A 205 -17.00 -3.54 -6.74
CA GLU A 205 -17.58 -2.29 -7.22
C GLU A 205 -17.14 -1.08 -6.37
N LEU A 206 -16.92 -1.29 -5.06
CA LEU A 206 -16.53 -0.18 -4.17
C LEU A 206 -15.09 0.28 -4.44
N VAL A 207 -14.25 -0.57 -5.07
CA VAL A 207 -12.90 -0.17 -5.48
C VAL A 207 -13.00 0.85 -6.63
N ARG A 208 -13.86 0.59 -7.62
CA ARG A 208 -13.97 1.41 -8.81
C ARG A 208 -14.56 2.80 -8.51
N VAL A 209 -15.61 2.88 -7.67
CA VAL A 209 -16.25 4.17 -7.38
C VAL A 209 -15.41 5.02 -6.41
N ARG A 210 -14.56 4.39 -5.59
CA ARG A 210 -13.69 5.09 -4.65
C ARG A 210 -12.57 5.83 -5.41
N VAL A 211 -12.03 5.19 -6.46
CA VAL A 211 -11.01 5.77 -7.31
C VAL A 211 -11.57 7.00 -8.04
N ALA A 212 -12.84 6.92 -8.47
CA ALA A 212 -13.51 8.02 -9.15
C ALA A 212 -13.89 9.15 -8.17
N SER A 213 -13.99 8.84 -6.87
CA SER A 213 -14.40 9.81 -5.87
C SER A 213 -13.27 10.79 -5.50
N TYR A 214 -12.00 10.37 -5.65
CA TYR A 214 -10.85 11.25 -5.40
C TYR A 214 -10.73 12.30 -6.52
N MET A 215 -11.25 11.98 -7.72
CA MET A 215 -11.26 12.89 -8.86
C MET A 215 -12.34 13.98 -8.68
N GLU A 216 -13.39 13.68 -7.90
CA GLU A 216 -14.47 14.64 -7.58
C GLU A 216 -14.03 15.64 -6.49
N ASN A 217 -12.84 15.43 -5.90
CA ASN A 217 -12.31 16.33 -4.85
C ASN A 217 -11.01 17.00 -5.31
N ALA A 218 -10.43 16.56 -6.45
CA ALA A 218 -9.18 17.08 -6.97
C ALA A 218 -9.39 17.82 -8.30
N ASN A 219 -8.35 18.54 -8.75
CA ASN A 219 -8.33 19.20 -10.05
C ASN A 219 -7.97 18.17 -11.15
N GLU A 220 -8.09 18.57 -12.42
CA GLU A 220 -7.77 17.70 -13.56
C GLU A 220 -6.24 17.48 -13.65
N GLU A 221 -5.45 18.42 -13.09
CA GLU A 221 -3.99 18.34 -13.08
C GLU A 221 -3.51 17.22 -12.13
N ASP A 222 -4.33 16.87 -11.13
CA ASP A 222 -4.03 15.80 -10.17
C ASP A 222 -4.22 14.41 -10.81
N VAL A 223 -5.05 14.33 -11.85
CA VAL A 223 -5.38 13.06 -12.52
C VAL A 223 -4.22 12.62 -13.44
N LEU A 224 -3.23 13.50 -13.69
CA LEU A 224 -2.07 13.20 -14.53
C LEU A 224 -1.06 12.26 -13.83
N ASN A 225 -1.30 11.92 -12.55
CA ASN A 225 -0.47 11.00 -11.78
C ASN A 225 -1.31 9.79 -11.33
N PHE A 226 -2.53 9.65 -11.88
CA PHE A 226 -3.43 8.56 -11.53
C PHE A 226 -2.90 7.24 -12.10
N ALA A 227 -2.49 6.35 -11.20
CA ALA A 227 -2.12 4.97 -11.51
C ALA A 227 -2.44 4.08 -10.31
N MET A 228 -2.31 2.76 -10.48
CA MET A 228 -2.49 1.81 -9.38
C MET A 228 -1.69 0.53 -9.62
N LEU A 229 -1.42 -0.21 -8.54
CA LEU A 229 -0.68 -1.48 -8.57
C LEU A 229 -1.56 -2.58 -7.96
N GLY A 230 -1.10 -3.84 -8.09
CA GLY A 230 -1.72 -4.99 -7.44
C GLY A 230 -0.62 -5.96 -6.97
N LEU A 231 -1.02 -6.97 -6.18
CA LEU A 231 -0.08 -7.95 -5.62
C LEU A 231 -0.66 -9.37 -5.79
N GLY A 232 -0.15 -10.07 -6.80
CA GLY A 232 -0.48 -11.46 -7.12
C GLY A 232 0.81 -12.30 -7.11
N PRO A 233 0.79 -13.49 -7.74
CA PRO A 233 1.95 -14.37 -7.81
C PRO A 233 3.06 -13.76 -8.68
N ASN A 234 4.23 -14.42 -8.70
CA ASN A 234 5.42 -13.98 -9.43
C ASN A 234 5.71 -14.96 -10.56
N TRP A 235 5.43 -14.53 -11.81
CA TRP A 235 5.80 -15.29 -12.99
C TRP A 235 7.33 -15.33 -13.15
N GLU A 236 7.81 -16.29 -13.97
CA GLU A 236 9.23 -16.53 -14.26
C GLU A 236 10.10 -16.40 -13.00
N MET A 1 25.78 14.40 7.29
CA MET A 1 24.63 13.58 7.69
C MET A 1 23.47 13.73 6.69
N SER A 2 22.32 13.12 7.01
CA SER A 2 21.11 13.16 6.20
C SER A 2 20.46 14.57 6.21
N GLY A 3 19.25 14.67 5.64
CA GLY A 3 18.52 15.93 5.44
C GLY A 3 18.08 16.58 6.77
N GLU A 4 17.16 17.56 6.65
CA GLU A 4 16.74 18.44 7.75
C GLU A 4 16.23 17.66 8.98
N ASN A 5 15.75 16.42 8.79
CA ASN A 5 15.38 15.55 9.90
C ASN A 5 15.55 14.08 9.47
N ARG A 6 16.81 13.63 9.37
CA ARG A 6 17.18 12.24 9.04
C ARG A 6 16.54 11.77 7.70
N ALA A 7 16.19 12.73 6.82
CA ALA A 7 15.41 12.46 5.60
C ALA A 7 16.17 11.58 4.60
N VAL A 8 15.39 10.97 3.68
CA VAL A 8 15.91 10.14 2.58
C VAL A 8 15.15 10.45 1.29
N VAL A 9 15.68 9.96 0.16
CA VAL A 9 15.01 10.08 -1.14
C VAL A 9 13.86 9.04 -1.23
N PRO A 10 12.76 9.37 -1.93
CA PRO A 10 11.63 8.47 -2.17
C PRO A 10 11.94 7.54 -3.35
N ILE A 11 11.03 6.60 -3.65
CA ILE A 11 11.10 5.80 -4.87
C ILE A 11 10.58 6.63 -6.07
N GLU A 12 10.74 6.09 -7.30
CA GLU A 12 10.15 6.69 -8.49
C GLU A 12 9.90 5.62 -9.56
N SER A 13 10.74 4.57 -9.59
CA SER A 13 10.54 3.39 -10.43
C SER A 13 9.55 2.46 -9.72
N ASN A 14 8.28 2.87 -9.65
CA ASN A 14 7.27 2.27 -8.78
C ASN A 14 7.12 0.75 -8.94
N PRO A 15 7.01 0.17 -10.17
CA PRO A 15 6.75 -1.26 -10.33
C PRO A 15 7.97 -2.13 -9.98
N GLU A 16 9.15 -1.79 -10.51
CA GLU A 16 10.38 -2.56 -10.32
C GLU A 16 10.78 -2.59 -8.84
N VAL A 17 10.79 -1.41 -8.19
CA VAL A 17 11.20 -1.25 -6.78
C VAL A 17 10.18 -1.94 -5.84
N PHE A 18 8.96 -2.23 -6.33
CA PHE A 18 7.94 -2.90 -5.52
C PHE A 18 8.38 -4.31 -5.12
N THR A 19 9.12 -5.01 -6.01
CA THR A 19 9.63 -6.36 -5.75
C THR A 19 10.87 -6.30 -4.84
N ASN A 20 11.65 -5.22 -4.93
CA ASN A 20 12.92 -5.09 -4.20
C ASN A 20 12.68 -5.08 -2.69
N PHE A 21 11.86 -4.14 -2.20
CA PHE A 21 11.62 -3.97 -0.78
C PHE A 21 10.68 -5.04 -0.22
N ALA A 22 9.76 -5.58 -1.05
CA ALA A 22 8.81 -6.59 -0.60
C ALA A 22 9.51 -7.90 -0.26
N HIS A 23 10.35 -8.39 -1.17
CA HIS A 23 11.05 -9.67 -1.00
C HIS A 23 12.13 -9.57 0.09
N LYS A 24 12.66 -8.35 0.32
CA LYS A 24 13.70 -8.13 1.33
C LYS A 24 13.10 -8.22 2.76
N LEU A 25 11.80 -7.89 2.91
CA LEU A 25 11.11 -7.99 4.19
C LEU A 25 10.74 -9.45 4.50
N GLY A 26 10.75 -10.33 3.48
CA GLY A 26 10.55 -11.77 3.68
C GLY A 26 9.53 -12.38 2.72
N LEU A 27 8.90 -11.56 1.84
CA LEU A 27 7.88 -12.05 0.92
C LEU A 27 8.52 -13.05 -0.06
N LYS A 28 7.77 -14.08 -0.47
CA LYS A 28 8.28 -15.10 -1.37
C LYS A 28 8.32 -14.59 -2.82
N ASN A 29 9.15 -15.23 -3.65
CA ASN A 29 9.26 -14.90 -5.08
C ASN A 29 8.03 -15.39 -5.86
N GLU A 30 7.18 -16.20 -5.23
CA GLU A 30 5.96 -16.75 -5.82
C GLU A 30 4.88 -15.66 -6.02
N TRP A 31 5.16 -14.42 -5.60
CA TRP A 31 4.20 -13.32 -5.65
C TRP A 31 4.93 -12.02 -6.03
N ALA A 32 4.40 -11.32 -7.05
CA ALA A 32 4.99 -10.07 -7.53
C ALA A 32 3.90 -9.11 -8.03
N TYR A 33 4.30 -7.87 -8.35
CA TYR A 33 3.38 -6.82 -8.77
C TYR A 33 2.83 -7.07 -10.18
N PHE A 34 1.75 -6.36 -10.52
CA PHE A 34 1.25 -6.24 -11.90
C PHE A 34 0.52 -4.91 -12.03
N ASP A 35 0.91 -4.12 -13.04
CA ASP A 35 0.30 -2.81 -13.29
C ASP A 35 -1.11 -2.96 -13.85
N ILE A 36 -2.11 -2.72 -12.98
CA ILE A 36 -3.53 -2.81 -13.29
C ILE A 36 -3.91 -1.67 -14.26
N TYR A 37 -4.25 -2.03 -15.51
CA TYR A 37 -4.67 -1.07 -16.53
C TYR A 37 -6.11 -0.59 -16.29
N SER A 38 -6.99 -1.49 -15.82
CA SER A 38 -8.39 -1.17 -15.57
C SER A 38 -8.98 -2.09 -14.48
N LEU A 39 -10.13 -1.70 -13.94
CA LEU A 39 -10.79 -2.44 -12.84
C LEU A 39 -12.28 -2.67 -13.14
N THR A 40 -12.85 -1.97 -14.13
CA THR A 40 -14.28 -2.02 -14.42
C THR A 40 -14.56 -2.61 -15.83
N GLU A 41 -13.51 -2.79 -16.65
CA GLU A 41 -13.61 -3.53 -17.90
C GLU A 41 -13.36 -5.03 -17.60
N PRO A 42 -14.21 -5.93 -18.15
CA PRO A 42 -14.08 -7.37 -17.93
C PRO A 42 -12.92 -7.95 -18.76
N GLU A 43 -12.36 -7.16 -19.69
CA GLU A 43 -11.28 -7.59 -20.58
C GLU A 43 -9.98 -7.86 -19.80
N LEU A 44 -9.80 -7.18 -18.65
CA LEU A 44 -8.60 -7.31 -17.84
C LEU A 44 -8.76 -8.39 -16.77
N LEU A 45 -9.87 -8.33 -16.02
CA LEU A 45 -10.07 -9.21 -14.86
C LEU A 45 -10.45 -10.66 -15.26
N ALA A 46 -10.82 -10.88 -16.53
CA ALA A 46 -11.12 -12.23 -17.03
C ALA A 46 -9.83 -12.97 -17.43
N PHE A 47 -8.73 -12.23 -17.66
CA PHE A 47 -7.45 -12.80 -18.06
C PHE A 47 -6.67 -13.36 -16.85
N LEU A 48 -7.12 -13.05 -15.63
CA LEU A 48 -6.48 -13.46 -14.39
C LEU A 48 -6.60 -14.98 -14.20
N PRO A 49 -5.48 -15.74 -14.17
CA PRO A 49 -5.50 -17.17 -13.95
C PRO A 49 -5.76 -17.50 -12.46
N ARG A 50 -5.40 -16.57 -11.56
CA ARG A 50 -5.49 -16.73 -10.11
C ARG A 50 -5.93 -15.39 -9.47
N PRO A 51 -6.42 -15.42 -8.21
CA PRO A 51 -6.93 -14.24 -7.51
C PRO A 51 -5.80 -13.31 -7.03
N VAL A 52 -6.20 -12.17 -6.45
CA VAL A 52 -5.29 -11.12 -5.96
C VAL A 52 -5.54 -10.90 -4.46
N LYS A 53 -4.47 -10.77 -3.65
CA LYS A 53 -4.57 -10.60 -2.20
C LYS A 53 -4.63 -9.12 -1.81
N ALA A 54 -3.94 -8.24 -2.56
CA ALA A 54 -3.87 -6.82 -2.21
C ALA A 54 -3.74 -5.95 -3.47
N ILE A 55 -4.03 -4.65 -3.31
CA ILE A 55 -3.98 -3.64 -4.38
C ILE A 55 -3.38 -2.35 -3.79
N VAL A 56 -2.70 -1.58 -4.65
CA VAL A 56 -2.07 -0.30 -4.29
C VAL A 56 -2.46 0.77 -5.32
N LEU A 57 -2.47 2.03 -4.88
CA LEU A 57 -2.84 3.17 -5.71
C LEU A 57 -1.78 4.27 -5.57
N LEU A 58 -1.57 5.02 -6.66
CA LEU A 58 -0.66 6.17 -6.69
C LEU A 58 -1.40 7.34 -7.32
N PHE A 59 -1.86 8.26 -6.47
CA PHE A 59 -2.61 9.44 -6.86
C PHE A 59 -2.34 10.55 -5.83
N PRO A 60 -2.09 11.81 -6.26
CA PRO A 60 -1.85 12.95 -5.37
C PRO A 60 -3.10 13.28 -4.54
N ILE A 61 -2.93 14.15 -3.53
CA ILE A 61 -4.01 14.52 -2.62
C ILE A 61 -4.13 16.04 -2.54
N ASN A 62 -5.11 16.59 -3.29
CA ASN A 62 -5.36 18.01 -3.39
C ASN A 62 -5.92 18.57 -2.05
N GLU A 63 -6.08 19.90 -1.98
CA GLU A 63 -6.46 20.60 -0.75
C GLU A 63 -7.70 21.49 -0.92
N ASP A 64 -8.31 21.49 -2.13
CA ASP A 64 -9.53 22.27 -2.39
C ASP A 64 -10.72 21.71 -1.59
N ARG A 65 -10.70 20.40 -1.30
CA ARG A 65 -11.69 19.76 -0.45
C ARG A 65 -11.08 18.48 0.12
N LYS A 66 -11.40 18.20 1.40
CA LYS A 66 -11.00 16.98 2.07
C LYS A 66 -12.14 16.57 3.02
N SER A 67 -12.94 15.58 2.59
CA SER A 67 -14.15 15.17 3.30
C SER A 67 -13.84 14.52 4.67
N SER A 68 -12.57 14.10 4.88
CA SER A 68 -12.07 13.55 6.16
C SER A 68 -13.07 12.56 6.82
N THR A 69 -13.70 11.69 6.00
CA THR A 69 -14.77 10.78 6.43
C THR A 69 -14.29 9.69 7.42
N SER A 70 -12.98 9.62 7.69
CA SER A 70 -12.43 8.71 8.69
C SER A 70 -12.38 9.42 10.05
N GLN A 71 -13.44 9.25 10.87
CA GLN A 71 -13.50 9.82 12.22
C GLN A 71 -12.51 9.10 13.16
N GLN A 72 -12.26 9.71 14.33
CA GLN A 72 -11.33 9.19 15.33
C GLN A 72 -11.93 7.94 15.99
N ILE A 73 -11.24 6.80 15.86
CA ILE A 73 -11.70 5.52 16.39
C ILE A 73 -10.50 4.72 16.92
N THR A 74 -10.75 3.90 17.95
CA THR A 74 -9.72 3.07 18.61
C THR A 74 -10.28 1.70 19.05
N SER A 75 -11.57 1.42 18.75
CA SER A 75 -12.27 0.23 19.22
C SER A 75 -11.67 -1.07 18.63
N SER A 76 -10.89 -0.96 17.53
CA SER A 76 -10.08 -1.98 16.86
C SER A 76 -10.82 -2.48 15.62
N TYR A 77 -10.06 -3.07 14.70
CA TYR A 77 -10.59 -3.67 13.49
C TYR A 77 -9.88 -4.99 13.21
N ASP A 78 -10.51 -5.79 12.36
CA ASP A 78 -9.96 -7.04 11.86
C ASP A 78 -8.80 -6.81 10.88
N VAL A 79 -8.53 -5.54 10.50
CA VAL A 79 -7.42 -5.17 9.63
C VAL A 79 -6.29 -4.54 10.48
N ILE A 80 -5.11 -4.38 9.88
CA ILE A 80 -3.91 -3.86 10.52
C ILE A 80 -3.44 -2.59 9.80
N TRP A 81 -3.02 -1.58 10.58
CA TRP A 81 -2.48 -0.34 10.05
C TRP A 81 -1.42 0.22 11.02
N PHE A 82 -0.62 1.18 10.52
CA PHE A 82 0.37 1.89 11.34
C PHE A 82 0.57 3.31 10.82
N LYS A 83 1.03 4.19 11.71
CA LYS A 83 1.21 5.61 11.45
C LYS A 83 2.44 5.85 10.56
N GLN A 84 2.27 6.60 9.47
CA GLN A 84 3.37 6.99 8.59
C GLN A 84 4.01 8.28 9.11
N SER A 85 5.01 8.12 10.00
CA SER A 85 5.79 9.25 10.51
C SER A 85 6.93 9.60 9.53
N VAL A 86 7.16 8.78 8.51
CA VAL A 86 8.19 8.99 7.50
C VAL A 86 7.55 9.49 6.18
N LYS A 87 7.61 10.81 5.97
CA LYS A 87 7.17 11.43 4.73
C LYS A 87 8.23 11.24 3.62
N ASN A 88 9.44 10.82 4.01
CA ASN A 88 10.61 10.79 3.15
C ASN A 88 10.61 9.58 2.19
N ALA A 89 9.84 8.53 2.51
CA ALA A 89 9.77 7.32 1.72
C ALA A 89 8.31 6.88 1.60
N CYS A 90 7.61 7.47 0.63
CA CYS A 90 6.16 7.36 0.45
C CYS A 90 5.79 5.98 -0.11
N GLY A 91 6.42 5.59 -1.23
CA GLY A 91 6.12 4.34 -1.90
C GLY A 91 6.77 3.15 -1.18
N LEU A 92 7.79 3.40 -0.35
CA LEU A 92 8.38 2.37 0.50
C LEU A 92 7.34 1.91 1.53
N TYR A 93 6.63 2.87 2.13
CA TYR A 93 5.62 2.59 3.13
C TYR A 93 4.36 1.98 2.50
N ALA A 94 4.13 2.25 1.20
CA ALA A 94 3.00 1.67 0.47
C ALA A 94 3.20 0.15 0.25
N ILE A 95 4.47 -0.30 0.16
CA ILE A 95 4.81 -1.71 0.04
C ILE A 95 4.70 -2.38 1.43
N LEU A 96 5.08 -1.64 2.49
CA LEU A 96 5.13 -2.17 3.85
C LEU A 96 3.72 -2.39 4.43
N HIS A 97 2.71 -1.65 3.95
CA HIS A 97 1.34 -1.80 4.43
C HIS A 97 0.77 -3.17 4.04
N SER A 98 1.03 -3.60 2.80
CA SER A 98 0.59 -4.91 2.33
C SER A 98 1.40 -6.02 2.97
N LEU A 99 2.71 -5.78 3.21
CA LEU A 99 3.60 -6.76 3.83
C LEU A 99 3.17 -7.07 5.28
N SER A 100 2.53 -6.09 5.94
CA SER A 100 2.04 -6.21 7.31
C SER A 100 0.81 -7.15 7.39
N ASN A 101 0.24 -7.54 6.24
CA ASN A 101 -0.92 -8.44 6.19
C ASN A 101 -0.69 -9.62 5.20
N ASN A 102 0.49 -9.67 4.57
CA ASN A 102 0.92 -10.82 3.74
C ASN A 102 1.36 -12.00 4.64
N GLN A 103 0.87 -12.06 5.88
CA GLN A 103 1.20 -13.10 6.86
C GLN A 103 0.93 -14.52 6.32
N SER A 104 -0.04 -14.66 5.40
CA SER A 104 -0.46 -15.95 4.87
C SER A 104 0.52 -16.51 3.82
N LEU A 105 1.42 -15.66 3.30
CA LEU A 105 2.38 -16.03 2.26
C LEU A 105 3.82 -15.63 2.62
N LEU A 106 4.02 -15.03 3.81
CA LEU A 106 5.35 -14.64 4.29
C LEU A 106 6.16 -15.89 4.66
N GLU A 107 7.50 -15.74 4.64
CA GLU A 107 8.44 -16.77 5.09
C GLU A 107 8.71 -16.53 6.59
N PRO A 108 8.81 -17.61 7.41
CA PRO A 108 9.08 -17.48 8.83
C PRO A 108 10.54 -17.09 9.07
N GLY A 109 10.81 -16.50 10.26
CA GLY A 109 12.14 -16.07 10.66
C GLY A 109 12.62 -14.82 9.90
N SER A 110 11.80 -14.32 8.95
CA SER A 110 12.12 -13.13 8.17
C SER A 110 12.01 -11.86 9.03
N ASP A 111 12.37 -10.71 8.45
CA ASP A 111 12.40 -9.43 9.17
C ASP A 111 10.98 -9.00 9.58
N LEU A 112 9.97 -9.27 8.75
CA LEU A 112 8.58 -8.94 9.05
C LEU A 112 8.00 -9.93 10.08
N ASP A 113 8.46 -11.20 10.04
CA ASP A 113 7.99 -12.22 10.97
C ASP A 113 8.55 -11.96 12.38
N ASN A 114 9.75 -11.37 12.48
CA ASN A 114 10.36 -10.98 13.76
C ASN A 114 9.73 -9.68 14.30
N PHE A 115 9.07 -8.91 13.42
CA PHE A 115 8.39 -7.66 13.80
C PHE A 115 7.17 -8.00 14.69
N LEU A 116 6.39 -9.01 14.29
CA LEU A 116 5.22 -9.45 15.06
C LEU A 116 5.63 -10.19 16.34
N LYS A 117 6.81 -10.83 16.33
CA LYS A 117 7.30 -11.57 17.50
C LYS A 117 7.65 -10.58 18.62
N SER A 118 8.43 -9.54 18.30
CA SER A 118 8.90 -8.57 19.28
C SER A 118 7.78 -7.60 19.71
N GLN A 119 6.73 -7.46 18.88
CA GLN A 119 5.58 -6.60 19.19
C GLN A 119 4.58 -7.34 20.09
N SER A 120 4.57 -8.68 20.04
CA SER A 120 3.79 -9.49 20.97
C SER A 120 4.50 -9.58 22.34
N ASP A 121 5.80 -9.24 22.38
CA ASP A 121 6.55 -9.15 23.63
C ASP A 121 6.34 -7.77 24.28
N THR A 122 5.84 -6.79 23.52
CA THR A 122 5.47 -5.47 24.02
C THR A 122 4.03 -5.53 24.56
N SER A 123 3.67 -4.59 25.46
CA SER A 123 2.32 -4.52 26.03
C SER A 123 1.28 -4.03 25.00
N SER A 124 1.74 -3.46 23.87
CA SER A 124 0.88 -2.97 22.81
C SER A 124 0.35 -4.14 21.96
N SER A 125 -0.76 -3.92 21.23
CA SER A 125 -1.34 -4.92 20.35
C SER A 125 -0.52 -5.06 19.05
N LYS A 126 -0.87 -6.06 18.23
CA LYS A 126 -0.24 -6.28 16.93
C LYS A 126 -0.71 -5.23 15.89
N ASN A 127 -1.78 -4.49 16.20
CA ASN A 127 -2.39 -3.52 15.29
C ASN A 127 -1.96 -2.09 15.62
N ARG A 128 -1.12 -1.91 16.66
CA ARG A 128 -0.72 -0.60 17.14
C ARG A 128 0.80 -0.52 17.27
N PHE A 129 1.41 0.35 16.46
CA PHE A 129 2.85 0.52 16.37
C PHE A 129 3.20 1.90 16.96
N ASP A 130 3.32 1.97 18.29
CA ASP A 130 3.50 3.24 19.02
C ASP A 130 4.73 3.18 19.95
N ASP A 131 5.40 2.03 20.04
CA ASP A 131 6.64 1.91 20.81
C ASP A 131 7.80 2.52 20.02
N VAL A 132 8.94 2.77 20.69
CA VAL A 132 10.14 3.29 20.03
C VAL A 132 10.84 2.19 19.22
N THR A 133 10.57 0.91 19.52
CA THR A 133 11.19 -0.23 18.86
C THR A 133 10.53 -0.53 17.51
N THR A 134 9.25 -0.15 17.33
CA THR A 134 8.56 -0.35 16.05
C THR A 134 9.04 0.68 15.02
N ASP A 135 9.47 1.86 15.48
CA ASP A 135 10.06 2.89 14.64
C ASP A 135 11.52 2.53 14.29
N GLN A 136 12.19 1.74 15.15
CA GLN A 136 13.57 1.36 14.93
C GLN A 136 13.71 0.42 13.72
N PHE A 137 12.69 -0.44 13.49
CA PHE A 137 12.69 -1.38 12.38
C PHE A 137 12.64 -0.63 11.04
N VAL A 138 11.63 0.24 10.87
CA VAL A 138 11.41 0.98 9.64
C VAL A 138 12.53 2.01 9.37
N LEU A 139 13.25 2.42 10.42
CA LEU A 139 14.33 3.41 10.30
C LEU A 139 15.62 2.77 9.74
N ASN A 140 15.75 1.44 9.83
CA ASN A 140 16.89 0.73 9.23
C ASN A 140 16.67 0.46 7.73
N VAL A 141 15.40 0.46 7.28
CA VAL A 141 15.06 0.15 5.89
C VAL A 141 15.40 1.33 4.96
N ILE A 142 15.23 2.57 5.45
CA ILE A 142 15.48 3.77 4.66
C ILE A 142 16.99 4.02 4.44
N LYS A 143 17.85 3.33 5.22
CA LYS A 143 19.30 3.42 5.07
C LYS A 143 19.77 2.75 3.76
N GLU A 144 18.94 1.83 3.22
CA GLU A 144 19.27 1.06 2.04
C GLU A 144 19.18 1.89 0.74
N ASN A 145 18.64 3.13 0.81
CA ASN A 145 18.42 3.94 -0.40
C ASN A 145 19.02 5.35 -0.32
N VAL A 146 19.58 5.75 0.84
CA VAL A 146 20.12 7.11 1.02
C VAL A 146 21.67 7.12 1.06
N GLN A 147 22.31 5.99 1.37
CA GLN A 147 23.77 5.88 1.30
C GLN A 147 24.17 5.49 -0.10
N THR A 148 23.50 4.47 -0.63
CA THR A 148 23.70 4.02 -2.00
C THR A 148 22.34 3.59 -2.56
N PHE A 149 22.24 3.59 -3.88
CA PHE A 149 21.08 3.14 -4.65
C PHE A 149 19.85 4.01 -4.36
N SER A 150 19.87 5.25 -4.85
CA SER A 150 18.70 6.14 -4.82
C SER A 150 17.60 5.53 -5.69
N THR A 151 16.55 5.00 -5.03
CA THR A 151 15.43 4.34 -5.70
C THR A 151 14.57 5.32 -6.52
N GLY A 152 14.91 6.63 -6.48
CA GLY A 152 14.23 7.65 -7.25
C GLY A 152 14.90 7.84 -8.61
N GLN A 153 14.75 6.83 -9.50
CA GLN A 153 15.33 6.81 -10.85
C GLN A 153 16.87 7.01 -10.86
N SER A 154 17.52 6.80 -9.69
CA SER A 154 18.97 7.00 -9.49
C SER A 154 19.42 8.46 -9.71
N GLU A 155 18.47 9.36 -9.97
CA GLU A 155 18.73 10.78 -10.17
C GLU A 155 18.89 11.51 -8.82
N ALA A 156 18.74 10.78 -7.70
CA ALA A 156 18.81 11.31 -6.33
C ALA A 156 18.02 12.62 -6.19
N PRO A 157 16.67 12.55 -6.29
CA PRO A 157 15.78 13.70 -6.21
C PRO A 157 15.69 14.22 -4.77
N GLU A 158 14.83 15.23 -4.55
CA GLU A 158 14.56 15.78 -3.22
C GLU A 158 13.98 14.69 -2.30
N ALA A 159 13.88 14.98 -0.99
CA ALA A 159 13.39 14.06 0.03
C ALA A 159 11.93 13.64 -0.21
N THR A 160 11.22 14.34 -1.11
CA THR A 160 9.86 13.99 -1.54
C THR A 160 9.77 14.15 -3.07
N ALA A 161 8.61 13.81 -3.65
CA ALA A 161 8.37 13.98 -5.08
C ALA A 161 8.33 15.48 -5.43
N ASP A 162 8.41 15.79 -6.73
CA ASP A 162 8.41 17.16 -7.23
C ASP A 162 7.03 17.83 -7.08
N THR A 163 5.99 17.03 -6.76
CA THR A 163 4.63 17.53 -6.56
C THR A 163 3.96 16.72 -5.41
N ASN A 164 2.67 16.99 -5.14
CA ASN A 164 1.94 16.50 -3.97
C ASN A 164 1.49 15.01 -4.08
N LEU A 165 2.26 14.16 -4.81
CA LEU A 165 1.94 12.74 -5.00
C LEU A 165 1.71 12.04 -3.64
N HIS A 166 0.68 11.18 -3.58
CA HIS A 166 0.26 10.50 -2.36
C HIS A 166 -0.03 9.01 -2.68
N TYR A 167 -0.19 8.19 -1.63
CA TYR A 167 -0.44 6.76 -1.78
C TYR A 167 -1.63 6.32 -0.91
N ILE A 168 -2.34 5.29 -1.38
CA ILE A 168 -3.40 4.62 -0.65
C ILE A 168 -3.21 3.10 -0.85
N THR A 169 -3.57 2.28 0.15
CA THR A 169 -3.39 0.83 0.08
C THR A 169 -4.70 0.12 0.48
N TYR A 170 -4.96 -1.03 -0.15
CA TYR A 170 -6.23 -1.75 -0.02
C TYR A 170 -5.95 -3.25 0.12
N VAL A 171 -6.62 -3.89 1.09
CA VAL A 171 -6.53 -5.32 1.35
C VAL A 171 -7.90 -5.85 1.84
N GLU A 172 -8.01 -7.18 2.00
CA GLU A 172 -9.24 -7.83 2.44
C GLU A 172 -8.98 -8.65 3.72
N GLU A 173 -9.99 -8.73 4.60
CA GLU A 173 -9.93 -9.46 5.86
C GLU A 173 -11.33 -10.00 6.18
N ASN A 174 -11.43 -11.33 6.40
CA ASN A 174 -12.67 -12.04 6.74
C ASN A 174 -13.79 -11.84 5.69
N GLY A 175 -13.42 -11.42 4.46
CA GLY A 175 -14.36 -11.23 3.36
C GLY A 175 -14.88 -9.79 3.28
N GLY A 176 -14.42 -8.90 4.19
CA GLY A 176 -14.76 -7.49 4.18
C GLY A 176 -13.67 -6.66 3.50
N ILE A 177 -14.01 -5.43 3.12
CA ILE A 177 -13.11 -4.51 2.45
C ILE A 177 -12.59 -3.49 3.46
N PHE A 178 -11.29 -3.21 3.38
CA PHE A 178 -10.60 -2.24 4.24
C PHE A 178 -9.55 -1.52 3.41
N GLU A 179 -9.70 -0.19 3.24
CA GLU A 179 -8.75 0.62 2.50
C GLU A 179 -8.02 1.55 3.47
N LEU A 180 -6.78 1.18 3.78
CA LEU A 180 -5.93 1.86 4.75
C LEU A 180 -5.41 3.17 4.15
N ASP A 181 -5.25 4.18 5.00
CA ASP A 181 -4.64 5.45 4.65
C ASP A 181 -3.81 5.93 5.83
N GLY A 182 -2.47 5.92 5.70
CA GLY A 182 -1.57 6.22 6.79
C GLY A 182 -1.54 7.72 7.16
N ARG A 183 -2.09 8.60 6.30
CA ARG A 183 -2.18 10.02 6.60
C ARG A 183 -3.46 10.33 7.39
N ASN A 184 -4.46 9.41 7.34
CA ASN A 184 -5.61 9.46 8.24
C ASN A 184 -5.19 8.86 9.58
N LEU A 185 -4.60 9.71 10.43
CA LEU A 185 -4.13 9.36 11.76
C LEU A 185 -5.32 9.00 12.68
N SER A 186 -6.54 9.38 12.28
CA SER A 186 -7.77 9.06 13.00
C SER A 186 -8.11 7.56 12.94
N GLY A 187 -7.42 6.80 12.07
CA GLY A 187 -7.60 5.36 11.92
C GLY A 187 -7.95 4.99 10.46
N PRO A 188 -8.19 3.68 10.21
CA PRO A 188 -8.57 3.17 8.90
C PRO A 188 -10.06 3.47 8.62
N LEU A 189 -10.53 3.14 7.41
CA LEU A 189 -11.93 3.34 7.03
C LEU A 189 -12.40 2.17 6.15
N TYR A 190 -13.19 1.27 6.76
CA TYR A 190 -13.79 0.13 6.08
C TYR A 190 -14.94 0.59 5.16
N LEU A 191 -15.31 -0.25 4.19
CA LEU A 191 -16.40 0.04 3.25
C LEU A 191 -17.61 -0.84 3.56
N GLY A 192 -17.38 -2.14 3.81
CA GLY A 192 -18.45 -3.09 4.09
C GLY A 192 -18.20 -4.44 3.41
N LYS A 193 -19.24 -5.29 3.39
CA LYS A 193 -19.19 -6.63 2.79
C LYS A 193 -18.84 -6.54 1.30
N SER A 194 -18.16 -7.57 0.79
CA SER A 194 -17.77 -7.67 -0.63
C SER A 194 -19.03 -7.83 -1.52
N ASP A 195 -18.87 -7.53 -2.82
CA ASP A 195 -19.92 -7.71 -3.82
C ASP A 195 -20.16 -9.21 -4.08
N PRO A 196 -21.38 -9.58 -4.54
CA PRO A 196 -21.71 -10.95 -4.92
C PRO A 196 -21.14 -11.31 -6.32
N THR A 197 -20.53 -10.32 -7.00
CA THR A 197 -19.96 -10.48 -8.35
C THR A 197 -18.42 -10.45 -8.31
N ALA A 198 -17.83 -10.42 -7.10
CA ALA A 198 -16.39 -10.33 -6.88
C ALA A 198 -15.64 -11.45 -7.62
N THR A 199 -14.89 -11.09 -8.66
CA THR A 199 -14.05 -12.04 -9.39
C THR A 199 -12.90 -12.48 -8.50
N ASP A 200 -12.25 -11.51 -7.82
CA ASP A 200 -11.19 -11.77 -6.86
C ASP A 200 -11.05 -10.59 -5.89
N LEU A 201 -10.76 -9.39 -6.42
CA LEU A 201 -10.52 -8.19 -5.61
C LEU A 201 -10.59 -6.93 -6.50
N ILE A 202 -10.31 -7.09 -7.81
CA ILE A 202 -10.25 -5.99 -8.77
C ILE A 202 -11.66 -5.63 -9.28
N GLU A 203 -12.62 -6.57 -9.18
CA GLU A 203 -13.98 -6.39 -9.69
C GLU A 203 -14.80 -5.43 -8.79
N GLN A 204 -14.34 -5.20 -7.55
CA GLN A 204 -15.07 -4.46 -6.52
C GLN A 204 -15.47 -3.05 -6.98
N GLU A 205 -16.78 -2.85 -7.19
CA GLU A 205 -17.35 -1.56 -7.58
C GLU A 205 -17.29 -0.56 -6.41
N LEU A 206 -17.40 -1.06 -5.15
CA LEU A 206 -17.38 -0.22 -3.95
C LEU A 206 -15.99 0.42 -3.75
N VAL A 207 -14.93 -0.22 -4.28
CA VAL A 207 -13.58 0.31 -4.25
C VAL A 207 -13.39 1.32 -5.39
N ARG A 208 -14.04 1.05 -6.55
CA ARG A 208 -13.90 1.88 -7.75
C ARG A 208 -14.52 3.28 -7.53
N VAL A 209 -15.65 3.35 -6.81
CA VAL A 209 -16.33 4.62 -6.54
C VAL A 209 -15.60 5.43 -5.46
N ARG A 210 -14.76 4.78 -4.63
CA ARG A 210 -13.98 5.49 -3.62
C ARG A 210 -12.83 6.28 -4.27
N VAL A 211 -12.34 5.81 -5.43
CA VAL A 211 -11.35 6.52 -6.24
C VAL A 211 -12.05 7.68 -6.98
N ALA A 212 -13.32 7.48 -7.36
CA ALA A 212 -14.13 8.50 -8.01
C ALA A 212 -14.62 9.56 -7.00
N SER A 213 -14.52 9.27 -5.69
CA SER A 213 -14.99 10.16 -4.65
C SER A 213 -14.02 11.34 -4.47
N TYR A 214 -12.72 11.03 -4.27
CA TYR A 214 -11.71 12.06 -4.00
C TYR A 214 -11.18 12.75 -5.28
N MET A 215 -11.47 12.21 -6.48
CA MET A 215 -11.06 12.84 -7.74
C MET A 215 -11.97 14.05 -8.07
N GLU A 216 -13.21 14.04 -7.53
CA GLU A 216 -14.15 15.15 -7.63
C GLU A 216 -13.73 16.28 -6.69
N ASN A 217 -12.85 15.98 -5.72
CA ASN A 217 -12.35 16.94 -4.74
C ASN A 217 -11.01 17.55 -5.23
N ALA A 218 -10.39 16.92 -6.24
CA ALA A 218 -9.10 17.36 -6.80
C ALA A 218 -9.29 18.05 -8.16
N ASN A 219 -8.22 18.71 -8.65
CA ASN A 219 -8.21 19.38 -9.95
C ASN A 219 -7.87 18.40 -11.08
N GLU A 220 -7.92 18.89 -12.33
CA GLU A 220 -7.63 18.14 -13.55
C GLU A 220 -6.14 17.76 -13.64
N GLU A 221 -5.27 18.50 -12.93
CA GLU A 221 -3.83 18.24 -12.94
C GLU A 221 -3.48 17.03 -12.03
N ASP A 222 -4.32 16.77 -11.01
CA ASP A 222 -4.10 15.67 -10.07
C ASP A 222 -4.44 14.32 -10.70
N VAL A 223 -5.50 14.27 -11.53
CA VAL A 223 -5.98 13.03 -12.15
C VAL A 223 -5.09 12.58 -13.32
N LEU A 224 -4.11 13.42 -13.71
CA LEU A 224 -3.12 13.06 -14.72
C LEU A 224 -2.20 11.95 -14.17
N ASN A 225 -1.87 12.04 -12.88
CA ASN A 225 -0.91 11.16 -12.20
C ASN A 225 -1.55 9.80 -11.78
N PHE A 226 -2.78 9.50 -12.22
CA PHE A 226 -3.47 8.27 -11.84
C PHE A 226 -2.71 7.05 -12.36
N ALA A 227 -2.39 6.13 -11.45
CA ALA A 227 -1.81 4.82 -11.76
C ALA A 227 -2.30 3.81 -10.72
N MET A 228 -2.36 2.53 -11.12
CA MET A 228 -2.85 1.46 -10.26
C MET A 228 -1.99 0.22 -10.46
N LEU A 229 -1.66 -0.47 -9.35
CA LEU A 229 -0.90 -1.72 -9.32
C LEU A 229 -1.64 -2.73 -8.43
N GLY A 230 -1.24 -4.00 -8.51
CA GLY A 230 -1.82 -5.09 -7.73
C GLY A 230 -0.75 -6.08 -7.30
N LEU A 231 -1.12 -7.06 -6.46
CA LEU A 231 -0.21 -8.08 -5.95
C LEU A 231 -0.84 -9.45 -6.10
N GLY A 232 -0.45 -10.16 -7.18
CA GLY A 232 -0.90 -11.50 -7.51
C GLY A 232 0.30 -12.45 -7.63
N PRO A 233 0.07 -13.72 -8.03
CA PRO A 233 1.11 -14.70 -8.19
C PRO A 233 2.05 -14.32 -9.35
N ASN A 234 3.35 -14.43 -9.09
CA ASN A 234 4.43 -14.01 -10.00
C ASN A 234 4.41 -14.80 -11.31
N TRP A 235 5.01 -14.21 -12.35
CA TRP A 235 5.19 -14.81 -13.67
C TRP A 235 6.69 -14.93 -13.97
N GLU A 236 7.02 -15.74 -14.99
CA GLU A 236 8.39 -16.04 -15.43
C GLU A 236 9.28 -16.45 -14.24
N MET A 1 28.71 -3.00 -6.97
CA MET A 1 27.80 -2.30 -6.04
C MET A 1 26.70 -1.57 -6.84
N SER A 2 27.10 -0.64 -7.72
CA SER A 2 26.19 0.16 -8.54
C SER A 2 26.81 0.35 -9.92
N GLY A 3 26.34 -0.44 -10.91
CA GLY A 3 26.80 -0.36 -12.30
C GLY A 3 27.93 -1.35 -12.61
N GLU A 4 28.36 -2.14 -11.60
CA GLU A 4 29.41 -3.15 -11.77
C GLU A 4 29.07 -4.37 -10.91
N ASN A 5 28.80 -5.51 -11.58
CA ASN A 5 28.36 -6.78 -10.97
C ASN A 5 26.97 -6.69 -10.31
N ARG A 6 26.42 -5.48 -10.17
CA ARG A 6 25.08 -5.25 -9.65
C ARG A 6 24.58 -3.91 -10.21
N ALA A 7 23.98 -3.97 -11.41
CA ALA A 7 23.57 -2.80 -12.16
C ALA A 7 22.52 -1.98 -11.39
N VAL A 8 22.52 -0.66 -11.64
CA VAL A 8 21.53 0.25 -11.08
C VAL A 8 20.18 0.06 -11.78
N VAL A 9 19.11 0.60 -11.17
CA VAL A 9 17.75 0.49 -11.68
C VAL A 9 17.07 1.88 -11.65
N PRO A 10 17.17 2.65 -12.76
CA PRO A 10 16.48 3.93 -12.91
C PRO A 10 14.98 3.64 -13.06
N ILE A 11 14.24 3.81 -11.96
CA ILE A 11 12.84 3.37 -11.83
C ILE A 11 11.99 3.98 -12.95
N GLU A 12 11.42 3.09 -13.77
CA GLU A 12 10.57 3.45 -14.89
C GLU A 12 9.20 3.87 -14.37
N SER A 13 8.57 2.98 -13.57
CA SER A 13 7.24 3.19 -13.00
C SER A 13 7.15 2.50 -11.63
N ASN A 14 5.97 2.57 -11.01
CA ASN A 14 5.70 2.01 -9.68
C ASN A 14 5.98 0.49 -9.55
N PRO A 15 5.65 -0.38 -10.56
CA PRO A 15 5.80 -1.83 -10.40
C PRO A 15 7.27 -2.30 -10.44
N GLU A 16 8.20 -1.41 -10.83
CA GLU A 16 9.62 -1.77 -10.89
C GLU A 16 10.23 -1.73 -9.48
N VAL A 17 10.05 -0.61 -8.76
CA VAL A 17 10.53 -0.45 -7.39
C VAL A 17 9.74 -1.38 -6.43
N PHE A 18 8.54 -1.80 -6.82
CA PHE A 18 7.68 -2.67 -6.03
C PHE A 18 8.31 -4.06 -5.85
N THR A 19 9.13 -4.50 -6.81
CA THR A 19 9.73 -5.83 -6.80
C THR A 19 10.80 -5.92 -5.71
N ASN A 20 11.71 -4.94 -5.66
CA ASN A 20 12.88 -4.96 -4.79
C ASN A 20 12.49 -4.79 -3.32
N PHE A 21 11.72 -3.73 -3.01
CA PHE A 21 11.40 -3.36 -1.63
C PHE A 21 10.42 -4.37 -0.99
N ALA A 22 9.59 -5.05 -1.80
CA ALA A 22 8.68 -6.07 -1.28
C ALA A 22 9.47 -7.30 -0.82
N HIS A 23 10.36 -7.82 -1.68
CA HIS A 23 11.13 -9.03 -1.43
C HIS A 23 12.10 -8.84 -0.24
N LYS A 24 12.49 -7.58 0.05
CA LYS A 24 13.39 -7.26 1.16
C LYS A 24 12.65 -7.28 2.51
N LEU A 25 11.33 -7.09 2.51
CA LEU A 25 10.52 -7.04 3.73
C LEU A 25 10.04 -8.45 4.15
N GLY A 26 9.99 -9.41 3.21
CA GLY A 26 9.59 -10.78 3.54
C GLY A 26 8.70 -11.44 2.49
N LEU A 27 8.37 -10.73 1.39
CA LEU A 27 7.54 -11.29 0.32
C LEU A 27 8.27 -12.48 -0.33
N LYS A 28 7.53 -13.53 -0.72
CA LYS A 28 8.09 -14.74 -1.32
C LYS A 28 8.82 -14.42 -2.63
N ASN A 29 9.74 -15.30 -3.03
CA ASN A 29 10.48 -15.21 -4.28
C ASN A 29 9.63 -15.70 -5.47
N GLU A 30 8.52 -16.40 -5.19
CA GLU A 30 7.60 -16.93 -6.22
C GLU A 30 6.27 -16.15 -6.22
N TRP A 31 6.23 -14.99 -5.53
CA TRP A 31 5.09 -14.08 -5.56
C TRP A 31 5.58 -12.69 -5.99
N ALA A 32 4.95 -12.15 -7.04
CA ALA A 32 5.24 -10.82 -7.57
C ALA A 32 4.02 -10.30 -8.33
N TYR A 33 4.03 -9.02 -8.72
CA TYR A 33 2.92 -8.43 -9.45
C TYR A 33 3.37 -7.16 -10.18
N PHE A 34 2.41 -6.47 -10.81
CA PHE A 34 2.68 -5.30 -11.63
C PHE A 34 1.41 -4.43 -11.78
N ASP A 35 1.51 -3.37 -12.58
CA ASP A 35 0.42 -2.42 -12.82
C ASP A 35 -0.82 -3.10 -13.42
N ILE A 36 -1.93 -2.35 -13.45
CA ILE A 36 -3.20 -2.79 -14.02
C ILE A 36 -3.68 -1.74 -15.02
N TYR A 37 -3.80 -2.17 -16.29
CA TYR A 37 -4.16 -1.32 -17.41
C TYR A 37 -5.58 -0.76 -17.22
N SER A 38 -6.55 -1.65 -16.91
CA SER A 38 -7.94 -1.25 -16.68
C SER A 38 -8.61 -2.16 -15.65
N LEU A 39 -9.72 -1.67 -15.06
CA LEU A 39 -10.55 -2.41 -14.12
C LEU A 39 -12.03 -2.35 -14.53
N THR A 40 -12.36 -1.60 -15.60
CA THR A 40 -13.73 -1.43 -16.09
C THR A 40 -13.88 -1.92 -17.54
N GLU A 41 -12.79 -2.42 -18.14
CA GLU A 41 -12.77 -2.96 -19.49
C GLU A 41 -12.52 -4.47 -19.40
N PRO A 42 -13.55 -5.31 -19.71
CA PRO A 42 -13.50 -6.76 -19.51
C PRO A 42 -12.52 -7.46 -20.47
N GLU A 43 -11.95 -6.73 -21.44
CA GLU A 43 -10.93 -7.28 -22.33
C GLU A 43 -9.65 -7.63 -21.53
N LEU A 44 -9.35 -6.85 -20.47
CA LEU A 44 -8.18 -7.08 -19.62
C LEU A 44 -8.46 -8.22 -18.63
N LEU A 45 -9.73 -8.37 -18.20
CA LEU A 45 -10.13 -9.40 -17.25
C LEU A 45 -10.25 -10.77 -17.96
N ALA A 46 -10.36 -10.77 -19.31
CA ALA A 46 -10.44 -12.00 -20.10
C ALA A 46 -9.08 -12.69 -20.21
N PHE A 47 -8.00 -11.95 -19.92
CA PHE A 47 -6.63 -12.47 -19.91
C PHE A 47 -6.01 -12.16 -18.54
N LEU A 48 -6.43 -12.92 -17.52
CA LEU A 48 -6.08 -12.66 -16.13
C LEU A 48 -5.67 -13.99 -15.43
N PRO A 49 -4.40 -14.09 -14.95
CA PRO A 49 -3.88 -15.26 -14.24
C PRO A 49 -4.45 -15.34 -12.79
N ARG A 50 -3.81 -16.11 -11.90
CA ARG A 50 -4.27 -16.34 -10.52
C ARG A 50 -4.57 -15.02 -9.78
N PRO A 51 -5.45 -15.05 -8.76
CA PRO A 51 -6.00 -13.84 -8.14
C PRO A 51 -4.98 -13.13 -7.24
N VAL A 52 -5.26 -11.84 -6.96
CA VAL A 52 -4.51 -11.05 -5.99
C VAL A 52 -5.07 -11.27 -4.59
N LYS A 53 -4.27 -10.93 -3.57
CA LYS A 53 -4.66 -10.99 -2.16
C LYS A 53 -4.64 -9.59 -1.52
N ALA A 54 -4.15 -8.58 -2.27
CA ALA A 54 -4.20 -7.18 -1.86
C ALA A 54 -4.23 -6.29 -3.11
N ILE A 55 -4.62 -5.01 -2.93
CA ILE A 55 -4.69 -4.05 -4.02
C ILE A 55 -4.27 -2.66 -3.50
N VAL A 56 -3.67 -1.84 -4.37
CA VAL A 56 -3.10 -0.53 -4.02
C VAL A 56 -3.48 0.50 -5.10
N LEU A 57 -3.59 1.78 -4.71
CA LEU A 57 -3.83 2.87 -5.65
C LEU A 57 -2.87 4.02 -5.34
N LEU A 58 -2.39 4.69 -6.41
CA LEU A 58 -1.36 5.72 -6.34
C LEU A 58 -1.84 6.97 -7.10
N PHE A 59 -2.30 7.99 -6.34
CA PHE A 59 -2.87 9.22 -6.91
C PHE A 59 -2.58 10.41 -5.96
N PRO A 60 -2.31 11.61 -6.50
CA PRO A 60 -2.08 12.83 -5.73
C PRO A 60 -3.41 13.43 -5.23
N ILE A 61 -3.78 13.12 -3.97
CA ILE A 61 -4.95 13.72 -3.32
C ILE A 61 -4.67 15.21 -3.11
N ASN A 62 -5.53 16.07 -3.68
CA ASN A 62 -5.43 17.53 -3.54
C ASN A 62 -6.03 17.95 -2.19
N GLU A 63 -5.64 19.15 -1.71
CA GLU A 63 -6.16 19.70 -0.46
C GLU A 63 -7.58 20.25 -0.63
N ASP A 64 -8.02 20.49 -1.88
CA ASP A 64 -9.37 20.97 -2.17
C ASP A 64 -10.38 19.84 -1.98
N ARG A 65 -11.61 20.20 -1.59
CA ARG A 65 -12.72 19.27 -1.35
C ARG A 65 -12.36 18.13 -0.37
N LYS A 66 -11.20 18.24 0.31
CA LYS A 66 -10.68 17.21 1.21
C LYS A 66 -11.38 17.32 2.56
N SER A 67 -12.42 16.50 2.77
CA SER A 67 -13.18 16.46 4.02
C SER A 67 -12.36 15.85 5.17
N SER A 68 -11.23 15.17 4.83
CA SER A 68 -10.28 14.55 5.78
C SER A 68 -10.97 13.86 6.97
N THR A 69 -12.10 13.16 6.71
CA THR A 69 -12.88 12.45 7.73
C THR A 69 -11.99 11.44 8.48
N SER A 70 -11.67 11.78 9.74
CA SER A 70 -10.81 10.99 10.62
C SER A 70 -11.36 11.07 12.03
N GLN A 71 -11.94 9.97 12.52
CA GLN A 71 -12.50 9.89 13.86
C GLN A 71 -12.12 8.55 14.52
N GLN A 72 -12.23 8.50 15.85
CA GLN A 72 -11.84 7.35 16.65
C GLN A 72 -12.99 6.33 16.68
N ILE A 73 -13.01 5.43 15.69
CA ILE A 73 -14.00 4.35 15.62
C ILE A 73 -13.60 3.30 16.67
N THR A 74 -12.76 2.32 16.27
CA THR A 74 -12.16 1.34 17.16
C THR A 74 -10.77 0.95 16.62
N SER A 75 -10.03 0.15 17.42
CA SER A 75 -8.73 -0.39 17.05
C SER A 75 -8.68 -1.89 17.43
N SER A 76 -9.80 -2.44 17.91
CA SER A 76 -9.94 -3.86 18.25
C SER A 76 -10.21 -4.73 17.00
N TYR A 77 -10.23 -4.12 15.80
CA TYR A 77 -10.43 -4.85 14.54
C TYR A 77 -9.30 -5.87 14.31
N ASP A 78 -9.52 -6.79 13.35
CA ASP A 78 -8.54 -7.80 12.96
C ASP A 78 -7.46 -7.22 12.03
N VAL A 79 -7.65 -5.96 11.57
CA VAL A 79 -6.77 -5.32 10.59
C VAL A 79 -5.49 -4.80 11.29
N ILE A 80 -4.48 -4.41 10.49
CA ILE A 80 -3.20 -3.88 10.96
C ILE A 80 -2.94 -2.56 10.26
N TRP A 81 -2.70 -1.50 11.05
CA TRP A 81 -2.52 -0.14 10.55
C TRP A 81 -1.28 0.50 11.21
N PHE A 82 -0.63 1.43 10.50
CA PHE A 82 0.52 2.18 11.02
C PHE A 82 0.44 3.65 10.60
N LYS A 83 1.13 4.51 11.36
CA LYS A 83 1.14 5.96 11.13
C LYS A 83 2.24 6.33 10.13
N GLN A 84 1.86 7.11 9.11
CA GLN A 84 2.81 7.72 8.18
C GLN A 84 3.61 8.79 8.93
N SER A 85 4.93 8.61 9.01
CA SER A 85 5.81 9.51 9.77
C SER A 85 7.15 9.76 9.06
N VAL A 86 7.42 9.06 7.95
CA VAL A 86 8.63 9.22 7.16
C VAL A 86 8.26 9.68 5.75
N LYS A 87 8.66 10.91 5.40
CA LYS A 87 8.41 11.48 4.07
C LYS A 87 9.30 10.82 3.00
N ASN A 88 10.41 10.18 3.43
CA ASN A 88 11.30 9.41 2.56
C ASN A 88 10.70 8.02 2.23
N ALA A 89 9.46 7.75 2.70
CA ALA A 89 8.84 6.43 2.64
C ALA A 89 7.44 6.49 2.02
N CYS A 90 7.17 7.46 1.13
CA CYS A 90 5.87 7.57 0.45
C CYS A 90 5.56 6.29 -0.33
N GLY A 91 6.51 5.86 -1.18
CA GLY A 91 6.36 4.65 -1.98
C GLY A 91 6.70 3.39 -1.18
N LEU A 92 7.47 3.53 -0.10
CA LEU A 92 7.87 2.40 0.74
C LEU A 92 6.68 1.93 1.60
N TYR A 93 5.94 2.87 2.19
CA TYR A 93 4.75 2.56 2.98
C TYR A 93 3.61 2.03 2.09
N ALA A 94 3.60 2.39 0.80
CA ALA A 94 2.59 1.88 -0.13
C ALA A 94 2.76 0.37 -0.33
N ILE A 95 3.99 -0.13 -0.19
CA ILE A 95 4.31 -1.56 -0.27
C ILE A 95 4.14 -2.20 1.11
N LEU A 96 4.67 -1.55 2.16
CA LEU A 96 4.81 -2.11 3.50
C LEU A 96 3.44 -2.34 4.15
N HIS A 97 2.49 -1.39 3.99
CA HIS A 97 1.17 -1.49 4.60
C HIS A 97 0.36 -2.63 3.95
N SER A 98 0.57 -2.87 2.65
CA SER A 98 -0.11 -3.94 1.91
C SER A 98 0.52 -5.31 2.21
N LEU A 99 1.82 -5.32 2.56
CA LEU A 99 2.56 -6.54 2.84
C LEU A 99 2.28 -7.03 4.27
N SER A 100 2.27 -6.08 5.23
CA SER A 100 2.14 -6.37 6.66
C SER A 100 0.73 -6.82 7.06
N ASN A 101 -0.27 -6.61 6.17
CA ASN A 101 -1.66 -6.97 6.45
C ASN A 101 -1.99 -8.39 5.94
N ASN A 102 -1.01 -9.06 5.30
CA ASN A 102 -1.18 -10.39 4.73
C ASN A 102 -0.08 -11.31 5.28
N GLN A 103 -0.32 -11.85 6.48
CA GLN A 103 0.59 -12.82 7.11
C GLN A 103 0.57 -14.15 6.35
N SER A 104 -0.51 -14.40 5.58
CA SER A 104 -0.69 -15.59 4.77
C SER A 104 0.37 -15.65 3.64
N LEU A 105 0.86 -14.47 3.22
CA LEU A 105 1.94 -14.33 2.24
C LEU A 105 3.15 -13.71 2.95
N LEU A 106 3.95 -14.56 3.60
CA LEU A 106 5.13 -14.12 4.34
C LEU A 106 6.10 -15.31 4.50
N GLU A 107 7.41 -15.06 4.31
CA GLU A 107 8.44 -16.10 4.46
C GLU A 107 8.72 -16.34 5.96
N PRO A 108 9.25 -17.52 6.32
CA PRO A 108 9.62 -17.83 7.68
C PRO A 108 10.93 -17.10 8.05
N GLY A 109 10.85 -16.21 9.06
CA GLY A 109 12.02 -15.51 9.56
C GLY A 109 12.24 -14.14 8.88
N SER A 110 11.20 -13.60 8.23
CA SER A 110 11.26 -12.29 7.56
C SER A 110 11.52 -11.17 8.57
N ASP A 111 11.69 -9.95 8.05
CA ASP A 111 11.76 -8.75 8.87
C ASP A 111 10.40 -8.48 9.53
N LEU A 112 9.30 -8.93 8.89
CA LEU A 112 7.96 -8.82 9.45
C LEU A 112 7.70 -9.91 10.50
N ASP A 113 8.39 -11.07 10.41
CA ASP A 113 8.28 -12.12 11.44
C ASP A 113 8.86 -11.61 12.77
N ASN A 114 10.06 -11.04 12.72
CA ASN A 114 10.75 -10.53 13.91
C ASN A 114 10.04 -9.28 14.47
N PHE A 115 9.34 -8.53 13.61
CA PHE A 115 8.55 -7.37 13.99
C PHE A 115 7.31 -7.80 14.78
N LEU A 116 6.69 -8.91 14.36
CA LEU A 116 5.50 -9.45 15.02
C LEU A 116 5.89 -10.04 16.39
N LYS A 117 7.06 -10.69 16.45
CA LYS A 117 7.55 -11.36 17.65
C LYS A 117 7.90 -10.35 18.76
N SER A 118 8.28 -9.12 18.38
CA SER A 118 8.65 -8.09 19.32
C SER A 118 7.40 -7.46 19.96
N GLN A 119 6.35 -7.22 19.16
CA GLN A 119 5.12 -6.58 19.64
C GLN A 119 4.28 -7.56 20.47
N SER A 120 4.37 -8.86 20.16
CA SER A 120 3.61 -9.89 20.88
C SER A 120 4.22 -10.16 22.26
N ASP A 121 5.51 -9.83 22.45
CA ASP A 121 6.17 -9.95 23.74
C ASP A 121 5.90 -8.71 24.62
N THR A 122 5.54 -7.57 23.99
CA THR A 122 5.13 -6.36 24.70
C THR A 122 3.65 -6.50 25.11
N SER A 123 3.26 -5.82 26.19
CA SER A 123 1.88 -5.86 26.69
C SER A 123 0.93 -5.05 25.77
N SER A 124 1.49 -4.16 24.93
CA SER A 124 0.72 -3.40 23.95
C SER A 124 0.26 -4.31 22.80
N SER A 125 -0.65 -3.80 21.97
CA SER A 125 -1.10 -4.50 20.76
C SER A 125 -0.02 -4.47 19.67
N LYS A 126 -0.33 -5.02 18.49
CA LYS A 126 0.59 -5.10 17.36
C LYS A 126 0.00 -4.40 16.12
N ASN A 127 -1.32 -4.13 16.14
CA ASN A 127 -2.04 -3.46 15.06
C ASN A 127 -1.98 -1.93 15.20
N ARG A 128 -1.22 -1.41 16.19
CA ARG A 128 -1.21 0.01 16.53
C ARG A 128 0.24 0.53 16.56
N PHE A 129 0.40 1.84 16.28
CA PHE A 129 1.70 2.49 16.13
C PHE A 129 1.91 3.51 17.25
N ASP A 130 2.56 3.09 18.35
CA ASP A 130 2.92 3.99 19.45
C ASP A 130 4.14 3.47 20.24
N ASP A 131 4.49 2.19 20.07
CA ASP A 131 5.67 1.62 20.72
C ASP A 131 6.93 2.05 19.96
N VAL A 132 8.04 2.22 20.69
CA VAL A 132 9.32 2.62 20.10
C VAL A 132 9.93 1.49 19.25
N THR A 133 9.50 0.23 19.47
CA THR A 133 9.97 -0.92 18.70
C THR A 133 9.32 -0.95 17.31
N THR A 134 8.11 -0.36 17.17
CA THR A 134 7.39 -0.35 15.91
C THR A 134 8.11 0.55 14.90
N ASP A 135 8.62 1.70 15.36
CA ASP A 135 9.32 2.68 14.54
C ASP A 135 10.79 2.29 14.32
N GLN A 136 11.36 1.45 15.21
CA GLN A 136 12.77 1.04 15.14
C GLN A 136 13.03 0.16 13.90
N PHE A 137 12.01 -0.57 13.43
CA PHE A 137 12.13 -1.44 12.26
C PHE A 137 12.00 -0.64 10.96
N VAL A 138 11.28 0.49 11.00
CA VAL A 138 11.06 1.34 9.84
C VAL A 138 12.34 2.13 9.49
N LEU A 139 13.09 2.58 10.51
CA LEU A 139 14.24 3.46 10.31
C LEU A 139 15.50 2.73 9.85
N ASN A 140 15.59 1.39 10.01
CA ASN A 140 16.82 0.67 9.66
C ASN A 140 16.81 0.08 8.23
N VAL A 141 15.63 -0.26 7.71
CA VAL A 141 15.51 -0.93 6.40
C VAL A 141 15.67 0.07 5.25
N ILE A 142 15.32 1.34 5.48
CA ILE A 142 15.48 2.40 4.48
C ILE A 142 16.98 2.67 4.19
N LYS A 143 17.87 2.37 5.16
CA LYS A 143 19.31 2.61 5.03
C LYS A 143 19.95 1.72 3.94
N GLU A 144 19.27 0.61 3.58
CA GLU A 144 19.79 -0.40 2.64
C GLU A 144 19.73 0.09 1.18
N ASN A 145 19.14 1.26 0.89
CA ASN A 145 18.96 1.76 -0.46
C ASN A 145 19.60 3.14 -0.60
N VAL A 146 19.37 4.04 0.37
CA VAL A 146 19.79 5.45 0.30
C VAL A 146 21.32 5.62 0.32
N GLN A 147 22.07 4.53 0.53
CA GLN A 147 23.53 4.56 0.56
C GLN A 147 24.13 4.81 -0.85
N THR A 148 23.34 4.57 -1.91
CA THR A 148 23.77 4.84 -3.30
C THR A 148 22.57 5.27 -4.18
N PHE A 149 21.33 5.07 -3.69
CA PHE A 149 20.12 5.49 -4.39
C PHE A 149 19.02 5.86 -3.38
N SER A 150 18.83 7.17 -3.18
CA SER A 150 17.70 7.69 -2.41
C SER A 150 16.39 7.22 -3.08
N THR A 151 15.57 6.46 -2.35
CA THR A 151 14.39 5.77 -2.89
C THR A 151 13.51 6.76 -3.68
N GLY A 152 13.32 6.45 -4.97
CA GLY A 152 12.73 7.37 -5.93
C GLY A 152 13.53 7.30 -7.23
N GLN A 153 13.38 8.34 -8.07
CA GLN A 153 14.14 8.46 -9.32
C GLN A 153 15.64 8.63 -8.99
N SER A 154 16.50 8.39 -9.99
CA SER A 154 17.95 8.57 -9.87
C SER A 154 18.32 10.06 -9.71
N GLU A 155 17.34 10.96 -9.95
CA GLU A 155 17.46 12.40 -9.74
C GLU A 155 16.36 12.82 -8.78
N ALA A 156 16.53 12.47 -7.50
CA ALA A 156 15.59 12.78 -6.42
C ALA A 156 16.30 13.61 -5.34
N PRO A 157 16.36 14.96 -5.53
CA PRO A 157 17.07 15.88 -4.64
C PRO A 157 16.32 16.10 -3.31
N GLU A 158 15.13 15.51 -3.16
CA GLU A 158 14.33 15.61 -1.94
C GLU A 158 13.81 14.21 -1.56
N ALA A 159 13.12 14.13 -0.41
CA ALA A 159 12.58 12.89 0.14
C ALA A 159 11.52 12.26 -0.78
N THR A 160 10.95 13.05 -1.70
CA THR A 160 9.94 12.57 -2.66
C THR A 160 10.16 13.24 -4.05
N ALA A 161 11.30 13.96 -4.20
CA ALA A 161 11.66 14.71 -5.42
C ALA A 161 10.63 15.80 -5.74
N ASP A 162 10.28 16.61 -4.72
CA ASP A 162 9.36 17.76 -4.80
C ASP A 162 8.06 17.41 -5.53
N THR A 163 7.11 16.83 -4.80
CA THR A 163 5.80 16.44 -5.32
C THR A 163 4.76 16.45 -4.17
N ASN A 164 3.51 16.05 -4.47
CA ASN A 164 2.39 16.04 -3.53
C ASN A 164 1.60 14.71 -3.62
N LEU A 165 2.19 13.69 -4.27
CA LEU A 165 1.54 12.38 -4.45
C LEU A 165 1.12 11.75 -3.11
N HIS A 166 0.12 10.86 -3.16
CA HIS A 166 -0.37 10.13 -1.99
C HIS A 166 -0.60 8.66 -2.36
N TYR A 167 -0.71 7.79 -1.36
CA TYR A 167 -0.91 6.35 -1.54
C TYR A 167 -1.99 5.83 -0.60
N ILE A 168 -2.73 4.80 -1.05
CA ILE A 168 -3.74 4.11 -0.26
C ILE A 168 -3.70 2.61 -0.57
N THR A 169 -4.18 1.79 0.38
CA THR A 169 -4.19 0.33 0.26
C THR A 169 -5.55 -0.20 0.75
N TYR A 170 -5.98 -1.34 0.19
CA TYR A 170 -7.22 -2.01 0.57
C TYR A 170 -6.98 -3.52 0.66
N VAL A 171 -7.25 -4.09 1.85
CA VAL A 171 -7.18 -5.55 2.09
C VAL A 171 -8.37 -5.95 2.98
N GLU A 172 -8.78 -7.23 2.91
CA GLU A 172 -9.93 -7.73 3.65
C GLU A 172 -9.55 -8.93 4.53
N GLU A 173 -10.32 -9.13 5.61
CA GLU A 173 -10.23 -10.26 6.52
C GLU A 173 -11.65 -10.67 6.91
N ASN A 174 -11.90 -11.99 6.97
CA ASN A 174 -13.21 -12.58 7.26
C ASN A 174 -14.32 -12.05 6.30
N GLY A 175 -13.93 -11.52 5.13
CA GLY A 175 -14.86 -11.04 4.11
C GLY A 175 -15.25 -9.57 4.31
N GLY A 176 -14.52 -8.84 5.18
CA GLY A 176 -14.78 -7.43 5.46
C GLY A 176 -13.62 -6.57 4.98
N ILE A 177 -13.87 -5.74 3.96
CA ILE A 177 -12.85 -4.87 3.36
C ILE A 177 -12.54 -3.66 4.26
N PHE A 178 -11.30 -3.18 4.19
CA PHE A 178 -10.79 -2.02 4.95
C PHE A 178 -10.04 -1.08 4.00
N GLU A 179 -9.58 0.06 4.53
CA GLU A 179 -8.74 1.01 3.83
C GLU A 179 -7.66 1.52 4.78
N LEU A 180 -6.41 1.15 4.49
CA LEU A 180 -5.23 1.62 5.21
C LEU A 180 -4.85 3.00 4.70
N ASP A 181 -4.94 4.00 5.58
CA ASP A 181 -4.55 5.37 5.29
C ASP A 181 -3.76 5.92 6.47
N GLY A 182 -2.43 5.97 6.34
CA GLY A 182 -1.53 6.43 7.39
C GLY A 182 -1.71 7.93 7.72
N ARG A 183 -2.49 8.65 6.90
CA ARG A 183 -2.82 10.06 7.16
C ARG A 183 -4.00 10.18 8.14
N ASN A 184 -4.78 9.10 8.32
CA ASN A 184 -5.89 9.03 9.26
C ASN A 184 -5.35 8.56 10.63
N LEU A 185 -4.75 9.49 11.38
CA LEU A 185 -4.12 9.19 12.68
C LEU A 185 -5.16 8.82 13.75
N SER A 186 -6.46 9.02 13.47
CA SER A 186 -7.52 8.68 14.41
C SER A 186 -7.75 7.15 14.50
N GLY A 187 -7.12 6.36 13.60
CA GLY A 187 -7.20 4.91 13.62
C GLY A 187 -7.50 4.34 12.22
N PRO A 188 -7.72 3.01 12.12
CA PRO A 188 -8.05 2.32 10.87
C PRO A 188 -9.45 2.73 10.37
N LEU A 189 -9.79 2.33 9.13
CA LEU A 189 -11.03 2.73 8.49
C LEU A 189 -11.71 1.51 7.85
N TYR A 190 -12.72 0.96 8.54
CA TYR A 190 -13.52 -0.18 8.06
C TYR A 190 -14.65 0.33 7.16
N LEU A 191 -14.57 0.00 5.86
CA LEU A 191 -15.57 0.44 4.87
C LEU A 191 -16.85 -0.39 4.96
N GLY A 192 -16.78 -1.63 5.51
CA GLY A 192 -17.92 -2.52 5.62
C GLY A 192 -17.59 -3.88 5.02
N LYS A 193 -18.61 -4.74 4.86
CA LYS A 193 -18.45 -6.04 4.22
C LYS A 193 -18.08 -5.86 2.74
N SER A 194 -17.34 -6.83 2.19
CA SER A 194 -16.96 -6.87 0.77
C SER A 194 -18.19 -7.17 -0.11
N ASP A 195 -18.03 -7.01 -1.43
CA ASP A 195 -19.09 -7.34 -2.39
C ASP A 195 -19.22 -8.86 -2.57
N PRO A 196 -20.43 -9.36 -2.87
CA PRO A 196 -20.71 -10.78 -3.06
C PRO A 196 -20.36 -11.24 -4.50
N THR A 197 -19.96 -10.30 -5.38
CA THR A 197 -19.79 -10.56 -6.81
C THR A 197 -18.32 -10.37 -7.24
N ALA A 198 -17.47 -9.84 -6.34
CA ALA A 198 -16.06 -9.56 -6.64
C ALA A 198 -15.32 -10.82 -7.07
N THR A 199 -14.35 -10.66 -7.98
CA THR A 199 -13.47 -11.75 -8.42
C THR A 199 -12.40 -11.96 -7.35
N ASP A 200 -11.79 -10.87 -6.90
CA ASP A 200 -10.86 -10.85 -5.77
C ASP A 200 -10.87 -9.45 -5.13
N LEU A 201 -10.42 -8.43 -5.86
CA LEU A 201 -10.42 -7.02 -5.45
C LEU A 201 -10.51 -6.11 -6.69
N ILE A 202 -10.11 -6.63 -7.87
CA ILE A 202 -10.08 -5.87 -9.13
C ILE A 202 -11.51 -5.65 -9.68
N GLU A 203 -12.48 -6.45 -9.22
CA GLU A 203 -13.89 -6.35 -9.63
C GLU A 203 -14.77 -5.86 -8.46
N GLN A 204 -14.20 -5.82 -7.24
CA GLN A 204 -14.86 -5.32 -6.04
C GLN A 204 -15.35 -3.88 -6.29
N GLU A 205 -16.67 -3.69 -6.32
CA GLU A 205 -17.28 -2.40 -6.65
C GLU A 205 -16.98 -1.34 -5.58
N LEU A 206 -16.71 -1.74 -4.33
CA LEU A 206 -16.51 -0.81 -3.23
C LEU A 206 -15.21 0.00 -3.40
N VAL A 207 -14.13 -0.65 -3.82
CA VAL A 207 -12.85 0.06 -4.03
C VAL A 207 -12.87 0.80 -5.38
N ARG A 208 -13.65 0.31 -6.37
CA ARG A 208 -13.71 0.90 -7.71
C ARG A 208 -14.43 2.27 -7.70
N VAL A 209 -15.51 2.41 -6.90
CA VAL A 209 -16.24 3.68 -6.83
C VAL A 209 -15.47 4.73 -6.01
N ARG A 210 -14.55 4.29 -5.12
CA ARG A 210 -13.77 5.19 -4.30
C ARG A 210 -12.66 5.88 -5.13
N VAL A 211 -12.34 5.32 -6.32
CA VAL A 211 -11.41 5.97 -7.26
C VAL A 211 -12.02 7.29 -7.75
N ALA A 212 -13.35 7.32 -7.94
CA ALA A 212 -14.06 8.51 -8.42
C ALA A 212 -14.12 9.61 -7.35
N SER A 213 -13.96 9.25 -6.07
CA SER A 213 -14.00 10.20 -4.98
C SER A 213 -12.78 11.14 -5.02
N TYR A 214 -11.60 10.60 -5.37
CA TYR A 214 -10.35 11.35 -5.34
C TYR A 214 -10.19 12.25 -6.58
N MET A 215 -10.69 11.81 -7.75
CA MET A 215 -10.53 12.59 -8.99
C MET A 215 -11.54 13.75 -9.08
N GLU A 216 -12.69 13.61 -8.39
CA GLU A 216 -13.70 14.68 -8.30
C GLU A 216 -13.30 15.72 -7.23
N ASN A 217 -12.28 15.40 -6.41
CA ASN A 217 -11.79 16.29 -5.35
C ASN A 217 -10.44 16.91 -5.75
N ALA A 218 -9.81 16.40 -6.82
CA ALA A 218 -8.54 16.92 -7.34
C ALA A 218 -8.77 17.63 -8.67
N ASN A 219 -7.72 18.32 -9.17
CA ASN A 219 -7.78 19.09 -10.40
C ASN A 219 -7.64 18.17 -11.64
N GLU A 220 -7.84 18.74 -12.83
CA GLU A 220 -7.69 18.07 -14.12
C GLU A 220 -6.19 17.78 -14.41
N GLU A 221 -5.27 18.49 -13.73
CA GLU A 221 -3.84 18.25 -13.86
C GLU A 221 -3.38 17.09 -12.93
N ASP A 222 -4.16 16.79 -11.89
CA ASP A 222 -3.83 15.73 -10.92
C ASP A 222 -4.21 14.33 -11.43
N VAL A 223 -5.20 14.24 -12.34
CA VAL A 223 -5.60 12.95 -12.91
C VAL A 223 -4.58 12.45 -13.96
N LEU A 224 -3.59 13.29 -14.30
CA LEU A 224 -2.52 12.94 -15.24
C LEU A 224 -1.48 12.00 -14.61
N ASN A 225 -1.59 11.74 -13.30
CA ASN A 225 -0.67 10.88 -12.54
C ASN A 225 -1.41 9.67 -11.96
N PHE A 226 -2.63 9.41 -12.46
CA PHE A 226 -3.44 8.32 -11.99
C PHE A 226 -2.85 6.99 -12.45
N ALA A 227 -2.41 6.19 -11.48
CA ALA A 227 -1.93 4.84 -11.68
C ALA A 227 -2.56 3.93 -10.62
N MET A 228 -2.51 2.61 -10.87
CA MET A 228 -3.05 1.62 -9.94
C MET A 228 -2.20 0.36 -10.00
N LEU A 229 -2.21 -0.42 -8.90
CA LEU A 229 -1.22 -1.48 -8.68
C LEU A 229 -1.88 -2.64 -7.92
N GLY A 230 -1.25 -3.83 -7.93
CA GLY A 230 -1.76 -5.00 -7.21
C GLY A 230 -0.63 -5.89 -6.69
N LEU A 231 -1.02 -6.95 -5.97
CA LEU A 231 -0.10 -7.92 -5.36
C LEU A 231 -0.69 -9.34 -5.48
N GLY A 232 -0.02 -10.20 -6.26
CA GLY A 232 -0.45 -11.58 -6.48
C GLY A 232 0.78 -12.49 -6.65
N PRO A 233 0.58 -13.74 -7.10
CA PRO A 233 1.66 -14.67 -7.36
C PRO A 233 2.44 -14.23 -8.62
N ASN A 234 3.71 -14.66 -8.71
CA ASN A 234 4.57 -14.33 -9.84
C ASN A 234 4.00 -14.94 -11.12
N TRP A 235 4.24 -14.26 -12.25
CA TRP A 235 3.78 -14.68 -13.55
C TRP A 235 4.95 -14.52 -14.54
N GLU A 236 5.54 -15.66 -14.93
CA GLU A 236 6.79 -15.74 -15.71
C GLU A 236 7.94 -15.04 -14.96
#